data_3PQY
#
_entry.id   3PQY
#
_cell.length_a   105.893
_cell.length_b   199.063
_cell.length_c   202.465
_cell.angle_alpha   90.000
_cell.angle_beta   90.000
_cell.angle_gamma   90.000
#
_symmetry.space_group_name_H-M   'P 21 21 21'
#
loop_
_entity.id
_entity.type
_entity.pdbx_description
1 polymer 'H-2 class I histocompatibility antigen, D-B alpha chain'
2 polymer Beta-2-microglobulin
3 polymer '10-mer peptide from RNA-directed RNA polymerase'
4 polymer 'T cell receptor alpha variable 21-DV12,T-cell receptor, sp3.4 alpha chain'
5 polymer 'T cell receptor beta, variable 29,Human nkt tcr beta chain'
6 water water
#
loop_
_entity_poly.entity_id
_entity_poly.type
_entity_poly.pdbx_seq_one_letter_code
_entity_poly.pdbx_strand_id
1 'polypeptide(L)'
;PHSMRYFETAVSRPGLEEPRYISVGYVDNKEFVRFDSDAENPRYEPRAPWMEQEGPEYWERETQKAKGQEQWFRVSLRNL
LGYYNQSAGGSHTLQQMSGCDLGSDWRLLRGYLQFAYEGRDYIALNEDLKTWTAADMAAQITRRKWEQSGAAEHYKAYLE
GECVEWLHRYLKNGNATLLRTDSPKAHVTHHPRSKGEVTLRCWALGFYPADITLTWQLNGEELTQDMELVETRPAGDGTF
QKWASVVVPLGKEQNYTCRVYHEGLPEPLTLRWEP
;
A,F,K,P
2 'polypeptide(L)'
;IQKTPQIQVYSRHPPENGKPNILNCYVTQFHPPHIEIQMLKNGKKIPKVEMSDMSFSKDWSFYILAHTEFTPTETDTYAC
RVKHDSMAEPKTVYWDRDM
;
B,G,L,Q
3 'polypeptide(L)' SSLENFRAYV C,H,M,R
4 'polypeptide(L)'
;KTTQPDSMESTEGETVHLPCSHATISGNEYIYWYRQVPLQGPEYVTHGLQQNTTNSMAFLAIASDRKSSTLILPHVSLRD
AAVYHCILSGGSNYKLTFGKGTLLTVTPIQNPDPAVYQLRDSKSSDKSVCLFTDFDSQTNVSQSKDSDVYITDKCVLDMR
SMDFKSNSAVAWSNKSDFACANAFNNSIIPEDTFF
;
D,I,N,S
5 'polypeptide(L)'
;DMKVTQMPRYLIKRMGENVLLECGQDMSHETMYWYRQDPGLGLQLIYISYDVDSNSEGDIPKGYRVSRKKREHFSLILDS
AKTNQTSVYFCASSFGREQYFGPGTRLTVLEDLKNVFPPEVAVFEPSEAEISHTQKATLVCLATGFYPDHVELSWWVNGK
EVHSGVCTDPQPLKEQPALNDSRYALSSRLRVSATFWQNPRNHFRCQVQFYGLSENDEWTQDRAKPVTQIVSAEAWGRAD
;
E,J,O,T
#
# COMPACT_ATOMS: atom_id res chain seq x y z
N PRO A 1 -4.45 34.01 -6.32
CA PRO A 1 -5.09 35.32 -6.44
C PRO A 1 -6.42 35.25 -7.19
N HIS A 2 -6.38 34.86 -8.46
CA HIS A 2 -7.59 34.70 -9.26
C HIS A 2 -8.03 33.25 -9.30
N SER A 3 -9.12 32.94 -8.61
CA SER A 3 -9.61 31.56 -8.53
C SER A 3 -11.12 31.47 -8.75
N MET A 4 -11.55 30.32 -9.26
CA MET A 4 -12.97 30.04 -9.44
C MET A 4 -13.32 28.73 -8.76
N ARG A 5 -14.43 28.73 -8.03
CA ARG A 5 -14.84 27.55 -7.27
C ARG A 5 -16.28 27.15 -7.53
N TYR A 6 -16.58 25.88 -7.35
CA TYR A 6 -17.95 25.39 -7.40
C TYR A 6 -18.20 24.43 -6.25
N PHE A 7 -18.95 24.92 -5.25
CA PHE A 7 -19.33 24.09 -4.12
C PHE A 7 -20.70 23.47 -4.38
N GLU A 8 -20.78 22.15 -4.23
CA GLU A 8 -22.02 21.43 -4.49
C GLU A 8 -22.46 20.61 -3.28
N THR A 9 -23.76 20.54 -3.05
CA THR A 9 -24.30 19.82 -1.91
C THR A 9 -25.59 19.10 -2.25
N ALA A 10 -25.64 17.80 -1.97
CA ALA A 10 -26.86 17.03 -2.14
C ALA A 10 -27.22 16.41 -0.81
N VAL A 11 -28.43 16.68 -0.33
CA VAL A 11 -28.82 16.25 1.01
C VAL A 11 -30.07 15.38 1.00
N SER A 12 -29.91 14.11 1.38
CA SER A 12 -31.04 13.21 1.55
C SER A 12 -31.94 13.73 2.66
N ARG A 13 -33.23 13.47 2.55
CA ARG A 13 -34.18 13.94 3.54
C ARG A 13 -35.29 12.90 3.79
N PRO A 14 -35.72 12.75 5.05
CA PRO A 14 -36.68 11.74 5.49
C PRO A 14 -37.97 11.74 4.67
N GLY A 15 -38.24 10.63 3.99
CA GLY A 15 -39.48 10.45 3.26
C GLY A 15 -39.57 11.24 1.96
N LEU A 16 -38.91 12.39 1.92
CA LEU A 16 -38.94 13.26 0.74
C LEU A 16 -38.54 12.53 -0.54
N GLU A 17 -37.78 11.44 -0.38
CA GLU A 17 -37.40 10.57 -1.49
C GLU A 17 -36.38 11.21 -2.44
N GLU A 18 -36.54 12.50 -2.71
CA GLU A 18 -35.64 13.21 -3.59
C GLU A 18 -34.81 14.24 -2.83
N PRO A 19 -33.48 14.19 -2.99
CA PRO A 19 -32.53 15.04 -2.26
C PRO A 19 -32.56 16.49 -2.72
N ARG A 20 -31.92 17.37 -1.97
CA ARG A 20 -31.84 18.78 -2.33
C ARG A 20 -30.45 19.14 -2.83
N TYR A 21 -30.35 19.41 -4.13
CA TYR A 21 -29.08 19.78 -4.74
C TYR A 21 -28.89 21.29 -4.75
N ILE A 22 -27.76 21.75 -4.21
CA ILE A 22 -27.43 23.17 -4.22
C ILE A 22 -26.03 23.42 -4.74
N SER A 23 -25.94 24.03 -5.93
CA SER A 23 -24.64 24.36 -6.51
C SER A 23 -24.38 25.86 -6.39
N VAL A 24 -23.30 26.20 -5.71
CA VAL A 24 -22.90 27.60 -5.57
C VAL A 24 -21.53 27.81 -6.19
N GLY A 25 -21.41 28.83 -7.04
CA GLY A 25 -20.17 29.12 -7.73
C GLY A 25 -19.53 30.42 -7.26
N TYR A 26 -18.23 30.35 -6.96
CA TYR A 26 -17.50 31.53 -6.49
C TYR A 26 -16.48 32.02 -7.50
N VAL A 27 -16.28 33.34 -7.52
CA VAL A 27 -15.20 33.96 -8.28
C VAL A 27 -14.41 34.86 -7.35
N ASP A 28 -13.14 34.54 -7.13
CA ASP A 28 -12.32 35.27 -6.17
C ASP A 28 -13.08 35.41 -4.85
N ASN A 29 -13.53 34.28 -4.31
CA ASN A 29 -14.26 34.27 -3.04
C ASN A 29 -15.51 35.15 -3.07
N LYS A 30 -16.13 35.24 -4.24
CA LYS A 30 -17.37 36.01 -4.37
C LYS A 30 -18.43 35.26 -5.17
N GLU A 31 -19.47 34.81 -4.48
CA GLU A 31 -20.57 34.10 -5.11
C GLU A 31 -21.12 34.89 -6.29
N PHE A 32 -21.36 34.21 -7.40
CA PHE A 32 -21.88 34.86 -8.60
C PHE A 32 -23.00 34.07 -9.28
N VAL A 33 -23.19 32.82 -8.84
CA VAL A 33 -24.27 31.98 -9.34
C VAL A 33 -24.73 30.99 -8.27
N ARG A 34 -25.95 30.46 -8.42
CA ARG A 34 -26.51 29.54 -7.43
C ARG A 34 -27.71 28.75 -7.96
N PHE A 35 -27.68 27.44 -7.74
CA PHE A 35 -28.77 26.56 -8.14
C PHE A 35 -29.35 25.88 -6.90
N ASP A 36 -30.66 25.68 -6.89
CA ASP A 36 -31.32 25.02 -5.77
C ASP A 36 -32.61 24.32 -6.19
N SER A 37 -32.68 23.03 -5.91
CA SER A 37 -33.81 22.20 -6.32
C SER A 37 -35.13 22.69 -5.73
N ASP A 38 -35.14 22.97 -4.43
CA ASP A 38 -36.34 23.37 -3.72
C ASP A 38 -37.05 24.56 -4.38
N ALA A 39 -36.28 25.39 -5.07
CA ALA A 39 -36.81 26.61 -5.68
C ALA A 39 -38.08 26.38 -6.50
N GLU A 40 -38.89 27.43 -6.62
CA GLU A 40 -40.09 27.39 -7.44
C GLU A 40 -39.76 26.78 -8.80
N ASN A 41 -39.06 27.56 -9.62
CA ASN A 41 -38.54 27.08 -10.89
C ASN A 41 -37.02 26.91 -10.80
N PRO A 42 -36.58 25.73 -10.35
CA PRO A 42 -35.17 25.41 -10.09
C PRO A 42 -34.29 25.72 -11.29
N ARG A 43 -33.31 26.61 -11.10
CA ARG A 43 -32.36 26.94 -12.15
C ARG A 43 -31.31 27.92 -11.65
N TYR A 44 -30.28 28.15 -12.44
CA TYR A 44 -29.21 29.07 -12.06
C TYR A 44 -29.68 30.52 -12.08
N GLU A 45 -29.38 31.23 -10.99
CA GLU A 45 -29.67 32.65 -10.90
C GLU A 45 -28.37 33.43 -10.71
N PRO A 46 -28.28 34.61 -11.34
CA PRO A 46 -27.09 35.46 -11.18
C PRO A 46 -27.05 36.07 -9.79
N ARG A 47 -26.08 35.65 -8.98
CA ARG A 47 -25.94 36.17 -7.63
C ARG A 47 -25.09 37.43 -7.62
N ALA A 48 -24.46 37.71 -8.74
CA ALA A 48 -23.65 38.92 -8.91
C ALA A 48 -24.35 39.87 -9.86
N PRO A 49 -23.91 41.15 -9.86
CA PRO A 49 -24.52 42.14 -10.75
C PRO A 49 -24.00 42.04 -12.18
N TRP A 50 -22.74 41.65 -12.34
CA TRP A 50 -22.12 41.59 -13.66
C TRP A 50 -22.48 40.33 -14.45
N MET A 51 -23.33 39.49 -13.88
CA MET A 51 -23.76 38.27 -14.57
C MET A 51 -25.07 38.50 -15.30
N GLU A 52 -25.75 39.59 -14.97
CA GLU A 52 -27.04 39.93 -15.57
C GLU A 52 -26.96 40.03 -17.09
N GLN A 53 -25.77 40.29 -17.60
CA GLN A 53 -25.57 40.49 -19.03
C GLN A 53 -25.53 39.18 -19.81
N GLU A 54 -25.10 38.10 -19.15
CA GLU A 54 -25.01 36.80 -19.81
C GLU A 54 -26.32 36.45 -20.52
N GLY A 55 -26.20 36.00 -21.76
CA GLY A 55 -27.37 35.66 -22.56
C GLY A 55 -28.13 34.45 -22.05
N PRO A 56 -29.44 34.39 -22.34
CA PRO A 56 -30.28 33.26 -21.95
C PRO A 56 -29.74 31.93 -22.49
N GLU A 57 -29.06 31.98 -23.63
CA GLU A 57 -28.44 30.80 -24.21
C GLU A 57 -27.34 30.26 -23.31
N TYR A 58 -27.09 30.97 -22.21
CA TYR A 58 -26.11 30.56 -21.22
C TYR A 58 -26.80 30.05 -19.95
N TRP A 59 -27.96 30.62 -19.64
CA TRP A 59 -28.71 30.21 -18.46
C TRP A 59 -29.46 28.90 -18.70
N GLU A 60 -30.00 28.74 -19.90
CA GLU A 60 -30.62 27.49 -20.29
C GLU A 60 -29.54 26.43 -20.45
N ARG A 61 -28.30 26.90 -20.62
CA ARG A 61 -27.14 26.02 -20.77
C ARG A 61 -26.74 25.42 -19.42
N GLU A 62 -26.52 26.30 -18.44
CA GLU A 62 -26.09 25.86 -17.12
C GLU A 62 -27.14 25.00 -16.43
N THR A 63 -28.36 25.51 -16.33
CA THR A 63 -29.44 24.78 -15.66
C THR A 63 -29.54 23.35 -16.18
N GLN A 64 -29.31 23.17 -17.47
CA GLN A 64 -29.35 21.84 -18.07
C GLN A 64 -28.18 20.97 -17.59
N LYS A 65 -27.06 21.62 -17.28
CA LYS A 65 -25.92 20.91 -16.73
C LYS A 65 -26.13 20.67 -15.25
N ALA A 66 -26.81 21.61 -14.59
CA ALA A 66 -27.13 21.48 -13.17
C ALA A 66 -28.05 20.29 -12.96
N LYS A 67 -29.14 20.25 -13.75
CA LYS A 67 -30.07 19.15 -13.71
C LYS A 67 -29.34 17.82 -13.86
N GLY A 68 -28.28 17.84 -14.66
CA GLY A 68 -27.46 16.65 -14.87
C GLY A 68 -26.69 16.26 -13.64
N GLN A 69 -26.04 17.25 -13.01
CA GLN A 69 -25.33 17.01 -11.76
C GLN A 69 -26.28 16.43 -10.72
N GLU A 70 -27.44 17.06 -10.58
CA GLU A 70 -28.44 16.66 -9.59
C GLU A 70 -28.62 15.15 -9.58
N GLN A 71 -28.75 14.56 -10.76
CA GLN A 71 -28.94 13.11 -10.87
C GLN A 71 -27.68 12.33 -10.48
N TRP A 72 -26.52 12.83 -10.89
CA TRP A 72 -25.25 12.19 -10.56
C TRP A 72 -25.15 11.99 -9.05
N PHE A 73 -25.40 13.06 -8.30
CA PHE A 73 -25.41 12.98 -6.85
C PHE A 73 -26.48 12.02 -6.34
N ARG A 74 -27.65 12.06 -6.97
CA ARG A 74 -28.75 11.19 -6.58
C ARG A 74 -28.30 9.73 -6.62
N VAL A 75 -27.66 9.34 -7.71
CA VAL A 75 -27.17 7.97 -7.86
C VAL A 75 -25.98 7.72 -6.93
N SER A 76 -25.05 8.66 -6.91
CA SER A 76 -23.86 8.54 -6.07
C SER A 76 -24.25 8.41 -4.61
N LEU A 77 -25.38 8.99 -4.25
CA LEU A 77 -25.83 8.96 -2.86
C LEU A 77 -26.35 7.59 -2.47
N ARG A 78 -26.99 6.91 -3.43
CA ARG A 78 -27.52 5.57 -3.19
C ARG A 78 -26.38 4.56 -3.09
N ASN A 79 -25.34 4.76 -3.90
CA ASN A 79 -24.15 3.92 -3.88
C ASN A 79 -23.50 3.93 -2.51
N LEU A 80 -23.39 5.11 -1.92
CA LEU A 80 -22.76 5.28 -0.62
C LEU A 80 -23.50 4.48 0.45
N LEU A 81 -24.82 4.55 0.42
CA LEU A 81 -25.64 3.78 1.36
C LEU A 81 -25.16 2.33 1.38
N GLY A 82 -24.92 1.78 0.20
CA GLY A 82 -24.40 0.43 0.08
C GLY A 82 -23.07 0.28 0.79
N TYR A 83 -22.12 1.14 0.43
CA TYR A 83 -20.78 1.08 1.00
C TYR A 83 -20.82 1.04 2.52
N TYR A 84 -21.57 1.96 3.12
CA TYR A 84 -21.60 2.08 4.57
C TYR A 84 -22.78 1.35 5.19
N ASN A 85 -23.50 0.61 4.37
CA ASN A 85 -24.67 -0.15 4.81
C ASN A 85 -25.68 0.71 5.58
N GLN A 86 -25.76 1.98 5.22
CA GLN A 86 -26.77 2.86 5.78
C GLN A 86 -28.12 2.56 5.15
N SER A 87 -29.17 2.65 5.95
CA SER A 87 -30.52 2.35 5.48
C SER A 87 -31.12 3.52 4.71
N ALA A 88 -32.06 3.21 3.81
CA ALA A 88 -32.68 4.25 2.97
C ALA A 88 -33.68 5.09 3.76
N GLY A 89 -34.11 6.19 3.15
CA GLY A 89 -35.02 7.11 3.80
C GLY A 89 -34.43 7.73 5.04
N GLY A 90 -33.43 8.58 4.85
CA GLY A 90 -32.74 9.23 5.94
C GLY A 90 -31.85 10.35 5.44
N SER A 91 -31.43 11.23 6.34
CA SER A 91 -30.63 12.39 5.95
C SER A 91 -29.14 12.09 5.87
N HIS A 92 -28.59 12.24 4.67
CA HIS A 92 -27.15 12.07 4.44
C HIS A 92 -26.66 13.14 3.47
N THR A 93 -25.41 13.59 3.64
CA THR A 93 -24.90 14.69 2.85
C THR A 93 -23.69 14.34 1.99
N LEU A 94 -23.72 14.70 0.72
CA LEU A 94 -22.59 14.50 -0.18
C LEU A 94 -22.18 15.83 -0.80
N GLN A 95 -20.96 16.26 -0.52
CA GLN A 95 -20.49 17.56 -1.00
C GLN A 95 -19.34 17.41 -2.00
N GLN A 96 -19.11 18.46 -2.79
CA GLN A 96 -18.03 18.48 -3.77
C GLN A 96 -17.50 19.88 -4.00
N MET A 97 -16.18 20.03 -3.98
CA MET A 97 -15.54 21.29 -4.33
C MET A 97 -14.68 21.11 -5.56
N SER A 98 -14.78 22.05 -6.49
CA SER A 98 -13.99 21.99 -7.72
C SER A 98 -13.76 23.39 -8.31
N GLY A 99 -12.57 23.60 -8.85
CA GLY A 99 -12.22 24.87 -9.44
C GLY A 99 -10.76 24.96 -9.84
N CYS A 100 -10.37 26.11 -10.37
CA CYS A 100 -8.99 26.32 -10.82
C CYS A 100 -8.40 27.60 -10.26
N ASP A 101 -7.12 27.54 -9.89
CA ASP A 101 -6.39 28.70 -9.42
C ASP A 101 -5.48 29.25 -10.50
N LEU A 102 -5.44 30.56 -10.64
CA LEU A 102 -4.55 31.21 -11.59
C LEU A 102 -3.45 31.96 -10.84
N GLY A 103 -2.27 32.03 -11.45
CA GLY A 103 -1.16 32.79 -10.88
C GLY A 103 -1.18 34.21 -11.39
N SER A 104 -0.20 35.02 -10.98
CA SER A 104 -0.09 36.38 -11.48
C SER A 104 -0.25 36.38 -12.99
N ASP A 105 0.52 35.52 -13.66
CA ASP A 105 0.30 35.26 -15.07
C ASP A 105 -0.98 34.44 -15.19
N TRP A 106 -1.87 34.87 -16.07
CA TRP A 106 -3.22 34.28 -16.15
C TRP A 106 -3.25 32.87 -16.73
N ARG A 107 -2.15 32.14 -16.56
CA ARG A 107 -2.12 30.72 -16.88
C ARG A 107 -2.53 29.93 -15.64
N LEU A 108 -3.02 28.71 -15.84
CA LEU A 108 -3.48 27.89 -14.73
C LEU A 108 -2.35 27.59 -13.75
N LEU A 109 -2.64 27.71 -12.46
CA LEU A 109 -1.66 27.46 -11.42
C LEU A 109 -1.89 26.08 -10.80
N ARG A 110 -3.12 25.85 -10.34
CA ARG A 110 -3.47 24.57 -9.71
C ARG A 110 -4.93 24.20 -9.96
N GLY A 111 -5.20 22.90 -10.02
CA GLY A 111 -6.55 22.40 -10.19
C GLY A 111 -7.09 21.81 -8.90
N TYR A 112 -8.39 21.94 -8.69
CA TYR A 112 -9.03 21.49 -7.46
C TYR A 112 -10.24 20.60 -7.71
N LEU A 113 -10.28 19.46 -7.01
CA LEU A 113 -11.43 18.55 -7.07
C LEU A 113 -11.43 17.57 -5.90
N GLN A 114 -12.42 17.71 -5.02
CA GLN A 114 -12.49 16.88 -3.82
C GLN A 114 -13.92 16.64 -3.36
N PHE A 115 -14.21 15.41 -2.95
CA PHE A 115 -15.54 15.04 -2.46
C PHE A 115 -15.55 14.78 -0.95
N ALA A 116 -16.70 15.00 -0.33
CA ALA A 116 -16.87 14.71 1.08
C ALA A 116 -18.22 14.05 1.36
N TYR A 117 -18.22 13.11 2.28
CA TYR A 117 -19.45 12.42 2.67
C TYR A 117 -19.63 12.47 4.19
N GLU A 118 -20.76 13.01 4.63
CA GLU A 118 -21.08 13.10 6.05
C GLU A 118 -20.08 13.99 6.79
N GLY A 119 -19.67 15.07 6.14
CA GLY A 119 -18.71 15.99 6.73
C GLY A 119 -17.27 15.58 6.49
N ARG A 120 -17.02 14.29 6.59
CA ARG A 120 -15.67 13.75 6.41
C ARG A 120 -15.25 13.83 4.95
N ASP A 121 -13.94 13.71 4.71
CA ASP A 121 -13.41 13.65 3.35
C ASP A 121 -13.71 12.28 2.77
N TYR A 122 -13.88 12.20 1.46
CA TYR A 122 -14.13 10.92 0.82
C TYR A 122 -13.04 10.56 -0.18
N ILE A 123 -13.03 11.25 -1.31
CA ILE A 123 -11.99 11.06 -2.31
C ILE A 123 -11.63 12.42 -2.92
N ALA A 124 -10.38 12.58 -3.31
CA ALA A 124 -9.92 13.85 -3.87
C ALA A 124 -9.00 13.63 -5.07
N LEU A 125 -9.06 14.55 -6.02
CA LEU A 125 -8.14 14.53 -7.14
C LEU A 125 -6.83 15.20 -6.72
N ASN A 126 -5.74 14.44 -6.77
CA ASN A 126 -4.44 14.95 -6.36
C ASN A 126 -3.97 16.16 -7.17
N GLU A 127 -2.88 16.78 -6.72
CA GLU A 127 -2.37 18.00 -7.32
C GLU A 127 -1.90 17.79 -8.76
N ASP A 128 -1.66 16.53 -9.14
CA ASP A 128 -1.16 16.22 -10.47
C ASP A 128 -2.28 15.94 -11.47
N LEU A 129 -3.52 15.93 -10.99
CA LEU A 129 -4.67 15.71 -11.85
C LEU A 129 -4.59 14.36 -12.56
N LYS A 130 -3.90 13.41 -11.94
CA LYS A 130 -3.73 12.07 -12.51
C LYS A 130 -4.14 10.99 -11.53
N THR A 131 -3.90 11.22 -10.24
CA THR A 131 -4.13 10.21 -9.22
C THR A 131 -5.19 10.63 -8.22
N TRP A 132 -5.64 9.68 -7.40
CA TRP A 132 -6.69 9.95 -6.42
C TRP A 132 -6.23 9.65 -4.99
N THR A 133 -6.77 10.39 -4.03
CA THR A 133 -6.53 10.11 -2.62
C THR A 133 -7.83 9.63 -1.96
N ALA A 134 -7.78 8.43 -1.39
CA ALA A 134 -8.96 7.83 -0.78
C ALA A 134 -8.87 7.83 0.74
N ALA A 135 -9.79 8.55 1.38
CA ALA A 135 -9.80 8.64 2.84
C ALA A 135 -10.01 7.27 3.49
N ASP A 136 -11.25 6.82 3.55
CA ASP A 136 -11.57 5.55 4.19
C ASP A 136 -11.72 4.42 3.17
N MET A 137 -11.83 3.19 3.68
CA MET A 137 -11.83 1.99 2.84
C MET A 137 -12.89 2.00 1.74
N ALA A 138 -14.01 2.68 2.01
CA ALA A 138 -15.09 2.76 1.03
C ALA A 138 -14.65 3.55 -0.20
N ALA A 139 -14.00 4.68 0.04
CA ALA A 139 -13.53 5.53 -1.05
C ALA A 139 -12.56 4.78 -1.96
N GLN A 140 -11.88 3.78 -1.42
CA GLN A 140 -10.99 2.95 -2.24
C GLN A 140 -11.78 2.16 -3.28
N ILE A 141 -13.07 1.95 -3.01
CA ILE A 141 -13.95 1.34 -4.00
C ILE A 141 -14.16 2.32 -5.14
N THR A 142 -14.55 3.54 -4.79
CA THR A 142 -14.79 4.59 -5.78
C THR A 142 -13.53 4.86 -6.62
N ARG A 143 -12.38 4.95 -5.95
CA ARG A 143 -11.11 5.18 -6.64
C ARG A 143 -10.85 4.11 -7.68
N ARG A 144 -10.83 2.86 -7.26
CA ARG A 144 -10.57 1.74 -8.15
C ARG A 144 -11.47 1.82 -9.37
N LYS A 145 -12.72 2.19 -9.15
CA LYS A 145 -13.68 2.35 -10.23
C LYS A 145 -13.23 3.47 -11.16
N TRP A 146 -12.92 4.62 -10.57
CA TRP A 146 -12.54 5.81 -11.33
C TRP A 146 -11.18 5.66 -12.01
N GLU A 147 -10.31 4.84 -11.42
CA GLU A 147 -9.03 4.52 -12.04
C GLU A 147 -9.27 3.75 -13.33
N GLN A 148 -9.88 2.58 -13.20
CA GLN A 148 -10.12 1.71 -14.35
C GLN A 148 -11.10 2.28 -15.38
N SER A 149 -11.74 3.40 -15.03
CA SER A 149 -12.67 4.05 -15.94
C SER A 149 -12.08 5.31 -16.57
N GLY A 150 -10.84 5.62 -16.23
CA GLY A 150 -10.16 6.79 -16.76
C GLY A 150 -10.87 8.08 -16.40
N ALA A 151 -11.26 8.20 -15.14
CA ALA A 151 -12.05 9.34 -14.70
C ALA A 151 -11.24 10.64 -14.67
N ALA A 152 -10.01 10.55 -14.20
CA ALA A 152 -9.15 11.73 -14.05
C ALA A 152 -9.10 12.58 -15.31
N GLU A 153 -8.84 11.96 -16.45
CA GLU A 153 -8.74 12.67 -17.73
C GLU A 153 -9.88 13.67 -17.93
N HIS A 154 -11.11 13.25 -17.64
CA HIS A 154 -12.28 14.10 -17.82
C HIS A 154 -12.21 15.36 -16.97
N TYR A 155 -11.77 15.21 -15.73
CA TYR A 155 -11.70 16.35 -14.82
C TYR A 155 -10.54 17.28 -15.15
N LYS A 156 -9.42 16.70 -15.62
CA LYS A 156 -8.26 17.49 -16.02
C LYS A 156 -8.60 18.34 -17.24
N ALA A 157 -9.28 17.72 -18.19
CA ALA A 157 -9.72 18.43 -19.40
C ALA A 157 -10.59 19.63 -19.06
N TYR A 158 -11.29 19.58 -17.93
CA TYR A 158 -12.12 20.69 -17.49
C TYR A 158 -11.27 21.73 -16.78
N LEU A 159 -10.70 21.34 -15.64
CA LEU A 159 -9.89 22.25 -14.83
C LEU A 159 -8.97 23.09 -15.69
N GLU A 160 -8.20 22.44 -16.55
CA GLU A 160 -7.25 23.14 -17.40
C GLU A 160 -7.95 23.91 -18.52
N GLY A 161 -8.78 23.21 -19.28
CA GLY A 161 -9.47 23.80 -20.41
C GLY A 161 -10.63 24.69 -20.02
N GLU A 162 -11.85 24.16 -20.19
CA GLU A 162 -13.07 24.93 -20.02
C GLU A 162 -13.10 25.81 -18.77
N CYS A 163 -12.66 25.26 -17.65
CA CYS A 163 -12.64 26.02 -16.40
C CYS A 163 -11.92 27.36 -16.57
N VAL A 164 -10.62 27.29 -16.85
CA VAL A 164 -9.81 28.49 -17.05
C VAL A 164 -10.43 29.43 -18.08
N GLU A 165 -10.76 28.89 -19.25
CA GLU A 165 -11.29 29.68 -20.35
C GLU A 165 -12.46 30.55 -19.93
N TRP A 166 -13.23 30.10 -18.96
CA TRP A 166 -14.41 30.84 -18.51
C TRP A 166 -14.12 31.77 -17.33
N LEU A 167 -13.09 31.46 -16.56
CA LEU A 167 -12.70 32.34 -15.47
C LEU A 167 -12.21 33.66 -16.03
N HIS A 168 -11.40 33.58 -17.09
CA HIS A 168 -10.95 34.77 -17.81
C HIS A 168 -12.15 35.64 -18.15
N ARG A 169 -13.16 35.04 -18.79
CA ARG A 169 -14.34 35.77 -19.20
C ARG A 169 -15.10 36.36 -18.01
N TYR A 170 -15.07 35.66 -16.89
CA TYR A 170 -15.73 36.15 -15.69
C TYR A 170 -14.91 37.26 -15.04
N LEU A 171 -13.65 37.37 -15.45
CA LEU A 171 -12.78 38.43 -14.95
C LEU A 171 -12.79 39.63 -15.90
N LYS A 172 -13.20 39.41 -17.14
CA LYS A 172 -13.33 40.48 -18.11
C LYS A 172 -14.46 41.41 -17.69
N ASN A 173 -15.26 40.96 -16.73
CA ASN A 173 -16.39 41.73 -16.24
C ASN A 173 -16.28 41.96 -14.73
N GLY A 174 -15.85 40.93 -14.02
CA GLY A 174 -15.70 41.00 -12.58
C GLY A 174 -14.73 42.07 -12.14
N ASN A 175 -13.75 42.38 -12.99
CA ASN A 175 -12.77 43.41 -12.69
C ASN A 175 -13.39 44.80 -12.72
N ALA A 176 -14.48 44.96 -11.97
CA ALA A 176 -15.19 46.23 -11.86
C ALA A 176 -16.05 46.18 -10.61
N THR A 177 -15.92 45.09 -9.86
CA THR A 177 -16.68 44.89 -8.64
C THR A 177 -15.81 44.30 -7.54
N LEU A 178 -15.11 43.21 -7.85
CA LEU A 178 -14.21 42.57 -6.90
C LEU A 178 -12.94 43.39 -6.69
N LEU A 179 -13.00 44.67 -7.02
CA LEU A 179 -11.86 45.57 -6.84
C LEU A 179 -12.18 46.68 -5.85
N ARG A 180 -13.42 47.15 -5.86
CA ARG A 180 -13.86 48.21 -4.95
C ARG A 180 -14.18 47.66 -3.57
N THR A 181 -13.76 48.37 -2.54
CA THR A 181 -13.90 47.89 -1.17
C THR A 181 -14.35 48.97 -0.20
N ASP A 182 -14.86 48.55 0.95
CA ASP A 182 -15.26 49.48 2.00
C ASP A 182 -14.25 49.43 3.14
N SER A 183 -14.06 50.56 3.82
CA SER A 183 -13.04 50.68 4.85
C SER A 183 -13.61 50.62 6.26
N PRO A 184 -12.83 50.06 7.21
CA PRO A 184 -13.21 49.90 8.61
C PRO A 184 -13.47 51.24 9.30
N LYS A 185 -14.21 51.20 10.40
CA LYS A 185 -14.50 52.39 11.20
C LYS A 185 -14.34 52.04 12.67
N ALA A 186 -13.09 51.87 13.09
CA ALA A 186 -12.78 51.35 14.43
C ALA A 186 -13.08 52.36 15.55
N HIS A 187 -13.34 51.82 16.74
CA HIS A 187 -13.56 52.65 17.92
C HIS A 187 -13.57 51.79 19.18
N VAL A 188 -12.68 52.12 20.12
CA VAL A 188 -12.57 51.36 21.37
C VAL A 188 -13.74 51.65 22.32
N THR A 189 -14.15 50.64 23.07
CA THR A 189 -15.20 50.80 24.08
C THR A 189 -14.67 50.40 25.46
N HIS A 190 -15.28 50.94 26.51
CA HIS A 190 -14.81 50.73 27.86
C HIS A 190 -15.85 50.03 28.73
N HIS A 191 -15.53 48.80 29.14
CA HIS A 191 -16.44 48.03 29.98
C HIS A 191 -15.76 47.57 31.26
N PRO A 192 -16.43 47.72 32.40
CA PRO A 192 -15.88 47.35 33.71
C PRO A 192 -16.31 45.96 34.18
N ARG A 193 -15.34 45.14 34.57
CA ARG A 193 -15.62 43.83 35.15
C ARG A 193 -14.66 43.56 36.29
N SER A 194 -15.19 43.09 37.42
CA SER A 194 -14.39 42.85 38.61
C SER A 194 -13.85 44.16 39.19
N LYS A 195 -13.57 44.18 40.49
CA LYS A 195 -13.10 45.38 41.15
C LYS A 195 -11.69 45.74 40.69
N GLY A 196 -11.56 46.91 40.06
CA GLY A 196 -10.27 47.40 39.63
C GLY A 196 -9.80 46.80 38.32
N GLU A 197 -10.75 46.30 37.52
CA GLU A 197 -10.42 45.74 36.21
C GLU A 197 -11.44 46.15 35.17
N VAL A 198 -10.98 46.42 33.96
CA VAL A 198 -11.87 46.79 32.86
C VAL A 198 -11.41 46.17 31.55
N THR A 199 -12.39 45.75 30.75
CA THR A 199 -12.11 45.18 29.44
C THR A 199 -12.19 46.29 28.38
N LEU A 200 -11.20 46.34 27.50
CA LEU A 200 -11.19 47.32 26.43
C LEU A 200 -11.35 46.64 25.07
N ARG A 201 -12.54 46.79 24.49
CA ARG A 201 -12.89 46.09 23.25
C ARG A 201 -12.76 47.00 22.04
N CYS A 202 -11.88 46.62 21.10
CA CYS A 202 -11.64 47.40 19.90
C CYS A 202 -12.52 46.91 18.74
N TRP A 203 -13.55 47.67 18.42
CA TRP A 203 -14.47 47.31 17.35
C TRP A 203 -13.96 47.75 15.99
N ALA A 204 -14.53 47.20 14.93
CA ALA A 204 -14.19 47.56 13.56
C ALA A 204 -15.34 47.20 12.63
N LEU A 205 -16.09 48.19 12.20
CA LEU A 205 -17.33 47.94 11.47
C LEU A 205 -17.29 48.49 10.05
N GLY A 206 -18.08 47.86 9.16
CA GLY A 206 -18.30 48.36 7.82
C GLY A 206 -17.23 48.06 6.79
N PHE A 207 -16.38 47.07 7.05
CA PHE A 207 -15.30 46.76 6.12
C PHE A 207 -15.63 45.63 5.14
N TYR A 208 -14.86 45.58 4.06
CA TYR A 208 -15.11 44.66 2.96
C TYR A 208 -13.84 44.58 2.12
N PRO A 209 -13.35 43.37 1.83
CA PRO A 209 -13.94 42.09 2.24
C PRO A 209 -13.69 41.77 3.71
N ALA A 210 -14.00 40.54 4.11
CA ALA A 210 -13.92 40.12 5.50
C ALA A 210 -12.49 40.03 6.04
N ASP A 211 -11.53 39.82 5.15
CA ASP A 211 -10.14 39.70 5.59
C ASP A 211 -9.67 40.97 6.28
N ILE A 212 -9.27 40.84 7.54
CA ILE A 212 -8.85 41.98 8.35
C ILE A 212 -8.00 41.49 9.52
N THR A 213 -7.47 42.42 10.31
CA THR A 213 -6.66 42.07 11.46
C THR A 213 -6.69 43.15 12.54
N LEU A 214 -6.85 42.73 13.79
CA LEU A 214 -6.85 43.66 14.91
C LEU A 214 -5.74 43.31 15.89
N THR A 215 -5.07 44.34 16.40
CA THR A 215 -3.94 44.13 17.30
C THR A 215 -4.01 45.02 18.53
N TRP A 216 -3.80 44.41 19.70
CA TRP A 216 -3.64 45.16 20.93
C TRP A 216 -2.17 45.17 21.32
N GLN A 217 -1.80 46.12 22.18
CA GLN A 217 -0.39 46.29 22.54
C GLN A 217 -0.22 47.05 23.84
N LEU A 218 0.93 46.86 24.49
CA LEU A 218 1.25 47.53 25.74
C LEU A 218 2.51 48.37 25.61
N ASN A 219 2.35 49.69 25.68
CA ASN A 219 3.47 50.63 25.56
C ASN A 219 4.15 50.57 24.19
N GLY A 220 3.56 49.82 23.27
CA GLY A 220 4.11 49.68 21.93
C GLY A 220 4.46 48.25 21.57
N GLU A 221 4.64 47.41 22.59
CA GLU A 221 4.98 46.01 22.38
C GLU A 221 3.77 45.18 21.96
N GLU A 222 3.98 44.29 20.99
CA GLU A 222 2.90 43.45 20.46
C GLU A 222 2.25 42.58 21.53
N LEU A 223 0.93 42.63 21.59
CA LEU A 223 0.15 41.80 22.51
C LEU A 223 -0.83 40.93 21.76
N THR A 224 -0.82 39.64 22.05
CA THR A 224 -1.76 38.71 21.44
C THR A 224 -1.88 37.44 22.27
N GLN A 225 -0.87 37.19 23.09
CA GLN A 225 -0.83 36.00 23.94
C GLN A 225 -1.86 36.10 25.08
N ASP A 226 -2.63 37.17 25.10
CA ASP A 226 -3.57 37.42 26.18
C ASP A 226 -4.92 37.95 25.72
N MET A 227 -5.01 38.39 24.47
CA MET A 227 -6.23 39.03 23.98
C MET A 227 -7.35 38.04 23.64
N GLU A 228 -8.58 38.53 23.65
CA GLU A 228 -9.75 37.73 23.30
C GLU A 228 -10.33 38.23 21.98
N LEU A 229 -10.43 37.32 21.01
CA LEU A 229 -10.81 37.71 19.65
C LEU A 229 -11.98 36.89 19.11
N VAL A 230 -12.92 37.56 18.45
CA VAL A 230 -14.09 36.88 17.86
C VAL A 230 -14.01 36.84 16.34
N GLU A 231 -14.42 35.71 15.77
CA GLU A 231 -14.34 35.52 14.32
C GLU A 231 -15.11 36.60 13.57
N THR A 232 -14.67 36.91 12.35
CA THR A 232 -15.32 37.92 11.53
C THR A 232 -16.77 37.55 11.24
N ARG A 233 -17.67 38.47 11.55
CA ARG A 233 -19.10 38.25 11.37
C ARG A 233 -19.65 39.14 10.27
N PRO A 234 -20.66 38.66 9.54
CA PRO A 234 -21.31 39.44 8.50
C PRO A 234 -22.34 40.40 9.09
N ALA A 235 -22.22 41.68 8.76
CA ALA A 235 -23.16 42.69 9.25
C ALA A 235 -24.57 42.40 8.75
N GLY A 236 -24.66 41.86 7.54
CA GLY A 236 -25.95 41.58 6.93
C GLY A 236 -26.31 42.64 5.90
N ASP A 237 -25.39 43.57 5.70
CA ASP A 237 -25.59 44.67 4.76
C ASP A 237 -24.59 44.60 3.62
N GLY A 238 -23.95 43.45 3.47
CA GLY A 238 -22.94 43.27 2.44
C GLY A 238 -21.54 43.43 3.00
N THR A 239 -21.43 44.07 4.16
CA THR A 239 -20.14 44.29 4.79
C THR A 239 -19.97 43.40 6.02
N PHE A 240 -18.79 43.46 6.62
CA PHE A 240 -18.47 42.61 7.76
C PHE A 240 -18.06 43.45 8.97
N GLN A 241 -17.78 42.79 10.09
CA GLN A 241 -17.34 43.47 11.30
C GLN A 241 -16.66 42.50 12.26
N LYS A 242 -15.78 43.03 13.11
CA LYS A 242 -15.01 42.19 14.03
C LYS A 242 -14.46 43.03 15.18
N TRP A 243 -14.09 42.39 16.28
CA TRP A 243 -13.51 43.09 17.41
C TRP A 243 -12.62 42.22 18.29
N ALA A 244 -11.72 42.86 19.04
CA ALA A 244 -10.85 42.18 19.99
C ALA A 244 -10.88 42.92 21.32
N SER A 245 -10.53 42.24 22.41
CA SER A 245 -10.60 42.83 23.74
C SER A 245 -9.40 42.48 24.62
N VAL A 246 -9.20 43.28 25.66
CA VAL A 246 -8.15 43.03 26.65
C VAL A 246 -8.62 43.39 28.05
N VAL A 247 -8.20 42.60 29.03
CA VAL A 247 -8.50 42.88 30.42
C VAL A 247 -7.33 43.62 31.05
N VAL A 248 -7.59 44.82 31.55
CA VAL A 248 -6.53 45.67 32.09
C VAL A 248 -6.96 46.37 33.37
N PRO A 249 -6.00 46.62 34.28
CA PRO A 249 -6.24 47.28 35.56
C PRO A 249 -6.82 48.69 35.37
N LEU A 250 -7.71 49.09 36.28
CA LEU A 250 -8.34 50.41 36.21
C LEU A 250 -7.32 51.53 36.32
N GLY A 251 -7.51 52.57 35.52
CA GLY A 251 -6.62 53.73 35.54
C GLY A 251 -5.38 53.52 34.69
N LYS A 252 -5.36 52.46 33.91
CA LYS A 252 -4.23 52.15 33.04
C LYS A 252 -4.68 52.08 31.58
N GLU A 253 -5.86 52.63 31.32
CA GLU A 253 -6.47 52.54 30.00
C GLU A 253 -5.59 53.10 28.87
N GLN A 254 -5.23 54.36 28.98
CA GLN A 254 -4.49 55.05 27.93
C GLN A 254 -3.20 54.36 27.51
N ASN A 255 -2.75 53.41 28.33
CA ASN A 255 -1.51 52.68 28.04
C ASN A 255 -1.59 51.82 26.78
N TYR A 256 -2.80 51.41 26.42
CA TYR A 256 -3.00 50.44 25.34
C TYR A 256 -3.34 51.05 23.99
N THR A 257 -2.79 50.44 22.93
CA THR A 257 -3.04 50.89 21.57
C THR A 257 -3.73 49.78 20.79
N CYS A 258 -4.54 50.16 19.80
CA CYS A 258 -5.29 49.19 19.01
C CYS A 258 -5.17 49.47 17.52
N ARG A 259 -4.30 48.73 16.83
CA ARG A 259 -4.07 48.94 15.41
C ARG A 259 -4.95 48.03 14.54
N VAL A 260 -5.50 48.61 13.48
CA VAL A 260 -6.41 47.90 12.58
C VAL A 260 -5.87 47.82 11.16
N TYR A 261 -5.72 46.60 10.66
CA TYR A 261 -5.17 46.38 9.32
C TYR A 261 -6.24 45.84 8.38
N HIS A 262 -6.45 46.53 7.26
CA HIS A 262 -7.43 46.10 6.27
C HIS A 262 -6.99 46.44 4.86
N GLU A 263 -7.46 45.65 3.89
CA GLU A 263 -7.08 45.84 2.49
C GLU A 263 -7.31 47.26 2.02
N GLY A 264 -8.54 47.73 2.12
CA GLY A 264 -8.91 49.05 1.64
C GLY A 264 -8.51 50.16 2.58
N LEU A 265 -7.30 50.07 3.12
CA LEU A 265 -6.80 51.08 4.04
C LEU A 265 -5.40 51.54 3.65
N PRO A 266 -5.19 52.86 3.59
CA PRO A 266 -3.90 53.43 3.18
C PRO A 266 -2.84 53.23 4.27
N GLU A 267 -3.28 53.12 5.51
CA GLU A 267 -2.36 52.99 6.63
C GLU A 267 -3.09 52.50 7.87
N PRO A 268 -2.45 51.58 8.63
CA PRO A 268 -2.96 51.04 9.90
C PRO A 268 -3.67 52.10 10.74
N LEU A 269 -4.71 51.69 11.46
CA LEU A 269 -5.46 52.60 12.30
C LEU A 269 -5.12 52.44 13.78
N THR A 270 -4.30 53.33 14.30
CA THR A 270 -3.95 53.33 15.71
C THR A 270 -5.06 53.99 16.53
N LEU A 271 -5.56 53.27 17.53
CA LEU A 271 -6.64 53.77 18.38
C LEU A 271 -6.29 53.78 19.86
N ARG A 272 -7.12 54.48 20.64
CA ARG A 272 -6.89 54.60 22.08
C ARG A 272 -8.19 54.94 22.78
N TRP A 273 -8.20 54.86 24.12
CA TRP A 273 -9.40 55.12 24.89
C TRP A 273 -9.60 56.61 25.18
N GLU A 274 -10.78 57.11 24.82
CA GLU A 274 -11.11 58.52 25.00
C GLU A 274 -11.86 58.75 26.31
N PRO A 275 -12.00 60.02 26.72
CA PRO A 275 -12.73 60.40 27.93
C PRO A 275 -14.05 59.65 28.06
N GLN B 2 -20.10 15.08 12.35
CA GLN B 2 -20.95 16.13 12.93
C GLN B 2 -20.15 17.12 13.77
N LYS B 3 -20.46 18.40 13.59
CA LYS B 3 -19.79 19.47 14.33
C LYS B 3 -20.80 20.40 14.99
N THR B 4 -20.58 20.68 16.27
CA THR B 4 -21.47 21.56 17.02
C THR B 4 -21.45 22.98 16.47
N PRO B 5 -22.64 23.55 16.25
CA PRO B 5 -22.78 24.90 15.67
C PRO B 5 -22.23 25.99 16.58
N GLN B 6 -21.25 26.75 16.07
CA GLN B 6 -20.72 27.90 16.79
C GLN B 6 -21.63 29.11 16.56
N ILE B 7 -22.36 29.50 17.59
CA ILE B 7 -23.35 30.58 17.48
C ILE B 7 -22.80 31.92 17.93
N GLN B 8 -23.30 33.00 17.32
CA GLN B 8 -22.87 34.35 17.66
C GLN B 8 -23.99 35.35 17.41
N VAL B 9 -24.59 35.84 18.50
CA VAL B 9 -25.68 36.79 18.40
C VAL B 9 -25.17 38.22 18.56
N TYR B 10 -25.61 39.11 17.68
CA TYR B 10 -25.15 40.49 17.69
C TYR B 10 -26.06 41.40 16.88
N SER B 11 -25.72 42.68 16.83
CA SER B 11 -26.52 43.66 16.10
C SER B 11 -25.73 44.27 14.94
N ARG B 12 -26.44 44.70 13.91
CA ARG B 12 -25.83 45.29 12.73
C ARG B 12 -25.16 46.63 13.04
N HIS B 13 -25.93 47.54 13.63
CA HIS B 13 -25.39 48.84 14.05
C HIS B 13 -25.39 48.93 15.56
N PRO B 14 -24.46 49.71 16.14
CA PRO B 14 -24.37 49.89 17.58
C PRO B 14 -25.73 50.09 18.24
N PRO B 15 -25.96 49.44 19.39
CA PRO B 15 -27.25 49.45 20.09
C PRO B 15 -27.67 50.84 20.55
N GLU B 16 -28.58 51.46 19.80
CA GLU B 16 -29.18 52.73 20.21
C GLU B 16 -30.60 52.47 20.72
N ASN B 17 -30.71 52.08 21.98
CA ASN B 17 -32.01 51.75 22.57
C ASN B 17 -33.08 52.80 22.29
N GLY B 18 -33.95 52.52 21.33
CA GLY B 18 -34.97 53.45 20.92
C GLY B 18 -34.96 53.68 19.42
N LYS B 19 -33.81 53.44 18.81
CA LYS B 19 -33.66 53.60 17.37
C LYS B 19 -33.58 52.23 16.69
N PRO B 20 -34.32 52.07 15.57
CA PRO B 20 -34.43 50.81 14.84
C PRO B 20 -33.07 50.17 14.53
N ASN B 21 -33.07 48.84 14.37
CA ASN B 21 -31.84 48.12 14.08
C ASN B 21 -32.13 46.71 13.59
N ILE B 22 -31.08 45.91 13.43
CA ILE B 22 -31.21 44.53 13.00
C ILE B 22 -30.44 43.59 13.92
N LEU B 23 -31.13 42.56 14.42
CA LEU B 23 -30.48 41.56 15.27
C LEU B 23 -30.04 40.37 14.41
N ASN B 24 -28.77 40.02 14.53
CA ASN B 24 -28.20 38.94 13.73
C ASN B 24 -27.87 37.69 14.56
N CYS B 25 -28.12 36.53 13.96
CA CYS B 25 -27.73 35.25 14.55
C CYS B 25 -26.88 34.48 13.55
N TYR B 26 -25.57 34.47 13.78
CA TYR B 26 -24.63 33.89 12.84
C TYR B 26 -24.19 32.51 13.30
N VAL B 27 -24.66 31.48 12.61
CA VAL B 27 -24.33 30.11 12.95
C VAL B 27 -23.29 29.57 11.97
N THR B 28 -22.27 28.90 12.49
CA THR B 28 -21.16 28.43 11.67
C THR B 28 -20.56 27.13 12.19
N GLN B 29 -19.69 26.52 11.38
CA GLN B 29 -19.00 25.30 11.76
C GLN B 29 -19.93 24.18 12.17
N PHE B 30 -21.09 24.09 11.54
CA PHE B 30 -22.06 23.04 11.87
C PHE B 30 -22.31 22.07 10.72
N HIS B 31 -22.61 20.83 11.08
CA HIS B 31 -22.88 19.76 10.12
C HIS B 31 -23.61 18.65 10.87
N PRO B 32 -24.68 18.08 10.26
CA PRO B 32 -25.23 18.27 8.92
C PRO B 32 -25.86 19.64 8.68
N PRO B 33 -26.28 19.90 7.44
CA PRO B 33 -26.89 21.18 7.04
C PRO B 33 -28.19 21.49 7.76
N HIS B 34 -29.12 20.54 7.77
CA HIS B 34 -30.44 20.75 8.36
C HIS B 34 -30.32 21.24 9.79
N ILE B 35 -30.75 22.47 10.03
CA ILE B 35 -30.66 23.10 11.33
C ILE B 35 -31.87 23.98 11.58
N GLU B 36 -32.32 24.04 12.83
CA GLU B 36 -33.49 24.84 13.17
C GLU B 36 -33.08 26.02 14.05
N ILE B 37 -33.26 27.23 13.54
CA ILE B 37 -32.86 28.43 14.25
C ILE B 37 -34.05 29.33 14.57
N GLN B 38 -34.07 29.88 15.78
CA GLN B 38 -35.18 30.72 16.22
C GLN B 38 -34.70 31.99 16.93
N MET B 39 -35.41 33.09 16.69
CA MET B 39 -35.12 34.35 17.35
C MET B 39 -36.14 34.60 18.46
N LEU B 40 -35.67 35.16 19.59
CA LEU B 40 -36.53 35.29 20.76
C LEU B 40 -36.52 36.70 21.35
N LYS B 41 -37.64 37.08 21.96
CA LYS B 41 -37.75 38.35 22.68
C LYS B 41 -38.52 38.16 23.98
N ASN B 42 -37.84 38.38 25.10
CA ASN B 42 -38.45 38.21 26.43
C ASN B 42 -38.94 36.79 26.67
N GLY B 43 -38.62 35.88 25.76
CA GLY B 43 -38.98 34.48 25.92
C GLY B 43 -40.04 34.01 24.94
N LYS B 44 -40.17 34.73 23.83
CA LYS B 44 -41.16 34.36 22.82
C LYS B 44 -40.58 34.33 21.42
N LYS B 45 -41.14 33.48 20.56
CA LYS B 45 -40.68 33.34 19.19
C LYS B 45 -41.02 34.57 18.35
N ILE B 46 -39.98 35.26 17.88
CA ILE B 46 -40.16 36.39 16.99
C ILE B 46 -40.55 35.90 15.60
N PRO B 47 -41.63 36.45 15.05
CA PRO B 47 -42.11 36.10 13.71
C PRO B 47 -41.35 36.87 12.63
N LYS B 48 -41.52 36.49 11.38
CA LYS B 48 -40.82 37.10 10.26
C LYS B 48 -39.31 37.20 10.51
N VAL B 49 -38.63 36.08 10.32
CA VAL B 49 -37.17 36.02 10.50
C VAL B 49 -36.49 35.43 9.26
N GLU B 50 -35.88 36.29 8.46
CA GLU B 50 -35.23 35.87 7.23
C GLU B 50 -33.94 35.10 7.49
N MET B 51 -33.52 34.31 6.50
CA MET B 51 -32.33 33.49 6.64
C MET B 51 -31.48 33.46 5.36
N SER B 52 -30.17 33.52 5.54
CA SER B 52 -29.23 33.44 4.43
C SER B 52 -29.33 32.07 3.74
N ASP B 53 -29.10 32.06 2.43
CA ASP B 53 -29.12 30.80 1.68
C ASP B 53 -27.97 29.90 2.11
N MET B 54 -28.25 28.60 2.19
CA MET B 54 -27.27 27.63 2.66
C MET B 54 -25.98 27.66 1.84
N SER B 55 -24.85 27.67 2.54
CA SER B 55 -23.54 27.68 1.89
C SER B 55 -22.46 27.24 2.89
N PHE B 56 -21.50 26.47 2.40
CA PHE B 56 -20.46 25.92 3.27
C PHE B 56 -19.06 26.41 2.90
N SER B 57 -18.13 26.27 3.83
CA SER B 57 -16.75 26.70 3.62
C SER B 57 -15.86 25.53 3.27
N LYS B 58 -14.57 25.81 3.07
CA LYS B 58 -13.61 24.83 2.58
C LYS B 58 -13.48 23.58 3.44
N ASP B 59 -13.90 23.67 4.70
CA ASP B 59 -13.80 22.53 5.62
C ASP B 59 -15.11 21.76 5.71
N TRP B 60 -15.97 21.96 4.72
CA TRP B 60 -17.24 21.24 4.62
C TRP B 60 -18.31 21.76 5.58
N SER B 61 -17.89 22.52 6.59
CA SER B 61 -18.83 23.05 7.57
C SER B 61 -19.76 24.06 6.93
N PHE B 62 -21.01 24.07 7.39
CA PHE B 62 -22.00 25.00 6.85
C PHE B 62 -22.09 26.26 7.69
N TYR B 63 -22.63 27.32 7.11
CA TYR B 63 -22.88 28.56 7.83
C TYR B 63 -24.07 29.29 7.25
N ILE B 64 -24.75 30.05 8.11
CA ILE B 64 -25.96 30.76 7.72
C ILE B 64 -26.22 31.94 8.65
N LEU B 65 -26.82 32.99 8.12
CA LEU B 65 -27.16 34.17 8.91
C LEU B 65 -28.67 34.29 9.09
N ALA B 66 -29.10 34.48 10.34
CA ALA B 66 -30.52 34.69 10.63
C ALA B 66 -30.72 36.08 11.21
N HIS B 67 -31.52 36.90 10.53
CA HIS B 67 -31.72 38.28 10.94
C HIS B 67 -33.19 38.65 11.02
N THR B 68 -33.50 39.63 11.88
CA THR B 68 -34.85 40.15 12.01
C THR B 68 -34.82 41.55 12.61
N GLU B 69 -35.82 42.36 12.28
CA GLU B 69 -35.89 43.73 12.78
C GLU B 69 -36.25 43.75 14.26
N PHE B 70 -35.57 44.62 15.01
CA PHE B 70 -35.82 44.73 16.44
C PHE B 70 -35.44 46.12 16.94
N THR B 71 -35.87 46.44 18.16
CA THR B 71 -35.55 47.72 18.77
C THR B 71 -35.14 47.50 20.21
N PRO B 72 -33.83 47.63 20.50
CA PRO B 72 -33.26 47.32 21.81
C PRO B 72 -33.73 48.26 22.92
N THR B 73 -33.96 47.71 24.10
CA THR B 73 -34.30 48.50 25.27
C THR B 73 -33.56 47.92 26.47
N GLU B 74 -33.49 48.69 27.56
CA GLU B 74 -32.80 48.22 28.76
C GLU B 74 -33.67 47.22 29.53
N THR B 75 -34.69 46.70 28.87
CA THR B 75 -35.58 45.71 29.48
C THR B 75 -35.72 44.49 28.59
N ASP B 76 -35.75 44.71 27.28
CA ASP B 76 -35.91 43.61 26.32
C ASP B 76 -34.62 42.82 26.17
N THR B 77 -34.61 41.61 26.73
CA THR B 77 -33.47 40.72 26.58
C THR B 77 -33.71 39.74 25.44
N TYR B 78 -33.02 39.96 24.33
CA TYR B 78 -33.16 39.11 23.16
C TYR B 78 -32.23 37.92 23.21
N ALA B 79 -32.48 36.93 22.36
CA ALA B 79 -31.68 35.71 22.33
C ALA B 79 -31.85 34.94 21.03
N CYS B 80 -30.96 33.98 20.80
CA CYS B 80 -31.05 33.11 19.63
C CYS B 80 -31.02 31.66 20.08
N ARG B 81 -31.84 30.83 19.44
CA ARG B 81 -32.00 29.45 19.87
C ARG B 81 -31.82 28.49 18.70
N VAL B 82 -30.76 27.70 18.74
CA VAL B 82 -30.44 26.77 17.66
C VAL B 82 -30.63 25.31 18.08
N LYS B 83 -31.44 24.61 17.31
CA LYS B 83 -31.64 23.17 17.51
C LYS B 83 -30.94 22.44 16.37
N HIS B 84 -29.94 21.64 16.71
CA HIS B 84 -29.15 20.95 15.69
C HIS B 84 -28.94 19.48 16.00
N ASP B 85 -28.77 18.69 14.95
CA ASP B 85 -28.61 17.24 15.04
C ASP B 85 -27.50 16.83 16.01
N SER B 86 -26.56 17.73 16.25
CA SER B 86 -25.38 17.40 17.05
C SER B 86 -25.53 17.76 18.53
N MET B 87 -26.69 18.29 18.89
CA MET B 87 -26.91 18.73 20.26
C MET B 87 -28.13 18.06 20.90
N ALA B 88 -27.99 17.73 22.19
CA ALA B 88 -29.06 17.09 22.94
C ALA B 88 -30.36 17.86 22.83
N GLU B 89 -30.27 19.18 22.94
CA GLU B 89 -31.45 20.03 22.83
C GLU B 89 -31.07 21.50 22.62
N PRO B 90 -31.99 22.29 22.07
CA PRO B 90 -31.79 23.70 21.68
C PRO B 90 -30.72 24.42 22.48
N LYS B 91 -29.84 25.12 21.77
CA LYS B 91 -28.76 25.91 22.37
C LYS B 91 -29.16 27.37 22.43
N THR B 92 -29.45 27.86 23.62
CA THR B 92 -29.86 29.25 23.80
C THR B 92 -28.67 30.16 24.04
N VAL B 93 -28.54 31.18 23.20
CA VAL B 93 -27.48 32.18 23.37
C VAL B 93 -28.08 33.57 23.47
N TYR B 94 -28.05 34.15 24.67
CA TYR B 94 -28.65 35.45 24.92
C TYR B 94 -27.81 36.59 24.34
N TRP B 95 -28.47 37.67 23.97
CA TRP B 95 -27.81 38.82 23.38
C TRP B 95 -26.94 39.54 24.42
N ASP B 96 -25.95 40.29 23.93
CA ASP B 96 -25.12 41.13 24.79
C ASP B 96 -24.61 42.33 24.00
N ARG B 97 -25.18 43.49 24.28
CA ARG B 97 -24.87 44.71 23.53
C ARG B 97 -23.38 45.05 23.53
N ASP B 98 -22.69 44.72 24.62
CA ASP B 98 -21.27 45.01 24.74
C ASP B 98 -20.43 44.14 23.80
N MET B 99 -20.95 42.98 23.45
CA MET B 99 -20.24 42.04 22.60
C MET B 99 -20.90 41.92 21.22
N SER C 1 -19.34 28.54 -16.58
CA SER C 1 -19.81 27.16 -16.67
C SER C 1 -19.25 26.31 -15.53
N SER C 2 -20.12 25.46 -14.97
CA SER C 2 -19.75 24.59 -13.87
C SER C 2 -19.21 23.25 -14.38
N LEU C 3 -18.68 22.45 -13.45
CA LEU C 3 -18.17 21.12 -13.79
C LEU C 3 -19.32 20.16 -14.08
N GLU C 4 -19.09 19.23 -15.00
CA GLU C 4 -20.11 18.24 -15.35
C GLU C 4 -19.56 16.84 -15.07
N ASN C 5 -19.58 16.46 -13.79
CA ASN C 5 -18.97 15.22 -13.31
C ASN C 5 -18.86 14.06 -14.29
N PHE C 6 -17.86 13.21 -14.07
CA PHE C 6 -17.63 12.05 -14.92
C PHE C 6 -18.78 11.07 -14.79
N ARG C 7 -19.18 10.47 -15.90
CA ARG C 7 -20.33 9.57 -15.96
C ARG C 7 -20.34 8.56 -14.82
N ALA C 8 -19.15 8.08 -14.45
CA ALA C 8 -19.01 7.11 -13.37
C ALA C 8 -19.34 7.76 -12.02
N TYR C 9 -20.39 7.28 -11.38
CA TYR C 9 -20.79 7.81 -10.08
C TYR C 9 -19.80 7.38 -9.00
N VAL C 10 -20.13 7.67 -7.75
CA VAL C 10 -19.29 7.28 -6.62
C VAL C 10 -19.28 5.76 -6.43
N LYS D 1 -20.16 13.18 -33.64
CA LYS D 1 -20.28 12.05 -34.54
C LYS D 1 -18.93 11.62 -35.11
N THR D 2 -18.97 10.62 -35.99
CA THR D 2 -17.76 10.11 -36.63
C THR D 2 -18.01 9.78 -38.09
N THR D 3 -17.04 9.13 -38.72
CA THR D 3 -17.15 8.70 -40.11
C THR D 3 -16.11 7.63 -40.43
N GLN D 4 -16.56 6.54 -41.06
CA GLN D 4 -15.67 5.42 -41.38
C GLN D 4 -16.01 4.87 -42.76
N PRO D 5 -15.03 4.21 -43.40
CA PRO D 5 -15.27 3.56 -44.68
C PRO D 5 -16.20 2.36 -44.53
N ASP D 6 -17.12 2.17 -45.47
CA ASP D 6 -18.06 1.06 -45.41
C ASP D 6 -17.34 -0.28 -45.31
N SER D 7 -16.48 -0.57 -46.28
CA SER D 7 -15.80 -1.86 -46.33
C SER D 7 -14.31 -1.74 -45.98
N MET D 8 -13.63 -2.88 -45.99
CA MET D 8 -12.21 -2.95 -45.70
C MET D 8 -11.72 -4.38 -45.90
N GLU D 9 -10.93 -4.58 -46.95
CA GLU D 9 -10.44 -5.91 -47.30
C GLU D 9 -9.18 -6.27 -46.52
N SER D 10 -8.99 -7.56 -46.28
CA SER D 10 -7.81 -8.05 -45.56
C SER D 10 -7.60 -9.54 -45.77
N THR D 11 -6.46 -10.04 -45.31
CA THR D 11 -6.11 -11.45 -45.48
C THR D 11 -5.46 -12.02 -44.22
N GLU D 12 -5.59 -13.34 -44.05
CA GLU D 12 -5.10 -14.04 -42.86
C GLU D 12 -3.62 -13.79 -42.59
N GLY D 13 -3.33 -12.79 -41.76
CA GLY D 13 -1.97 -12.47 -41.40
C GLY D 13 -1.70 -10.98 -41.43
N GLU D 14 -2.10 -10.34 -42.53
CA GLU D 14 -1.90 -8.90 -42.71
C GLU D 14 -2.37 -8.10 -41.50
N THR D 15 -1.63 -7.03 -41.18
CA THR D 15 -2.01 -6.12 -40.10
C THR D 15 -2.93 -5.02 -40.62
N VAL D 16 -4.14 -4.97 -40.09
CA VAL D 16 -5.20 -4.13 -40.63
C VAL D 16 -5.20 -2.72 -40.04
N HIS D 17 -5.57 -1.74 -40.87
CA HIS D 17 -5.76 -0.36 -40.43
C HIS D 17 -7.22 0.04 -40.60
N LEU D 18 -7.78 0.68 -39.58
CA LEU D 18 -9.16 1.12 -39.64
C LEU D 18 -9.28 2.60 -39.32
N PRO D 19 -9.42 3.43 -40.36
CA PRO D 19 -9.52 4.89 -40.20
C PRO D 19 -10.79 5.30 -39.47
N CYS D 20 -10.84 6.56 -39.05
CA CYS D 20 -12.01 7.09 -38.36
C CYS D 20 -11.87 8.61 -38.20
N SER D 21 -12.18 9.32 -39.28
CA SER D 21 -12.13 10.78 -39.25
C SER D 21 -13.17 11.31 -38.28
N HIS D 22 -12.74 12.14 -37.33
CA HIS D 22 -13.67 12.70 -36.34
C HIS D 22 -13.29 14.09 -35.84
N ALA D 23 -13.32 15.07 -36.73
CA ALA D 23 -13.10 16.45 -36.34
C ALA D 23 -14.22 16.91 -35.43
N THR D 24 -14.31 18.21 -35.19
CA THR D 24 -15.34 18.76 -34.31
C THR D 24 -15.54 17.88 -33.08
N ILE D 25 -14.45 17.67 -32.34
CA ILE D 25 -14.49 16.86 -31.13
C ILE D 25 -14.34 17.76 -29.91
N SER D 26 -15.14 17.50 -28.88
CA SER D 26 -15.19 18.37 -27.72
C SER D 26 -13.95 18.30 -26.85
N GLY D 27 -13.12 17.30 -27.09
CA GLY D 27 -11.91 17.10 -26.28
C GLY D 27 -12.29 16.62 -24.89
N ASN D 28 -13.53 16.88 -24.52
CA ASN D 28 -14.11 16.36 -23.29
C ASN D 28 -14.67 14.97 -23.58
N GLU D 29 -14.72 14.64 -24.86
CA GLU D 29 -15.29 13.38 -25.33
C GLU D 29 -14.20 12.38 -25.67
N TYR D 30 -14.39 11.14 -25.22
CA TYR D 30 -13.45 10.06 -25.52
C TYR D 30 -13.76 9.48 -26.89
N ILE D 31 -12.97 8.50 -27.31
CA ILE D 31 -13.27 7.77 -28.54
C ILE D 31 -13.22 6.25 -28.28
N TYR D 32 -14.34 5.58 -28.50
CA TYR D 32 -14.44 4.16 -28.23
C TYR D 32 -14.49 3.36 -29.53
N TRP D 33 -14.03 2.11 -29.45
CA TRP D 33 -14.06 1.21 -30.59
C TRP D 33 -14.75 -0.10 -30.21
N TYR D 34 -15.87 -0.37 -30.86
CA TYR D 34 -16.62 -1.59 -30.63
C TYR D 34 -16.55 -2.50 -31.85
N ARG D 35 -16.47 -3.80 -31.60
CA ARG D 35 -16.52 -4.80 -32.65
C ARG D 35 -17.81 -5.61 -32.56
N GLN D 36 -18.52 -5.74 -33.67
CA GLN D 36 -19.73 -6.55 -33.69
C GLN D 36 -19.69 -7.65 -34.75
N VAL D 37 -19.36 -8.86 -34.31
CA VAL D 37 -19.43 -10.03 -35.16
C VAL D 37 -20.88 -10.29 -35.52
N PRO D 38 -21.14 -10.64 -36.80
CA PRO D 38 -22.51 -10.99 -37.19
C PRO D 38 -23.12 -11.97 -36.18
N LEU D 39 -24.44 -11.93 -36.02
CA LEU D 39 -25.12 -12.78 -35.03
C LEU D 39 -25.03 -12.16 -33.64
N GLN D 40 -23.81 -12.05 -33.12
CA GLN D 40 -23.58 -11.53 -31.78
C GLN D 40 -23.97 -10.07 -31.63
N GLY D 41 -23.88 -9.58 -30.40
CA GLY D 41 -24.09 -8.17 -30.12
C GLY D 41 -22.75 -7.48 -29.94
N PRO D 42 -22.72 -6.15 -30.08
CA PRO D 42 -21.48 -5.37 -30.01
C PRO D 42 -20.70 -5.65 -28.74
N GLU D 43 -19.39 -5.80 -28.86
CA GLU D 43 -18.53 -5.92 -27.68
C GLU D 43 -17.37 -4.93 -27.77
N TYR D 44 -16.89 -4.51 -26.61
CA TYR D 44 -15.87 -3.46 -26.50
C TYR D 44 -14.48 -3.92 -26.94
N VAL D 45 -13.76 -3.04 -27.61
CA VAL D 45 -12.38 -3.32 -28.01
C VAL D 45 -11.39 -2.44 -27.25
N THR D 46 -11.45 -1.13 -27.50
CA THR D 46 -10.56 -0.19 -26.83
C THR D 46 -11.07 1.25 -26.94
N HIS D 47 -10.54 2.11 -26.08
CA HIS D 47 -10.88 3.53 -26.16
C HIS D 47 -9.68 4.39 -25.79
N GLY D 48 -9.79 5.69 -26.04
CA GLY D 48 -8.73 6.62 -25.71
C GLY D 48 -9.21 8.06 -25.77
N LEU D 49 -8.49 8.94 -25.08
CA LEU D 49 -8.78 10.37 -25.12
C LEU D 49 -7.74 11.06 -26.00
N GLN D 50 -6.49 10.98 -25.58
CA GLN D 50 -5.37 11.47 -26.37
C GLN D 50 -4.37 10.33 -26.52
N GLN D 51 -3.09 10.69 -26.61
CA GLN D 51 -2.01 9.71 -26.61
C GLN D 51 -2.31 8.51 -27.51
N ASN D 52 -1.93 7.33 -27.04
CA ASN D 52 -2.11 6.10 -27.80
C ASN D 52 -2.30 4.91 -26.86
N THR D 53 -3.56 4.56 -26.59
CA THR D 53 -3.84 3.42 -25.74
C THR D 53 -3.51 2.11 -26.45
N THR D 54 -3.89 1.00 -25.83
CA THR D 54 -3.58 -0.32 -26.37
C THR D 54 -4.10 -1.42 -25.46
N ASN D 55 -4.35 -2.60 -26.04
CA ASN D 55 -4.85 -3.73 -25.30
C ASN D 55 -4.10 -5.00 -25.64
N SER D 56 -4.57 -6.13 -25.08
CA SER D 56 -3.99 -7.42 -25.41
C SER D 56 -4.27 -7.75 -26.86
N MET D 57 -5.34 -7.18 -27.40
CA MET D 57 -5.75 -7.43 -28.77
C MET D 57 -5.20 -6.39 -29.75
N ALA D 58 -5.88 -5.25 -29.81
CA ALA D 58 -5.55 -4.23 -30.81
C ALA D 58 -4.81 -3.02 -30.25
N PHE D 59 -4.30 -2.18 -31.14
CA PHE D 59 -3.64 -0.94 -30.77
C PHE D 59 -4.49 0.25 -31.22
N LEU D 60 -4.78 1.16 -30.29
CA LEU D 60 -5.48 2.39 -30.67
C LEU D 60 -4.50 3.55 -30.79
N ALA D 61 -4.62 4.31 -31.88
CA ALA D 61 -3.73 5.43 -32.11
C ALA D 61 -4.54 6.67 -32.47
N ILE D 62 -4.58 7.63 -31.56
CA ILE D 62 -5.29 8.87 -31.80
C ILE D 62 -4.37 9.90 -32.44
N ALA D 63 -4.82 10.47 -33.55
CA ALA D 63 -4.02 11.46 -34.28
C ALA D 63 -3.72 12.67 -33.40
N SER D 64 -2.54 13.25 -33.60
CA SER D 64 -2.16 14.45 -32.86
C SER D 64 -3.22 15.52 -32.99
N ASP D 65 -3.54 16.16 -31.86
CA ASP D 65 -4.57 17.19 -31.82
C ASP D 65 -5.88 16.69 -32.41
N ARG D 66 -6.22 15.44 -32.08
CA ARG D 66 -7.52 14.85 -32.41
C ARG D 66 -7.91 15.02 -33.88
N LYS D 67 -9.20 15.21 -34.11
CA LYS D 67 -9.77 15.39 -35.44
C LYS D 67 -9.80 14.10 -36.26
N SER D 68 -9.02 13.12 -35.84
CA SER D 68 -8.99 11.83 -36.53
C SER D 68 -8.28 10.79 -35.67
N SER D 69 -8.41 9.52 -36.06
CA SER D 69 -7.80 8.43 -35.30
C SER D 69 -7.71 7.17 -36.13
N THR D 70 -7.03 6.15 -35.61
CA THR D 70 -6.84 4.91 -36.36
C THR D 70 -6.69 3.69 -35.45
N LEU D 71 -7.43 2.64 -35.75
CA LEU D 71 -7.36 1.40 -35.01
C LEU D 71 -6.44 0.43 -35.76
N ILE D 72 -5.53 -0.19 -35.03
CA ILE D 72 -4.64 -1.17 -35.64
C ILE D 72 -4.93 -2.58 -35.12
N LEU D 73 -5.10 -3.51 -36.05
CA LEU D 73 -5.29 -4.90 -35.71
C LEU D 73 -4.11 -5.71 -36.23
N PRO D 74 -3.26 -6.21 -35.31
CA PRO D 74 -2.04 -6.98 -35.58
C PRO D 74 -2.27 -8.16 -36.53
N HIS D 75 -1.65 -9.30 -36.25
CA HIS D 75 -1.79 -10.46 -37.12
C HIS D 75 -3.19 -11.08 -37.04
N VAL D 76 -4.12 -10.49 -37.79
CA VAL D 76 -5.54 -10.85 -37.72
C VAL D 76 -5.84 -12.28 -38.16
N SER D 77 -6.90 -12.84 -37.59
CA SER D 77 -7.38 -14.16 -37.96
C SER D 77 -8.80 -14.03 -38.50
N LEU D 78 -9.39 -15.16 -38.91
CA LEU D 78 -10.75 -15.16 -39.41
C LEU D 78 -11.72 -14.58 -38.38
N ARG D 79 -11.59 -15.04 -37.14
CA ARG D 79 -12.49 -14.61 -36.06
C ARG D 79 -12.43 -13.11 -35.82
N ASP D 80 -11.45 -12.44 -36.41
CA ASP D 80 -11.33 -11.00 -36.27
C ASP D 80 -12.12 -10.27 -37.35
N ALA D 81 -13.00 -11.01 -38.03
CA ALA D 81 -13.85 -10.42 -39.06
C ALA D 81 -15.20 -10.00 -38.48
N ALA D 82 -15.54 -8.73 -38.67
CA ALA D 82 -16.78 -8.18 -38.15
C ALA D 82 -16.98 -6.75 -38.61
N VAL D 83 -17.78 -6.00 -37.87
CA VAL D 83 -18.01 -4.59 -38.18
C VAL D 83 -17.54 -3.72 -37.02
N TYR D 84 -16.43 -3.00 -37.23
CA TYR D 84 -15.81 -2.20 -36.18
C TYR D 84 -16.38 -0.79 -36.14
N HIS D 85 -16.91 -0.41 -34.99
CA HIS D 85 -17.54 0.90 -34.82
C HIS D 85 -16.67 1.89 -34.07
N CYS D 86 -16.68 3.14 -34.52
CA CYS D 86 -15.93 4.20 -33.89
C CYS D 86 -16.88 5.27 -33.37
N ILE D 87 -17.12 5.26 -32.06
CA ILE D 87 -18.07 6.19 -31.45
C ILE D 87 -17.36 7.21 -30.57
N LEU D 88 -17.94 8.40 -30.48
CA LEU D 88 -17.48 9.41 -29.54
C LEU D 88 -18.38 9.46 -28.30
N SER D 89 -17.82 9.14 -27.14
CA SER D 89 -18.60 9.14 -25.91
C SER D 89 -18.13 10.22 -24.93
N GLY D 90 -18.97 11.23 -24.75
CA GLY D 90 -18.69 12.28 -23.79
C GLY D 90 -18.45 11.68 -22.40
N GLY D 91 -17.47 12.22 -21.70
CA GLY D 91 -17.11 11.69 -20.39
C GLY D 91 -18.21 11.81 -19.36
N SER D 92 -19.24 12.58 -19.68
CA SER D 92 -20.34 12.79 -18.75
C SER D 92 -21.66 12.27 -19.31
N ASN D 93 -21.58 11.42 -20.33
CA ASN D 93 -22.78 10.90 -20.98
C ASN D 93 -22.71 9.42 -21.33
N TYR D 94 -23.71 8.67 -20.91
CA TYR D 94 -23.76 7.23 -21.11
C TYR D 94 -24.27 6.87 -22.51
N LYS D 95 -24.87 7.85 -23.19
CA LYS D 95 -25.37 7.65 -24.54
C LYS D 95 -24.23 7.64 -25.56
N LEU D 96 -24.26 6.66 -26.46
CA LEU D 96 -23.34 6.64 -27.59
C LEU D 96 -24.07 6.13 -28.83
N THR D 97 -23.97 6.86 -29.93
CA THR D 97 -24.73 6.53 -31.13
C THR D 97 -23.91 5.73 -32.15
N PHE D 98 -24.37 4.52 -32.46
CA PHE D 98 -23.71 3.68 -33.44
C PHE D 98 -24.01 4.11 -34.86
N GLY D 99 -22.97 4.13 -35.69
CA GLY D 99 -23.15 4.24 -37.12
C GLY D 99 -23.24 2.83 -37.67
N LYS D 100 -22.80 2.63 -38.91
CA LYS D 100 -22.74 1.26 -39.44
C LYS D 100 -21.29 0.81 -39.57
N GLY D 101 -20.38 1.61 -39.05
CA GLY D 101 -18.99 1.25 -38.92
C GLY D 101 -18.29 0.80 -40.20
N THR D 102 -17.44 -0.21 -40.07
CA THR D 102 -16.64 -0.69 -41.18
C THR D 102 -16.65 -2.22 -41.22
N LEU D 103 -17.30 -2.77 -42.24
CA LEU D 103 -17.34 -4.21 -42.42
C LEU D 103 -15.97 -4.73 -42.84
N LEU D 104 -15.29 -5.41 -41.92
CA LEU D 104 -13.98 -5.96 -42.19
C LEU D 104 -14.06 -7.43 -42.58
N THR D 105 -13.75 -7.72 -43.84
CA THR D 105 -13.66 -9.10 -44.31
C THR D 105 -12.21 -9.56 -44.29
N VAL D 106 -11.97 -10.78 -43.82
CA VAL D 106 -10.62 -11.32 -43.77
C VAL D 106 -10.50 -12.65 -44.54
N THR D 107 -9.88 -12.58 -45.72
CA THR D 107 -9.71 -13.76 -46.57
C THR D 107 -8.59 -14.64 -46.02
N PRO D 108 -8.85 -15.95 -45.92
CA PRO D 108 -7.79 -16.88 -45.49
C PRO D 108 -6.76 -17.03 -46.60
N ILE D 109 -6.07 -18.17 -46.63
CA ILE D 109 -5.16 -18.47 -47.73
C ILE D 109 -5.31 -19.90 -48.22
N GLN D 110 -4.18 -20.59 -48.35
CA GLN D 110 -4.16 -21.96 -48.87
C GLN D 110 -4.60 -22.01 -50.33
N ASN D 111 -3.90 -22.82 -51.12
CA ASN D 111 -4.18 -22.91 -52.55
C ASN D 111 -5.56 -23.47 -52.85
N PRO D 112 -6.27 -22.84 -53.80
CA PRO D 112 -7.57 -23.32 -54.25
C PRO D 112 -7.45 -24.68 -54.93
N ASP D 113 -8.58 -25.26 -55.32
CA ASP D 113 -8.59 -26.58 -55.95
C ASP D 113 -10.02 -27.00 -56.30
N PRO D 114 -10.65 -26.27 -57.22
CA PRO D 114 -12.04 -26.53 -57.63
C PRO D 114 -12.33 -28.01 -57.81
N ALA D 115 -13.52 -28.45 -57.42
CA ALA D 115 -13.87 -29.86 -57.50
C ALA D 115 -15.33 -30.07 -57.86
N VAL D 116 -16.23 -29.64 -56.98
CA VAL D 116 -17.67 -29.78 -57.18
C VAL D 116 -18.10 -31.25 -57.15
N TYR D 117 -18.63 -31.68 -56.01
CA TYR D 117 -19.08 -33.06 -55.85
C TYR D 117 -20.60 -33.14 -55.72
N GLN D 118 -21.15 -34.31 -56.05
CA GLN D 118 -22.58 -34.55 -55.91
C GLN D 118 -22.84 -35.61 -54.85
N LEU D 119 -23.81 -35.34 -53.97
CA LEU D 119 -24.11 -36.25 -52.87
C LEU D 119 -25.61 -36.51 -52.74
N ARG D 120 -25.96 -37.70 -52.23
CA ARG D 120 -27.34 -38.03 -51.94
C ARG D 120 -27.56 -38.14 -50.43
N ASP D 121 -28.82 -38.16 -50.01
CA ASP D 121 -29.14 -38.23 -48.59
C ASP D 121 -29.04 -39.65 -48.04
N SER D 122 -28.56 -39.78 -46.81
CA SER D 122 -28.37 -41.08 -46.17
C SER D 122 -29.58 -41.98 -46.35
N LYS D 123 -30.77 -41.39 -46.21
CA LYS D 123 -32.01 -42.12 -46.49
C LYS D 123 -32.14 -42.26 -48.01
N SER D 124 -31.17 -42.91 -48.62
CA SER D 124 -31.06 -43.04 -50.08
C SER D 124 -32.41 -42.90 -50.80
N SER D 125 -32.64 -41.70 -51.33
CA SER D 125 -33.88 -41.42 -52.05
C SER D 125 -33.60 -40.80 -53.41
N ASP D 126 -34.32 -39.73 -53.73
CA ASP D 126 -34.22 -39.10 -55.04
C ASP D 126 -33.49 -37.76 -54.95
N LYS D 127 -33.61 -37.10 -53.80
CA LYS D 127 -33.01 -35.78 -53.60
C LYS D 127 -31.49 -35.82 -53.67
N SER D 128 -30.92 -34.96 -54.51
CA SER D 128 -29.48 -34.87 -54.65
C SER D 128 -29.00 -33.45 -54.29
N VAL D 129 -27.68 -33.31 -54.10
CA VAL D 129 -27.10 -32.03 -53.71
C VAL D 129 -25.70 -31.86 -54.26
N CYS D 130 -25.43 -30.70 -54.86
CA CYS D 130 -24.11 -30.38 -55.38
C CYS D 130 -23.29 -29.60 -54.36
N LEU D 131 -21.98 -29.84 -54.34
CA LEU D 131 -21.09 -29.19 -53.38
C LEU D 131 -19.89 -28.53 -54.05
N PHE D 132 -19.91 -27.20 -54.11
CA PHE D 132 -18.82 -26.43 -54.69
C PHE D 132 -17.77 -26.14 -53.62
N THR D 133 -16.52 -26.59 -53.85
CA THR D 133 -15.48 -26.43 -52.84
C THR D 133 -14.15 -25.90 -53.39
N ASP D 134 -13.51 -25.05 -52.59
CA ASP D 134 -12.12 -24.63 -52.82
C ASP D 134 -11.90 -23.53 -53.85
N PHE D 135 -12.90 -22.65 -54.02
CA PHE D 135 -12.76 -21.54 -54.95
C PHE D 135 -12.22 -20.30 -54.25
N ASP D 136 -11.08 -20.46 -53.58
CA ASP D 136 -10.49 -19.37 -52.80
C ASP D 136 -10.45 -18.06 -53.57
N SER D 137 -10.96 -17.00 -52.93
CA SER D 137 -10.94 -15.65 -53.50
C SER D 137 -11.51 -15.62 -54.92
N GLN D 138 -12.82 -15.85 -55.03
CA GLN D 138 -13.48 -15.81 -56.32
C GLN D 138 -14.98 -15.61 -56.15
N THR D 139 -15.40 -14.35 -56.07
CA THR D 139 -16.82 -14.01 -55.90
C THR D 139 -17.57 -14.14 -57.21
N ASN D 140 -18.70 -14.85 -57.16
CA ASN D 140 -19.55 -15.02 -58.34
C ASN D 140 -20.96 -15.48 -57.99
N VAL D 141 -21.17 -16.79 -58.00
CA VAL D 141 -22.46 -17.41 -57.69
C VAL D 141 -23.62 -16.85 -58.52
N SER D 142 -23.31 -15.90 -59.40
CA SER D 142 -24.30 -15.27 -60.27
C SER D 142 -25.74 -15.41 -59.75
N SER D 147 -33.44 -18.73 -61.51
CA SER D 147 -34.36 -19.80 -61.86
C SER D 147 -34.98 -20.42 -60.61
N ASP D 148 -34.83 -21.73 -60.47
CA ASP D 148 -35.33 -22.45 -59.31
C ASP D 148 -34.15 -23.08 -58.58
N VAL D 149 -32.98 -22.45 -58.71
CA VAL D 149 -31.76 -22.95 -58.12
C VAL D 149 -31.46 -22.30 -56.79
N TYR D 150 -30.81 -23.05 -55.89
CA TYR D 150 -30.46 -22.54 -54.57
C TYR D 150 -28.96 -22.62 -54.34
N ILE D 151 -28.33 -21.46 -54.12
CA ILE D 151 -26.88 -21.40 -53.93
C ILE D 151 -26.49 -20.57 -52.72
N THR D 152 -25.68 -21.14 -51.84
CA THR D 152 -25.26 -20.46 -50.62
C THR D 152 -23.87 -19.86 -50.76
N ASP D 153 -23.64 -18.75 -50.07
CA ASP D 153 -22.35 -18.08 -50.08
C ASP D 153 -21.24 -18.98 -49.56
N LYS D 154 -20.00 -18.71 -49.98
CA LYS D 154 -18.86 -19.50 -49.57
C LYS D 154 -18.72 -19.55 -48.05
N CYS D 155 -18.60 -20.75 -47.51
CA CYS D 155 -18.47 -20.95 -46.07
C CYS D 155 -17.07 -21.46 -45.73
N VAL D 156 -16.31 -20.63 -45.02
CA VAL D 156 -14.93 -20.97 -44.67
C VAL D 156 -14.85 -21.75 -43.36
N LEU D 157 -14.40 -22.99 -43.45
CA LEU D 157 -14.23 -23.81 -42.25
C LEU D 157 -12.76 -24.10 -41.98
N ASP D 158 -12.35 -23.95 -40.73
CA ASP D 158 -10.96 -24.19 -40.34
C ASP D 158 -10.79 -25.54 -39.66
N MET D 159 -10.51 -26.57 -40.44
CA MET D 159 -10.26 -27.90 -39.89
C MET D 159 -9.13 -27.83 -38.88
N ARG D 160 -9.40 -28.30 -37.67
CA ARG D 160 -8.43 -28.22 -36.59
C ARG D 160 -7.16 -29.01 -36.90
N SER D 161 -7.33 -30.13 -37.60
CA SER D 161 -6.19 -30.97 -37.96
C SER D 161 -5.28 -30.29 -38.98
N MET D 162 -5.45 -30.66 -40.25
CA MET D 162 -4.62 -30.12 -41.32
C MET D 162 -4.79 -28.60 -41.46
N LYS D 165 -7.91 -22.69 -44.37
CA LYS D 165 -8.03 -23.62 -45.49
C LYS D 165 -9.46 -24.12 -45.61
N SER D 166 -9.75 -24.84 -46.69
CA SER D 166 -11.05 -25.47 -46.91
C SER D 166 -12.17 -24.46 -47.14
N ASN D 167 -12.73 -24.49 -48.35
CA ASN D 167 -13.84 -23.64 -48.71
C ASN D 167 -14.97 -24.49 -49.29
N SER D 168 -16.21 -24.02 -49.20
CA SER D 168 -17.34 -24.81 -49.69
C SER D 168 -18.65 -24.03 -49.82
N ALA D 169 -19.55 -24.57 -50.61
CA ALA D 169 -20.88 -24.00 -50.84
C ALA D 169 -21.82 -25.07 -51.35
N VAL D 170 -23.09 -24.98 -50.96
CA VAL D 170 -24.07 -26.01 -51.30
C VAL D 170 -25.10 -25.50 -52.31
N ALA D 171 -25.60 -26.42 -53.13
CA ALA D 171 -26.60 -26.07 -54.14
C ALA D 171 -27.56 -27.22 -54.43
N TRP D 172 -28.81 -26.87 -54.74
CA TRP D 172 -29.83 -27.84 -55.11
C TRP D 172 -31.00 -27.13 -55.77
N SER D 173 -31.95 -27.91 -56.31
CA SER D 173 -33.09 -27.33 -57.01
C SER D 173 -34.37 -28.17 -56.89
N ASN D 174 -34.41 -29.03 -55.88
CA ASN D 174 -35.58 -29.86 -55.60
C ASN D 174 -35.86 -30.94 -56.65
N LYS D 175 -35.86 -30.55 -57.93
CA LYS D 175 -36.12 -31.49 -59.01
C LYS D 175 -35.27 -32.74 -58.88
N SER D 176 -35.87 -33.81 -58.36
CA SER D 176 -35.15 -35.06 -58.12
C SER D 176 -34.57 -35.64 -59.41
N ASP D 177 -35.08 -35.16 -60.54
CA ASP D 177 -34.67 -35.67 -61.84
C ASP D 177 -33.27 -35.18 -62.21
N PHE D 178 -33.13 -33.87 -62.40
CA PHE D 178 -31.89 -33.29 -62.86
C PHE D 178 -30.76 -33.38 -61.84
N ALA D 179 -29.58 -32.89 -62.23
CA ALA D 179 -28.42 -32.89 -61.35
C ALA D 179 -27.36 -31.94 -61.89
N CYS D 180 -27.17 -30.81 -61.21
CA CYS D 180 -26.23 -29.79 -61.64
C CYS D 180 -26.60 -29.28 -63.03
N ALA D 181 -27.89 -29.28 -63.32
CA ALA D 181 -28.40 -28.89 -64.63
C ALA D 181 -28.21 -27.41 -64.92
N ASN D 182 -28.51 -26.56 -63.93
CA ASN D 182 -28.39 -25.12 -64.11
C ASN D 182 -27.11 -24.56 -63.51
N ALA D 183 -27.12 -24.36 -62.19
CA ALA D 183 -25.92 -23.90 -61.49
C ALA D 183 -24.72 -24.66 -62.04
N PHE D 184 -23.67 -23.93 -62.38
CA PHE D 184 -22.55 -24.50 -63.11
C PHE D 184 -23.01 -24.89 -64.52
N ASN D 185 -22.76 -24.01 -65.48
CA ASN D 185 -23.18 -24.23 -66.85
C ASN D 185 -22.26 -23.47 -67.81
N ASN D 186 -21.27 -24.18 -68.35
CA ASN D 186 -20.25 -23.58 -69.21
C ASN D 186 -19.74 -22.23 -68.68
N SER D 187 -19.71 -22.09 -67.36
CA SER D 187 -19.24 -20.86 -66.73
C SER D 187 -17.81 -21.00 -66.23
N ILE D 188 -17.60 -20.68 -64.96
CA ILE D 188 -16.28 -20.77 -64.35
C ILE D 188 -15.92 -22.23 -64.08
N ILE D 189 -14.90 -22.46 -63.25
CA ILE D 189 -14.41 -23.80 -62.93
C ILE D 189 -13.88 -24.54 -64.17
N PRO D 190 -13.03 -25.56 -63.95
CA PRO D 190 -12.44 -26.35 -65.04
C PRO D 190 -13.48 -27.02 -65.92
N GLU D 191 -14.76 -26.84 -65.59
CA GLU D 191 -15.86 -27.47 -66.32
C GLU D 191 -15.92 -28.97 -66.06
N ASP D 192 -14.77 -29.55 -65.73
CA ASP D 192 -14.67 -30.98 -65.42
C ASP D 192 -15.04 -31.25 -63.97
N THR D 193 -16.31 -31.52 -63.73
CA THR D 193 -16.80 -31.81 -62.38
C THR D 193 -16.69 -33.30 -62.08
N PHE D 194 -17.63 -33.79 -61.28
CA PHE D 194 -17.68 -35.20 -60.94
C PHE D 194 -19.12 -35.66 -60.74
N PHE D 195 -19.63 -36.45 -61.68
CA PHE D 195 -20.99 -36.94 -61.63
C PHE D 195 -21.12 -38.11 -60.64
N ASP E 1 -17.49 -13.15 -15.32
CA ASP E 1 -17.23 -11.91 -14.60
C ASP E 1 -18.18 -10.81 -15.07
N MET E 2 -18.09 -10.49 -16.36
CA MET E 2 -18.88 -9.40 -16.93
C MET E 2 -19.89 -9.91 -17.95
N LYS E 3 -20.89 -10.65 -17.47
CA LYS E 3 -21.91 -11.20 -18.36
C LYS E 3 -23.26 -10.51 -18.22
N VAL E 4 -23.91 -10.29 -19.37
CA VAL E 4 -25.26 -9.74 -19.40
C VAL E 4 -26.14 -10.71 -20.17
N THR E 5 -27.28 -11.08 -19.59
CA THR E 5 -28.14 -12.07 -20.22
C THR E 5 -29.57 -11.57 -20.44
N GLN E 6 -30.21 -12.08 -21.49
CA GLN E 6 -31.59 -11.75 -21.79
C GLN E 6 -32.38 -13.04 -21.99
N MET E 7 -33.51 -13.17 -21.29
CA MET E 7 -34.36 -14.34 -21.47
C MET E 7 -35.24 -14.18 -22.71
N PRO E 8 -36.20 -15.08 -22.93
CA PRO E 8 -36.64 -15.32 -24.30
C PRO E 8 -35.65 -14.82 -25.37
N ARG E 9 -34.69 -15.68 -25.72
CA ARG E 9 -33.72 -15.35 -26.77
C ARG E 9 -34.45 -15.18 -28.09
N TYR E 10 -35.28 -16.17 -28.43
CA TYR E 10 -36.16 -16.08 -29.59
C TYR E 10 -37.59 -15.91 -29.13
N LEU E 11 -38.40 -15.19 -29.90
CA LEU E 11 -39.80 -15.00 -29.56
C LEU E 11 -40.64 -14.57 -30.75
N ILE E 12 -41.67 -15.35 -31.05
CA ILE E 12 -42.64 -14.98 -32.07
C ILE E 12 -43.97 -14.61 -31.43
N LYS E 13 -44.60 -13.56 -31.93
CA LYS E 13 -45.90 -13.12 -31.42
C LYS E 13 -46.77 -12.49 -32.50
N ARG E 14 -48.08 -12.64 -32.37
CA ARG E 14 -49.03 -12.07 -33.33
C ARG E 14 -49.24 -10.60 -33.07
N MET E 15 -49.48 -9.85 -34.15
CA MET E 15 -49.70 -8.41 -34.10
C MET E 15 -50.75 -8.02 -33.06
N GLY E 16 -50.42 -7.02 -32.25
CA GLY E 16 -51.34 -6.49 -31.27
C GLY E 16 -51.13 -7.04 -29.86
N GLU E 17 -50.27 -8.04 -29.73
CA GLU E 17 -50.06 -8.72 -28.46
C GLU E 17 -49.06 -8.00 -27.55
N ASN E 18 -49.06 -8.37 -26.28
CA ASN E 18 -48.14 -7.79 -25.30
C ASN E 18 -46.80 -8.51 -25.31
N VAL E 19 -45.76 -7.81 -25.74
CA VAL E 19 -44.41 -8.37 -25.72
C VAL E 19 -43.66 -7.92 -24.48
N LEU E 20 -42.94 -8.85 -23.87
CA LEU E 20 -42.14 -8.54 -22.68
C LEU E 20 -40.78 -9.24 -22.76
N LEU E 21 -39.75 -8.46 -23.08
CA LEU E 21 -38.39 -8.99 -23.12
C LEU E 21 -37.66 -8.63 -21.83
N GLU E 22 -36.88 -9.57 -21.31
CA GLU E 22 -36.16 -9.34 -20.07
C GLU E 22 -34.63 -9.34 -20.26
N CYS E 23 -33.93 -8.77 -19.29
CA CYS E 23 -32.48 -8.67 -19.35
C CYS E 23 -31.91 -8.49 -17.95
N GLY E 24 -30.94 -9.32 -17.59
CA GLY E 24 -30.32 -9.27 -16.29
C GLY E 24 -28.80 -9.28 -16.34
N GLN E 25 -28.17 -8.72 -15.31
CA GLN E 25 -26.71 -8.60 -15.28
C GLN E 25 -26.11 -9.26 -14.05
N ASP E 26 -26.81 -9.18 -12.92
CA ASP E 26 -26.33 -9.71 -11.65
C ASP E 26 -24.97 -9.13 -11.26
N MET E 27 -24.74 -7.87 -11.63
CA MET E 27 -23.54 -7.13 -11.22
C MET E 27 -23.90 -5.72 -10.80
N SER E 28 -25.21 -5.45 -10.77
CA SER E 28 -25.75 -4.22 -10.19
C SER E 28 -25.20 -2.92 -10.78
N HIS E 29 -24.79 -2.95 -12.04
CA HIS E 29 -24.39 -1.75 -12.75
C HIS E 29 -25.51 -0.71 -12.71
N GLU E 30 -25.15 0.54 -12.43
CA GLU E 30 -26.13 1.60 -12.27
C GLU E 30 -27.01 1.80 -13.51
N THR E 31 -26.42 1.64 -14.69
CA THR E 31 -27.10 2.03 -15.92
C THR E 31 -27.22 0.88 -16.93
N MET E 32 -28.40 0.78 -17.54
CA MET E 32 -28.67 -0.27 -18.53
C MET E 32 -29.34 0.29 -19.78
N TYR E 33 -29.30 -0.48 -20.87
CA TYR E 33 -29.79 0.00 -22.16
C TYR E 33 -30.68 -1.00 -22.89
N TRP E 34 -31.61 -0.49 -23.71
CA TRP E 34 -32.32 -1.32 -24.68
C TRP E 34 -32.07 -0.82 -26.11
N TYR E 35 -31.44 -1.68 -26.92
CA TYR E 35 -31.17 -1.37 -28.31
C TYR E 35 -31.94 -2.31 -29.22
N ARG E 36 -32.14 -1.88 -30.46
CA ARG E 36 -32.64 -2.77 -31.51
C ARG E 36 -31.86 -2.53 -32.79
N GLN E 37 -31.63 -3.58 -33.56
CA GLN E 37 -31.02 -3.42 -34.88
C GLN E 37 -31.64 -4.37 -35.90
N ASP E 38 -32.07 -3.82 -37.02
CA ASP E 38 -32.67 -4.61 -38.08
C ASP E 38 -31.58 -4.98 -39.07
N PRO E 39 -31.73 -6.16 -39.72
CA PRO E 39 -30.79 -6.60 -40.76
C PRO E 39 -30.34 -5.45 -41.65
N GLY E 40 -31.25 -4.50 -41.88
CA GLY E 40 -30.94 -3.31 -42.64
C GLY E 40 -29.93 -2.40 -41.95
N LEU E 41 -30.43 -1.49 -41.13
CA LEU E 41 -29.57 -0.50 -40.47
C LEU E 41 -28.67 -1.14 -39.41
N GLY E 42 -28.44 -0.39 -38.33
CA GLY E 42 -27.62 -0.88 -37.23
C GLY E 42 -28.31 -0.67 -35.91
N LEU E 43 -27.54 -0.38 -34.86
CA LEU E 43 -28.11 -0.20 -33.54
C LEU E 43 -28.72 1.18 -33.32
N GLN E 44 -29.96 1.19 -32.85
CA GLN E 44 -30.63 2.41 -32.45
C GLN E 44 -31.11 2.26 -31.00
N LEU E 45 -30.96 3.32 -30.22
CA LEU E 45 -31.30 3.25 -28.79
C LEU E 45 -32.80 3.44 -28.57
N ILE E 46 -33.38 2.52 -27.79
CA ILE E 46 -34.80 2.61 -27.43
C ILE E 46 -34.97 3.33 -26.09
N TYR E 47 -34.38 2.78 -25.04
CA TYR E 47 -34.49 3.36 -23.71
C TYR E 47 -33.21 3.17 -22.91
N ILE E 48 -32.98 4.06 -21.95
CA ILE E 48 -31.80 3.98 -21.10
C ILE E 48 -32.14 4.31 -19.64
N SER E 49 -31.98 3.33 -18.75
CA SER E 49 -32.24 3.56 -17.34
C SER E 49 -30.94 3.86 -16.60
N TYR E 50 -30.89 5.03 -15.98
CA TYR E 50 -29.71 5.46 -15.24
C TYR E 50 -29.67 4.80 -13.87
N ASP E 51 -30.83 4.36 -13.41
CA ASP E 51 -30.99 3.77 -12.08
C ASP E 51 -32.47 3.63 -11.76
N VAL E 52 -32.85 2.49 -11.19
CA VAL E 52 -34.26 2.18 -10.88
C VAL E 52 -35.27 3.01 -11.66
N ASP E 53 -36.09 3.77 -10.93
CA ASP E 53 -37.19 4.51 -11.55
C ASP E 53 -36.74 5.74 -12.34
N SER E 54 -35.45 5.81 -12.63
CA SER E 54 -34.93 6.86 -13.50
C SER E 54 -34.74 6.32 -14.92
N ASN E 55 -35.67 6.66 -15.80
CA ASN E 55 -35.61 6.18 -17.18
C ASN E 55 -35.84 7.31 -18.15
N SER E 56 -35.06 7.34 -19.24
CA SER E 56 -35.18 8.40 -20.24
C SER E 56 -35.39 7.79 -21.62
N GLU E 57 -36.00 8.57 -22.50
CA GLU E 57 -36.41 8.08 -23.82
C GLU E 57 -35.27 7.44 -24.61
N GLY E 58 -34.70 8.20 -25.53
CA GLY E 58 -33.69 7.67 -26.43
C GLY E 58 -33.95 8.10 -27.86
N ASP E 59 -33.79 7.19 -28.80
CA ASP E 59 -33.96 7.49 -30.21
C ASP E 59 -35.30 6.99 -30.75
N ILE E 60 -35.68 5.77 -30.37
CA ILE E 60 -36.92 5.18 -30.86
C ILE E 60 -37.86 4.82 -29.71
N PRO E 61 -38.29 5.83 -28.94
CA PRO E 61 -39.15 5.57 -27.77
C PRO E 61 -40.54 5.10 -28.18
N LYS E 62 -41.08 5.67 -29.25
CA LYS E 62 -42.42 5.34 -29.70
C LYS E 62 -42.59 3.84 -29.95
N GLY E 63 -43.55 3.25 -29.25
CA GLY E 63 -43.84 1.83 -29.42
C GLY E 63 -43.32 0.97 -28.29
N TYR E 64 -42.59 1.58 -27.37
CA TYR E 64 -41.98 0.84 -26.27
C TYR E 64 -42.14 1.55 -24.94
N ARG E 65 -42.09 0.76 -23.86
CA ARG E 65 -41.96 1.31 -22.51
C ARG E 65 -41.10 0.34 -21.69
N VAL E 66 -40.49 0.85 -20.62
CA VAL E 66 -39.53 0.08 -19.85
C VAL E 66 -39.87 0.05 -18.38
N SER E 67 -39.21 -0.83 -17.63
CA SER E 67 -39.42 -0.93 -16.20
C SER E 67 -38.15 -1.31 -15.45
N ARG E 68 -37.65 -0.38 -14.64
CA ARG E 68 -36.45 -0.64 -13.84
C ARG E 68 -36.79 -0.57 -12.35
N LYS E 69 -37.03 -1.73 -11.75
CA LYS E 69 -37.37 -1.81 -10.34
C LYS E 69 -36.22 -2.39 -9.53
N LYS E 70 -35.23 -2.93 -10.24
CA LYS E 70 -33.99 -3.37 -9.62
C LYS E 70 -32.83 -3.13 -10.58
N ARG E 71 -31.66 -2.83 -10.02
CA ARG E 71 -30.49 -2.56 -10.83
C ARG E 71 -30.24 -3.73 -11.78
N GLU E 72 -30.27 -4.94 -11.24
CA GLU E 72 -29.88 -6.13 -11.98
C GLU E 72 -30.74 -6.40 -13.21
N HIS E 73 -32.01 -6.00 -13.15
CA HIS E 73 -32.92 -6.29 -14.26
C HIS E 73 -33.37 -5.03 -14.99
N PHE E 74 -33.93 -5.22 -16.18
CA PHE E 74 -34.42 -4.12 -16.99
C PHE E 74 -35.29 -4.65 -18.13
N SER E 75 -36.60 -4.61 -17.92
CA SER E 75 -37.55 -5.22 -18.85
C SER E 75 -38.11 -4.25 -19.90
N LEU E 76 -38.25 -4.74 -21.12
CA LEU E 76 -38.77 -3.95 -22.23
C LEU E 76 -40.21 -4.35 -22.55
N ILE E 77 -41.11 -3.36 -22.58
CA ILE E 77 -42.52 -3.64 -22.80
C ILE E 77 -43.03 -3.13 -24.14
N LEU E 78 -43.67 -4.03 -24.89
CA LEU E 78 -44.43 -3.63 -26.08
C LEU E 78 -45.90 -3.87 -25.80
N ASP E 79 -46.62 -2.81 -25.45
CA ASP E 79 -48.05 -2.92 -25.21
C ASP E 79 -48.74 -3.53 -26.42
N SER E 80 -48.87 -2.73 -27.48
CA SER E 80 -49.41 -3.22 -28.74
C SER E 80 -48.28 -3.52 -29.73
N ALA E 81 -47.94 -4.80 -29.87
CA ALA E 81 -46.91 -5.21 -30.81
C ALA E 81 -47.22 -4.68 -32.21
N LYS E 82 -46.17 -4.48 -33.00
CA LYS E 82 -46.31 -4.03 -34.38
C LYS E 82 -45.45 -4.87 -35.30
N THR E 83 -45.93 -5.09 -36.52
CA THR E 83 -45.18 -5.89 -37.49
C THR E 83 -43.74 -5.38 -37.68
N ASN E 84 -43.60 -4.06 -37.85
CA ASN E 84 -42.29 -3.48 -38.10
C ASN E 84 -41.36 -3.54 -36.88
N GLN E 85 -41.93 -3.78 -35.70
CA GLN E 85 -41.15 -3.93 -34.48
C GLN E 85 -40.52 -5.31 -34.43
N THR E 86 -40.35 -5.94 -35.59
CA THR E 86 -39.73 -7.25 -35.67
C THR E 86 -38.23 -7.15 -35.92
N SER E 87 -37.51 -6.58 -34.96
CA SER E 87 -36.07 -6.41 -35.07
C SER E 87 -35.33 -7.38 -34.16
N VAL E 88 -34.04 -7.13 -33.94
CA VAL E 88 -33.29 -7.87 -32.95
C VAL E 88 -33.00 -6.91 -31.80
N TYR E 89 -33.22 -7.37 -30.57
CA TYR E 89 -33.11 -6.50 -29.41
C TYR E 89 -31.89 -6.81 -28.55
N PHE E 90 -31.13 -5.78 -28.21
CA PHE E 90 -29.96 -5.94 -27.36
C PHE E 90 -30.07 -5.13 -26.08
N CYS E 91 -29.80 -5.79 -24.97
CA CYS E 91 -29.77 -5.15 -23.66
C CYS E 91 -28.31 -4.92 -23.31
N ALA E 92 -28.03 -3.88 -22.53
CA ALA E 92 -26.65 -3.57 -22.16
C ALA E 92 -26.57 -2.91 -20.80
N SER E 93 -25.35 -2.82 -20.27
CA SER E 93 -25.12 -2.17 -18.98
C SER E 93 -23.72 -1.58 -18.92
N SER E 94 -23.55 -0.55 -18.10
CA SER E 94 -22.26 0.07 -17.92
C SER E 94 -22.11 0.63 -16.50
N PHE E 95 -20.87 0.79 -16.06
CA PHE E 95 -20.62 1.40 -14.76
C PHE E 95 -19.81 2.67 -14.90
N GLY E 96 -19.40 2.98 -16.13
CA GLY E 96 -18.60 4.16 -16.40
C GLY E 96 -17.64 3.98 -17.56
N ARG E 97 -17.15 2.77 -17.75
CA ARG E 97 -16.29 2.47 -18.88
C ARG E 97 -17.09 2.28 -20.15
N GLU E 98 -16.98 1.08 -20.73
CA GLU E 98 -17.71 0.73 -21.93
C GLU E 98 -19.03 0.07 -21.57
N GLN E 99 -19.85 -0.20 -22.59
CA GLN E 99 -21.13 -0.87 -22.38
C GLN E 99 -20.97 -2.37 -22.57
N TYR E 100 -21.68 -3.15 -21.75
CA TYR E 100 -21.62 -4.60 -21.82
C TYR E 100 -22.92 -5.15 -22.38
N PHE E 101 -22.89 -5.55 -23.65
CA PHE E 101 -24.09 -5.99 -24.35
C PHE E 101 -24.48 -7.45 -24.06
N GLY E 102 -25.76 -7.75 -24.27
CA GLY E 102 -26.27 -9.10 -24.07
C GLY E 102 -26.10 -9.96 -25.31
N PRO E 103 -26.82 -11.08 -25.37
CA PRO E 103 -26.73 -12.03 -26.49
C PRO E 103 -27.69 -11.68 -27.62
N GLY E 104 -28.68 -10.84 -27.32
CA GLY E 104 -29.66 -10.44 -28.30
C GLY E 104 -30.91 -11.31 -28.33
N THR E 105 -32.06 -10.67 -28.45
CA THR E 105 -33.33 -11.38 -28.54
C THR E 105 -33.99 -11.14 -29.89
N ARG E 106 -34.31 -12.23 -30.59
CA ARG E 106 -34.92 -12.14 -31.91
C ARG E 106 -36.44 -12.17 -31.82
N LEU E 107 -37.07 -11.04 -32.08
CA LEU E 107 -38.52 -10.93 -31.98
C LEU E 107 -39.18 -10.75 -33.34
N THR E 108 -40.02 -11.71 -33.70
CA THR E 108 -40.79 -11.65 -34.94
C THR E 108 -42.27 -11.38 -34.66
N VAL E 109 -42.76 -10.24 -35.14
CA VAL E 109 -44.17 -9.88 -34.94
C VAL E 109 -44.97 -10.18 -36.20
N LEU E 110 -45.56 -11.38 -36.24
CA LEU E 110 -46.31 -11.82 -37.41
C LEU E 110 -47.76 -11.34 -37.41
N GLU E 111 -48.26 -11.04 -38.60
CA GLU E 111 -49.64 -10.60 -38.77
C GLU E 111 -50.55 -11.81 -38.85
N ASP E 112 -49.97 -12.96 -39.18
CA ASP E 112 -50.72 -14.20 -39.35
C ASP E 112 -49.81 -15.39 -39.07
N LEU E 113 -50.11 -16.15 -38.02
CA LEU E 113 -49.25 -17.25 -37.59
C LEU E 113 -49.26 -18.43 -38.56
N LYS E 114 -50.12 -18.39 -39.57
CA LYS E 114 -50.18 -19.45 -40.56
C LYS E 114 -48.89 -19.52 -41.37
N ASN E 115 -48.09 -18.46 -41.29
CA ASN E 115 -46.82 -18.39 -42.01
C ASN E 115 -45.73 -19.18 -41.33
N VAL E 116 -45.98 -19.60 -40.10
CA VAL E 116 -44.99 -20.32 -39.30
C VAL E 116 -44.85 -21.78 -39.72
N PHE E 117 -43.61 -22.27 -39.77
CA PHE E 117 -43.35 -23.65 -40.13
C PHE E 117 -42.08 -24.18 -39.48
N PRO E 118 -42.09 -25.45 -39.08
CA PRO E 118 -40.88 -26.14 -38.63
C PRO E 118 -40.07 -26.56 -39.85
N PRO E 119 -38.78 -26.88 -39.66
CA PRO E 119 -37.92 -27.22 -40.80
C PRO E 119 -37.85 -28.71 -41.07
N GLU E 120 -38.04 -29.09 -42.33
CA GLU E 120 -37.76 -30.45 -42.76
C GLU E 120 -36.24 -30.56 -42.89
N VAL E 121 -35.68 -31.66 -42.42
CA VAL E 121 -34.23 -31.80 -42.39
C VAL E 121 -33.75 -33.13 -42.97
N ALA E 122 -32.56 -33.11 -43.57
CA ALA E 122 -31.96 -34.32 -44.15
C ALA E 122 -30.44 -34.18 -44.24
N VAL E 123 -29.74 -35.30 -44.04
CA VAL E 123 -28.29 -35.34 -44.15
C VAL E 123 -27.90 -35.97 -45.48
N PHE E 124 -26.76 -35.54 -46.02
CA PHE E 124 -26.25 -36.08 -47.28
C PHE E 124 -24.88 -36.71 -47.11
N GLU E 125 -24.77 -37.99 -47.47
CA GLU E 125 -23.51 -38.72 -47.31
C GLU E 125 -22.43 -38.20 -48.26
N PRO E 126 -21.16 -38.36 -47.86
CA PRO E 126 -20.02 -37.85 -48.62
C PRO E 126 -19.99 -38.39 -50.04
N SER E 127 -19.48 -37.60 -50.98
CA SER E 127 -19.35 -38.03 -52.36
C SER E 127 -18.23 -39.05 -52.49
N GLU E 128 -18.53 -40.17 -53.13
CA GLU E 128 -17.56 -41.24 -53.31
C GLU E 128 -16.26 -40.71 -53.89
N ALA E 129 -16.36 -39.62 -54.66
CA ALA E 129 -15.20 -39.04 -55.33
C ALA E 129 -14.23 -38.37 -54.36
N GLU E 130 -14.73 -37.40 -53.60
CA GLU E 130 -13.89 -36.59 -52.71
C GLU E 130 -12.99 -37.44 -51.80
N ILE E 131 -13.45 -38.62 -51.43
CA ILE E 131 -12.70 -39.48 -50.52
C ILE E 131 -11.41 -39.99 -51.16
N SER E 132 -11.40 -40.07 -52.49
CA SER E 132 -10.24 -40.57 -53.22
C SER E 132 -9.48 -39.43 -53.90
N HIS E 133 -10.07 -38.25 -53.91
CA HIS E 133 -9.46 -37.09 -54.57
C HIS E 133 -8.66 -36.25 -53.58
N THR E 134 -9.27 -35.94 -52.43
CA THR E 134 -8.62 -35.10 -51.43
C THR E 134 -8.42 -35.83 -50.10
N GLN E 135 -8.77 -37.12 -50.08
CA GLN E 135 -8.56 -37.95 -48.90
C GLN E 135 -9.44 -37.57 -47.71
N LYS E 136 -10.43 -36.70 -47.95
CA LYS E 136 -11.35 -36.28 -46.90
C LYS E 136 -12.80 -36.53 -47.29
N ALA E 137 -13.69 -36.46 -46.30
CA ALA E 137 -15.12 -36.70 -46.53
C ALA E 137 -15.98 -35.61 -45.92
N THR E 138 -16.84 -35.01 -46.74
CA THR E 138 -17.69 -33.92 -46.28
C THR E 138 -19.16 -34.30 -46.25
N LEU E 139 -19.77 -34.21 -45.07
CA LEU E 139 -21.20 -34.41 -44.92
C LEU E 139 -21.92 -33.07 -45.00
N VAL E 140 -23.14 -33.08 -45.54
CA VAL E 140 -23.90 -31.85 -45.69
C VAL E 140 -25.31 -31.98 -45.14
N CYS E 141 -25.66 -31.09 -44.21
CA CYS E 141 -27.02 -31.02 -43.69
C CYS E 141 -27.78 -29.91 -44.40
N LEU E 142 -29.09 -30.07 -44.52
CA LEU E 142 -29.90 -29.08 -45.23
C LEU E 142 -31.25 -28.90 -44.56
N ALA E 143 -31.36 -27.87 -43.73
CA ALA E 143 -32.63 -27.52 -43.09
C ALA E 143 -33.50 -26.74 -44.08
N THR E 144 -34.57 -27.38 -44.54
CA THR E 144 -35.41 -26.81 -45.58
C THR E 144 -36.77 -26.35 -45.03
N GLY E 145 -37.31 -25.31 -45.67
CA GLY E 145 -38.65 -24.83 -45.36
C GLY E 145 -38.96 -24.60 -43.90
N PHE E 146 -38.77 -23.37 -43.45
CA PHE E 146 -39.11 -22.98 -42.08
C PHE E 146 -39.22 -21.47 -41.96
N TYR E 147 -39.99 -21.02 -40.97
CA TYR E 147 -40.22 -19.59 -40.78
C TYR E 147 -40.78 -19.32 -39.38
N PRO E 148 -40.23 -18.29 -38.71
CA PRO E 148 -39.15 -17.45 -39.23
C PRO E 148 -37.79 -18.07 -38.96
N ASP E 149 -36.73 -17.28 -39.08
CA ASP E 149 -35.38 -17.80 -38.90
C ASP E 149 -35.00 -17.93 -37.43
N HIS E 150 -35.72 -18.77 -36.71
CA HIS E 150 -35.38 -19.10 -35.32
C HIS E 150 -34.83 -20.51 -35.28
N VAL E 151 -33.61 -20.68 -35.79
CA VAL E 151 -33.00 -22.01 -35.85
C VAL E 151 -31.53 -22.00 -35.42
N GLU E 152 -31.13 -23.06 -34.74
CA GLU E 152 -29.74 -23.26 -34.37
C GLU E 152 -29.30 -24.65 -34.79
N LEU E 153 -28.34 -24.72 -35.70
CA LEU E 153 -27.91 -25.99 -36.28
C LEU E 153 -26.65 -26.50 -35.60
N SER E 154 -26.67 -27.77 -35.20
CA SER E 154 -25.56 -28.37 -34.48
C SER E 154 -25.21 -29.76 -35.01
N TRP E 155 -23.97 -30.17 -34.80
CA TRP E 155 -23.52 -31.50 -35.19
C TRP E 155 -23.24 -32.37 -33.97
N TRP E 156 -23.57 -33.65 -34.07
CA TRP E 156 -23.38 -34.58 -32.97
C TRP E 156 -22.73 -35.89 -33.43
N VAL E 157 -21.51 -36.14 -32.97
CA VAL E 157 -20.79 -37.36 -33.32
C VAL E 157 -20.87 -38.40 -32.20
N ASN E 158 -21.56 -39.51 -32.47
CA ASN E 158 -21.71 -40.58 -31.48
C ASN E 158 -22.39 -40.13 -30.20
N GLY E 159 -22.90 -38.91 -30.19
CA GLY E 159 -23.57 -38.37 -29.01
C GLY E 159 -22.92 -37.11 -28.47
N LYS E 160 -21.69 -36.85 -28.89
CA LYS E 160 -20.98 -35.65 -28.48
C LYS E 160 -21.15 -34.52 -29.49
N GLU E 161 -21.46 -33.32 -28.99
CA GLU E 161 -21.55 -32.15 -29.85
C GLU E 161 -20.15 -31.81 -30.38
N VAL E 162 -20.07 -31.54 -31.67
CA VAL E 162 -18.78 -31.29 -32.30
C VAL E 162 -18.76 -30.00 -33.11
N HIS E 163 -17.89 -29.08 -32.71
CA HIS E 163 -17.70 -27.84 -33.45
C HIS E 163 -16.41 -27.93 -34.26
N SER E 164 -15.76 -29.07 -34.18
CA SER E 164 -14.50 -29.30 -34.87
C SER E 164 -14.74 -29.70 -36.33
N GLY E 165 -14.28 -28.86 -37.25
CA GLY E 165 -14.45 -29.11 -38.67
C GLY E 165 -15.87 -28.86 -39.14
N VAL E 166 -16.55 -27.93 -38.49
CA VAL E 166 -17.93 -27.62 -38.84
C VAL E 166 -18.05 -26.21 -39.41
N CYS E 167 -18.94 -26.05 -40.39
CA CYS E 167 -19.19 -24.76 -41.01
C CYS E 167 -20.66 -24.59 -41.34
N THR E 168 -21.26 -23.51 -40.86
CA THR E 168 -22.68 -23.28 -41.07
C THR E 168 -22.94 -21.92 -41.72
N ASP E 169 -23.95 -21.87 -42.59
CA ASP E 169 -24.31 -20.62 -43.25
C ASP E 169 -24.61 -19.54 -42.23
N PRO E 170 -24.09 -18.33 -42.46
CA PRO E 170 -24.36 -17.17 -41.60
C PRO E 170 -25.80 -16.68 -41.76
N GLN E 171 -26.22 -16.48 -43.01
CA GLN E 171 -27.56 -15.99 -43.31
C GLN E 171 -28.37 -17.08 -44.00
N PRO E 172 -29.47 -17.50 -43.37
CA PRO E 172 -30.36 -18.46 -44.03
C PRO E 172 -30.93 -17.83 -45.29
N LEU E 173 -30.88 -18.55 -46.41
CA LEU E 173 -31.35 -17.98 -47.67
C LEU E 173 -32.83 -18.26 -47.90
N LYS E 174 -33.46 -17.40 -48.70
CA LYS E 174 -34.88 -17.52 -48.99
C LYS E 174 -35.12 -18.44 -50.18
N GLU E 175 -36.11 -19.33 -50.05
CA GLU E 175 -36.43 -20.27 -51.12
C GLU E 175 -37.34 -19.62 -52.17
N GLN E 176 -37.68 -18.36 -51.95
CA GLN E 176 -38.53 -17.61 -52.88
C GLN E 176 -38.53 -16.13 -52.53
N PRO E 177 -37.48 -15.42 -52.95
CA PRO E 177 -37.21 -14.00 -52.64
C PRO E 177 -38.41 -13.10 -52.93
N ALA E 178 -39.18 -13.43 -53.95
CA ALA E 178 -40.33 -12.61 -54.35
C ALA E 178 -41.30 -12.39 -53.20
N LEU E 179 -41.85 -13.48 -52.66
CA LEU E 179 -42.82 -13.40 -51.57
C LEU E 179 -42.28 -12.56 -50.42
N ASN E 180 -43.16 -11.76 -49.83
CA ASN E 180 -42.78 -10.89 -48.73
C ASN E 180 -42.41 -11.68 -47.47
N ASP E 181 -43.16 -12.75 -47.22
CA ASP E 181 -42.90 -13.63 -46.10
C ASP E 181 -42.20 -14.90 -46.57
N SER E 182 -41.07 -14.72 -47.24
CA SER E 182 -40.34 -15.84 -47.85
C SER E 182 -39.91 -16.89 -46.83
N ARG E 183 -40.21 -18.14 -47.13
CA ARG E 183 -39.83 -19.27 -46.29
C ARG E 183 -38.33 -19.54 -46.42
N TYR E 184 -37.70 -19.98 -45.33
CA TYR E 184 -36.24 -20.05 -45.26
C TYR E 184 -35.63 -21.45 -45.44
N ALA E 185 -34.32 -21.46 -45.72
CA ALA E 185 -33.56 -22.70 -45.84
C ALA E 185 -32.14 -22.48 -45.32
N LEU E 186 -31.47 -23.56 -44.94
CA LEU E 186 -30.13 -23.46 -44.37
C LEU E 186 -29.32 -24.73 -44.63
N SER E 187 -27.99 -24.60 -44.61
CA SER E 187 -27.10 -25.74 -44.81
C SER E 187 -25.88 -25.65 -43.92
N SER E 188 -25.18 -26.77 -43.78
CA SER E 188 -23.97 -26.83 -42.97
C SER E 188 -23.11 -28.01 -43.39
N ARG E 189 -21.80 -27.85 -43.32
CA ARG E 189 -20.88 -28.92 -43.69
C ARG E 189 -20.10 -29.50 -42.51
N LEU E 190 -19.79 -30.78 -42.59
CA LEU E 190 -18.99 -31.45 -41.58
C LEU E 190 -17.92 -32.29 -42.25
N ARG E 191 -16.71 -31.74 -42.35
CA ARG E 191 -15.61 -32.43 -43.02
C ARG E 191 -14.83 -33.29 -42.03
N VAL E 192 -14.63 -34.55 -42.38
CA VAL E 192 -13.89 -35.49 -41.54
C VAL E 192 -12.99 -36.37 -42.38
N SER E 193 -11.80 -36.68 -41.86
CA SER E 193 -10.84 -37.53 -42.55
C SER E 193 -11.55 -38.74 -43.14
N ALA E 194 -11.32 -39.00 -44.43
CA ALA E 194 -11.99 -40.09 -45.13
C ALA E 194 -11.95 -41.41 -44.35
N THR E 195 -10.80 -41.68 -43.73
CA THR E 195 -10.64 -42.90 -42.94
C THR E 195 -11.72 -43.02 -41.88
N PHE E 196 -12.13 -41.89 -41.33
CA PHE E 196 -13.13 -41.86 -40.26
C PHE E 196 -14.49 -42.33 -40.75
N TRP E 197 -14.97 -41.74 -41.83
CA TRP E 197 -16.29 -42.05 -42.39
C TRP E 197 -16.37 -43.50 -42.88
N GLN E 198 -15.22 -44.16 -42.95
CA GLN E 198 -15.15 -45.52 -43.48
C GLN E 198 -15.49 -46.57 -42.41
N ASN E 199 -16.05 -46.13 -41.30
CA ASN E 199 -16.40 -47.04 -40.21
C ASN E 199 -17.87 -46.91 -39.82
N PRO E 200 -18.66 -47.98 -40.06
CA PRO E 200 -20.11 -47.99 -39.83
C PRO E 200 -20.50 -48.12 -38.36
N ARG E 201 -19.61 -47.70 -37.45
CA ARG E 201 -19.94 -47.67 -36.03
C ARG E 201 -20.27 -46.25 -35.57
N ASN E 202 -19.68 -45.28 -36.25
CA ASN E 202 -19.90 -43.87 -35.92
C ASN E 202 -21.31 -43.41 -36.28
N HIS E 203 -21.86 -42.52 -35.46
CA HIS E 203 -23.20 -41.98 -35.69
C HIS E 203 -23.14 -40.49 -35.99
N PHE E 204 -23.58 -40.13 -37.20
CA PHE E 204 -23.63 -38.73 -37.61
C PHE E 204 -25.05 -38.21 -37.58
N ARG E 205 -25.31 -37.23 -36.70
CA ARG E 205 -26.64 -36.64 -36.58
C ARG E 205 -26.58 -35.13 -36.75
N CYS E 206 -27.39 -34.62 -37.67
CA CYS E 206 -27.50 -33.18 -37.89
C CYS E 206 -28.75 -32.64 -37.21
N GLN E 207 -28.55 -31.96 -36.08
CA GLN E 207 -29.67 -31.43 -35.30
C GLN E 207 -29.87 -29.94 -35.53
N VAL E 208 -31.13 -29.54 -35.62
CA VAL E 208 -31.46 -28.13 -35.80
C VAL E 208 -32.71 -27.76 -35.00
N GLN E 209 -32.50 -27.11 -33.85
CA GLN E 209 -33.61 -26.72 -33.00
C GLN E 209 -34.41 -25.60 -33.61
N PHE E 210 -35.73 -25.69 -33.53
CA PHE E 210 -36.61 -24.64 -33.99
C PHE E 210 -37.15 -23.88 -32.79
N TYR E 211 -37.33 -22.57 -32.93
CA TYR E 211 -37.93 -21.77 -31.88
C TYR E 211 -39.23 -21.17 -32.39
N GLY E 212 -40.30 -21.95 -32.31
CA GLY E 212 -41.59 -21.53 -32.84
C GLY E 212 -42.56 -21.04 -31.78
N LEU E 213 -43.71 -21.68 -31.70
CA LEU E 213 -44.75 -21.28 -30.76
C LEU E 213 -44.67 -22.11 -29.47
N SER E 214 -45.51 -21.77 -28.51
CA SER E 214 -45.51 -22.45 -27.22
C SER E 214 -46.93 -22.78 -26.75
N GLU E 215 -47.11 -22.86 -25.44
CA GLU E 215 -48.39 -23.21 -24.84
C GLU E 215 -49.51 -22.25 -25.25
N ASN E 216 -49.47 -21.04 -24.69
CA ASN E 216 -50.55 -20.07 -24.88
C ASN E 216 -50.81 -19.68 -26.33
N ASP E 217 -49.99 -20.20 -27.24
CA ASP E 217 -50.17 -19.94 -28.67
C ASP E 217 -51.35 -20.75 -29.23
N GLU E 218 -52.45 -20.07 -29.52
CA GLU E 218 -53.62 -20.73 -30.06
C GLU E 218 -53.44 -21.04 -31.54
N TRP E 219 -53.80 -22.26 -31.94
CA TRP E 219 -53.55 -22.74 -33.29
C TRP E 219 -54.73 -23.56 -33.81
N THR E 220 -55.23 -23.18 -34.99
CA THR E 220 -56.42 -23.82 -35.56
C THR E 220 -56.09 -24.80 -36.68
N GLN E 221 -55.06 -24.49 -37.46
CA GLN E 221 -54.69 -25.28 -38.64
C GLN E 221 -54.71 -26.79 -38.38
N ASP E 222 -54.86 -27.55 -39.47
CA ASP E 222 -54.93 -29.01 -39.37
C ASP E 222 -53.56 -29.62 -39.13
N ARG E 223 -52.53 -29.04 -39.73
CA ARG E 223 -51.16 -29.48 -39.50
C ARG E 223 -50.74 -29.22 -38.06
N ALA E 224 -50.04 -30.18 -37.46
CA ALA E 224 -49.61 -30.06 -36.08
C ALA E 224 -49.01 -28.69 -35.79
N LYS E 225 -49.38 -28.11 -34.65
CA LYS E 225 -48.92 -26.77 -34.28
C LYS E 225 -47.39 -26.71 -34.25
N PRO E 226 -46.82 -25.80 -35.04
CA PRO E 226 -45.36 -25.65 -35.18
C PRO E 226 -44.72 -25.02 -33.94
N VAL E 227 -44.46 -25.84 -32.93
CA VAL E 227 -43.88 -25.34 -31.69
C VAL E 227 -42.40 -25.67 -31.61
N THR E 228 -41.71 -25.00 -30.68
CA THR E 228 -40.29 -25.26 -30.44
C THR E 228 -40.02 -26.77 -30.37
N GLN E 229 -39.05 -27.23 -31.15
CA GLN E 229 -38.75 -28.65 -31.26
C GLN E 229 -37.35 -28.87 -31.82
N ILE E 230 -36.92 -30.13 -31.84
CA ILE E 230 -35.60 -30.47 -32.36
C ILE E 230 -35.67 -31.46 -33.53
N VAL E 231 -35.94 -30.94 -34.72
CA VAL E 231 -35.92 -31.76 -35.91
C VAL E 231 -34.49 -32.20 -36.21
N SER E 232 -34.31 -33.49 -36.51
CA SER E 232 -32.96 -34.03 -36.73
C SER E 232 -32.90 -34.93 -37.96
N ALA E 233 -31.68 -35.30 -38.31
CA ALA E 233 -31.43 -36.23 -39.41
C ALA E 233 -30.12 -36.99 -39.16
N GLU E 234 -30.17 -38.30 -39.29
CA GLU E 234 -29.03 -39.14 -38.93
C GLU E 234 -28.41 -39.85 -40.13
N ALA E 235 -27.22 -40.40 -39.93
CA ALA E 235 -26.49 -41.09 -40.98
C ALA E 235 -25.34 -41.93 -40.41
N TRP E 236 -25.35 -43.22 -40.70
CA TRP E 236 -24.31 -44.12 -40.22
C TRP E 236 -23.13 -44.19 -41.18
N GLY E 237 -21.94 -44.46 -40.64
CA GLY E 237 -20.74 -44.57 -41.44
C GLY E 237 -20.84 -45.67 -42.47
N ARG E 238 -20.02 -45.59 -43.51
CA ARG E 238 -20.03 -46.61 -44.56
C ARG E 238 -18.64 -47.13 -44.89
N ALA E 239 -18.47 -48.45 -44.76
CA ALA E 239 -17.21 -49.10 -45.12
C ALA E 239 -17.33 -49.69 -46.52
N ASP E 240 -18.56 -49.76 -47.02
CA ASP E 240 -18.84 -50.29 -48.36
C ASP E 240 -17.82 -49.79 -49.37
N PRO F 1 3.66 -34.31 -5.87
CA PRO F 1 4.50 -35.46 -5.55
C PRO F 1 5.96 -35.23 -5.93
N HIS F 2 6.25 -35.17 -7.23
CA HIS F 2 7.59 -34.93 -7.71
C HIS F 2 7.96 -33.45 -7.64
N SER F 3 9.26 -33.16 -7.59
CA SER F 3 9.74 -31.79 -7.47
C SER F 3 11.24 -31.69 -7.66
N MET F 4 11.68 -30.65 -8.35
CA MET F 4 13.10 -30.36 -8.47
C MET F 4 13.45 -29.10 -7.68
N ARG F 5 14.69 -29.01 -7.22
CA ARG F 5 15.13 -27.85 -6.44
C ARG F 5 16.55 -27.43 -6.80
N TYR F 6 16.90 -26.20 -6.44
CA TYR F 6 18.27 -25.71 -6.59
C TYR F 6 18.63 -24.79 -5.44
N PHE F 7 19.54 -25.25 -4.60
CA PHE F 7 19.96 -24.47 -3.44
C PHE F 7 21.32 -23.81 -3.69
N GLU F 8 21.30 -22.52 -4.01
CA GLU F 8 22.52 -21.77 -4.27
C GLU F 8 22.92 -20.96 -3.05
N THR F 9 24.23 -20.81 -2.85
CA THR F 9 24.75 -20.03 -1.73
C THR F 9 25.96 -19.19 -2.14
N ALA F 10 26.00 -17.95 -1.66
CA ALA F 10 27.14 -17.09 -1.88
C ALA F 10 27.58 -16.50 -0.55
N VAL F 11 28.84 -16.71 -0.20
CA VAL F 11 29.35 -16.27 1.09
C VAL F 11 30.59 -15.38 0.93
N SER F 12 30.40 -14.06 0.99
CA SER F 12 31.51 -13.13 0.94
C SER F 12 32.43 -13.39 2.13
N ARG F 13 33.71 -13.59 1.85
CA ARG F 13 34.67 -13.93 2.90
C ARG F 13 35.59 -12.76 3.24
N PRO F 14 36.04 -12.70 4.51
CA PRO F 14 36.89 -11.62 5.00
C PRO F 14 38.28 -11.61 4.37
N GLY F 15 38.54 -10.64 3.50
CA GLY F 15 39.86 -10.48 2.91
C GLY F 15 40.16 -11.40 1.74
N LEU F 16 39.25 -12.32 1.45
CA LEU F 16 39.44 -13.22 0.31
C LEU F 16 39.05 -12.57 -1.01
N GLU F 17 38.57 -11.34 -0.94
CA GLU F 17 38.24 -10.55 -2.12
C GLU F 17 37.05 -11.12 -2.90
N GLU F 18 37.19 -12.36 -3.35
CA GLU F 18 36.12 -13.04 -4.07
C GLU F 18 35.34 -13.98 -3.16
N PRO F 19 34.00 -13.92 -3.24
CA PRO F 19 33.13 -14.77 -2.41
C PRO F 19 33.08 -16.20 -2.93
N ARG F 20 32.54 -17.10 -2.12
CA ARG F 20 32.38 -18.49 -2.53
C ARG F 20 30.95 -18.71 -3.02
N TYR F 21 30.78 -19.66 -3.93
CA TYR F 21 29.46 -19.95 -4.48
C TYR F 21 29.21 -21.44 -4.65
N ILE F 22 28.42 -22.01 -3.73
CA ILE F 22 28.12 -23.43 -3.76
C ILE F 22 26.72 -23.66 -4.33
N SER F 23 26.66 -24.20 -5.55
CA SER F 23 25.39 -24.48 -6.19
C SER F 23 25.04 -25.97 -6.04
N VAL F 24 23.80 -26.23 -5.63
CA VAL F 24 23.35 -27.60 -5.40
C VAL F 24 22.01 -27.87 -6.09
N GLY F 25 21.92 -29.01 -6.77
CA GLY F 25 20.70 -29.39 -7.47
C GLY F 25 20.02 -30.59 -6.86
N TYR F 26 18.72 -30.47 -6.61
CA TYR F 26 17.95 -31.54 -5.97
C TYR F 26 16.87 -32.09 -6.90
N VAL F 27 16.52 -33.36 -6.67
CA VAL F 27 15.37 -33.98 -7.34
C VAL F 27 14.63 -34.86 -6.33
N ASP F 28 13.37 -34.54 -6.09
CA ASP F 28 12.58 -35.26 -5.08
C ASP F 28 13.32 -35.24 -3.75
N ASN F 29 13.93 -34.11 -3.43
CA ASN F 29 14.75 -33.99 -2.22
C ASN F 29 15.89 -35.00 -2.21
N LYS F 30 16.62 -35.06 -3.32
CA LYS F 30 17.79 -35.93 -3.44
C LYS F 30 18.82 -35.31 -4.38
N GLU F 31 19.99 -35.01 -3.84
CA GLU F 31 21.04 -34.32 -4.59
C GLU F 31 21.55 -35.13 -5.76
N PHE F 32 21.89 -34.44 -6.85
CA PHE F 32 22.39 -35.11 -8.05
C PHE F 32 23.50 -34.32 -8.75
N VAL F 33 23.56 -33.02 -8.50
CA VAL F 33 24.61 -32.18 -9.06
C VAL F 33 25.09 -31.15 -8.04
N ARG F 34 26.35 -30.74 -8.16
CA ARG F 34 26.93 -29.80 -7.20
C ARG F 34 28.12 -29.03 -7.77
N PHE F 35 27.97 -27.70 -7.85
CA PHE F 35 29.06 -26.83 -8.28
C PHE F 35 29.66 -26.11 -7.08
N ASP F 36 30.98 -25.96 -7.08
CA ASP F 36 31.66 -25.29 -5.98
C ASP F 36 32.75 -24.36 -6.49
N SER F 37 32.80 -23.15 -5.96
CA SER F 37 33.74 -22.13 -6.40
C SER F 37 35.06 -22.22 -5.63
N ASP F 38 35.39 -23.43 -5.16
CA ASP F 38 36.65 -23.64 -4.44
C ASP F 38 37.35 -24.93 -4.84
N ALA F 39 36.71 -25.72 -5.72
CA ALA F 39 37.34 -26.92 -6.25
C ALA F 39 38.53 -26.52 -7.11
N GLU F 40 39.51 -27.42 -7.23
CA GLU F 40 40.69 -27.12 -8.03
C GLU F 40 40.30 -26.55 -9.38
N ASN F 41 39.27 -27.14 -9.98
CA ASN F 41 38.72 -26.63 -11.23
C ASN F 41 37.20 -26.56 -11.15
N PRO F 42 36.66 -25.35 -10.95
CA PRO F 42 35.22 -25.12 -10.80
C PRO F 42 34.40 -25.85 -11.87
N ARG F 43 33.78 -26.95 -11.48
CA ARG F 43 33.03 -27.77 -12.44
C ARG F 43 31.75 -28.31 -11.83
N TYR F 44 30.74 -28.50 -12.68
CA TYR F 44 29.49 -29.11 -12.24
C TYR F 44 29.63 -30.63 -12.28
N GLU F 45 30.00 -31.23 -11.15
CA GLU F 45 30.18 -32.67 -11.08
C GLU F 45 28.90 -33.36 -10.61
N PRO F 46 28.73 -34.63 -10.99
CA PRO F 46 27.53 -35.40 -10.64
C PRO F 46 27.62 -36.00 -9.24
N ARG F 47 26.50 -36.04 -8.54
CA ARG F 47 26.45 -36.62 -7.21
C ARG F 47 25.73 -37.97 -7.26
N ALA F 48 24.68 -38.04 -8.07
CA ALA F 48 23.97 -39.28 -8.30
C ALA F 48 24.61 -40.03 -9.48
N PRO F 49 24.91 -41.32 -9.28
CA PRO F 49 25.63 -42.14 -10.26
C PRO F 49 24.96 -42.17 -11.63
N TRP F 50 23.64 -42.11 -11.65
CA TRP F 50 22.88 -42.20 -12.90
C TRP F 50 22.97 -40.93 -13.73
N MET F 51 23.80 -39.99 -13.30
CA MET F 51 23.94 -38.71 -13.99
C MET F 51 25.07 -38.71 -15.02
N GLU F 52 25.95 -39.69 -14.95
CA GLU F 52 27.04 -39.80 -15.91
C GLU F 52 26.52 -39.97 -17.33
N GLN F 53 25.22 -40.26 -17.46
CA GLN F 53 24.60 -40.46 -18.76
C GLN F 53 24.77 -39.21 -19.63
N GLU F 54 24.49 -38.05 -19.05
CA GLU F 54 24.62 -36.79 -19.77
C GLU F 54 26.06 -36.59 -20.24
N GLY F 55 26.23 -36.47 -21.55
CA GLY F 55 27.55 -36.41 -22.16
C GLY F 55 28.34 -35.17 -21.83
N PRO F 56 29.66 -35.20 -22.12
CA PRO F 56 30.60 -34.09 -21.92
C PRO F 56 30.28 -32.89 -22.82
N GLU F 57 29.07 -32.36 -22.69
CA GLU F 57 28.66 -31.16 -23.40
C GLU F 57 27.53 -30.51 -22.59
N TYR F 58 26.92 -31.32 -21.74
CA TYR F 58 25.99 -30.84 -20.73
C TYR F 58 26.77 -30.47 -19.48
N TRP F 59 27.90 -31.15 -19.27
CA TRP F 59 28.78 -30.85 -18.15
C TRP F 59 29.55 -29.55 -18.40
N GLU F 60 29.25 -28.91 -19.54
CA GLU F 60 29.91 -27.66 -19.88
C GLU F 60 28.90 -26.52 -19.89
N ARG F 61 27.71 -26.78 -20.39
CA ARG F 61 26.65 -25.76 -20.45
C ARG F 61 26.24 -25.31 -19.06
N GLU F 62 26.15 -26.26 -18.13
CA GLU F 62 25.75 -25.94 -16.76
C GLU F 62 26.90 -25.32 -15.98
N THR F 63 28.11 -25.83 -16.20
CA THR F 63 29.28 -25.33 -15.49
C THR F 63 29.64 -23.92 -15.99
N GLN F 64 28.84 -23.40 -16.91
CA GLN F 64 29.04 -22.04 -17.40
C GLN F 64 27.95 -21.12 -16.87
N LYS F 65 26.75 -21.65 -16.73
CA LYS F 65 25.66 -20.88 -16.14
C LYS F 65 25.97 -20.60 -14.67
N ALA F 66 26.73 -21.51 -14.05
CA ALA F 66 27.18 -21.33 -12.69
C ALA F 66 28.27 -20.26 -12.65
N LYS F 67 29.19 -20.33 -13.60
CA LYS F 67 30.25 -19.33 -13.74
C LYS F 67 29.65 -17.94 -13.84
N GLY F 68 28.46 -17.85 -14.44
CA GLY F 68 27.78 -16.58 -14.58
C GLY F 68 26.96 -16.22 -13.36
N GLN F 69 26.29 -17.20 -12.78
CA GLN F 69 25.56 -17.00 -11.54
C GLN F 69 26.49 -16.46 -10.46
N GLU F 70 27.71 -17.00 -10.43
CA GLU F 70 28.70 -16.58 -9.45
C GLU F 70 28.85 -15.06 -9.47
N GLN F 71 28.95 -14.49 -10.66
CA GLN F 71 29.04 -13.05 -10.80
C GLN F 71 27.78 -12.38 -10.28
N TRP F 72 26.63 -12.84 -10.76
CA TRP F 72 25.35 -12.26 -10.38
C TRP F 72 25.24 -12.13 -8.87
N PHE F 73 25.55 -13.20 -8.16
CA PHE F 73 25.54 -13.18 -6.71
C PHE F 73 26.58 -12.20 -6.18
N ARG F 74 27.80 -12.28 -6.71
CA ARG F 74 28.88 -11.39 -6.27
C ARG F 74 28.44 -9.94 -6.31
N VAL F 75 27.90 -9.52 -7.45
CA VAL F 75 27.41 -8.16 -7.62
C VAL F 75 26.30 -7.85 -6.62
N SER F 76 25.36 -8.78 -6.47
CA SER F 76 24.23 -8.59 -5.58
C SER F 76 24.69 -8.39 -4.14
N LEU F 77 25.60 -9.24 -3.69
CA LEU F 77 26.15 -9.13 -2.34
C LEU F 77 26.64 -7.71 -2.09
N ARG F 78 27.17 -7.07 -3.12
CA ARG F 78 27.64 -5.70 -3.00
C ARG F 78 26.47 -4.73 -2.82
N ASN F 79 25.47 -4.84 -3.70
CA ASN F 79 24.28 -4.01 -3.59
C ASN F 79 23.66 -4.09 -2.21
N LEU F 80 23.62 -5.30 -1.65
CA LEU F 80 23.05 -5.50 -0.34
C LEU F 80 23.82 -4.69 0.70
N LEU F 81 25.14 -4.73 0.63
CA LEU F 81 25.95 -3.92 1.54
C LEU F 81 25.52 -2.47 1.47
N GLY F 82 25.17 -2.03 0.27
CA GLY F 82 24.69 -0.67 0.07
C GLY F 82 23.40 -0.43 0.83
N TYR F 83 22.43 -1.32 0.62
CA TYR F 83 21.13 -1.20 1.26
C TYR F 83 21.24 -1.11 2.78
N TYR F 84 21.92 -2.09 3.38
CA TYR F 84 22.01 -2.18 4.83
C TYR F 84 23.13 -1.36 5.41
N ASN F 85 23.77 -0.54 4.57
CA ASN F 85 24.88 0.30 5.00
C ASN F 85 25.85 -0.43 5.93
N GLN F 86 26.33 -1.59 5.48
CA GLN F 86 27.32 -2.34 6.25
C GLN F 86 28.65 -2.39 5.50
N SER F 87 29.74 -2.35 6.27
CA SER F 87 31.08 -2.29 5.71
C SER F 87 31.41 -3.48 4.81
N ALA F 88 32.29 -3.26 3.86
CA ALA F 88 32.79 -4.33 3.01
C ALA F 88 33.90 -5.08 3.74
N GLY F 89 34.28 -6.23 3.22
CA GLY F 89 35.34 -7.01 3.83
C GLY F 89 34.84 -8.01 4.85
N GLY F 90 33.67 -7.74 5.42
CA GLY F 90 33.07 -8.66 6.37
C GLY F 90 32.50 -9.87 5.65
N SER F 91 31.87 -10.76 6.40
CA SER F 91 31.26 -11.95 5.82
C SER F 91 29.74 -11.84 5.76
N HIS F 92 29.16 -12.36 4.69
CA HIS F 92 27.71 -12.31 4.50
C HIS F 92 27.27 -13.50 3.66
N THR F 93 25.97 -13.79 3.66
CA THR F 93 25.45 -14.93 2.92
C THR F 93 24.20 -14.60 2.11
N LEU F 94 24.28 -14.76 0.80
CA LEU F 94 23.13 -14.58 -0.08
C LEU F 94 22.79 -15.88 -0.77
N GLN F 95 21.78 -16.57 -0.24
CA GLN F 95 21.37 -17.87 -0.76
C GLN F 95 19.99 -17.78 -1.39
N GLN F 96 19.71 -18.65 -2.35
CA GLN F 96 18.40 -18.71 -2.97
C GLN F 96 17.93 -20.14 -3.25
N MET F 97 16.62 -20.32 -3.28
CA MET F 97 16.00 -21.58 -3.65
C MET F 97 15.14 -21.33 -4.87
N SER F 98 15.19 -22.24 -5.85
CA SER F 98 14.41 -22.08 -7.07
C SER F 98 14.19 -23.40 -7.80
N GLY F 99 13.11 -24.09 -7.45
CA GLY F 99 12.75 -25.33 -8.11
C GLY F 99 11.31 -25.32 -8.58
N CYS F 100 10.80 -26.49 -8.93
CA CYS F 100 9.40 -26.61 -9.37
C CYS F 100 8.79 -27.96 -9.02
N ASP F 101 7.58 -27.93 -8.49
CA ASP F 101 6.87 -29.16 -8.14
C ASP F 101 6.01 -29.64 -9.31
N LEU F 102 6.23 -30.88 -9.72
CA LEU F 102 5.41 -31.50 -10.74
C LEU F 102 4.26 -32.27 -10.13
N GLY F 103 3.03 -31.82 -10.38
CA GLY F 103 1.85 -32.48 -9.86
C GLY F 103 1.68 -33.88 -10.41
N SER F 104 0.61 -34.55 -10.00
CA SER F 104 0.29 -35.88 -10.49
C SER F 104 0.34 -35.92 -12.02
N ASP F 105 -0.33 -34.96 -12.65
CA ASP F 105 -0.25 -34.80 -14.09
C ASP F 105 1.10 -34.18 -14.44
N TRP F 106 1.61 -34.51 -15.62
CA TRP F 106 2.95 -34.06 -16.01
C TRP F 106 2.96 -32.60 -16.46
N ARG F 107 2.14 -31.77 -15.80
CA ARG F 107 2.14 -30.33 -16.04
C ARG F 107 2.57 -29.61 -14.76
N LEU F 108 3.28 -28.50 -14.92
CA LEU F 108 3.79 -27.75 -13.78
C LEU F 108 2.67 -27.38 -12.80
N LEU F 109 2.74 -27.94 -11.60
CA LEU F 109 1.76 -27.65 -10.56
C LEU F 109 2.15 -26.40 -9.79
N ARG F 110 3.45 -26.12 -9.74
CA ARG F 110 3.95 -24.95 -9.01
C ARG F 110 5.41 -24.68 -9.33
N GLY F 111 5.87 -23.48 -8.96
CA GLY F 111 7.25 -23.09 -9.12
C GLY F 111 7.70 -22.20 -7.99
N TYR F 112 8.97 -22.29 -7.62
CA TYR F 112 9.48 -21.52 -6.48
C TYR F 112 10.65 -20.62 -6.86
N LEU F 113 10.73 -19.47 -6.21
CA LEU F 113 11.84 -18.54 -6.40
C LEU F 113 11.89 -17.54 -5.25
N GLN F 114 12.72 -17.84 -4.26
CA GLN F 114 12.85 -16.96 -3.10
C GLN F 114 14.31 -16.82 -2.64
N PHE F 115 14.68 -15.60 -2.27
CA PHE F 115 16.04 -15.30 -1.84
C PHE F 115 16.09 -15.08 -0.33
N ALA F 116 17.29 -15.19 0.24
CA ALA F 116 17.50 -14.91 1.65
C ALA F 116 18.84 -14.22 1.85
N TYR F 117 18.92 -13.38 2.88
CA TYR F 117 20.15 -12.68 3.19
C TYR F 117 20.44 -12.68 4.69
N GLU F 118 21.59 -13.25 5.06
CA GLU F 118 22.01 -13.32 6.45
C GLU F 118 21.20 -14.35 7.23
N GLY F 119 20.42 -15.16 6.51
CA GLY F 119 19.54 -16.13 7.13
C GLY F 119 18.09 -15.74 6.96
N ARG F 120 17.78 -14.48 7.25
CA ARG F 120 16.43 -13.96 7.07
C ARG F 120 15.99 -14.08 5.63
N ASP F 121 14.70 -13.90 5.38
CA ASP F 121 14.18 -13.91 4.02
C ASP F 121 14.39 -12.52 3.44
N TYR F 122 14.64 -12.45 2.14
CA TYR F 122 14.80 -11.15 1.48
C TYR F 122 13.64 -10.83 0.54
N ILE F 123 13.59 -11.53 -0.59
CA ILE F 123 12.50 -11.35 -1.53
C ILE F 123 12.06 -12.69 -2.11
N ALA F 124 10.77 -12.82 -2.39
CA ALA F 124 10.23 -14.06 -2.92
C ALA F 124 9.28 -13.82 -4.09
N LEU F 125 9.21 -14.78 -5.00
CA LEU F 125 8.28 -14.72 -6.12
C LEU F 125 7.01 -15.45 -5.76
N ASN F 126 5.88 -14.77 -5.86
CA ASN F 126 4.59 -15.36 -5.51
C ASN F 126 4.21 -16.55 -6.38
N GLU F 127 3.29 -17.37 -5.87
CA GLU F 127 2.83 -18.56 -6.58
C GLU F 127 2.31 -18.24 -7.98
N ASP F 128 1.74 -17.06 -8.15
CA ASP F 128 1.16 -16.66 -9.43
C ASP F 128 2.22 -16.32 -10.46
N LEU F 129 3.46 -16.16 -9.99
CA LEU F 129 4.60 -15.88 -10.87
C LEU F 129 4.46 -14.52 -11.56
N LYS F 130 3.71 -13.62 -10.93
CA LYS F 130 3.49 -12.29 -11.48
C LYS F 130 4.17 -11.22 -10.62
N THR F 131 3.94 -11.28 -9.31
CA THR F 131 4.43 -10.26 -8.40
C THR F 131 5.47 -10.80 -7.42
N TRP F 132 6.00 -9.93 -6.57
CA TRP F 132 7.01 -10.33 -5.59
C TRP F 132 6.57 -10.01 -4.17
N THR F 133 7.26 -10.61 -3.20
CA THR F 133 6.96 -10.36 -1.78
C THR F 133 8.23 -9.95 -1.04
N ALA F 134 8.25 -8.72 -0.53
CA ALA F 134 9.42 -8.17 0.12
C ALA F 134 9.35 -8.32 1.64
N ALA F 135 10.38 -8.93 2.22
CA ALA F 135 10.44 -9.16 3.66
C ALA F 135 10.55 -7.86 4.44
N ASP F 136 11.54 -7.04 4.10
CA ASP F 136 11.76 -5.77 4.78
C ASP F 136 11.90 -4.62 3.79
N MET F 137 11.87 -3.39 4.31
CA MET F 137 11.92 -2.18 3.48
C MET F 137 13.06 -2.23 2.46
N ALA F 138 14.14 -2.90 2.83
CA ALA F 138 15.29 -3.06 1.95
C ALA F 138 14.92 -3.83 0.69
N ALA F 139 14.26 -4.98 0.88
CA ALA F 139 13.86 -5.82 -0.24
C ALA F 139 12.85 -5.11 -1.14
N GLN F 140 12.26 -4.04 -0.62
CA GLN F 140 11.29 -3.27 -1.39
C GLN F 140 12.00 -2.51 -2.52
N ILE F 141 13.26 -2.15 -2.29
CA ILE F 141 14.06 -1.48 -3.29
C ILE F 141 14.32 -2.41 -4.46
N THR F 142 14.68 -3.65 -4.15
CA THR F 142 14.94 -4.67 -5.16
C THR F 142 13.67 -5.03 -5.93
N ARG F 143 12.54 -5.09 -5.23
CA ARG F 143 11.28 -5.43 -5.88
C ARG F 143 10.95 -4.45 -7.01
N ARG F 144 10.83 -3.17 -6.68
CA ARG F 144 10.50 -2.16 -7.67
C ARG F 144 11.49 -2.17 -8.83
N LYS F 145 12.72 -2.56 -8.55
CA LYS F 145 13.73 -2.71 -9.59
C LYS F 145 13.30 -3.81 -10.53
N TRP F 146 13.00 -4.98 -9.96
CA TRP F 146 12.60 -6.14 -10.75
C TRP F 146 11.24 -5.95 -11.40
N GLU F 147 10.40 -5.11 -10.80
CA GLU F 147 9.11 -4.78 -11.38
C GLU F 147 9.30 -4.02 -12.69
N GLN F 148 10.02 -2.91 -12.64
CA GLN F 148 10.20 -2.04 -13.79
C GLN F 148 11.15 -2.61 -14.85
N SER F 149 11.76 -3.74 -14.55
CA SER F 149 12.65 -4.39 -15.51
C SER F 149 11.99 -5.61 -16.15
N GLY F 150 10.87 -6.04 -15.58
CA GLY F 150 10.16 -7.20 -16.06
C GLY F 150 10.84 -8.50 -15.69
N ALA F 151 11.50 -8.50 -14.55
CA ALA F 151 12.23 -9.68 -14.07
C ALA F 151 11.31 -10.87 -13.88
N ALA F 152 10.08 -10.59 -13.46
CA ALA F 152 9.10 -11.64 -13.24
C ALA F 152 8.95 -12.56 -14.46
N GLU F 153 8.63 -11.96 -15.61
CA GLU F 153 8.45 -12.70 -16.86
C GLU F 153 9.59 -13.71 -17.08
N HIS F 154 10.82 -13.24 -16.94
CA HIS F 154 12.00 -14.08 -17.15
C HIS F 154 11.95 -15.37 -16.33
N TYR F 155 11.67 -15.23 -15.04
CA TYR F 155 11.66 -16.38 -14.15
C TYR F 155 10.47 -17.30 -14.44
N LYS F 156 9.36 -16.72 -14.86
CA LYS F 156 8.18 -17.49 -15.21
C LYS F 156 8.49 -18.43 -16.37
N ALA F 157 9.09 -17.89 -17.42
CA ALA F 157 9.46 -18.67 -18.60
C ALA F 157 10.36 -19.85 -18.22
N TYR F 158 11.18 -19.68 -17.19
CA TYR F 158 12.05 -20.76 -16.75
C TYR F 158 11.27 -21.81 -15.97
N LEU F 159 10.59 -21.36 -14.92
CA LEU F 159 9.82 -22.28 -14.08
C LEU F 159 8.84 -23.10 -14.91
N GLU F 160 8.00 -22.41 -15.67
CA GLU F 160 7.00 -23.08 -16.51
C GLU F 160 7.65 -23.96 -17.57
N GLY F 161 8.69 -23.44 -18.21
CA GLY F 161 9.29 -24.12 -19.36
C GLY F 161 10.50 -25.00 -19.06
N GLU F 162 11.69 -24.44 -19.24
CA GLU F 162 12.93 -25.20 -19.16
C GLU F 162 13.02 -26.08 -17.91
N CYS F 163 12.40 -25.64 -16.83
CA CYS F 163 12.45 -26.38 -15.56
C CYS F 163 11.80 -27.75 -15.68
N VAL F 164 10.50 -27.77 -15.97
CA VAL F 164 9.74 -29.02 -16.03
C VAL F 164 10.29 -29.99 -17.07
N GLU F 165 10.65 -29.47 -18.23
CA GLU F 165 11.14 -30.31 -19.32
C GLU F 165 12.31 -31.19 -18.88
N TRP F 166 13.30 -30.56 -18.24
CA TRP F 166 14.47 -31.30 -17.78
C TRP F 166 14.15 -32.18 -16.58
N LEU F 167 13.07 -31.85 -15.87
CA LEU F 167 12.63 -32.67 -14.75
C LEU F 167 12.14 -34.02 -15.27
N HIS F 168 11.39 -33.99 -16.38
CA HIS F 168 10.97 -35.21 -17.05
C HIS F 168 12.19 -36.07 -17.36
N ARG F 169 13.12 -35.50 -18.11
CA ARG F 169 14.33 -36.20 -18.53
C ARG F 169 15.12 -36.72 -17.34
N TYR F 170 15.04 -36.01 -16.21
CA TYR F 170 15.76 -36.42 -15.00
C TYR F 170 15.06 -37.58 -14.31
N LEU F 171 13.73 -37.60 -14.36
CA LEU F 171 12.96 -38.66 -13.75
C LEU F 171 12.94 -39.93 -14.60
N LYS F 172 13.11 -39.75 -15.92
CA LYS F 172 13.16 -40.88 -16.83
C LYS F 172 14.29 -41.82 -16.44
N ASN F 173 15.48 -41.25 -16.29
CA ASN F 173 16.64 -42.01 -15.82
C ASN F 173 16.58 -42.20 -14.31
N GLY F 174 15.65 -41.49 -13.67
CA GLY F 174 15.50 -41.54 -12.23
C GLY F 174 14.82 -42.80 -11.73
N ASN F 175 13.94 -43.37 -12.55
CA ASN F 175 13.22 -44.58 -12.17
C ASN F 175 14.14 -45.68 -11.66
N ALA F 176 15.43 -45.56 -11.95
CA ALA F 176 16.41 -46.56 -11.54
C ALA F 176 17.02 -46.26 -10.18
N THR F 177 16.37 -45.39 -9.41
CA THR F 177 16.89 -45.05 -8.07
C THR F 177 15.80 -44.76 -7.03
N LEU F 178 14.81 -43.94 -7.37
CA LEU F 178 13.77 -43.56 -6.41
C LEU F 178 12.72 -44.65 -6.17
N LEU F 179 13.19 -45.88 -6.01
CA LEU F 179 12.32 -46.99 -5.63
C LEU F 179 12.94 -47.78 -4.48
N ARG F 180 14.27 -47.87 -4.48
CA ARG F 180 14.98 -48.53 -3.39
C ARG F 180 14.69 -47.85 -2.06
N THR F 181 13.88 -48.50 -1.23
CA THR F 181 13.53 -47.96 0.08
C THR F 181 13.84 -48.96 1.19
N ASP F 182 14.75 -48.58 2.07
CA ASP F 182 15.12 -49.43 3.20
C ASP F 182 14.05 -49.38 4.28
N SER F 183 14.08 -50.36 5.18
CA SER F 183 13.08 -50.47 6.24
C SER F 183 13.70 -50.43 7.63
N PRO F 184 12.93 -50.00 8.64
CA PRO F 184 13.42 -49.85 10.01
C PRO F 184 13.55 -51.17 10.76
N LYS F 185 14.74 -51.43 11.31
CA LYS F 185 14.98 -52.61 12.13
C LYS F 185 14.83 -52.23 13.60
N ALA F 186 13.65 -51.70 13.94
CA ALA F 186 13.41 -51.14 15.27
C ALA F 186 13.52 -52.17 16.41
N HIS F 187 14.22 -51.79 17.47
CA HIS F 187 14.29 -52.59 18.68
C HIS F 187 13.93 -51.73 19.90
N VAL F 188 14.08 -52.28 21.09
CA VAL F 188 13.76 -51.56 22.31
C VAL F 188 14.88 -51.71 23.36
N THR F 189 15.03 -50.70 24.20
CA THR F 189 16.05 -50.74 25.24
C THR F 189 15.50 -50.38 26.62
N HIS F 190 16.09 -50.94 27.66
CA HIS F 190 15.64 -50.73 29.03
C HIS F 190 16.80 -50.26 29.90
N HIS F 191 16.57 -49.23 30.70
CA HIS F 191 17.63 -48.66 31.54
C HIS F 191 17.11 -48.24 32.92
N PRO F 192 17.93 -48.44 33.95
CA PRO F 192 17.63 -48.01 35.31
C PRO F 192 17.87 -46.50 35.47
N ARG F 193 16.93 -45.70 34.96
CA ARG F 193 17.08 -44.25 34.99
C ARG F 193 17.01 -43.71 36.42
N SER F 194 16.57 -44.56 37.34
CA SER F 194 16.49 -44.23 38.75
C SER F 194 15.84 -45.36 39.53
N LYS F 195 15.66 -45.17 40.83
CA LYS F 195 15.01 -46.17 41.67
C LYS F 195 13.50 -46.16 41.47
N GLY F 196 12.93 -47.32 41.18
CA GLY F 196 11.50 -47.44 40.95
C GLY F 196 11.06 -46.77 39.67
N GLU F 197 12.03 -46.36 38.86
CA GLU F 197 11.74 -45.71 37.58
C GLU F 197 12.73 -46.15 36.51
N VAL F 198 12.21 -46.51 35.34
CA VAL F 198 13.06 -46.96 34.24
C VAL F 198 12.60 -46.37 32.90
N THR F 199 13.55 -45.88 32.12
CA THR F 199 13.24 -45.32 30.81
C THR F 199 13.30 -46.38 29.72
N LEU F 200 12.51 -46.20 28.68
CA LEU F 200 12.44 -47.15 27.58
C LEU F 200 12.46 -46.42 26.23
N ARG F 201 13.38 -46.82 25.36
CA ARG F 201 13.52 -46.17 24.05
C ARG F 201 13.15 -47.07 22.89
N CYS F 202 12.61 -46.46 21.83
CA CYS F 202 12.27 -47.19 20.61
C CYS F 202 13.24 -46.87 19.48
N TRP F 203 14.40 -47.52 19.50
CA TRP F 203 15.40 -47.34 18.46
C TRP F 203 14.84 -47.76 17.10
N ALA F 204 15.34 -47.13 16.04
CA ALA F 204 14.92 -47.44 14.68
C ALA F 204 16.05 -47.14 13.70
N LEU F 205 16.93 -48.11 13.50
CA LEU F 205 18.14 -47.90 12.71
C LEU F 205 17.97 -48.32 11.26
N GLY F 206 18.87 -47.82 10.41
CA GLY F 206 18.91 -48.19 9.01
C GLY F 206 17.57 -48.23 8.29
N PHE F 207 16.98 -47.05 8.06
CA PHE F 207 15.74 -46.97 7.31
C PHE F 207 15.77 -45.81 6.32
N TYR F 208 14.75 -45.74 5.48
CA TYR F 208 14.69 -44.73 4.43
C TYR F 208 13.25 -44.51 3.95
N PRO F 209 12.84 -43.24 3.86
CA PRO F 209 13.67 -42.06 4.14
C PRO F 209 13.47 -41.54 5.56
N ALA F 210 13.86 -40.29 5.78
CA ALA F 210 13.84 -39.70 7.12
C ALA F 210 12.44 -39.60 7.72
N ASP F 211 11.43 -39.48 6.86
CA ASP F 211 10.06 -39.30 7.31
C ASP F 211 9.54 -40.53 8.06
N ILE F 212 9.30 -40.38 9.36
CA ILE F 212 8.84 -41.48 10.20
C ILE F 212 8.16 -40.94 11.47
N THR F 213 7.29 -41.75 12.04
CA THR F 213 6.56 -41.34 13.26
C THR F 213 6.63 -42.42 14.34
N LEU F 214 6.88 -42.00 15.57
CA LEU F 214 6.90 -42.91 16.71
C LEU F 214 5.91 -42.42 17.77
N THR F 215 5.14 -43.35 18.34
CA THR F 215 4.11 -42.98 19.31
C THR F 215 4.02 -43.92 20.50
N TRP F 216 3.91 -43.33 21.69
CA TRP F 216 3.67 -44.10 22.91
C TRP F 216 2.21 -43.94 23.32
N GLN F 217 1.64 -45.01 23.88
CA GLN F 217 0.22 -45.02 24.20
C GLN F 217 -0.05 -45.61 25.59
N ASP F 226 5.99 -36.09 28.40
CA ASP F 226 6.58 -37.37 28.78
C ASP F 226 7.19 -38.07 27.58
N MET F 227 6.62 -37.83 26.40
CA MET F 227 7.06 -38.48 25.18
C MET F 227 8.32 -37.81 24.62
N GLU F 228 9.43 -37.97 25.32
CA GLU F 228 10.70 -37.38 24.89
C GLU F 228 11.27 -38.15 23.70
N LEU F 229 11.88 -37.42 22.76
CA LEU F 229 12.45 -38.04 21.58
C LEU F 229 13.40 -37.10 20.83
N VAL F 230 14.35 -37.68 20.11
CA VAL F 230 15.29 -36.90 19.32
C VAL F 230 14.76 -36.73 17.90
N GLU F 231 15.40 -35.86 17.12
CA GLU F 231 14.99 -35.65 15.74
C GLU F 231 15.67 -36.64 14.81
N THR F 232 15.05 -36.89 13.66
CA THR F 232 15.60 -37.82 12.68
C THR F 232 17.04 -37.48 12.33
N ARG F 233 17.89 -38.49 12.21
CA ARG F 233 19.30 -38.29 11.93
C ARG F 233 19.82 -39.38 10.99
N PRO F 234 20.88 -39.07 10.23
CA PRO F 234 21.47 -40.02 9.28
C PRO F 234 22.32 -41.06 9.98
N ALA F 235 23.18 -41.74 9.23
CA ALA F 235 24.04 -42.76 9.78
C ALA F 235 25.48 -42.60 9.29
N GLY F 236 25.64 -42.50 7.97
CA GLY F 236 26.96 -42.34 7.37
C GLY F 236 27.15 -43.22 6.16
N ASP F 237 26.11 -43.99 5.83
CA ASP F 237 26.15 -44.89 4.68
C ASP F 237 25.07 -44.56 3.65
N GLY F 238 23.89 -44.18 4.14
CA GLY F 238 22.78 -43.84 3.27
C GLY F 238 21.43 -44.04 3.93
N THR F 239 21.45 -44.44 5.20
CA THR F 239 20.22 -44.66 5.94
C THR F 239 20.04 -43.65 7.06
N PHE F 240 19.01 -43.84 7.87
CA PHE F 240 18.72 -42.93 8.97
C PHE F 240 18.34 -43.68 10.25
N GLN F 241 18.12 -42.92 11.33
CA GLN F 241 17.79 -43.52 12.63
C GLN F 241 17.13 -42.49 13.53
N LYS F 242 16.33 -42.97 14.49
CA LYS F 242 15.58 -42.09 15.37
C LYS F 242 14.89 -42.87 16.48
N TRP F 243 14.92 -42.34 17.70
CA TRP F 243 14.30 -43.03 18.83
C TRP F 243 13.46 -42.10 19.72
N ALA F 244 12.48 -42.69 20.40
CA ALA F 244 11.67 -41.97 21.37
C ALA F 244 11.82 -42.65 22.73
N SER F 245 11.24 -42.06 23.78
CA SER F 245 11.38 -42.61 25.12
C SER F 245 10.30 -42.11 26.07
N VAL F 246 10.04 -42.90 27.12
CA VAL F 246 9.08 -42.55 28.15
C VAL F 246 9.51 -43.09 29.52
N VAL F 247 9.47 -42.25 30.54
CA VAL F 247 9.80 -42.67 31.89
C VAL F 247 8.66 -43.49 32.49
N VAL F 248 8.94 -44.73 32.84
CA VAL F 248 7.92 -45.64 33.36
C VAL F 248 8.32 -46.27 34.68
N PRO F 249 7.33 -46.50 35.56
CA PRO F 249 7.55 -47.15 36.86
C PRO F 249 8.06 -48.59 36.70
N LEU F 250 8.81 -49.05 37.69
CA LEU F 250 9.37 -50.40 37.67
C LEU F 250 8.29 -51.45 37.92
N GLY F 251 8.23 -52.45 37.05
CA GLY F 251 7.25 -53.52 37.17
C GLY F 251 6.21 -53.47 36.06
N LYS F 252 5.81 -52.27 35.69
CA LYS F 252 4.82 -52.08 34.63
C LYS F 252 5.47 -51.58 33.35
N GLU F 253 6.43 -52.33 32.84
CA GLU F 253 7.12 -51.96 31.60
C GLU F 253 6.60 -52.77 30.41
N GLN F 254 6.41 -54.06 30.62
CA GLN F 254 5.97 -54.96 29.56
C GLN F 254 4.49 -54.82 29.25
N ASN F 255 4.03 -53.57 29.16
CA ASN F 255 2.64 -53.29 28.79
C ASN F 255 2.53 -52.12 27.82
N TYR F 256 3.39 -51.12 28.01
CA TYR F 256 3.43 -49.95 27.14
C TYR F 256 3.73 -50.37 25.70
N THR F 257 3.14 -49.65 24.75
CA THR F 257 3.29 -49.98 23.34
C THR F 257 3.96 -48.84 22.57
N CYS F 258 4.70 -49.21 21.53
CA CYS F 258 5.41 -48.24 20.69
C CYS F 258 5.23 -48.59 19.22
N ARG F 259 4.75 -47.64 18.43
CA ARG F 259 4.50 -47.87 17.02
C ARG F 259 5.56 -47.24 16.12
N VAL F 260 5.64 -47.74 14.89
CA VAL F 260 6.60 -47.24 13.92
C VAL F 260 6.00 -47.22 12.51
N TYR F 261 5.34 -46.11 12.15
CA TYR F 261 4.82 -45.94 10.81
C TYR F 261 5.99 -45.57 9.89
N HIS F 262 5.83 -45.81 8.59
CA HIS F 262 6.89 -45.52 7.64
C HIS F 262 6.45 -45.63 6.19
N GLU F 263 7.27 -46.30 5.38
CA GLU F 263 7.04 -46.42 3.96
C GLU F 263 7.37 -47.84 3.49
N GLY F 264 8.51 -48.34 3.95
CA GLY F 264 8.96 -49.68 3.57
C GLY F 264 8.06 -50.77 4.12
N LEU F 265 7.43 -50.49 5.26
CA LEU F 265 6.53 -51.46 5.88
C LEU F 265 5.07 -51.13 5.58
N PRO F 266 4.33 -52.12 5.05
CA PRO F 266 2.91 -51.97 4.74
C PRO F 266 2.06 -51.89 6.01
N GLU F 267 2.58 -52.45 7.09
CA GLU F 267 1.89 -52.42 8.38
C GLU F 267 2.78 -51.80 9.45
N PRO F 268 2.24 -50.79 10.16
CA PRO F 268 2.94 -50.09 11.25
C PRO F 268 3.46 -51.07 12.31
N LEU F 269 4.77 -51.16 12.44
CA LEU F 269 5.39 -52.08 13.40
C LEU F 269 5.06 -51.69 14.83
N THR F 270 4.88 -52.70 15.68
CA THR F 270 4.60 -52.47 17.10
C THR F 270 5.69 -53.10 17.96
N LEU F 271 6.03 -52.43 19.06
CA LEU F 271 7.08 -52.93 19.95
C LEU F 271 6.63 -52.86 21.41
N ARG F 272 7.15 -53.76 22.23
CA ARG F 272 6.85 -53.79 23.66
C ARG F 272 8.12 -53.83 24.51
N TRP F 273 8.20 -54.82 25.40
CA TRP F 273 9.34 -54.93 26.32
C TRP F 273 10.59 -55.52 25.65
N GLU F 274 11.74 -55.26 26.25
CA GLU F 274 13.02 -55.74 25.76
C GLU F 274 13.04 -57.26 25.62
N PRO F 275 13.72 -57.77 24.58
CA PRO F 275 13.88 -59.22 24.40
C PRO F 275 14.68 -59.85 25.54
N GLN G 2 21.31 -15.38 12.08
CA GLN G 2 21.98 -15.65 13.35
C GLN G 2 21.24 -16.73 14.13
N LYS G 3 21.63 -17.98 13.91
CA LYS G 3 20.95 -19.12 14.54
C LYS G 3 21.93 -20.09 15.19
N THR G 4 21.65 -20.46 16.44
CA THR G 4 22.50 -21.35 17.22
C THR G 4 22.41 -22.79 16.71
N PRO G 5 23.56 -23.45 16.56
CA PRO G 5 23.63 -24.83 16.07
C PRO G 5 23.21 -25.85 17.13
N GLN G 6 22.40 -26.83 16.72
CA GLN G 6 22.03 -27.93 17.60
C GLN G 6 22.77 -29.20 17.18
N ILE G 7 23.61 -29.71 18.08
CA ILE G 7 24.45 -30.86 17.78
C ILE G 7 23.98 -32.14 18.47
N GLN G 8 24.17 -33.26 17.80
CA GLN G 8 23.81 -34.57 18.34
C GLN G 8 24.89 -35.59 18.03
N VAL G 9 25.44 -36.20 19.07
CA VAL G 9 26.52 -37.17 18.91
C VAL G 9 26.03 -38.59 19.17
N TYR G 10 26.33 -39.49 18.24
CA TYR G 10 25.86 -40.88 18.33
C TYR G 10 26.69 -41.81 17.45
N SER G 11 26.46 -43.11 17.60
CA SER G 11 27.15 -44.11 16.80
C SER G 11 26.24 -44.64 15.72
N ARG G 12 26.83 -45.08 14.61
CA ARG G 12 26.04 -45.63 13.50
C ARG G 12 25.16 -46.78 13.99
N HIS G 13 25.66 -47.56 14.93
CA HIS G 13 24.95 -48.70 15.46
C HIS G 13 25.37 -48.99 16.91
N PRO G 14 24.62 -49.85 17.61
CA PRO G 14 24.94 -50.21 18.99
C PRO G 14 26.44 -50.36 19.21
N PRO G 15 26.96 -49.74 20.28
CA PRO G 15 28.40 -49.72 20.60
C PRO G 15 28.83 -50.86 21.50
N GLU G 16 29.21 -51.99 20.92
CA GLU G 16 29.73 -53.11 21.68
C GLU G 16 31.22 -52.95 21.92
N ASN G 17 31.60 -52.82 23.19
CA ASN G 17 33.00 -52.60 23.56
C ASN G 17 33.94 -53.57 22.87
N GLY G 18 34.78 -53.03 21.98
CA GLY G 18 35.72 -53.85 21.23
C GLY G 18 35.54 -53.69 19.73
N LYS G 19 34.29 -53.73 19.29
CA LYS G 19 33.98 -53.58 17.87
C LYS G 19 34.17 -52.15 17.40
N PRO G 20 35.11 -51.93 16.48
CA PRO G 20 35.43 -50.59 15.94
C PRO G 20 34.28 -50.03 15.12
N ASN G 21 33.66 -48.97 15.62
CA ASN G 21 32.54 -48.33 14.93
C ASN G 21 32.90 -46.90 14.55
N ILE G 22 31.94 -46.18 13.96
CA ILE G 22 32.12 -44.79 13.61
C ILE G 22 31.25 -43.90 14.49
N LEU G 23 31.81 -42.79 14.96
CA LEU G 23 31.09 -41.87 15.83
C LEU G 23 30.75 -40.58 15.10
N ASN G 24 29.48 -40.22 15.10
CA ASN G 24 29.00 -39.06 14.35
C ASN G 24 28.79 -37.81 15.18
N CYS G 25 28.95 -36.66 14.53
CA CYS G 25 28.65 -35.37 15.13
C CYS G 25 27.81 -34.57 14.14
N TYR G 26 26.50 -34.61 14.33
CA TYR G 26 25.55 -34.04 13.37
C TYR G 26 25.14 -32.61 13.75
N VAL G 27 25.87 -31.63 13.22
CA VAL G 27 25.57 -30.23 13.48
C VAL G 27 24.50 -29.73 12.52
N THR G 28 23.45 -29.13 13.06
CA THR G 28 22.30 -28.73 12.23
C THR G 28 21.75 -27.36 12.59
N GLN G 29 21.11 -26.73 11.61
CA GLN G 29 20.37 -25.49 11.82
C GLN G 29 21.23 -24.34 12.34
N PHE G 30 22.40 -24.16 11.73
CA PHE G 30 23.27 -23.04 12.08
C PHE G 30 23.47 -22.10 10.90
N HIS G 31 23.84 -20.86 11.20
CA HIS G 31 24.04 -19.84 10.18
C HIS G 31 24.80 -18.67 10.79
N PRO G 32 25.79 -18.12 10.07
CA PRO G 32 26.25 -18.45 8.72
C PRO G 32 26.87 -19.84 8.61
N PRO G 33 27.30 -20.24 7.38
CA PRO G 33 27.79 -21.60 7.15
C PRO G 33 29.18 -21.86 7.74
N HIS G 34 29.94 -20.81 7.99
CA HIS G 34 31.29 -20.97 8.54
C HIS G 34 31.24 -21.56 9.95
N ILE G 35 31.75 -22.78 10.08
CA ILE G 35 31.74 -23.47 11.37
C ILE G 35 32.99 -24.32 11.54
N GLU G 36 33.40 -24.53 12.80
CA GLU G 36 34.59 -25.31 13.08
C GLU G 36 34.27 -26.50 13.98
N ILE G 37 34.32 -27.70 13.41
CA ILE G 37 34.03 -28.93 14.15
C ILE G 37 35.31 -29.63 14.56
N GLN G 38 35.31 -30.23 15.74
CA GLN G 38 36.47 -30.97 16.24
C GLN G 38 36.06 -32.15 17.10
N MET G 39 36.63 -33.32 16.80
CA MET G 39 36.36 -34.53 17.59
C MET G 39 37.16 -34.53 18.88
N LEU G 40 36.71 -35.31 19.85
CA LEU G 40 37.38 -35.36 21.15
C LEU G 40 37.33 -36.76 21.78
N LYS G 41 38.50 -37.34 22.03
CA LYS G 41 38.61 -38.60 22.74
C LYS G 41 39.50 -38.40 23.96
N ASN G 42 38.92 -38.51 25.15
CA ASN G 42 39.66 -38.28 26.39
C ASN G 42 40.33 -36.90 26.37
N GLY G 43 39.63 -35.93 25.81
CA GLY G 43 40.12 -34.56 25.75
C GLY G 43 41.42 -34.44 24.97
N LYS G 44 41.31 -34.45 23.64
CA LYS G 44 42.48 -34.31 22.77
C LYS G 44 42.06 -34.22 21.31
N LYS G 45 42.58 -33.22 20.61
CA LYS G 45 42.24 -32.99 19.21
C LYS G 45 42.48 -34.23 18.36
N ILE G 46 41.40 -34.97 18.08
CA ILE G 46 41.49 -36.18 17.27
C ILE G 46 41.77 -35.86 15.81
N PRO G 47 42.97 -36.20 15.33
CA PRO G 47 43.31 -36.00 13.92
C PRO G 47 42.49 -36.95 13.05
N LYS G 48 42.60 -36.80 11.73
CA LYS G 48 41.89 -37.67 10.80
C LYS G 48 40.39 -37.57 11.00
N VAL G 49 39.77 -36.58 10.37
CA VAL G 49 38.33 -36.37 10.48
C VAL G 49 37.70 -36.00 9.14
N GLU G 50 36.53 -36.57 8.87
CA GLU G 50 35.82 -36.30 7.61
C GLU G 50 34.54 -35.51 7.85
N MET G 51 34.33 -34.47 7.04
CA MET G 51 33.13 -33.66 7.14
C MET G 51 32.30 -33.71 5.85
N SER G 52 31.02 -33.40 5.97
CA SER G 52 30.11 -33.44 4.82
C SER G 52 30.37 -32.27 3.87
N ASP G 53 29.34 -31.88 3.13
CA ASP G 53 29.44 -30.75 2.21
C ASP G 53 28.39 -29.69 2.53
N MET G 54 28.85 -28.51 2.93
CA MET G 54 27.97 -27.43 3.34
C MET G 54 26.73 -27.33 2.47
N SER G 55 25.57 -27.53 3.08
CA SER G 55 24.29 -27.45 2.37
C SER G 55 23.18 -27.02 3.32
N PHE G 56 22.25 -26.23 2.81
CA PHE G 56 21.17 -25.71 3.65
C PHE G 56 19.80 -26.30 3.28
N SER G 57 18.78 -25.91 4.04
CA SER G 57 17.44 -26.46 3.86
C SER G 57 16.42 -25.38 3.52
N LYS G 58 15.15 -25.68 3.74
CA LYS G 58 14.07 -24.74 3.44
C LYS G 58 14.01 -23.60 4.45
N ASP G 59 14.67 -23.78 5.58
CA ASP G 59 14.75 -22.73 6.60
C ASP G 59 16.08 -22.00 6.51
N TRP G 60 16.80 -22.21 5.41
CA TRP G 60 18.07 -21.54 5.16
C TRP G 60 19.21 -22.06 6.03
N SER G 61 18.86 -22.62 7.18
CA SER G 61 19.87 -23.13 8.11
C SER G 61 20.72 -24.21 7.47
N PHE G 62 21.99 -24.26 7.86
CA PHE G 62 22.92 -25.24 7.30
C PHE G 62 23.02 -26.49 8.17
N TYR G 63 23.32 -27.63 7.53
CA TYR G 63 23.56 -28.87 8.25
C TYR G 63 24.81 -29.56 7.72
N ILE G 64 25.50 -30.28 8.60
CA ILE G 64 26.72 -30.98 8.22
C ILE G 64 27.02 -32.13 9.19
N LEU G 65 27.67 -33.17 8.68
CA LEU G 65 28.00 -34.35 9.48
C LEU G 65 29.48 -34.69 9.40
N ALA G 66 30.12 -34.83 10.55
CA ALA G 66 31.52 -35.20 10.62
C ALA G 66 31.71 -36.48 11.44
N HIS G 67 32.75 -37.24 11.11
CA HIS G 67 32.99 -38.52 11.80
C HIS G 67 34.38 -39.10 11.52
N THR G 68 34.67 -40.22 12.16
CA THR G 68 35.91 -40.96 11.95
C THR G 68 35.86 -42.28 12.71
N GLU G 69 36.94 -43.06 12.63
CA GLU G 69 36.99 -44.36 13.30
C GLU G 69 37.29 -44.23 14.79
N PHE G 70 36.73 -45.14 15.58
CA PHE G 70 36.96 -45.16 17.02
C PHE G 70 36.65 -46.53 17.62
N THR G 71 37.12 -46.74 18.85
CA THR G 71 36.87 -48.01 19.55
C THR G 71 36.37 -47.74 20.97
N PRO G 72 35.07 -47.98 21.21
CA PRO G 72 34.40 -47.68 22.48
C PRO G 72 34.69 -48.73 23.56
N THR G 73 34.94 -48.25 24.78
CA THR G 73 35.16 -49.12 25.92
C THR G 73 34.57 -48.49 27.18
N GLU G 74 34.67 -49.20 28.31
CA GLU G 74 34.15 -48.68 29.57
C GLU G 74 35.03 -47.57 30.14
N THR G 75 36.22 -47.41 29.56
CA THR G 75 37.16 -46.41 30.05
C THR G 75 37.17 -45.13 29.21
N ASP G 76 36.89 -45.27 27.93
CA ASP G 76 36.95 -44.14 27.00
C ASP G 76 35.65 -43.33 27.00
N THR G 77 35.78 -42.02 26.85
CA THR G 77 34.63 -41.13 26.73
C THR G 77 34.85 -40.13 25.59
N TYR G 78 33.90 -40.06 24.67
CA TYR G 78 34.04 -39.22 23.50
C TYR G 78 33.14 -37.99 23.55
N ALA G 79 33.49 -36.97 22.77
CA ALA G 79 32.72 -35.74 22.70
C ALA G 79 33.05 -34.95 21.44
N CYS G 80 32.14 -34.07 21.04
CA CYS G 80 32.34 -33.22 19.87
C CYS G 80 32.37 -31.75 20.28
N ARG G 81 33.29 -30.99 19.68
CA ARG G 81 33.46 -29.59 20.04
C ARG G 81 33.20 -28.68 18.84
N VAL G 82 32.15 -27.87 18.94
CA VAL G 82 31.77 -26.98 17.86
C VAL G 82 31.99 -25.51 18.22
N LYS G 83 32.75 -24.81 17.39
CA LYS G 83 32.93 -23.37 17.56
C LYS G 83 32.18 -22.62 16.47
N HIS G 84 31.25 -21.77 16.88
CA HIS G 84 30.44 -21.00 15.94
C HIS G 84 30.31 -19.55 16.39
N ASP G 85 30.07 -18.67 15.46
CA ASP G 85 29.95 -17.24 15.75
C ASP G 85 28.65 -16.87 16.46
N SER G 86 27.83 -17.88 16.75
CA SER G 86 26.60 -17.66 17.50
C SER G 86 26.86 -17.88 18.98
N MET G 87 27.88 -18.69 19.27
CA MET G 87 28.26 -19.00 20.65
C MET G 87 29.60 -18.36 20.98
N ALA G 88 29.65 -17.64 22.09
CA ALA G 88 30.89 -17.03 22.56
C ALA G 88 31.99 -18.08 22.63
N GLU G 89 31.93 -18.92 23.66
CA GLU G 89 32.87 -20.01 23.81
C GLU G 89 32.38 -21.22 23.02
N PRO G 90 33.30 -22.06 22.54
CA PRO G 90 32.93 -23.26 21.78
C PRO G 90 32.13 -24.23 22.64
N LYS G 91 31.21 -24.95 22.02
CA LYS G 91 30.34 -25.88 22.76
C LYS G 91 30.78 -27.33 22.58
N THR G 92 30.75 -28.08 23.67
CA THR G 92 31.12 -29.48 23.64
C THR G 92 29.96 -30.39 24.07
N VAL G 93 29.82 -31.52 23.39
CA VAL G 93 28.77 -32.49 23.72
C VAL G 93 29.33 -33.89 23.80
N TYR G 94 29.12 -34.55 24.93
CA TYR G 94 29.67 -35.88 25.16
C TYR G 94 28.74 -36.98 24.66
N TRP G 95 29.31 -38.10 24.25
CA TRP G 95 28.53 -39.24 23.79
C TRP G 95 28.27 -40.22 24.91
N ASP G 96 27.19 -40.99 24.79
CA ASP G 96 26.87 -42.03 25.75
C ASP G 96 26.28 -43.26 25.05
N ARG G 97 26.51 -44.42 25.64
CA ARG G 97 26.16 -45.70 25.04
C ARG G 97 24.68 -45.80 24.67
N ASP G 98 23.82 -45.15 25.46
CA ASP G 98 22.38 -45.37 25.36
C ASP G 98 21.63 -44.25 24.63
N MET G 99 22.35 -43.46 23.84
CA MET G 99 21.73 -42.42 23.03
C MET G 99 22.38 -42.34 21.65
N SER H 1 18.86 -29.02 -14.88
CA SER H 1 19.55 -27.81 -15.34
C SER H 1 19.29 -26.64 -14.40
N SER H 2 20.33 -25.86 -14.13
CA SER H 2 20.24 -24.76 -13.18
C SER H 2 19.51 -23.56 -13.77
N LEU H 3 19.17 -22.60 -12.91
CA LEU H 3 18.53 -21.37 -13.34
C LEU H 3 19.54 -20.27 -13.55
N GLU H 4 19.35 -19.47 -14.60
CA GLU H 4 20.23 -18.34 -14.86
C GLU H 4 19.45 -17.05 -14.62
N ASN H 5 19.65 -16.48 -13.43
CA ASN H 5 18.87 -15.33 -12.98
C ASN H 5 18.79 -14.18 -13.98
N PHE H 6 17.77 -13.35 -13.81
CA PHE H 6 17.55 -12.20 -14.68
C PHE H 6 18.74 -11.25 -14.59
N ARG H 7 19.08 -10.62 -15.71
CA ARG H 7 20.26 -9.78 -15.80
C ARG H 7 20.34 -8.77 -14.66
N ALA H 8 19.19 -8.19 -14.31
CA ALA H 8 19.12 -7.21 -13.23
C ALA H 8 19.48 -7.84 -11.88
N TYR H 9 20.48 -7.28 -11.21
CA TYR H 9 20.93 -7.80 -9.92
C TYR H 9 19.96 -7.43 -8.80
N VAL H 10 20.29 -7.83 -7.57
CA VAL H 10 19.45 -7.51 -6.42
C VAL H 10 19.42 -6.02 -6.14
N LYS I 1 20.73 -13.52 -33.61
CA LYS I 1 20.80 -12.44 -34.60
C LYS I 1 19.46 -12.21 -35.29
N THR I 2 19.33 -11.07 -35.95
CA THR I 2 18.08 -10.71 -36.63
C THR I 2 18.35 -10.23 -38.05
N THR I 3 17.28 -9.89 -38.77
CA THR I 3 17.40 -9.31 -40.11
C THR I 3 16.35 -8.23 -40.32
N GLN I 4 16.67 -7.24 -41.14
CA GLN I 4 15.74 -6.15 -41.44
C GLN I 4 15.92 -5.68 -42.88
N PRO I 5 14.95 -4.93 -43.40
CA PRO I 5 15.13 -4.25 -44.68
C PRO I 5 16.09 -3.08 -44.51
N ASP I 6 16.78 -2.69 -45.58
CA ASP I 6 17.74 -1.60 -45.50
C ASP I 6 17.06 -0.26 -45.28
N SER I 7 16.19 0.13 -46.22
CA SER I 7 15.51 1.41 -46.13
C SER I 7 13.99 1.24 -46.00
N MET I 8 13.29 2.35 -45.86
CA MET I 8 11.84 2.35 -45.74
C MET I 8 11.26 3.74 -46.02
N GLU I 9 10.56 3.86 -47.15
CA GLU I 9 9.97 5.13 -47.54
C GLU I 9 8.69 5.40 -46.76
N SER I 10 8.45 6.68 -46.46
CA SER I 10 7.25 7.10 -45.76
C SER I 10 7.05 8.61 -45.88
N THR I 11 5.79 9.04 -45.83
CA THR I 11 5.46 10.45 -45.90
C THR I 11 4.83 10.92 -44.60
N GLU I 12 4.94 12.23 -44.34
CA GLU I 12 4.44 12.81 -43.10
C GLU I 12 2.98 12.44 -42.86
N GLY I 13 2.75 11.60 -41.86
CA GLY I 13 1.40 11.19 -41.51
C GLY I 13 1.22 9.69 -41.52
N GLU I 14 1.43 9.06 -42.67
CA GLU I 14 1.17 7.64 -42.82
C GLU I 14 1.84 6.80 -41.72
N THR I 15 1.03 6.17 -40.89
CA THR I 15 1.52 5.29 -39.84
C THR I 15 2.39 4.18 -40.45
N VAL I 16 3.64 4.11 -40.01
CA VAL I 16 4.64 3.27 -40.65
C VAL I 16 4.81 1.91 -39.98
N HIS I 17 5.00 0.88 -40.81
CA HIS I 17 5.33 -0.45 -40.32
C HIS I 17 6.82 -0.73 -40.53
N LEU I 18 7.43 -1.43 -39.58
CA LEU I 18 8.83 -1.80 -39.70
C LEU I 18 9.03 -3.28 -39.35
N PRO I 19 9.16 -4.12 -40.39
CA PRO I 19 9.32 -5.57 -40.23
C PRO I 19 10.65 -5.94 -39.60
N CYS I 20 10.78 -7.18 -39.16
CA CYS I 20 11.99 -7.65 -38.49
C CYS I 20 11.85 -9.12 -38.15
N SER I 21 12.54 -9.97 -38.89
CA SER I 21 12.49 -11.41 -38.64
C SER I 21 13.56 -11.81 -37.63
N HIS I 22 13.30 -12.90 -36.91
CA HIS I 22 14.23 -13.36 -35.88
C HIS I 22 13.92 -14.76 -35.37
N ALA I 23 13.94 -15.73 -36.27
CA ALA I 23 13.75 -17.12 -35.89
C ALA I 23 14.95 -17.61 -35.08
N THR I 24 14.96 -18.88 -34.73
CA THR I 24 16.03 -19.45 -33.91
C THR I 24 16.23 -18.60 -32.65
N ILE I 25 15.11 -18.11 -32.09
CA ILE I 25 15.12 -17.35 -30.85
C ILE I 25 14.81 -18.29 -29.69
N SER I 26 15.71 -18.33 -28.70
CA SER I 26 15.65 -19.35 -27.66
C SER I 26 14.66 -19.06 -26.53
N GLY I 27 13.57 -18.37 -26.85
CA GLY I 27 12.49 -18.16 -25.92
C GLY I 27 12.88 -17.82 -24.49
N ASN I 28 14.01 -17.14 -24.34
CA ASN I 28 14.43 -16.62 -23.04
C ASN I 28 15.12 -15.30 -23.27
N GLU I 29 15.16 -14.90 -24.54
CA GLU I 29 15.76 -13.64 -24.95
C GLU I 29 14.69 -12.70 -25.48
N TYR I 30 14.53 -11.57 -24.80
CA TYR I 30 13.56 -10.57 -25.22
C TYR I 30 13.92 -10.00 -26.59
N ILE I 31 13.06 -9.13 -27.12
CA ILE I 31 13.38 -8.43 -28.35
C ILE I 31 13.26 -6.93 -28.13
N TYR I 32 14.33 -6.20 -28.41
CA TYR I 32 14.37 -4.77 -28.16
C TYR I 32 14.37 -3.97 -29.44
N TRP I 33 13.98 -2.70 -29.33
CA TRP I 33 13.98 -1.78 -30.47
C TRP I 33 14.61 -0.45 -30.09
N TYR I 34 15.81 -0.20 -30.60
CA TYR I 34 16.47 1.08 -30.41
C TYR I 34 16.40 1.87 -31.70
N ARG I 35 16.26 3.18 -31.59
CA ARG I 35 16.31 4.05 -32.76
C ARG I 35 17.48 5.03 -32.61
N GLN I 36 18.12 5.34 -33.73
CA GLN I 36 19.27 6.25 -33.70
C GLN I 36 19.16 7.31 -34.77
N VAL I 37 18.77 8.51 -34.37
CA VAL I 37 18.75 9.65 -35.28
C VAL I 37 20.17 10.07 -35.57
N PRO I 38 20.42 10.66 -36.76
CA PRO I 38 21.75 11.10 -37.18
C PRO I 38 22.57 11.72 -36.06
N LEU I 39 23.90 11.67 -36.19
CA LEU I 39 24.84 12.20 -35.19
C LEU I 39 24.68 11.63 -33.78
N GLN I 40 23.51 11.82 -33.17
CA GLN I 40 23.28 11.37 -31.80
C GLN I 40 23.43 9.86 -31.63
N GLY I 41 23.32 9.40 -30.39
CA GLY I 41 23.51 7.99 -30.07
C GLY I 41 22.21 7.23 -29.96
N PRO I 42 22.29 5.90 -30.10
CA PRO I 42 21.13 5.01 -30.03
C PRO I 42 20.23 5.33 -28.85
N GLU I 43 18.93 5.31 -29.08
CA GLU I 43 17.95 5.60 -28.04
C GLU I 43 16.99 4.44 -27.93
N TYR I 44 16.42 4.24 -26.75
CA TYR I 44 15.50 3.14 -26.52
C TYR I 44 14.09 3.50 -27.00
N VAL I 45 13.42 2.54 -27.62
CA VAL I 45 12.03 2.73 -28.06
C VAL I 45 11.09 1.84 -27.25
N THR I 46 11.12 0.54 -27.51
CA THR I 46 10.32 -0.41 -26.76
C THR I 46 10.85 -1.82 -26.97
N HIS I 47 10.37 -2.75 -26.15
CA HIS I 47 10.79 -4.15 -26.27
C HIS I 47 9.65 -5.07 -25.88
N GLY I 48 9.95 -6.36 -25.78
CA GLY I 48 8.95 -7.34 -25.40
C GLY I 48 9.46 -8.77 -25.49
N LEU I 49 8.67 -9.70 -24.97
CA LEU I 49 9.01 -11.11 -25.03
C LEU I 49 8.02 -11.83 -25.93
N GLN I 50 6.77 -11.88 -25.48
CA GLN I 50 5.67 -12.42 -26.28
C GLN I 50 4.60 -11.35 -26.42
N GLN I 51 3.38 -11.80 -26.71
CA GLN I 51 2.23 -10.90 -26.73
C GLN I 51 2.47 -9.65 -27.56
N ASN I 52 2.00 -8.52 -27.04
CA ASN I 52 2.16 -7.23 -27.70
C ASN I 52 2.35 -6.14 -26.66
N THR I 53 3.37 -5.31 -26.86
CA THR I 53 3.66 -4.23 -25.93
C THR I 53 3.45 -2.89 -26.60
N THR I 54 3.56 -1.81 -25.82
CA THR I 54 3.30 -0.48 -26.34
C THR I 54 3.99 0.61 -25.52
N ASN I 55 4.96 1.27 -26.11
CA ASN I 55 5.56 2.44 -25.51
C ASN I 55 4.54 3.57 -25.58
N SER I 56 4.76 4.65 -24.83
CA SER I 56 3.88 5.81 -24.88
C SER I 56 3.68 6.21 -26.34
N MET I 57 4.69 5.94 -27.15
CA MET I 57 4.64 6.18 -28.58
C MET I 57 5.28 5.00 -29.31
N ALA I 58 4.57 4.44 -30.28
CA ALA I 58 5.00 3.26 -31.05
C ALA I 58 4.50 1.95 -30.45
N PHE I 59 4.06 1.05 -31.33
CA PHE I 59 3.52 -0.24 -30.91
C PHE I 59 4.44 -1.38 -31.33
N LEU I 60 4.58 -2.37 -30.47
CA LEU I 60 5.37 -3.55 -30.80
C LEU I 60 4.45 -4.75 -31.04
N ALA I 61 4.59 -5.38 -32.21
CA ALA I 61 3.76 -6.52 -32.55
C ALA I 61 4.60 -7.79 -32.70
N ILE I 62 4.57 -8.64 -31.68
CA ILE I 62 5.29 -9.91 -31.74
C ILE I 62 4.39 -11.02 -32.26
N ALA I 63 4.69 -11.49 -33.47
CA ALA I 63 3.91 -12.55 -34.10
C ALA I 63 3.81 -13.78 -33.20
N SER I 64 2.72 -14.54 -33.37
CA SER I 64 2.50 -15.74 -32.57
C SER I 64 3.71 -16.68 -32.66
N ASP I 65 4.07 -17.25 -31.51
CA ASP I 65 5.24 -18.13 -31.44
C ASP I 65 6.49 -17.48 -32.03
N ARG I 66 6.68 -16.19 -31.75
CA ARG I 66 7.90 -15.49 -32.11
C ARG I 66 8.17 -15.54 -33.61
N LYS I 67 9.43 -15.80 -33.96
CA LYS I 67 9.86 -15.93 -35.35
C LYS I 67 9.90 -14.62 -36.13
N SER I 68 9.21 -13.60 -35.63
CA SER I 68 9.21 -12.29 -36.27
C SER I 68 8.51 -11.27 -35.40
N SER I 69 8.56 -10.01 -35.83
CA SER I 69 7.93 -8.92 -35.09
C SER I 69 7.78 -7.69 -35.97
N THR I 70 6.98 -6.74 -35.52
CA THR I 70 6.71 -5.53 -36.30
C THR I 70 6.55 -4.32 -35.39
N LEU I 71 7.38 -3.30 -35.63
CA LEU I 71 7.26 -2.06 -34.88
C LEU I 71 6.39 -1.08 -35.66
N ILE I 72 5.30 -0.64 -35.04
CA ILE I 72 4.39 0.29 -35.69
C ILE I 72 4.59 1.70 -35.14
N LEU I 73 4.72 2.67 -36.05
CA LEU I 73 4.85 4.06 -35.65
C LEU I 73 3.62 4.84 -36.09
N PRO I 74 2.81 5.31 -35.12
CA PRO I 74 1.62 6.08 -35.45
C PRO I 74 1.97 7.35 -36.22
N HIS I 75 0.96 8.10 -36.64
CA HIS I 75 1.14 9.33 -37.42
C HIS I 75 2.51 9.98 -37.17
N VAL I 76 3.45 9.69 -38.06
CA VAL I 76 4.82 10.13 -37.90
C VAL I 76 5.05 11.56 -38.40
N SER I 77 6.17 12.14 -38.00
CA SER I 77 6.57 13.45 -38.45
C SER I 77 8.05 13.40 -38.83
N LEU I 78 8.61 14.54 -39.24
CA LEU I 78 10.01 14.58 -39.64
C LEU I 78 10.94 14.09 -38.53
N ARG I 79 10.66 14.49 -37.30
CA ARG I 79 11.51 14.12 -36.17
C ARG I 79 11.38 12.65 -35.79
N ASP I 80 10.97 11.83 -36.75
CA ASP I 80 10.93 10.39 -36.55
C ASP I 80 11.83 9.69 -37.56
N ALA I 81 12.36 10.48 -38.50
CA ALA I 81 13.30 9.97 -39.49
C ALA I 81 14.61 9.58 -38.83
N ALA I 82 14.92 8.29 -38.86
CA ALA I 82 16.13 7.79 -38.23
C ALA I 82 16.45 6.38 -38.68
N VAL I 83 17.11 5.62 -37.81
CA VAL I 83 17.43 4.23 -38.09
C VAL I 83 16.96 3.38 -36.92
N TYR I 84 16.20 2.34 -37.22
CA TYR I 84 15.62 1.51 -36.17
C TYR I 84 16.28 0.13 -36.09
N HIS I 85 16.82 -0.18 -34.92
CA HIS I 85 17.57 -1.41 -34.73
C HIS I 85 16.76 -2.45 -33.95
N CYS I 86 16.45 -3.55 -34.62
CA CYS I 86 15.78 -4.68 -33.97
C CYS I 86 16.85 -5.64 -33.46
N ILE I 87 16.94 -5.78 -32.15
CA ILE I 87 17.99 -6.58 -31.53
C ILE I 87 17.43 -7.60 -30.56
N LEU I 88 17.81 -8.86 -30.72
CA LEU I 88 17.48 -9.88 -29.74
C LEU I 88 18.50 -9.83 -28.61
N SER I 89 18.01 -9.65 -27.38
CA SER I 89 18.89 -9.54 -26.24
C SER I 89 18.56 -10.58 -25.17
N GLY I 90 19.49 -11.50 -24.94
CA GLY I 90 19.32 -12.50 -23.90
C GLY I 90 18.83 -11.89 -22.61
N GLY I 91 17.81 -12.49 -22.02
CA GLY I 91 17.24 -11.99 -20.78
C GLY I 91 18.26 -11.91 -19.66
N SER I 92 19.12 -12.93 -19.58
CA SER I 92 20.16 -12.96 -18.55
C SER I 92 21.50 -12.53 -19.12
N ASN I 93 21.51 -11.43 -19.85
CA ASN I 93 22.71 -10.96 -20.53
C ASN I 93 22.64 -9.49 -20.92
N TYR I 94 23.75 -8.77 -20.75
CA TYR I 94 23.77 -7.33 -21.00
C TYR I 94 24.28 -6.99 -22.40
N LYS I 95 24.78 -7.98 -23.12
CA LYS I 95 25.37 -7.75 -24.44
C LYS I 95 24.32 -7.85 -25.55
N LEU I 96 24.09 -6.74 -26.24
CA LEU I 96 23.25 -6.74 -27.43
C LEU I 96 24.05 -6.21 -28.62
N THR I 97 24.00 -6.93 -29.74
CA THR I 97 24.83 -6.57 -30.88
C THR I 97 24.02 -5.93 -32.01
N PHE I 98 24.29 -4.65 -32.26
CA PHE I 98 23.59 -3.92 -33.30
C PHE I 98 23.87 -4.47 -34.70
N GLY I 99 23.18 -3.93 -35.68
CA GLY I 99 23.37 -4.27 -37.07
C GLY I 99 23.05 -3.06 -37.92
N LYS I 100 22.95 -3.23 -39.24
CA LYS I 100 22.66 -2.10 -40.10
C LYS I 100 21.30 -1.47 -39.75
N GLY I 101 20.37 -2.29 -39.28
CA GLY I 101 19.05 -1.82 -38.94
C GLY I 101 18.27 -1.40 -40.17
N THR I 102 17.32 -0.47 -39.99
CA THR I 102 16.50 0.00 -41.10
C THR I 102 16.42 1.53 -41.11
N LEU I 103 16.80 2.13 -42.24
CA LEU I 103 16.76 3.58 -42.38
C LEU I 103 15.35 4.06 -42.73
N LEU I 104 14.72 4.76 -41.79
CA LEU I 104 13.42 5.34 -42.04
C LEU I 104 13.55 6.77 -42.55
N THR I 105 13.12 6.98 -43.80
CA THR I 105 13.06 8.32 -44.37
C THR I 105 11.61 8.79 -44.39
N VAL I 106 11.40 10.02 -43.92
CA VAL I 106 10.06 10.60 -43.92
C VAL I 106 10.00 11.82 -44.85
N THR I 107 8.87 11.98 -45.54
CA THR I 107 8.74 13.01 -46.56
C THR I 107 7.59 13.97 -46.26
N PRO I 108 7.90 15.27 -46.19
CA PRO I 108 6.87 16.30 -46.02
C PRO I 108 6.02 16.40 -47.29
N ILE I 109 4.79 16.92 -47.15
CA ILE I 109 3.86 16.94 -48.27
C ILE I 109 3.88 18.25 -49.06
N GLN I 110 3.90 19.36 -48.34
CA GLN I 110 3.79 20.71 -48.92
C GLN I 110 4.10 20.80 -50.41
N ASN I 111 3.12 21.28 -51.17
CA ASN I 111 3.25 21.43 -52.61
C ASN I 111 4.44 22.29 -53.02
N PRO I 112 5.15 21.88 -54.08
CA PRO I 112 6.41 22.48 -54.52
C PRO I 112 6.22 23.47 -55.67
N ASP I 113 7.10 24.48 -55.73
CA ASP I 113 7.17 25.39 -56.86
C ASP I 113 8.62 25.74 -57.16
N PRO I 114 9.32 24.81 -57.84
CA PRO I 114 10.76 24.86 -58.13
C PRO I 114 11.26 26.25 -58.51
N ALA I 115 12.28 26.72 -57.79
CA ALA I 115 12.87 28.03 -58.05
C ALA I 115 14.37 28.02 -57.71
N VAL I 116 15.12 28.91 -58.35
CA VAL I 116 16.55 29.04 -58.09
C VAL I 116 17.00 30.50 -58.13
N TYR I 117 17.23 31.07 -56.95
CA TYR I 117 17.59 32.48 -56.84
C TYR I 117 19.08 32.67 -56.61
N GLN I 118 19.51 33.92 -56.51
CA GLN I 118 20.90 34.25 -56.22
C GLN I 118 20.98 35.22 -55.05
N LEU I 119 22.09 35.18 -54.32
CA LEU I 119 22.26 36.02 -53.14
C LEU I 119 23.69 36.52 -53.00
N ARG I 120 23.85 37.78 -52.60
CA ARG I 120 25.16 38.31 -52.27
C ARG I 120 25.43 38.18 -50.78
N ASP I 121 26.66 38.44 -50.37
CA ASP I 121 27.04 38.31 -48.96
C ASP I 121 27.04 39.65 -48.22
N SER I 122 27.31 39.60 -46.92
CA SER I 122 27.30 40.80 -46.08
C SER I 122 28.42 41.76 -46.45
N LYS I 123 29.44 41.24 -47.14
CA LYS I 123 30.53 42.07 -47.65
C LYS I 123 30.55 41.97 -49.16
N SER I 124 29.61 42.68 -49.80
CA SER I 124 29.32 42.54 -51.21
C SER I 124 30.52 42.35 -52.13
N SER I 125 30.62 41.16 -52.72
CA SER I 125 31.58 40.88 -53.77
C SER I 125 30.87 40.03 -54.82
N ASP I 126 31.62 39.47 -55.76
CA ASP I 126 31.05 38.55 -56.74
C ASP I 126 30.94 37.15 -56.17
N LYS I 127 31.35 36.99 -54.92
CA LYS I 127 31.17 35.73 -54.20
C LYS I 127 29.69 35.52 -53.91
N SER I 128 28.99 34.95 -54.89
CA SER I 128 27.54 34.76 -54.77
C SER I 128 27.18 33.28 -54.80
N VAL I 129 26.14 32.93 -54.05
CA VAL I 129 25.66 31.55 -54.00
C VAL I 129 24.23 31.46 -54.54
N CYS I 130 24.02 30.51 -55.45
CA CYS I 130 22.70 30.30 -56.03
C CYS I 130 21.84 29.37 -55.18
N LEU I 131 20.74 29.90 -54.67
CA LEU I 131 19.81 29.12 -53.85
C LEU I 131 18.84 28.34 -54.72
N PHE I 132 18.44 27.17 -54.25
CA PHE I 132 17.55 26.28 -55.01
C PHE I 132 16.54 25.64 -54.06
N THR I 133 15.41 26.29 -53.86
CA THR I 133 14.40 25.83 -52.90
C THR I 133 13.08 25.44 -53.55
N ASP I 134 12.10 25.12 -52.70
CA ASP I 134 10.74 24.85 -53.13
C ASP I 134 10.56 23.48 -53.79
N PHE I 135 11.47 23.13 -54.70
CA PHE I 135 11.40 21.86 -55.42
C PHE I 135 11.10 20.70 -54.46
N ASP I 136 10.33 19.72 -54.95
CA ASP I 136 9.90 18.61 -54.10
C ASP I 136 10.99 17.56 -53.96
N SER I 137 10.73 16.57 -53.12
CA SER I 137 11.67 15.48 -52.90
C SER I 137 11.63 14.48 -54.04
N GLN I 138 11.30 14.96 -55.23
CA GLN I 138 11.30 14.14 -56.43
C GLN I 138 12.72 13.92 -56.91
N THR I 139 13.68 14.17 -56.01
CA THR I 139 15.10 13.91 -56.25
C THR I 139 15.74 14.89 -57.22
N ASN I 140 17.07 14.96 -57.16
CA ASN I 140 17.84 15.81 -58.07
C ASN I 140 18.78 14.98 -58.93
N ASP I 148 35.16 21.86 -59.37
CA ASP I 148 34.65 23.16 -58.92
C ASP I 148 33.16 23.12 -58.67
N VAL I 149 32.57 21.93 -58.82
CA VAL I 149 31.13 21.76 -58.61
C VAL I 149 30.78 21.58 -57.13
N TYR I 150 30.47 22.69 -56.47
CA TYR I 150 30.06 22.65 -55.07
C TYR I 150 28.54 22.73 -54.95
N ILE I 151 27.91 21.59 -54.67
CA ILE I 151 26.46 21.52 -54.59
C ILE I 151 26.01 20.63 -53.42
N THR I 152 25.38 21.24 -52.43
CA THR I 152 24.89 20.50 -51.27
C THR I 152 23.63 19.72 -51.63
N ASP I 153 23.26 18.78 -50.78
CA ASP I 153 22.05 17.99 -50.99
C ASP I 153 20.85 18.64 -50.32
N LYS I 154 19.67 18.10 -50.58
CA LYS I 154 18.44 18.66 -50.03
C LYS I 154 18.51 18.79 -48.51
N CYS I 155 17.84 19.81 -47.98
CA CYS I 155 17.72 19.98 -46.54
C CYS I 155 16.28 20.35 -46.20
N VAL I 156 15.59 19.45 -45.53
CA VAL I 156 14.18 19.64 -45.18
C VAL I 156 13.99 20.74 -44.13
N LEU I 157 13.79 21.97 -44.60
CA LEU I 157 13.49 23.09 -43.72
C LEU I 157 12.10 22.89 -43.14
N ASP I 158 12.02 22.69 -41.83
CA ASP I 158 10.75 22.36 -41.18
C ASP I 158 9.90 23.59 -40.91
N MET I 159 8.94 23.45 -40.00
CA MET I 159 8.03 24.54 -39.65
C MET I 159 8.76 25.85 -39.42
N ARG I 160 8.07 26.96 -39.64
CA ARG I 160 8.67 28.27 -39.45
C ARG I 160 8.32 28.93 -38.10
N SER I 161 7.04 29.07 -37.78
CA SER I 161 5.89 28.68 -38.58
C SER I 161 4.71 29.55 -38.17
N MET I 162 3.77 29.85 -39.07
CA MET I 162 3.73 29.40 -40.47
C MET I 162 3.39 27.92 -40.66
N ASP I 163 3.42 27.48 -41.91
CA ASP I 163 3.08 26.09 -42.23
C ASP I 163 4.32 25.28 -42.59
N PHE I 164 4.30 24.00 -42.22
CA PHE I 164 5.38 23.07 -42.54
C PHE I 164 5.71 23.12 -44.03
N LYS I 165 6.68 23.95 -44.39
CA LYS I 165 6.99 24.20 -45.80
C LYS I 165 8.50 24.29 -46.04
N SER I 166 8.89 24.17 -47.31
CA SER I 166 10.25 24.45 -47.77
C SER I 166 11.17 23.24 -47.89
N ASN I 167 12.09 23.31 -48.85
CA ASN I 167 13.10 22.28 -49.08
C ASN I 167 14.20 22.85 -49.96
N SER I 168 15.31 23.24 -49.34
CA SER I 168 16.35 23.99 -50.04
C SER I 168 17.58 23.16 -50.44
N ALA I 169 18.40 23.75 -51.30
CA ALA I 169 19.65 23.14 -51.75
C ALA I 169 20.59 24.22 -52.27
N VAL I 170 21.80 24.27 -51.72
CA VAL I 170 22.73 25.35 -52.01
C VAL I 170 23.81 24.94 -53.01
N ALA I 171 24.32 25.91 -53.76
CA ALA I 171 25.40 25.68 -54.71
C ALA I 171 26.20 26.96 -54.97
N TRP I 172 27.51 26.86 -54.92
CA TRP I 172 28.38 28.02 -55.12
C TRP I 172 29.67 27.63 -55.83
N SER I 173 30.44 28.64 -56.22
CA SER I 173 31.72 28.42 -56.89
C SER I 173 32.59 29.68 -56.86
N ASN I 174 33.89 29.48 -56.74
CA ASN I 174 34.84 30.58 -56.68
C ASN I 174 34.89 31.35 -58.00
N LYS I 175 35.21 30.64 -59.07
CA LYS I 175 35.26 31.22 -60.42
C LYS I 175 33.99 31.98 -60.75
N SER I 176 34.14 33.17 -61.32
CA SER I 176 33.00 34.02 -61.66
C SER I 176 32.46 33.76 -63.06
N ASP I 177 32.95 32.71 -63.71
CA ASP I 177 32.39 32.27 -64.97
C ASP I 177 31.20 31.36 -64.66
N PHE I 178 30.72 31.46 -63.44
CA PHE I 178 29.63 30.62 -62.94
C PHE I 178 28.45 31.47 -62.47
N ALA I 179 27.31 31.29 -63.13
CA ALA I 179 26.10 32.03 -62.77
C ALA I 179 24.92 31.08 -62.65
N CYS I 180 23.82 31.57 -62.08
CA CYS I 180 22.64 30.74 -61.85
C CYS I 180 22.07 30.20 -63.16
N ALA I 181 21.22 29.19 -63.04
CA ALA I 181 20.57 28.56 -64.19
C ALA I 181 21.57 27.78 -65.05
N ASN I 182 22.18 28.47 -66.00
CA ASN I 182 23.13 27.84 -66.92
C ASN I 182 24.19 27.00 -66.22
N ALA I 183 24.83 27.59 -65.21
CA ALA I 183 25.90 26.92 -64.51
C ALA I 183 25.42 26.12 -63.30
N PHE I 184 24.13 25.77 -63.30
CA PHE I 184 23.59 24.91 -62.25
C PHE I 184 23.61 23.46 -62.72
N ASN I 185 22.49 22.99 -63.24
CA ASN I 185 22.40 21.64 -63.79
C ASN I 185 22.75 20.57 -62.75
N ASN I 186 22.46 19.31 -63.05
CA ASN I 186 21.80 18.91 -64.28
C ASN I 186 20.64 17.98 -63.97
N SER I 187 19.95 18.27 -62.86
CA SER I 187 18.94 17.37 -62.32
C SER I 187 17.60 17.46 -63.05
N ILE I 188 16.53 17.14 -62.33
CA ILE I 188 15.18 17.18 -62.88
C ILE I 188 14.85 18.55 -63.46
N ILE I 189 15.36 19.59 -62.82
CA ILE I 189 15.19 20.97 -63.26
C ILE I 189 13.98 21.15 -64.19
N PRO I 190 12.77 20.92 -63.65
CA PRO I 190 11.53 20.93 -64.43
C PRO I 190 11.22 22.32 -65.01
N GLU I 191 10.40 23.09 -64.29
CA GLU I 191 10.02 24.42 -64.72
C GLU I 191 9.18 25.10 -63.64
N ASP I 192 9.80 25.93 -62.79
CA ASP I 192 11.22 26.29 -62.82
C ASP I 192 11.61 27.24 -63.95
N THR I 193 12.17 28.40 -63.60
CA THR I 193 12.40 28.78 -62.20
C THR I 193 12.16 30.27 -62.01
N PHE I 194 13.21 31.05 -62.28
CA PHE I 194 13.16 32.51 -62.12
C PHE I 194 14.51 33.08 -62.51
N PHE I 195 14.60 34.41 -62.59
CA PHE I 195 15.86 35.07 -62.92
C PHE I 195 16.13 36.24 -62.00
N ASP J 1 15.08 10.96 -16.68
CA ASP J 1 16.08 11.37 -15.70
C ASP J 1 17.33 10.52 -15.82
N MET J 2 17.49 9.87 -16.96
CA MET J 2 18.65 9.01 -17.21
C MET J 2 19.66 9.74 -18.08
N LYS J 3 20.55 10.49 -17.46
CA LYS J 3 21.56 11.25 -18.19
C LYS J 3 22.93 10.58 -18.16
N VAL J 4 23.42 10.19 -19.32
CA VAL J 4 24.77 9.66 -19.45
C VAL J 4 25.65 10.67 -20.19
N THR J 5 26.74 11.08 -19.56
CA THR J 5 27.61 12.10 -20.13
C THR J 5 28.97 11.56 -20.54
N GLN J 6 29.64 12.28 -21.44
CA GLN J 6 30.99 11.95 -21.86
C GLN J 6 31.84 13.21 -21.90
N MET J 7 32.94 13.22 -21.16
CA MET J 7 33.71 14.45 -20.94
C MET J 7 34.09 15.19 -22.23
N PRO J 8 35.14 14.74 -22.92
CA PRO J 8 35.50 15.49 -24.13
C PRO J 8 34.50 15.20 -25.25
N ARG J 9 33.80 16.23 -25.71
CA ARG J 9 32.84 16.05 -26.81
C ARG J 9 33.57 15.79 -28.11
N TYR J 10 34.61 16.57 -28.35
CA TYR J 10 35.47 16.38 -29.52
C TYR J 10 36.93 16.27 -29.08
N LEU J 11 37.73 15.58 -29.88
CA LEU J 11 39.13 15.37 -29.53
C LEU J 11 39.99 14.99 -30.73
N ILE J 12 40.83 15.94 -31.15
CA ILE J 12 41.76 15.69 -32.25
C ILE J 12 43.16 15.45 -31.68
N LYS J 13 43.79 14.35 -32.10
CA LYS J 13 45.08 13.96 -31.54
C LYS J 13 46.08 13.44 -32.59
N ARG J 14 47.36 13.74 -32.37
CA ARG J 14 48.43 13.28 -33.26
C ARG J 14 48.65 11.78 -33.10
N MET J 15 49.04 11.13 -34.20
CA MET J 15 49.15 9.67 -34.22
C MET J 15 50.11 9.12 -33.17
N GLY J 16 49.73 7.99 -32.58
CA GLY J 16 50.58 7.30 -31.62
C GLY J 16 50.52 7.87 -30.22
N GLU J 17 49.76 8.96 -30.04
CA GLU J 17 49.71 9.63 -28.76
C GLU J 17 48.70 8.98 -27.82
N ASN J 18 48.62 9.51 -26.59
CA ASN J 18 47.67 9.00 -25.60
C ASN J 18 46.28 9.60 -25.75
N VAL J 19 45.27 8.78 -25.47
CA VAL J 19 43.89 9.24 -25.49
C VAL J 19 43.16 8.68 -24.28
N LEU J 20 42.36 9.52 -23.63
CA LEU J 20 41.57 9.09 -22.49
C LEU J 20 40.16 9.66 -22.59
N LEU J 21 39.19 8.79 -22.84
CA LEU J 21 37.79 9.20 -22.91
C LEU J 21 37.07 8.90 -21.61
N GLU J 22 36.17 9.79 -21.20
CA GLU J 22 35.45 9.63 -19.95
C GLU J 22 33.95 9.50 -20.17
N CYS J 23 33.24 8.96 -19.17
CA CYS J 23 31.81 8.77 -19.25
C CYS J 23 31.21 8.50 -17.88
N GLY J 24 30.40 9.43 -17.39
CA GLY J 24 29.77 9.30 -16.08
C GLY J 24 28.26 9.18 -16.19
N GLN J 25 27.61 8.92 -15.06
CA GLN J 25 26.16 8.71 -15.05
C GLN J 25 25.47 9.27 -13.80
N ASP J 26 26.05 9.00 -12.63
CA ASP J 26 25.52 9.48 -11.35
C ASP J 26 24.49 8.53 -10.74
N MET J 27 23.91 7.67 -11.57
CA MET J 27 22.86 6.76 -11.14
C MET J 27 23.43 5.49 -10.52
N SER J 28 24.71 5.25 -10.75
CA SER J 28 25.42 4.10 -10.20
C SER J 28 25.01 2.77 -10.83
N HIS J 29 24.54 2.82 -12.07
CA HIS J 29 24.20 1.60 -12.78
C HIS J 29 25.36 0.63 -12.73
N GLU J 30 25.08 -0.61 -12.33
CA GLU J 30 26.11 -1.62 -12.18
C GLU J 30 26.95 -1.84 -13.43
N THR J 31 26.35 -1.73 -14.61
CA THR J 31 27.02 -2.09 -15.85
C THR J 31 27.12 -0.93 -16.85
N MET J 32 28.28 -0.80 -17.49
CA MET J 32 28.50 0.26 -18.47
C MET J 32 29.15 -0.28 -19.75
N TYR J 33 29.08 0.50 -20.83
CA TYR J 33 29.55 0.04 -22.13
C TYR J 33 30.44 1.07 -22.83
N TRP J 34 31.29 0.59 -23.72
CA TRP J 34 31.99 1.47 -24.66
C TRP J 34 31.79 1.01 -26.10
N TYR J 35 31.02 1.77 -26.86
CA TYR J 35 30.76 1.46 -28.26
C TYR J 35 31.51 2.44 -29.17
N ARG J 36 31.78 2.01 -30.39
CA ARG J 36 32.29 2.91 -31.41
C ARG J 36 31.53 2.71 -32.71
N GLN J 37 31.26 3.80 -33.42
CA GLN J 37 30.53 3.72 -34.67
C GLN J 37 31.20 4.53 -35.77
N ASP J 38 31.72 3.84 -36.78
CA ASP J 38 32.29 4.50 -37.94
C ASP J 38 31.16 4.81 -38.92
N PRO J 39 31.20 6.01 -39.53
CA PRO J 39 30.17 6.45 -40.48
C PRO J 39 29.74 5.33 -41.42
N GLY J 40 30.67 4.41 -41.70
CA GLY J 40 30.35 3.24 -42.49
C GLY J 40 29.46 2.28 -41.74
N LEU J 41 30.06 1.43 -40.91
CA LEU J 41 29.32 0.43 -40.16
C LEU J 41 28.35 1.06 -39.16
N GLY J 42 27.92 0.27 -38.19
CA GLY J 42 27.07 0.76 -37.12
C GLY J 42 27.82 0.72 -35.80
N LEU J 43 27.12 0.39 -34.72
CA LEU J 43 27.76 0.29 -33.42
C LEU J 43 28.36 -1.09 -33.17
N GLN J 44 29.68 -1.13 -33.12
CA GLN J 44 30.39 -2.33 -32.70
C GLN J 44 30.94 -2.09 -31.29
N LEU J 45 30.82 -3.10 -30.44
CA LEU J 45 31.16 -2.94 -29.03
C LEU J 45 32.65 -3.11 -28.75
N ILE J 46 33.21 -2.19 -27.99
CA ILE J 46 34.60 -2.28 -27.55
C ILE J 46 34.68 -3.08 -26.25
N TYR J 47 34.27 -2.46 -25.15
CA TYR J 47 34.39 -3.07 -23.83
C TYR J 47 33.08 -3.01 -23.04
N ILE J 48 33.00 -3.83 -21.99
CA ILE J 48 31.83 -3.83 -21.11
C ILE J 48 32.27 -4.04 -19.65
N SER J 49 31.66 -3.32 -18.73
CA SER J 49 32.02 -3.43 -17.32
C SER J 49 30.80 -3.81 -16.48
N TYR J 50 30.78 -5.05 -16.03
CA TYR J 50 29.66 -5.57 -15.26
C TYR J 50 29.55 -4.93 -13.89
N ASP J 51 30.68 -4.53 -13.33
CA ASP J 51 30.71 -3.86 -12.03
C ASP J 51 31.93 -2.95 -11.97
N VAL J 52 32.59 -2.91 -10.82
CA VAL J 52 33.75 -2.04 -10.65
C VAL J 52 34.95 -2.56 -11.44
N ASP J 53 35.71 -3.48 -10.86
CA ASP J 53 36.85 -4.06 -11.56
C ASP J 53 36.44 -5.34 -12.29
N SER J 54 35.21 -5.34 -12.79
CA SER J 54 34.70 -6.46 -13.56
C SER J 54 34.54 -6.04 -15.02
N ASN J 55 35.57 -6.27 -15.82
CA ASN J 55 35.55 -5.87 -17.22
C ASN J 55 35.70 -7.08 -18.14
N SER J 56 35.15 -6.96 -19.34
CA SER J 56 35.23 -8.04 -20.32
C SER J 56 35.49 -7.52 -21.73
N GLU J 57 36.16 -8.35 -22.53
CA GLU J 57 36.58 -7.99 -23.88
C GLU J 57 35.56 -7.17 -24.66
N GLY J 58 34.76 -7.85 -25.46
CA GLY J 58 33.90 -7.20 -26.44
C GLY J 58 34.30 -7.65 -27.84
N ASP J 59 33.81 -6.94 -28.84
CA ASP J 59 34.09 -7.34 -30.22
C ASP J 59 35.33 -6.66 -30.79
N ILE J 60 35.63 -5.46 -30.31
CA ILE J 60 36.78 -4.70 -30.80
C ILE J 60 37.72 -4.32 -29.67
N PRO J 61 38.19 -5.30 -28.89
CA PRO J 61 39.04 -4.99 -27.73
C PRO J 61 40.42 -4.49 -28.15
N LYS J 62 40.92 -5.00 -29.28
CA LYS J 62 42.27 -4.70 -29.74
C LYS J 62 42.46 -3.20 -29.99
N GLY J 63 43.33 -2.58 -29.20
CA GLY J 63 43.65 -1.17 -29.40
C GLY J 63 43.12 -0.28 -28.30
N TYR J 64 42.34 -0.86 -27.38
CA TYR J 64 41.72 -0.09 -26.32
C TYR J 64 41.98 -0.68 -24.93
N ARG J 65 41.86 0.17 -23.92
CA ARG J 65 42.06 -0.22 -22.53
C ARG J 65 40.95 0.43 -21.72
N VAL J 66 40.54 -0.20 -20.62
CA VAL J 66 39.42 0.32 -19.84
C VAL J 66 39.65 0.32 -18.33
N SER J 67 39.18 1.39 -17.68
CA SER J 67 39.28 1.51 -16.23
C SER J 67 37.92 1.81 -15.60
N ARG J 68 37.54 1.02 -14.61
CA ARG J 68 36.30 1.21 -13.89
C ARG J 68 36.54 1.09 -12.39
N LYS J 69 36.83 2.22 -11.75
CA LYS J 69 37.10 2.22 -10.32
C LYS J 69 35.87 2.65 -9.52
N LYS J 70 34.91 3.26 -10.21
CA LYS J 70 33.64 3.65 -9.61
C LYS J 70 32.49 3.33 -10.56
N ARG J 71 31.42 2.74 -10.04
CA ARG J 71 30.24 2.44 -10.83
C ARG J 71 29.87 3.63 -11.70
N GLU J 72 30.07 4.83 -11.15
CA GLU J 72 29.53 6.04 -11.74
C GLU J 72 30.40 6.61 -12.85
N HIS J 73 31.47 5.89 -13.20
CA HIS J 73 32.35 6.33 -14.27
C HIS J 73 33.01 5.17 -15.01
N PHE J 74 33.36 5.40 -16.27
CA PHE J 74 34.01 4.39 -17.09
C PHE J 74 34.95 5.09 -18.07
N SER J 75 36.25 4.81 -17.96
CA SER J 75 37.23 5.45 -18.82
C SER J 75 37.74 4.55 -19.94
N LEU J 76 37.80 5.10 -21.14
CA LEU J 76 38.35 4.39 -22.30
C LEU J 76 39.76 4.89 -22.56
N ILE J 77 40.71 3.96 -22.60
CA ILE J 77 42.12 4.32 -22.74
C ILE J 77 42.70 3.91 -24.10
N LEU J 78 43.32 4.86 -24.77
CA LEU J 78 44.06 4.58 -26.00
C LEU J 78 45.53 4.87 -25.78
N ASP J 79 46.29 3.83 -25.46
CA ASP J 79 47.72 3.98 -25.18
C ASP J 79 48.46 4.59 -26.35
N SER J 80 48.39 3.93 -27.51
CA SER J 80 48.94 4.48 -28.74
C SER J 80 47.84 4.64 -29.78
N ALA J 81 47.38 5.87 -29.93
CA ALA J 81 46.23 6.16 -30.79
C ALA J 81 46.50 5.87 -32.26
N LYS J 82 45.97 4.75 -32.74
CA LYS J 82 46.02 4.43 -34.17
C LYS J 82 45.22 5.45 -34.97
N THR J 83 45.69 5.75 -36.18
CA THR J 83 44.99 6.68 -37.05
C THR J 83 43.59 6.20 -37.39
N ASN J 84 43.45 4.90 -37.66
CA ASN J 84 42.16 4.33 -38.04
C ASN J 84 41.14 4.42 -36.91
N GLN J 85 41.62 4.62 -35.69
CA GLN J 85 40.75 4.69 -34.52
C GLN J 85 39.93 5.99 -34.51
N THR J 86 40.01 6.74 -35.60
CA THR J 86 39.17 7.93 -35.75
C THR J 86 37.72 7.47 -35.90
N SER J 87 36.85 7.98 -35.03
CA SER J 87 35.47 7.52 -34.97
C SER J 87 34.69 8.24 -33.88
N VAL J 88 33.40 7.90 -33.77
CA VAL J 88 32.57 8.40 -32.69
C VAL J 88 32.41 7.30 -31.66
N TYR J 89 32.60 7.66 -30.38
CA TYR J 89 32.58 6.69 -29.30
C TYR J 89 31.40 6.91 -28.37
N PHE J 90 30.73 5.82 -28.02
CA PHE J 90 29.53 5.90 -27.18
C PHE J 90 29.67 5.10 -25.89
N CYS J 91 29.33 5.75 -24.78
CA CYS J 91 29.31 5.14 -23.47
C CYS J 91 27.87 4.82 -23.11
N ALA J 92 27.66 3.75 -22.36
CA ALA J 92 26.31 3.35 -22.00
C ALA J 92 26.24 2.76 -20.59
N SER J 93 25.03 2.73 -20.04
CA SER J 93 24.79 2.11 -18.74
C SER J 93 23.43 1.41 -18.76
N SER J 94 23.20 0.56 -17.77
CA SER J 94 21.98 -0.23 -17.70
C SER J 94 21.85 -0.92 -16.35
N PHE J 95 20.64 -0.88 -15.78
CA PHE J 95 20.40 -1.57 -14.51
C PHE J 95 19.73 -2.92 -14.74
N GLY J 96 19.29 -3.15 -15.98
CA GLY J 96 18.67 -4.43 -16.32
C GLY J 96 17.66 -4.35 -17.44
N ARG J 97 17.19 -3.14 -17.74
CA ARG J 97 16.23 -2.98 -18.83
C ARG J 97 16.95 -2.61 -20.12
N GLU J 98 16.69 -1.42 -20.63
CA GLU J 98 17.35 -0.97 -21.85
C GLU J 98 18.68 -0.29 -21.54
N GLN J 99 19.47 -0.03 -22.58
CA GLN J 99 20.74 0.66 -22.42
C GLN J 99 20.57 2.15 -22.67
N TYR J 100 21.24 2.96 -21.86
CA TYR J 100 21.16 4.42 -21.98
C TYR J 100 22.48 4.95 -22.52
N PHE J 101 22.44 5.48 -23.75
CA PHE J 101 23.66 5.94 -24.41
C PHE J 101 24.00 7.40 -24.14
N GLY J 102 25.29 7.71 -24.13
CA GLY J 102 25.75 9.08 -23.95
C GLY J 102 25.71 9.85 -25.26
N PRO J 103 26.14 11.12 -25.23
CA PRO J 103 26.12 11.98 -26.41
C PRO J 103 27.06 11.51 -27.51
N GLY J 104 28.14 10.82 -27.11
CA GLY J 104 29.12 10.34 -28.07
C GLY J 104 30.28 11.29 -28.26
N THR J 105 31.50 10.76 -28.18
CA THR J 105 32.70 11.56 -28.37
C THR J 105 33.33 11.32 -29.73
N ARG J 106 33.52 12.38 -30.50
CA ARG J 106 34.16 12.28 -31.80
C ARG J 106 35.67 12.47 -31.68
N LEU J 107 36.42 11.43 -32.02
CA LEU J 107 37.87 11.46 -31.92
C LEU J 107 38.51 11.32 -33.30
N THR J 108 39.46 12.20 -33.59
CA THR J 108 40.13 12.20 -34.88
C THR J 108 41.65 12.12 -34.73
N VAL J 109 42.22 10.97 -35.10
CA VAL J 109 43.66 10.77 -35.04
C VAL J 109 44.30 11.14 -36.38
N LEU J 110 45.22 12.10 -36.34
CA LEU J 110 45.81 12.63 -37.58
C LEU J 110 47.29 12.28 -37.71
N GLU J 111 47.79 12.30 -38.94
CA GLU J 111 49.20 12.04 -39.21
C GLU J 111 50.03 13.24 -38.76
N ASP J 112 49.58 14.43 -39.12
CA ASP J 112 50.22 15.67 -38.67
C ASP J 112 49.16 16.76 -38.56
N LEU J 113 49.25 17.54 -37.48
CA LEU J 113 48.25 18.57 -37.20
C LEU J 113 48.36 19.76 -38.17
N LYS J 114 49.03 19.54 -39.30
CA LYS J 114 49.20 20.58 -40.30
C LYS J 114 47.89 20.84 -41.04
N ASN J 115 47.12 19.77 -41.26
CA ASN J 115 45.88 19.85 -42.03
C ASN J 115 44.73 20.52 -41.27
N VAL J 116 44.96 20.84 -40.01
CA VAL J 116 43.90 21.39 -39.17
C VAL J 116 43.65 22.86 -39.45
N PHE J 117 42.49 23.16 -40.04
CA PHE J 117 42.10 24.53 -40.34
C PHE J 117 40.78 24.89 -39.67
N PRO J 118 40.67 26.14 -39.21
CA PRO J 118 39.40 26.67 -38.71
C PRO J 118 38.48 26.97 -39.88
N PRO J 119 37.18 27.20 -39.62
CA PRO J 119 36.23 27.45 -40.70
C PRO J 119 36.14 28.91 -41.09
N GLU J 120 35.86 29.17 -42.37
CA GLU J 120 35.57 30.52 -42.84
C GLU J 120 34.07 30.65 -43.04
N VAL J 121 33.44 31.54 -42.27
CA VAL J 121 31.99 31.68 -42.31
C VAL J 121 31.55 32.96 -43.01
N ALA J 122 30.47 32.87 -43.77
CA ALA J 122 29.94 34.02 -44.50
C ALA J 122 28.42 33.93 -44.58
N VAL J 123 27.76 35.06 -44.33
CA VAL J 123 26.30 35.12 -44.37
C VAL J 123 25.82 35.85 -45.63
N PHE J 124 24.99 35.17 -46.41
CA PHE J 124 24.44 35.75 -47.64
C PHE J 124 23.00 36.21 -47.40
N GLU J 125 22.71 37.43 -47.81
CA GLU J 125 21.38 38.02 -47.61
C GLU J 125 20.38 37.54 -48.65
N PRO J 126 19.12 37.37 -48.24
CA PRO J 126 18.05 36.81 -49.07
C PRO J 126 17.87 37.53 -50.40
N SER J 127 17.22 36.86 -51.35
CA SER J 127 17.06 37.37 -52.70
C SER J 127 15.94 38.41 -52.80
N GLU J 128 16.19 39.48 -53.55
CA GLU J 128 15.19 40.50 -53.80
C GLU J 128 14.14 39.97 -54.76
N ALA J 129 14.38 38.77 -55.29
CA ALA J 129 13.44 38.13 -56.20
C ALA J 129 12.52 37.18 -55.43
N GLU J 130 13.11 36.36 -54.57
CA GLU J 130 12.35 35.46 -53.73
C GLU J 130 11.47 36.24 -52.76
N ILE J 131 11.93 37.44 -52.40
CA ILE J 131 11.20 38.30 -51.47
C ILE J 131 9.88 38.75 -52.09
N SER J 132 9.85 38.86 -53.41
CA SER J 132 8.64 39.23 -54.13
C SER J 132 8.20 38.09 -55.03
N HIS J 133 7.95 36.93 -54.42
CA HIS J 133 7.58 35.74 -55.18
C HIS J 133 6.89 34.71 -54.28
N THR J 134 7.38 34.58 -53.05
CA THR J 134 6.83 33.63 -52.10
C THR J 134 6.46 34.29 -50.77
N GLN J 135 6.66 35.60 -50.69
CA GLN J 135 6.39 36.34 -49.47
C GLN J 135 7.33 35.90 -48.35
N LYS J 136 8.30 35.05 -48.69
CA LYS J 136 9.23 34.51 -47.72
C LYS J 136 10.67 34.66 -48.21
N ALA J 137 11.60 34.83 -47.26
CA ALA J 137 13.00 35.02 -47.60
C ALA J 137 13.92 34.18 -46.71
N THR J 138 14.92 33.56 -47.33
CA THR J 138 15.84 32.70 -46.60
C THR J 138 17.27 33.21 -46.72
N LEU J 139 17.98 33.23 -45.59
CA LEU J 139 19.39 33.59 -45.58
C LEU J 139 20.24 32.33 -45.68
N VAL J 140 21.33 32.41 -46.45
CA VAL J 140 22.22 31.26 -46.59
C VAL J 140 23.52 31.51 -45.83
N CYS J 141 24.02 30.47 -45.18
CA CYS J 141 25.24 30.56 -44.39
C CYS J 141 26.25 29.52 -44.83
N LEU J 142 27.45 29.97 -45.20
CA LEU J 142 28.46 29.08 -45.75
C LEU J 142 29.70 28.98 -44.86
N ALA J 143 29.99 27.76 -44.42
CA ALA J 143 31.22 27.49 -43.67
C ALA J 143 32.19 26.77 -44.60
N THR J 144 33.38 27.34 -44.77
CA THR J 144 34.31 26.82 -45.77
C THR J 144 35.71 26.55 -45.24
N GLY J 145 36.34 25.50 -45.78
CA GLY J 145 37.74 25.21 -45.53
C GLY J 145 38.15 24.92 -44.10
N PHE J 146 37.41 24.04 -43.44
CA PHE J 146 37.77 23.63 -42.09
C PHE J 146 38.12 22.15 -42.06
N TYR J 147 38.84 21.73 -41.03
CA TYR J 147 39.24 20.33 -40.88
C TYR J 147 39.76 20.05 -39.47
N PRO J 148 39.35 18.92 -38.89
CA PRO J 148 38.37 18.01 -39.49
C PRO J 148 36.93 18.44 -39.20
N ASP J 149 36.00 17.50 -39.33
CA ASP J 149 34.58 17.79 -39.14
C ASP J 149 34.18 17.95 -37.68
N HIS J 150 34.67 19.02 -37.04
CA HIS J 150 34.33 19.32 -35.66
C HIS J 150 33.66 20.69 -35.53
N VAL J 151 32.60 20.90 -36.30
CA VAL J 151 31.89 22.18 -36.25
C VAL J 151 30.44 22.03 -35.82
N GLU J 152 29.87 23.13 -35.32
CA GLU J 152 28.47 23.18 -34.91
C GLU J 152 27.89 24.56 -35.23
N LEU J 153 26.93 24.60 -36.14
CA LEU J 153 26.37 25.86 -36.63
C LEU J 153 25.03 26.19 -35.98
N SER J 154 24.80 27.47 -35.75
CA SER J 154 23.55 27.94 -35.16
C SER J 154 23.30 29.40 -35.50
N TRP J 155 22.05 29.84 -35.39
CA TRP J 155 21.68 31.21 -35.70
C TRP J 155 21.30 31.98 -34.43
N TRP J 156 21.63 33.27 -34.41
CA TRP J 156 21.35 34.11 -33.25
C TRP J 156 20.65 35.41 -33.64
N VAL J 157 19.33 35.41 -33.59
CA VAL J 157 18.54 36.58 -33.93
C VAL J 157 18.51 37.60 -32.78
N ASN J 158 19.19 38.72 -32.98
CA ASN J 158 19.28 39.76 -31.96
C ASN J 158 19.81 39.24 -30.63
N GLY J 159 20.84 38.39 -30.70
CA GLY J 159 21.49 37.87 -29.51
C GLY J 159 20.75 36.72 -28.87
N LYS J 160 19.77 36.17 -29.56
CA LYS J 160 18.96 35.07 -29.04
C LYS J 160 18.88 33.91 -30.02
N GLU J 161 19.58 32.83 -29.70
CA GLU J 161 19.62 31.65 -30.57
C GLU J 161 18.23 31.17 -30.94
N VAL J 162 18.07 30.74 -32.18
CA VAL J 162 16.80 30.25 -32.69
C VAL J 162 16.98 29.07 -33.63
N HIS J 163 16.13 28.05 -33.49
CA HIS J 163 16.18 26.89 -34.36
C HIS J 163 14.87 26.65 -35.07
N SER J 164 13.98 27.65 -35.02
CA SER J 164 12.69 27.57 -35.68
C SER J 164 12.80 27.96 -37.16
N GLY J 165 12.58 26.98 -38.04
CA GLY J 165 12.68 27.21 -39.46
C GLY J 165 14.12 27.22 -39.95
N VAL J 166 14.95 26.40 -39.32
CA VAL J 166 16.35 26.32 -39.67
C VAL J 166 16.73 24.90 -40.05
N CYS J 167 17.56 24.75 -41.08
CA CYS J 167 18.10 23.45 -41.44
C CYS J 167 19.55 23.53 -41.89
N THR J 168 20.43 22.92 -41.12
CA THR J 168 21.84 22.85 -41.47
C THR J 168 22.10 21.53 -42.18
N ASP J 169 22.95 21.55 -43.20
CA ASP J 169 23.30 20.34 -43.94
C ASP J 169 23.63 19.19 -43.00
N PRO J 170 23.21 17.97 -43.36
CA PRO J 170 23.48 16.78 -42.54
C PRO J 170 24.95 16.41 -42.62
N GLN J 171 25.47 16.33 -43.84
CA GLN J 171 26.89 16.02 -44.06
C GLN J 171 27.54 17.15 -44.85
N PRO J 172 28.76 17.54 -44.43
CA PRO J 172 29.54 18.57 -45.13
C PRO J 172 30.13 18.01 -46.41
N LEU J 173 30.44 18.88 -47.36
CA LEU J 173 31.05 18.45 -48.61
C LEU J 173 32.55 18.74 -48.62
N LYS J 174 33.27 18.08 -49.52
CA LYS J 174 34.73 18.18 -49.56
C LYS J 174 35.19 18.96 -50.79
N GLU J 175 36.02 19.96 -50.56
CA GLU J 175 36.57 20.76 -51.65
C GLU J 175 37.51 19.92 -52.50
N GLN J 176 38.18 18.97 -51.86
CA GLN J 176 39.09 18.07 -52.54
C GLN J 176 38.64 16.63 -52.29
N PRO J 177 37.46 16.26 -52.83
CA PRO J 177 36.82 14.98 -52.53
C PRO J 177 37.63 13.76 -52.98
N ALA J 178 38.81 14.00 -53.54
CA ALA J 178 39.65 12.91 -54.03
C ALA J 178 40.94 12.78 -53.22
N LEU J 179 41.01 13.49 -52.10
CA LEU J 179 42.22 13.49 -51.27
C LEU J 179 42.01 12.77 -49.94
N ASN J 180 40.75 12.73 -49.48
CA ASN J 180 40.41 12.10 -48.21
C ASN J 180 40.99 12.84 -47.00
N ASP J 181 41.93 13.74 -47.25
CA ASP J 181 42.41 14.66 -46.23
C ASP J 181 41.86 16.03 -46.56
N SER J 182 40.86 16.04 -47.45
CA SER J 182 40.25 17.27 -47.94
C SER J 182 39.69 18.14 -46.82
N ARG J 183 39.65 19.44 -47.06
CA ARG J 183 39.05 20.38 -46.11
C ARG J 183 37.56 20.53 -46.40
N TYR J 184 36.74 20.38 -45.37
CA TYR J 184 35.29 20.34 -45.53
C TYR J 184 34.65 21.71 -45.61
N ALA J 185 33.40 21.73 -46.08
CA ALA J 185 32.60 22.96 -46.17
C ALA J 185 31.12 22.61 -45.99
N LEU J 186 30.45 23.34 -45.10
CA LEU J 186 29.04 23.08 -44.80
C LEU J 186 28.19 24.36 -44.81
N SER J 187 26.93 24.23 -45.19
CA SER J 187 26.04 25.38 -45.31
C SER J 187 24.72 25.20 -44.56
N SER J 188 24.09 26.31 -44.21
CA SER J 188 22.81 26.29 -43.48
C SER J 188 21.91 27.44 -43.94
N ARG J 189 20.60 27.27 -43.77
CA ARG J 189 19.64 28.30 -44.17
C ARG J 189 18.64 28.63 -43.06
N LEU J 190 18.19 29.88 -43.05
CA LEU J 190 17.19 30.34 -42.09
C LEU J 190 16.08 31.09 -42.81
N ARG J 191 14.95 30.44 -43.01
CA ARG J 191 13.81 31.06 -43.69
C ARG J 191 12.95 31.85 -42.72
N VAL J 192 12.81 33.14 -42.99
CA VAL J 192 12.04 34.03 -42.11
C VAL J 192 11.02 34.81 -42.93
N SER J 193 9.94 35.23 -42.28
CA SER J 193 8.93 36.06 -42.91
C SER J 193 9.57 37.32 -43.50
N ALA J 194 9.30 37.58 -44.78
CA ALA J 194 9.90 38.71 -45.48
C ALA J 194 9.78 40.01 -44.70
N THR J 195 8.63 40.20 -44.05
CA THR J 195 8.38 41.41 -43.28
C THR J 195 9.37 41.58 -42.13
N PHE J 196 9.82 40.46 -41.57
CA PHE J 196 10.77 40.48 -40.46
C PHE J 196 12.18 40.79 -40.95
N TRP J 197 12.43 40.50 -42.23
CA TRP J 197 13.73 40.76 -42.83
C TRP J 197 13.85 42.21 -43.29
N GLN J 198 12.72 42.81 -43.65
CA GLN J 198 12.69 44.19 -44.12
C GLN J 198 12.59 45.18 -42.96
N ASN J 199 13.48 45.05 -42.00
CA ASN J 199 13.51 45.93 -40.83
C ASN J 199 14.89 45.96 -40.18
N PRO J 200 15.54 47.14 -40.23
CA PRO J 200 16.90 47.32 -39.71
C PRO J 200 17.00 47.04 -38.21
N ARG J 201 15.87 46.99 -37.53
CA ARG J 201 15.86 46.73 -36.09
C ARG J 201 15.91 45.22 -35.80
N ASN J 202 16.61 44.48 -36.65
CA ASN J 202 16.78 43.05 -36.47
C ASN J 202 18.20 42.61 -36.81
N HIS J 203 18.78 41.76 -35.97
CA HIS J 203 20.14 41.30 -36.16
C HIS J 203 20.18 39.80 -36.46
N PHE J 204 20.86 39.43 -37.54
CA PHE J 204 21.03 38.03 -37.91
C PHE J 204 22.49 37.62 -37.82
N ARG J 205 22.78 36.55 -37.09
CA ARG J 205 24.14 36.10 -36.90
C ARG J 205 24.27 34.59 -37.04
N CYS J 206 25.28 34.15 -37.77
CA CYS J 206 25.53 32.72 -37.97
C CYS J 206 26.86 32.31 -37.36
N GLN J 207 26.80 31.61 -36.22
CA GLN J 207 28.02 31.19 -35.54
C GLN J 207 28.39 29.75 -35.87
N VAL J 208 29.70 29.48 -35.89
CA VAL J 208 30.20 28.13 -36.11
C VAL J 208 31.20 27.78 -35.02
N GLN J 209 30.79 26.90 -34.11
CA GLN J 209 31.67 26.49 -33.02
C GLN J 209 32.61 25.38 -33.47
N PHE J 210 33.84 25.75 -33.77
CA PHE J 210 34.85 24.77 -34.16
C PHE J 210 35.56 24.21 -32.93
N TYR J 211 35.80 22.90 -32.93
CA TYR J 211 36.56 22.26 -31.86
C TYR J 211 37.89 21.77 -32.40
N GLY J 212 38.88 22.67 -32.41
CA GLY J 212 40.19 22.35 -32.95
C GLY J 212 41.18 21.90 -31.89
N LEU J 213 42.42 22.35 -32.02
CA LEU J 213 43.47 21.98 -31.08
C LEU J 213 43.27 22.63 -29.71
N SER J 214 44.05 22.19 -28.74
CA SER J 214 43.99 22.75 -27.40
C SER J 214 45.18 23.67 -27.15
N GLU J 215 45.67 23.67 -25.91
CA GLU J 215 46.83 24.47 -25.56
C GLU J 215 48.00 23.56 -25.22
N ASN J 216 47.69 22.32 -24.83
CA ASN J 216 48.70 21.34 -24.49
C ASN J 216 49.22 20.60 -25.72
N ASP J 217 49.27 21.32 -26.84
CA ASP J 217 49.77 20.75 -28.09
C ASP J 217 50.58 21.79 -28.88
N GLU J 218 51.81 21.43 -29.23
CA GLU J 218 52.72 22.35 -29.90
C GLU J 218 52.30 22.64 -31.35
N TRP J 219 52.19 23.92 -31.68
CA TRP J 219 51.87 24.35 -33.03
C TRP J 219 53.11 24.95 -33.69
N THR J 220 53.62 24.26 -34.72
CA THR J 220 54.90 24.64 -35.33
C THR J 220 54.76 25.56 -36.54
N GLN J 221 53.71 25.37 -37.33
CA GLN J 221 53.48 26.18 -38.52
C GLN J 221 53.51 27.67 -38.17
N ASP J 222 53.57 28.52 -39.20
CA ASP J 222 53.70 29.96 -38.99
C ASP J 222 52.35 30.68 -39.05
N ARG J 223 51.27 29.92 -39.21
CA ARG J 223 49.93 30.49 -39.21
C ARG J 223 49.54 30.91 -37.81
N ALA J 224 48.25 30.82 -37.51
CA ALA J 224 47.74 31.07 -36.18
C ALA J 224 47.13 29.78 -35.63
N LYS J 225 47.71 29.27 -34.54
CA LYS J 225 47.26 28.01 -33.96
C LYS J 225 45.75 27.91 -33.98
N PRO J 226 45.21 26.92 -34.71
CA PRO J 226 43.77 26.67 -34.88
C PRO J 226 42.99 26.82 -33.59
N VAL J 227 42.85 25.73 -32.84
CA VAL J 227 42.24 25.77 -31.51
C VAL J 227 40.74 26.07 -31.54
N THR J 228 40.00 25.38 -30.68
CA THR J 228 38.58 25.60 -30.51
C THR J 228 38.27 27.11 -30.48
N GLN J 229 37.26 27.51 -31.23
CA GLN J 229 36.90 28.93 -31.33
C GLN J 229 35.53 29.11 -31.96
N ILE J 230 35.03 30.34 -31.95
CA ILE J 230 33.75 30.67 -32.58
C ILE J 230 33.91 31.73 -33.66
N VAL J 231 33.69 31.34 -34.90
CA VAL J 231 33.68 32.28 -36.01
C VAL J 231 32.25 32.54 -36.47
N SER J 232 31.91 33.81 -36.68
CA SER J 232 30.52 34.16 -36.95
C SER J 232 30.38 35.37 -37.87
N ALA J 233 29.68 35.17 -39.00
CA ALA J 233 29.34 36.26 -39.90
C ALA J 233 27.94 36.78 -39.58
N GLU J 234 27.73 38.07 -39.81
CA GLU J 234 26.46 38.68 -39.44
C GLU J 234 25.80 39.42 -40.61
N ALA J 235 24.55 39.84 -40.40
CA ALA J 235 23.79 40.57 -41.41
C ALA J 235 22.56 41.22 -40.78
N TRP J 236 22.38 42.52 -41.02
CA TRP J 236 21.27 43.25 -40.45
C TRP J 236 20.06 43.28 -41.39
N GLY J 237 18.90 43.61 -40.84
CA GLY J 237 17.68 43.71 -41.63
C GLY J 237 17.80 44.79 -42.69
N ARG J 238 17.63 44.39 -43.94
CA ARG J 238 17.77 45.31 -45.06
C ARG J 238 16.43 45.76 -45.60
N ALA J 239 15.93 46.89 -45.10
CA ALA J 239 14.68 47.46 -45.58
C ALA J 239 14.82 47.82 -47.05
N ASP J 240 15.56 48.89 -47.32
CA ASP J 240 15.86 49.33 -48.68
C ASP J 240 14.72 49.02 -49.65
N PRO K 1 0.87 -35.01 7.94
CA PRO K 1 -0.05 -35.28 6.83
C PRO K 1 -1.50 -35.13 7.24
N HIS K 2 -1.84 -35.56 8.46
CA HIS K 2 -3.20 -35.48 8.96
C HIS K 2 -3.67 -34.03 9.03
N SER K 3 -4.96 -33.82 8.79
CA SER K 3 -5.52 -32.47 8.75
C SER K 3 -7.05 -32.45 8.75
N MET K 4 -7.63 -31.66 9.65
CA MET K 4 -9.07 -31.50 9.72
C MET K 4 -9.51 -30.19 9.07
N ARG K 5 -10.71 -30.19 8.49
CA ARG K 5 -11.22 -29.00 7.80
C ARG K 5 -12.74 -28.86 7.93
N TYR K 6 -13.23 -27.65 7.73
CA TYR K 6 -14.65 -27.37 7.79
C TYR K 6 -15.09 -26.48 6.64
N PHE K 7 -15.92 -27.02 5.76
CA PHE K 7 -16.45 -26.27 4.64
C PHE K 7 -17.86 -25.78 4.96
N GLU K 8 -18.04 -24.47 5.03
CA GLU K 8 -19.34 -23.90 5.34
C GLU K 8 -19.92 -23.14 4.16
N THR K 9 -21.22 -23.30 3.93
CA THR K 9 -21.88 -22.63 2.82
C THR K 9 -23.17 -21.95 3.25
N ALA K 10 -23.44 -20.78 2.69
CA ALA K 10 -24.68 -20.07 2.96
C ALA K 10 -25.24 -19.52 1.66
N VAL K 11 -26.43 -19.98 1.30
CA VAL K 11 -27.06 -19.58 0.04
C VAL K 11 -28.35 -18.82 0.29
N SER K 12 -28.32 -17.51 0.02
CA SER K 12 -29.53 -16.71 0.10
C SER K 12 -30.47 -17.10 -1.04
N ARG K 13 -31.76 -16.94 -0.84
CA ARG K 13 -32.74 -17.37 -1.83
C ARG K 13 -33.83 -16.33 -2.05
N PRO K 14 -34.41 -16.31 -3.27
CA PRO K 14 -35.46 -15.36 -3.67
C PRO K 14 -36.67 -15.36 -2.74
N GLY K 15 -37.03 -14.17 -2.24
CA GLY K 15 -38.17 -14.01 -1.36
C GLY K 15 -38.33 -15.14 -0.37
N LEU K 16 -37.27 -15.41 0.40
CA LEU K 16 -37.27 -16.52 1.35
C LEU K 16 -36.75 -16.09 2.72
N GLU K 17 -36.54 -14.78 2.89
CA GLU K 17 -36.10 -14.21 4.17
C GLU K 17 -34.81 -14.83 4.68
N GLU K 18 -34.91 -16.03 5.24
CA GLU K 18 -33.73 -16.75 5.73
C GLU K 18 -33.20 -17.75 4.71
N PRO K 19 -31.87 -17.78 4.54
CA PRO K 19 -31.18 -18.68 3.61
C PRO K 19 -30.80 -19.99 4.27
N ARG K 20 -30.39 -20.97 3.47
CA ARG K 20 -29.94 -22.26 4.00
C ARG K 20 -28.45 -22.24 4.28
N TYR K 21 -28.03 -23.00 5.30
CA TYR K 21 -26.64 -23.02 5.73
C TYR K 21 -26.11 -24.43 5.84
N ILE K 22 -25.43 -24.88 4.79
CA ILE K 22 -24.82 -26.21 4.77
C ILE K 22 -23.42 -26.15 5.34
N SER K 23 -23.16 -26.92 6.39
CA SER K 23 -21.83 -26.97 6.99
C SER K 23 -21.35 -28.41 7.01
N VAL K 24 -20.11 -28.63 6.58
CA VAL K 24 -19.53 -29.96 6.53
C VAL K 24 -18.11 -29.97 7.08
N GLY K 25 -17.74 -31.07 7.73
CA GLY K 25 -16.42 -31.20 8.29
C GLY K 25 -15.67 -32.41 7.74
N TYR K 26 -14.39 -32.21 7.42
CA TYR K 26 -13.56 -33.27 6.88
C TYR K 26 -12.36 -33.56 7.79
N VAL K 27 -11.99 -34.84 7.88
CA VAL K 27 -10.76 -35.23 8.56
C VAL K 27 -9.96 -36.14 7.64
N ASP K 28 -8.70 -35.80 7.42
CA ASP K 28 -7.87 -36.52 6.45
C ASP K 28 -8.57 -36.59 5.11
N ASN K 29 -9.29 -35.52 4.77
CA ASN K 29 -10.02 -35.44 3.51
C ASN K 29 -11.19 -36.40 3.40
N LYS K 30 -11.94 -36.55 4.49
CA LYS K 30 -13.15 -37.36 4.47
C LYS K 30 -14.21 -36.80 5.41
N GLU K 31 -15.42 -36.62 4.89
CA GLU K 31 -16.53 -36.10 5.67
C GLU K 31 -16.84 -36.97 6.88
N PHE K 32 -17.15 -36.33 8.01
CA PHE K 32 -17.53 -37.06 9.21
C PHE K 32 -18.72 -36.41 9.92
N VAL K 33 -18.95 -35.13 9.63
CA VAL K 33 -20.12 -34.42 10.17
C VAL K 33 -20.69 -33.47 9.14
N ARG K 34 -22.01 -33.27 9.19
CA ARG K 34 -22.68 -32.40 8.24
C ARG K 34 -23.94 -31.76 8.83
N PHE K 35 -24.00 -30.43 8.77
CA PHE K 35 -25.17 -29.69 9.18
C PHE K 35 -25.91 -29.17 7.96
N ASP K 36 -27.23 -29.15 8.04
CA ASP K 36 -28.04 -28.60 6.96
C ASP K 36 -29.32 -27.98 7.52
N SER K 37 -29.44 -26.66 7.39
CA SER K 37 -30.57 -25.94 7.98
C SER K 37 -31.87 -26.19 7.23
N ASP K 38 -31.85 -27.15 6.30
CA ASP K 38 -33.04 -27.48 5.54
C ASP K 38 -33.59 -28.86 5.91
N ALA K 39 -32.85 -29.56 6.76
CA ALA K 39 -33.30 -30.87 7.24
C ALA K 39 -34.56 -30.73 8.09
N GLU K 40 -35.22 -31.85 8.37
CA GLU K 40 -36.40 -31.86 9.21
C GLU K 40 -36.07 -31.19 10.55
N ASN K 41 -35.20 -31.83 11.31
CA ASN K 41 -34.67 -31.24 12.53
C ASN K 41 -33.21 -30.87 12.34
N PRO K 42 -32.95 -29.57 12.09
CA PRO K 42 -31.60 -29.05 11.88
C PRO K 42 -30.65 -29.49 12.99
N ARG K 43 -29.90 -30.56 12.75
CA ARG K 43 -29.05 -31.15 13.77
C ARG K 43 -27.73 -31.60 13.19
N TYR K 44 -26.63 -31.23 13.84
CA TYR K 44 -25.31 -31.71 13.44
C TYR K 44 -25.26 -33.22 13.59
N GLU K 45 -25.12 -33.92 12.47
CA GLU K 45 -25.16 -35.38 12.46
C GLU K 45 -23.82 -35.98 12.08
N PRO K 46 -23.63 -37.28 12.37
CA PRO K 46 -22.40 -37.98 12.02
C PRO K 46 -22.45 -38.60 10.63
N ARG K 47 -21.33 -38.57 9.91
CA ARG K 47 -21.25 -39.11 8.56
C ARG K 47 -20.20 -40.23 8.51
N ALA K 48 -19.87 -40.77 9.68
CA ALA K 48 -18.87 -41.83 9.78
C ALA K 48 -19.11 -42.69 11.02
N PRO K 49 -18.56 -43.91 11.04
CA PRO K 49 -18.75 -44.83 12.16
C PRO K 49 -18.01 -44.37 13.41
N TRP K 50 -16.77 -43.93 13.24
CA TRP K 50 -15.95 -43.51 14.38
C TRP K 50 -16.47 -42.24 15.05
N MET K 51 -17.51 -41.65 14.47
CA MET K 51 -18.08 -40.42 14.99
C MET K 51 -19.32 -40.65 15.83
N GLU K 52 -20.04 -41.74 15.55
CA GLU K 52 -21.22 -42.08 16.34
C GLU K 52 -20.81 -42.62 17.71
N GLN K 53 -19.61 -42.22 18.14
CA GLN K 53 -19.14 -42.50 19.49
C GLN K 53 -19.57 -41.38 20.43
N GLU K 54 -19.22 -40.16 20.06
CA GLU K 54 -19.50 -38.98 20.88
C GLU K 54 -20.93 -38.97 21.41
N GLY K 55 -21.09 -38.46 22.62
CA GLY K 55 -22.39 -38.48 23.30
C GLY K 55 -23.26 -37.28 23.02
N PRO K 56 -24.50 -37.31 23.53
CA PRO K 56 -25.51 -36.25 23.35
C PRO K 56 -25.01 -34.86 23.76
N GLU K 57 -23.92 -34.81 24.51
CA GLU K 57 -23.32 -33.55 24.89
C GLU K 57 -22.70 -32.90 23.65
N TYR K 58 -21.66 -33.53 23.13
CA TYR K 58 -20.98 -33.09 21.91
C TYR K 58 -21.96 -32.60 20.85
N TRP K 59 -22.85 -33.48 20.42
CA TRP K 59 -23.82 -33.14 19.38
C TRP K 59 -24.58 -31.87 19.69
N GLU K 60 -25.10 -31.77 20.92
CA GLU K 60 -25.91 -30.63 21.32
C GLU K 60 -25.13 -29.32 21.20
N ARG K 61 -23.92 -29.31 21.75
CA ARG K 61 -23.08 -28.12 21.73
C ARG K 61 -22.74 -27.67 20.31
N GLU K 62 -22.21 -28.60 19.51
CA GLU K 62 -21.85 -28.30 18.13
C GLU K 62 -23.04 -27.76 17.34
N THR K 63 -24.22 -28.27 17.64
CA THR K 63 -25.44 -27.82 16.96
C THR K 63 -25.79 -26.41 17.38
N GLN K 64 -25.59 -26.09 18.66
CA GLN K 64 -25.82 -24.75 19.17
C GLN K 64 -24.89 -23.75 18.49
N LYS K 65 -23.74 -24.24 18.05
CA LYS K 65 -22.78 -23.39 17.36
C LYS K 65 -23.24 -23.13 15.94
N ALA K 66 -23.73 -24.18 15.28
CA ALA K 66 -24.23 -24.06 13.92
C ALA K 66 -25.39 -23.08 13.84
N LYS K 67 -26.18 -23.01 14.91
CA LYS K 67 -27.26 -22.04 15.00
C LYS K 67 -26.67 -20.64 14.98
N GLY K 68 -25.51 -20.49 15.60
CA GLY K 68 -24.81 -19.22 15.62
C GLY K 68 -24.27 -18.85 14.25
N GLN K 69 -23.49 -19.75 13.68
CA GLN K 69 -22.93 -19.53 12.36
C GLN K 69 -24.00 -19.09 11.36
N GLU K 70 -25.14 -19.79 11.37
CA GLU K 70 -26.22 -19.47 10.46
C GLU K 70 -26.58 -17.99 10.54
N GLN K 71 -26.71 -17.47 11.76
CA GLN K 71 -27.05 -16.07 11.96
C GLN K 71 -25.91 -15.16 11.49
N TRP K 72 -24.70 -15.52 11.86
CA TRP K 72 -23.50 -14.79 11.42
C TRP K 72 -23.53 -14.63 9.91
N PHE K 73 -23.61 -15.77 9.20
CA PHE K 73 -23.68 -15.74 7.75
C PHE K 73 -24.87 -14.94 7.26
N ARG K 74 -25.95 -14.92 8.04
CA ARG K 74 -27.15 -14.19 7.64
C ARG K 74 -26.89 -12.68 7.68
N VAL K 75 -26.30 -12.22 8.77
CA VAL K 75 -25.97 -10.80 8.92
C VAL K 75 -24.91 -10.41 7.90
N SER K 76 -23.99 -11.32 7.62
CA SER K 76 -22.90 -11.08 6.68
C SER K 76 -23.44 -10.82 5.27
N LEU K 77 -24.27 -11.74 4.77
CA LEU K 77 -24.87 -11.57 3.46
C LEU K 77 -25.55 -10.21 3.32
N ARG K 78 -26.22 -9.78 4.37
CA ARG K 78 -26.87 -8.47 4.36
C ARG K 78 -25.84 -7.38 4.14
N ASN K 79 -24.77 -7.41 4.93
CA ASN K 79 -23.69 -6.44 4.80
C ASN K 79 -23.06 -6.49 3.42
N LEU K 80 -22.82 -7.71 2.93
CA LEU K 80 -22.19 -7.89 1.63
C LEU K 80 -23.03 -7.29 0.51
N LEU K 81 -24.34 -7.19 0.74
CA LEU K 81 -25.23 -6.61 -0.26
C LEU K 81 -24.94 -5.12 -0.43
N GLY K 82 -24.48 -4.49 0.64
CA GLY K 82 -24.15 -3.07 0.60
C GLY K 82 -22.85 -2.80 -0.13
N TYR K 83 -21.78 -3.44 0.32
CA TYR K 83 -20.46 -3.29 -0.28
C TYR K 83 -20.54 -3.35 -1.80
N TYR K 84 -21.44 -4.20 -2.31
CA TYR K 84 -21.53 -4.44 -3.75
C TYR K 84 -22.79 -3.85 -4.36
N ASN K 85 -23.57 -3.13 -3.55
CA ASN K 85 -24.82 -2.53 -4.00
C ASN K 85 -25.72 -3.50 -4.76
N GLN K 86 -25.77 -4.74 -4.29
CA GLN K 86 -26.66 -5.74 -4.86
C GLN K 86 -28.06 -5.55 -4.29
N SER K 87 -29.07 -5.57 -5.16
CA SER K 87 -30.45 -5.40 -4.71
C SER K 87 -30.82 -6.49 -3.72
N ALA K 88 -31.83 -6.22 -2.90
CA ALA K 88 -32.25 -7.17 -1.88
C ALA K 88 -33.02 -8.34 -2.46
N GLY K 89 -33.11 -9.43 -1.70
CA GLY K 89 -33.89 -10.60 -2.10
C GLY K 89 -33.47 -11.22 -3.41
N GLY K 90 -32.27 -11.78 -3.44
CA GLY K 90 -31.76 -12.45 -4.63
C GLY K 90 -31.02 -13.72 -4.28
N SER K 91 -30.16 -14.17 -5.20
CA SER K 91 -29.39 -15.38 -4.98
C SER K 91 -27.89 -15.11 -4.98
N HIS K 92 -27.30 -15.11 -3.79
CA HIS K 92 -25.87 -14.90 -3.63
C HIS K 92 -25.28 -15.97 -2.70
N THR K 93 -23.97 -16.21 -2.82
CA THR K 93 -23.34 -17.28 -2.05
C THR K 93 -22.15 -16.83 -1.22
N LEU K 94 -22.15 -17.17 0.07
CA LEU K 94 -21.07 -16.81 0.98
C LEU K 94 -20.46 -18.05 1.62
N GLN K 95 -19.24 -18.38 1.22
CA GLN K 95 -18.59 -19.61 1.67
C GLN K 95 -17.40 -19.36 2.58
N GLN K 96 -16.94 -20.41 3.24
CA GLN K 96 -15.84 -20.31 4.18
C GLN K 96 -15.15 -21.65 4.38
N MET K 97 -13.83 -21.66 4.25
CA MET K 97 -13.02 -22.83 4.56
C MET K 97 -12.22 -22.56 5.83
N SER K 98 -12.22 -23.52 6.74
CA SER K 98 -11.51 -23.36 8.01
C SER K 98 -11.06 -24.71 8.58
N GLY K 99 -9.76 -24.81 8.86
CA GLY K 99 -9.21 -26.05 9.39
C GLY K 99 -7.77 -25.88 9.83
N CYS K 100 -7.13 -26.99 10.16
CA CYS K 100 -5.75 -26.98 10.62
C CYS K 100 -4.98 -28.19 10.12
N ASP K 101 -3.71 -28.00 9.79
CA ASP K 101 -2.86 -29.08 9.32
C ASP K 101 -1.96 -29.60 10.43
N LEU K 102 -1.73 -30.92 10.43
CA LEU K 102 -0.81 -31.54 11.38
C LEU K 102 0.14 -32.49 10.68
N GLY K 103 1.41 -32.43 11.06
CA GLY K 103 2.41 -33.33 10.52
C GLY K 103 2.64 -34.51 11.45
N SER K 104 3.81 -35.13 11.32
CA SER K 104 4.17 -36.24 12.21
C SER K 104 4.05 -35.80 13.66
N ASP K 105 4.65 -34.66 13.96
CA ASP K 105 4.56 -34.05 15.28
C ASP K 105 3.12 -33.70 15.62
N TRP K 106 2.84 -33.53 16.91
CA TRP K 106 1.50 -33.19 17.38
C TRP K 106 1.31 -31.68 17.51
N ARG K 107 2.26 -30.92 16.97
CA ARG K 107 2.21 -29.47 17.03
C ARG K 107 1.67 -28.89 15.73
N LEU K 108 0.83 -27.86 15.84
CA LEU K 108 0.21 -27.24 14.67
C LEU K 108 1.23 -26.95 13.56
N LEU K 109 0.83 -27.26 12.33
CA LEU K 109 1.68 -27.04 11.17
C LEU K 109 1.25 -25.76 10.44
N ARG K 110 0.00 -25.73 10.00
CA ARG K 110 -0.56 -24.56 9.34
C ARG K 110 -2.05 -24.39 9.62
N GLY K 111 -2.42 -23.21 10.11
CA GLY K 111 -3.82 -22.87 10.31
C GLY K 111 -4.42 -22.32 9.02
N TYR K 112 -5.70 -22.59 8.80
CA TYR K 112 -6.35 -22.15 7.57
C TYR K 112 -7.70 -21.47 7.83
N LEU K 113 -7.87 -20.29 7.25
CA LEU K 113 -9.12 -19.54 7.35
C LEU K 113 -9.28 -18.61 6.16
N GLN K 114 -10.25 -18.91 5.30
CA GLN K 114 -10.47 -18.12 4.09
C GLN K 114 -11.94 -18.10 3.67
N PHE K 115 -12.44 -16.91 3.35
CA PHE K 115 -13.83 -16.73 2.93
C PHE K 115 -13.90 -16.49 1.42
N ALA K 116 -15.09 -16.73 0.86
CA ALA K 116 -15.33 -16.48 -0.56
C ALA K 116 -16.74 -15.96 -0.78
N TYR K 117 -16.89 -15.05 -1.74
CA TYR K 117 -18.20 -14.51 -2.07
C TYR K 117 -18.43 -14.59 -3.58
N GLU K 118 -19.60 -15.09 -3.95
CA GLU K 118 -19.95 -15.24 -5.36
C GLU K 118 -19.02 -16.22 -6.06
N GLY K 119 -18.33 -17.04 -5.27
CA GLY K 119 -17.45 -18.06 -5.81
C GLY K 119 -16.02 -17.59 -5.99
N ARG K 120 -15.78 -16.33 -5.69
CA ARG K 120 -14.43 -15.78 -5.77
C ARG K 120 -13.88 -15.59 -4.36
N ASP K 121 -12.57 -15.43 -4.26
CA ASP K 121 -11.95 -15.16 -2.96
C ASP K 121 -12.40 -13.80 -2.44
N TYR K 122 -12.60 -13.69 -1.14
CA TYR K 122 -13.00 -12.43 -0.53
C TYR K 122 -11.97 -11.91 0.45
N ILE K 123 -11.78 -12.64 1.55
CA ILE K 123 -10.77 -12.29 2.53
C ILE K 123 -10.21 -13.58 3.13
N ALA K 124 -8.97 -13.54 3.60
CA ALA K 124 -8.32 -14.72 4.13
C ALA K 124 -7.31 -14.40 5.22
N LEU K 125 -7.30 -15.22 6.27
CA LEU K 125 -6.33 -15.07 7.35
C LEU K 125 -4.99 -15.62 6.88
N ASN K 126 -3.94 -14.83 7.04
CA ASN K 126 -2.60 -15.24 6.61
C ASN K 126 -2.02 -16.34 7.48
N GLU K 127 -0.80 -16.77 7.13
CA GLU K 127 -0.14 -17.85 7.86
C GLU K 127 0.20 -17.43 9.28
N ASP K 128 0.63 -16.19 9.45
CA ASP K 128 1.04 -15.70 10.76
C ASP K 128 -0.14 -15.56 11.72
N LEU K 129 -1.35 -15.73 11.18
CA LEU K 129 -2.56 -15.70 12.00
C LEU K 129 -2.70 -14.36 12.73
N LYS K 130 -2.25 -13.28 12.10
CA LYS K 130 -2.34 -11.95 12.68
C LYS K 130 -2.80 -10.95 11.63
N THR K 131 -2.55 -11.28 10.37
CA THR K 131 -2.82 -10.36 9.27
C THR K 131 -3.77 -10.96 8.23
N TRP K 132 -4.49 -10.10 7.51
CA TRP K 132 -5.48 -10.54 6.54
C TRP K 132 -5.06 -10.22 5.11
N THR K 133 -5.72 -10.88 4.15
CA THR K 133 -5.48 -10.63 2.74
C THR K 133 -6.78 -10.28 2.02
N ALA K 134 -6.91 -9.00 1.64
CA ALA K 134 -8.14 -8.52 1.00
C ALA K 134 -8.17 -8.81 -0.49
N ALA K 135 -8.91 -9.85 -0.87
CA ALA K 135 -9.00 -10.27 -2.26
C ALA K 135 -9.47 -9.16 -3.20
N ASP K 136 -10.18 -8.17 -2.65
CA ASP K 136 -10.65 -7.06 -3.47
C ASP K 136 -10.96 -5.85 -2.60
N MET K 137 -11.29 -4.74 -3.26
CA MET K 137 -11.50 -3.47 -2.55
C MET K 137 -12.53 -3.57 -1.44
N ALA K 138 -13.65 -4.24 -1.73
CA ALA K 138 -14.72 -4.41 -0.76
C ALA K 138 -14.21 -5.07 0.52
N ALA K 139 -13.41 -6.13 0.36
CA ALA K 139 -12.88 -6.88 1.49
C ALA K 139 -11.99 -6.03 2.38
N GLN K 140 -11.47 -4.93 1.82
CA GLN K 140 -10.64 -4.02 2.58
C GLN K 140 -11.45 -3.38 3.71
N ILE K 141 -12.76 -3.25 3.46
CA ILE K 141 -13.69 -2.79 4.49
C ILE K 141 -13.76 -3.81 5.62
N THR K 142 -13.97 -5.07 5.25
CA THR K 142 -14.07 -6.14 6.22
C THR K 142 -12.77 -6.27 7.00
N ARG K 143 -11.64 -6.20 6.30
CA ARG K 143 -10.34 -6.32 6.94
C ARG K 143 -10.15 -5.30 8.05
N ARG K 144 -10.38 -4.02 7.75
CA ARG K 144 -10.20 -2.97 8.75
C ARG K 144 -11.07 -3.20 9.97
N LYS K 145 -12.29 -3.66 9.75
CA LYS K 145 -13.20 -3.97 10.86
C LYS K 145 -12.60 -5.04 11.77
N TRP K 146 -12.07 -6.09 11.16
CA TRP K 146 -11.52 -7.21 11.91
C TRP K 146 -10.17 -6.89 12.51
N GLU K 147 -9.47 -5.92 11.92
CA GLU K 147 -8.23 -5.42 12.49
C GLU K 147 -8.54 -4.52 13.67
N GLN K 148 -9.52 -3.65 13.48
CA GLN K 148 -9.92 -2.71 14.51
C GLN K 148 -10.54 -3.43 15.71
N SER K 149 -11.22 -4.54 15.42
CA SER K 149 -11.90 -5.31 16.47
C SER K 149 -11.00 -6.39 17.05
N GLY K 150 -9.93 -6.73 16.34
CA GLY K 150 -8.99 -7.72 16.81
C GLY K 150 -9.57 -9.12 16.74
N ALA K 151 -10.24 -9.41 15.64
CA ALA K 151 -10.80 -10.74 15.41
C ALA K 151 -9.70 -11.75 15.17
N ALA K 152 -8.56 -11.26 14.69
CA ALA K 152 -7.42 -12.10 14.37
C ALA K 152 -7.09 -13.08 15.51
N GLU K 153 -6.95 -12.55 16.72
CA GLU K 153 -6.66 -13.38 17.88
C GLU K 153 -7.63 -14.56 17.95
N HIS K 154 -8.91 -14.23 17.99
CA HIS K 154 -9.98 -15.23 18.10
C HIS K 154 -9.68 -16.46 17.26
N TYR K 155 -9.71 -16.30 15.93
CA TYR K 155 -9.49 -17.41 15.02
C TYR K 155 -8.16 -18.11 15.30
N LYS K 156 -7.12 -17.33 15.52
CA LYS K 156 -5.81 -17.86 15.85
C LYS K 156 -5.90 -18.81 17.04
N ALA K 157 -6.58 -18.35 18.09
CA ALA K 157 -6.73 -19.14 19.31
C ALA K 157 -7.42 -20.47 19.04
N TYR K 158 -8.32 -20.48 18.06
CA TYR K 158 -9.02 -21.70 17.69
C TYR K 158 -8.16 -22.60 16.81
N LEU K 159 -7.40 -21.98 15.90
CA LEU K 159 -6.58 -22.74 14.96
C LEU K 159 -5.43 -23.46 15.65
N GLU K 160 -5.01 -22.96 16.80
CA GLU K 160 -3.88 -23.54 17.52
C GLU K 160 -4.34 -24.44 18.66
N GLY K 161 -5.32 -23.98 19.42
CA GLY K 161 -5.83 -24.73 20.56
C GLY K 161 -6.92 -25.72 20.21
N GLU K 162 -8.17 -25.26 20.28
CA GLU K 162 -9.34 -26.12 20.10
C GLU K 162 -9.25 -27.04 18.88
N CYS K 163 -8.91 -26.49 17.73
CA CYS K 163 -8.86 -27.26 16.48
C CYS K 163 -7.93 -28.46 16.57
N VAL K 164 -6.69 -28.22 16.96
CA VAL K 164 -5.70 -29.28 17.04
C VAL K 164 -6.05 -30.31 18.12
N GLU K 165 -6.46 -29.84 19.28
CA GLU K 165 -6.83 -30.72 20.39
C GLU K 165 -7.79 -31.82 19.93
N TRP K 166 -8.82 -31.44 19.19
CA TRP K 166 -9.82 -32.40 18.73
C TRP K 166 -9.31 -33.28 17.59
N LEU K 167 -8.43 -32.73 16.75
CA LEU K 167 -7.84 -33.50 15.67
C LEU K 167 -7.17 -34.75 16.22
N HIS K 168 -6.67 -34.65 17.44
CA HIS K 168 -6.12 -35.81 18.14
C HIS K 168 -7.23 -36.79 18.48
N ARG K 169 -8.23 -36.30 19.20
CA ARG K 169 -9.36 -37.12 19.64
C ARG K 169 -10.09 -37.76 18.47
N TYR K 170 -10.06 -37.11 17.32
CA TYR K 170 -10.71 -37.63 16.13
C TYR K 170 -9.84 -38.66 15.42
N LEU K 171 -8.55 -38.65 15.71
CA LEU K 171 -7.62 -39.61 15.13
C LEU K 171 -7.50 -40.87 15.99
N LYS K 172 -7.74 -40.73 17.29
CA LYS K 172 -7.78 -41.88 18.19
C LYS K 172 -8.92 -42.80 17.81
N ASN K 173 -9.93 -42.22 17.16
CA ASN K 173 -11.10 -42.98 16.72
C ASN K 173 -11.07 -43.22 15.22
N GLY K 174 -10.46 -42.29 14.50
CA GLY K 174 -10.42 -42.34 13.05
C GLY K 174 -9.55 -43.46 12.50
N ASN K 175 -8.37 -43.64 13.09
CA ASN K 175 -7.43 -44.66 12.63
C ASN K 175 -8.06 -46.06 12.58
N ALA K 176 -9.27 -46.18 13.11
CA ALA K 176 -9.99 -47.44 13.05
C ALA K 176 -10.49 -47.70 11.64
N THR K 177 -10.94 -46.65 10.96
CA THR K 177 -11.49 -46.78 9.62
C THR K 177 -10.66 -46.00 8.60
N LEU K 178 -9.79 -45.14 9.09
CA LEU K 178 -8.98 -44.28 8.22
C LEU K 178 -8.08 -45.07 7.26
N LEU K 179 -7.45 -46.12 7.77
CA LEU K 179 -6.58 -46.95 6.94
C LEU K 179 -7.28 -48.17 6.36
N ARG K 180 -8.61 -48.09 6.23
CA ARG K 180 -9.38 -49.14 5.59
C ARG K 180 -9.53 -48.85 4.10
N THR K 181 -8.52 -49.19 3.32
CA THR K 181 -8.52 -48.93 1.89
C THR K 181 -8.88 -50.17 1.09
N ASP K 182 -9.51 -49.96 -0.07
CA ASP K 182 -9.88 -51.05 -0.95
C ASP K 182 -9.16 -50.93 -2.29
N SER K 183 -8.53 -52.03 -2.71
CA SER K 183 -7.78 -52.05 -3.97
C SER K 183 -8.70 -52.15 -5.18
N PRO K 184 -8.31 -51.51 -6.30
CA PRO K 184 -9.11 -51.48 -7.53
C PRO K 184 -9.21 -52.82 -8.23
N LYS K 185 -9.96 -52.86 -9.31
CA LYS K 185 -10.15 -54.08 -10.10
C LYS K 185 -10.00 -53.76 -11.58
N ALA K 186 -8.77 -53.44 -11.97
CA ALA K 186 -8.50 -52.94 -13.33
C ALA K 186 -8.54 -54.02 -14.39
N HIS K 187 -8.52 -53.59 -15.65
CA HIS K 187 -8.52 -54.49 -16.80
C HIS K 187 -8.36 -53.69 -18.09
N VAL K 188 -8.72 -54.29 -19.22
CA VAL K 188 -8.65 -53.62 -20.51
C VAL K 188 -9.78 -54.08 -21.43
N THR K 189 -10.35 -53.15 -22.18
CA THR K 189 -11.43 -53.46 -23.10
C THR K 189 -11.05 -53.15 -24.55
N HIS K 190 -11.69 -53.84 -25.49
CA HIS K 190 -11.40 -53.67 -26.91
C HIS K 190 -12.47 -52.84 -27.61
N HIS K 191 -12.06 -51.98 -28.53
CA HIS K 191 -13.00 -51.12 -29.24
C HIS K 191 -12.56 -50.85 -30.68
N PRO K 192 -13.51 -50.94 -31.62
CA PRO K 192 -13.29 -50.72 -33.04
C PRO K 192 -13.76 -49.32 -33.49
N ARG K 193 -12.84 -48.53 -34.03
CA ARG K 193 -13.18 -47.20 -34.53
C ARG K 193 -12.24 -46.79 -35.65
N SER K 194 -12.78 -46.64 -36.85
CA SER K 194 -12.01 -46.27 -38.02
C SER K 194 -11.01 -47.36 -38.41
N LYS K 195 -11.18 -47.93 -39.60
CA LYS K 195 -10.31 -48.99 -40.09
C LYS K 195 -8.84 -48.57 -40.05
N GLY K 196 -8.01 -49.38 -39.38
CA GLY K 196 -6.60 -49.10 -39.25
C GLY K 196 -6.27 -48.46 -37.92
N GLU K 197 -7.30 -48.17 -37.13
CA GLU K 197 -7.14 -47.56 -35.81
C GLU K 197 -8.04 -48.24 -34.80
N VAL K 198 -7.52 -48.45 -33.58
CA VAL K 198 -8.32 -49.07 -32.52
C VAL K 198 -8.10 -48.37 -31.17
N THR K 199 -9.18 -48.19 -30.43
CA THR K 199 -9.13 -47.53 -29.13
C THR K 199 -9.25 -48.55 -28.01
N LEU K 200 -8.26 -48.57 -27.12
CA LEU K 200 -8.24 -49.51 -26.01
C LEU K 200 -7.99 -48.79 -24.69
N ARG K 201 -9.04 -48.68 -23.87
CA ARG K 201 -8.92 -48.00 -22.59
C ARG K 201 -8.95 -49.00 -21.42
N CYS K 202 -8.14 -48.75 -20.41
CA CYS K 202 -8.08 -49.64 -19.25
C CYS K 202 -8.90 -49.09 -18.08
N TRP K 203 -9.95 -49.81 -17.73
CA TRP K 203 -10.80 -49.44 -16.61
C TRP K 203 -10.16 -49.82 -15.28
N ALA K 204 -10.78 -49.39 -14.19
CA ALA K 204 -10.29 -49.68 -12.85
C ALA K 204 -11.35 -49.29 -11.82
N LEU K 205 -12.16 -50.27 -11.42
CA LEU K 205 -13.29 -50.01 -10.53
C LEU K 205 -12.99 -50.36 -9.07
N GLY K 206 -13.84 -49.86 -8.17
CA GLY K 206 -13.76 -50.17 -6.77
C GLY K 206 -12.42 -49.89 -6.12
N PHE K 207 -12.16 -48.61 -5.81
CA PHE K 207 -10.96 -48.24 -5.08
C PHE K 207 -11.19 -47.09 -4.11
N TYR K 208 -10.31 -46.98 -3.11
CA TYR K 208 -10.45 -46.01 -2.03
C TYR K 208 -9.12 -45.83 -1.34
N PRO K 209 -8.65 -44.58 -1.18
CA PRO K 209 -9.33 -43.35 -1.63
C PRO K 209 -9.23 -43.16 -3.15
N ALA K 210 -9.87 -42.10 -3.65
CA ALA K 210 -9.89 -41.82 -5.08
C ALA K 210 -8.51 -41.46 -5.61
N ASP K 211 -7.64 -40.96 -4.74
CA ASP K 211 -6.28 -40.62 -5.13
C ASP K 211 -5.59 -41.81 -5.78
N ILE K 212 -5.58 -41.83 -7.11
CA ILE K 212 -5.05 -42.96 -7.86
C ILE K 212 -4.18 -42.43 -9.01
N THR K 213 -3.74 -43.33 -9.88
CA THR K 213 -2.90 -42.96 -11.01
C THR K 213 -3.02 -43.97 -12.14
N LEU K 214 -2.84 -43.50 -13.38
CA LEU K 214 -2.89 -44.36 -14.56
C LEU K 214 -1.91 -43.88 -15.63
N THR K 215 -0.88 -44.68 -15.88
CA THR K 215 0.11 -44.34 -16.89
C THR K 215 0.23 -45.44 -17.94
N TRP K 216 0.38 -45.04 -19.20
CA TRP K 216 0.58 -45.99 -20.29
C TRP K 216 1.99 -45.85 -20.84
N GLN K 217 2.57 -46.96 -21.30
CA GLN K 217 3.94 -46.95 -21.79
C GLN K 217 4.11 -47.74 -23.09
N LEU K 218 4.91 -47.17 -24.00
CA LEU K 218 5.25 -47.85 -25.25
C LEU K 218 6.64 -48.47 -25.12
N ASN K 219 6.70 -49.69 -24.60
CA ASN K 219 7.96 -50.37 -24.36
C ASN K 219 8.86 -49.62 -23.38
N GLY K 220 8.37 -49.43 -22.17
CA GLY K 220 9.12 -48.76 -21.12
C GLY K 220 8.98 -47.25 -21.14
N GLU K 221 8.79 -46.70 -22.34
CA GLU K 221 8.66 -45.25 -22.50
C GLU K 221 7.36 -44.73 -21.89
N GLU K 222 7.49 -43.97 -20.79
CA GLU K 222 6.33 -43.34 -20.17
C GLU K 222 5.85 -42.16 -21.00
N LEU K 223 4.82 -42.39 -21.81
CA LEU K 223 4.33 -41.38 -22.72
C LEU K 223 2.84 -41.10 -22.51
N THR K 224 2.52 -40.07 -21.74
CA THR K 224 1.15 -39.66 -21.52
C THR K 224 0.75 -38.60 -22.55
N GLN K 225 1.33 -38.71 -23.74
CA GLN K 225 1.11 -37.73 -24.80
C GLN K 225 -0.34 -37.72 -25.29
N ASP K 226 -0.68 -38.68 -26.14
CA ASP K 226 -1.99 -38.74 -26.77
C ASP K 226 -2.99 -39.50 -25.90
N MET K 227 -2.75 -39.52 -24.59
CA MET K 227 -3.64 -40.20 -23.66
C MET K 227 -4.86 -39.35 -23.33
N GLU K 228 -6.03 -39.97 -23.27
CA GLU K 228 -7.27 -39.26 -23.01
C GLU K 228 -7.82 -39.60 -21.62
N LEU K 229 -7.09 -39.21 -20.59
CA LEU K 229 -7.48 -39.48 -19.22
C LEU K 229 -8.71 -38.69 -18.80
N VAL K 230 -9.61 -39.34 -18.08
CA VAL K 230 -10.77 -38.67 -17.49
C VAL K 230 -10.65 -38.67 -15.97
N GLU K 231 -11.18 -37.64 -15.32
CA GLU K 231 -11.02 -37.50 -13.87
C GLU K 231 -11.85 -38.51 -13.10
N THR K 232 -11.41 -38.82 -11.88
CA THR K 232 -12.02 -39.85 -11.06
C THR K 232 -13.52 -39.64 -10.86
N ARG K 233 -14.26 -40.75 -10.86
CA ARG K 233 -15.71 -40.71 -10.73
C ARG K 233 -16.21 -41.57 -9.58
N PRO K 234 -17.24 -41.08 -8.86
CA PRO K 234 -17.85 -41.80 -7.76
C PRO K 234 -18.87 -42.83 -8.23
N ALA K 235 -18.73 -44.07 -7.78
CA ALA K 235 -19.66 -45.13 -8.16
C ALA K 235 -20.99 -44.97 -7.44
N GLY K 236 -20.94 -44.45 -6.21
CA GLY K 236 -22.13 -44.27 -5.40
C GLY K 236 -22.23 -45.31 -4.31
N ASP K 237 -21.08 -45.68 -3.75
CA ASP K 237 -21.02 -46.72 -2.74
C ASP K 237 -19.81 -46.55 -1.82
N GLY K 238 -18.93 -45.64 -2.19
CA GLY K 238 -17.71 -45.40 -1.42
C GLY K 238 -16.48 -45.70 -2.25
N THR K 239 -16.68 -46.24 -3.44
CA THR K 239 -15.59 -46.56 -4.34
C THR K 239 -15.63 -45.64 -5.56
N PHE K 240 -14.59 -45.69 -6.38
CA PHE K 240 -14.50 -44.84 -7.55
C PHE K 240 -14.13 -45.62 -8.81
N GLN K 241 -13.91 -44.90 -9.90
CA GLN K 241 -13.53 -45.51 -11.17
C GLN K 241 -12.88 -44.48 -12.10
N LYS K 242 -11.84 -44.90 -12.81
CA LYS K 242 -11.05 -43.98 -13.63
C LYS K 242 -10.37 -44.72 -14.78
N TRP K 243 -10.32 -44.10 -15.94
CA TRP K 243 -9.68 -44.70 -17.11
C TRP K 243 -9.05 -43.67 -18.03
N ALA K 244 -8.05 -44.10 -18.79
CA ALA K 244 -7.34 -43.22 -19.72
C ALA K 244 -7.21 -43.85 -21.10
N SER K 245 -7.92 -43.30 -22.07
CA SER K 245 -7.95 -43.85 -23.42
C SER K 245 -6.60 -43.70 -24.14
N VAL K 246 -6.28 -44.69 -24.97
CA VAL K 246 -5.06 -44.66 -25.78
C VAL K 246 -5.30 -45.35 -27.12
N VAL K 247 -5.23 -44.58 -28.20
CA VAL K 247 -5.46 -45.11 -29.54
C VAL K 247 -4.17 -45.62 -30.17
N VAL K 248 -4.23 -46.81 -30.76
CA VAL K 248 -3.07 -47.41 -31.40
C VAL K 248 -3.43 -48.02 -32.75
N PRO K 249 -2.44 -48.09 -33.66
CA PRO K 249 -2.64 -48.71 -34.98
C PRO K 249 -3.20 -50.13 -34.86
N LEU K 250 -4.20 -50.44 -35.69
CA LEU K 250 -4.85 -51.75 -35.66
C LEU K 250 -3.86 -52.90 -35.83
N GLY K 251 -4.11 -53.99 -35.11
CA GLY K 251 -3.31 -55.19 -35.23
C GLY K 251 -2.01 -55.15 -34.44
N LYS K 252 -1.75 -54.03 -33.78
CA LYS K 252 -0.51 -53.87 -33.01
C LYS K 252 -0.79 -53.65 -31.53
N GLU K 253 -1.14 -54.72 -30.82
CA GLU K 253 -1.43 -54.63 -29.41
C GLU K 253 -0.68 -55.70 -28.61
N GLN K 254 0.54 -55.38 -28.19
CA GLN K 254 1.34 -56.31 -27.40
C GLN K 254 2.63 -55.63 -26.92
N ASN K 255 2.80 -54.36 -27.29
CA ASN K 255 4.00 -53.62 -26.94
C ASN K 255 3.73 -52.53 -25.90
N TYR K 256 2.45 -52.20 -25.71
CA TYR K 256 2.06 -51.13 -24.81
C TYR K 256 1.78 -51.68 -23.40
N THR K 257 2.58 -51.24 -22.44
CA THR K 257 2.45 -51.69 -21.06
C THR K 257 1.73 -50.68 -20.19
N CYS K 258 0.68 -51.12 -19.50
CA CYS K 258 -0.10 -50.26 -18.62
C CYS K 258 0.37 -50.38 -17.18
N ARG K 259 0.27 -49.28 -16.43
CA ARG K 259 0.69 -49.27 -15.03
C ARG K 259 -0.38 -48.67 -14.14
N VAL K 260 -0.40 -49.11 -12.88
CA VAL K 260 -1.39 -48.63 -11.91
C VAL K 260 -0.79 -48.42 -10.53
N TYR K 261 -0.74 -47.17 -10.09
CA TYR K 261 -0.26 -46.84 -8.75
C TYR K 261 -1.46 -46.66 -7.83
N HIS K 262 -1.32 -47.13 -6.59
CA HIS K 262 -2.42 -47.04 -5.63
C HIS K 262 -1.92 -47.17 -4.18
N GLU K 263 -2.71 -46.63 -3.25
CA GLU K 263 -2.35 -46.67 -1.83
C GLU K 263 -2.60 -48.05 -1.23
N GLY K 264 -3.63 -48.73 -1.73
CA GLY K 264 -3.99 -50.04 -1.22
C GLY K 264 -3.28 -51.18 -1.92
N LEU K 265 -2.37 -50.83 -2.82
CA LEU K 265 -1.63 -51.83 -3.58
C LEU K 265 -0.23 -52.06 -3.01
N PRO K 266 0.32 -53.27 -3.22
CA PRO K 266 1.68 -53.61 -2.81
C PRO K 266 2.72 -53.06 -3.79
N GLU K 267 2.48 -53.26 -5.09
CA GLU K 267 3.40 -52.79 -6.12
C GLU K 267 2.63 -52.22 -7.31
N PRO K 268 3.28 -51.40 -8.13
CA PRO K 268 2.66 -50.84 -9.33
C PRO K 268 2.20 -51.93 -10.29
N LEU K 269 0.91 -52.27 -10.23
CA LEU K 269 0.35 -53.32 -11.06
C LEU K 269 0.45 -53.02 -12.55
N THR K 270 0.84 -54.04 -13.33
CA THR K 270 0.93 -53.91 -14.77
C THR K 270 0.08 -54.97 -15.46
N LEU K 271 -0.86 -54.52 -16.30
CA LEU K 271 -1.74 -55.43 -17.00
C LEU K 271 -2.12 -54.90 -18.39
N ARG K 272 -2.16 -55.79 -19.37
CA ARG K 272 -2.47 -55.42 -20.74
C ARG K 272 -3.39 -56.45 -21.37
N TRP K 273 -3.07 -56.84 -22.59
CA TRP K 273 -3.76 -57.92 -23.30
C TRP K 273 -5.18 -57.57 -23.72
N GLU K 274 -5.66 -58.28 -24.73
CA GLU K 274 -7.02 -58.10 -25.22
C GLU K 274 -7.74 -59.46 -25.27
N PRO K 275 -8.94 -59.52 -24.67
CA PRO K 275 -9.72 -60.77 -24.61
C PRO K 275 -9.84 -61.43 -25.99
N GLN L 2 -18.58 -17.90 -10.80
CA GLN L 2 -19.43 -18.14 -11.97
C GLN L 2 -18.77 -19.12 -12.93
N LYS L 3 -18.85 -20.40 -12.62
CA LYS L 3 -18.15 -21.43 -13.39
C LYS L 3 -19.11 -22.36 -14.11
N THR L 4 -18.65 -22.93 -15.22
CA THR L 4 -19.47 -23.82 -16.04
C THR L 4 -19.37 -25.27 -15.55
N PRO L 5 -20.53 -25.95 -15.44
CA PRO L 5 -20.60 -27.31 -14.89
C PRO L 5 -19.93 -28.36 -15.79
N GLN L 6 -19.23 -29.30 -15.17
CA GLN L 6 -18.63 -30.42 -15.88
C GLN L 6 -19.48 -31.66 -15.64
N ILE L 7 -19.85 -32.36 -16.70
CA ILE L 7 -20.76 -33.49 -16.59
C ILE L 7 -20.17 -34.80 -17.11
N GLN L 8 -20.23 -35.83 -16.27
CA GLN L 8 -19.89 -37.19 -16.69
C GLN L 8 -21.13 -38.07 -16.60
N VAL L 9 -21.24 -39.02 -17.53
CA VAL L 9 -22.38 -39.93 -17.55
C VAL L 9 -21.91 -41.36 -17.73
N TYR L 10 -22.30 -42.23 -16.81
CA TYR L 10 -21.86 -43.62 -16.83
C TYR L 10 -22.71 -44.52 -15.94
N SER L 11 -22.33 -45.79 -15.86
CA SER L 11 -23.03 -46.76 -15.05
C SER L 11 -22.21 -47.16 -13.83
N ARG L 12 -22.89 -47.53 -12.75
CA ARG L 12 -22.24 -47.93 -11.52
C ARG L 12 -21.36 -49.16 -11.75
N HIS L 13 -21.93 -50.16 -12.42
CA HIS L 13 -21.20 -51.40 -12.73
C HIS L 13 -21.21 -51.67 -14.22
N PRO L 14 -20.16 -52.33 -14.73
CA PRO L 14 -20.06 -52.64 -16.16
C PRO L 14 -21.40 -53.13 -16.72
N PRO L 15 -21.98 -52.36 -17.65
CA PRO L 15 -23.34 -52.59 -18.16
C PRO L 15 -23.45 -53.84 -19.03
N GLU L 16 -24.21 -54.82 -18.56
CA GLU L 16 -24.57 -55.97 -19.37
C GLU L 16 -26.01 -55.82 -19.82
N ASN L 17 -26.23 -55.90 -21.13
CA ASN L 17 -27.55 -55.66 -21.72
C ASN L 17 -28.67 -56.42 -21.02
N GLY L 18 -29.26 -55.80 -19.99
CA GLY L 18 -30.37 -56.40 -19.27
C GLY L 18 -30.02 -56.85 -17.86
N LYS L 19 -29.55 -55.93 -17.04
CA LYS L 19 -29.23 -56.23 -15.65
C LYS L 19 -29.63 -55.08 -14.72
N PRO L 20 -29.94 -55.41 -13.45
CA PRO L 20 -30.31 -54.41 -12.46
C PRO L 20 -29.13 -53.50 -12.12
N ASN L 21 -28.95 -52.44 -12.91
CA ASN L 21 -27.82 -51.55 -12.73
C ASN L 21 -28.24 -50.13 -12.38
N ILE L 22 -27.30 -49.31 -11.95
CA ILE L 22 -27.59 -47.92 -11.58
C ILE L 22 -26.85 -46.95 -12.49
N LEU L 23 -27.47 -45.80 -12.74
CA LEU L 23 -26.92 -44.81 -13.67
C LEU L 23 -26.45 -43.56 -12.93
N ASN L 24 -25.22 -43.14 -13.19
CA ASN L 24 -24.64 -41.99 -12.51
C ASN L 24 -24.49 -40.74 -13.39
N CYS L 25 -24.61 -39.58 -12.75
CA CYS L 25 -24.46 -38.30 -13.44
C CYS L 25 -23.63 -37.35 -12.58
N TYR L 26 -22.31 -37.49 -12.64
CA TYR L 26 -21.40 -36.73 -11.79
C TYR L 26 -21.13 -35.33 -12.34
N VAL L 27 -21.65 -34.32 -11.66
CA VAL L 27 -21.52 -32.93 -12.09
C VAL L 27 -20.59 -32.15 -11.17
N THR L 28 -19.64 -31.42 -11.75
CA THR L 28 -18.63 -30.72 -10.97
C THR L 28 -18.32 -29.31 -11.48
N GLN L 29 -17.48 -28.61 -10.73
CA GLN L 29 -16.93 -27.32 -11.15
C GLN L 29 -17.97 -26.28 -11.57
N PHE L 30 -18.95 -26.03 -10.70
CA PHE L 30 -19.96 -25.01 -11.00
C PHE L 30 -20.27 -24.12 -9.80
N HIS L 31 -20.93 -23.00 -10.08
CA HIS L 31 -21.27 -22.01 -9.06
C HIS L 31 -22.21 -20.99 -9.69
N PRO L 32 -23.32 -20.64 -9.00
CA PRO L 32 -23.75 -21.06 -7.66
C PRO L 32 -24.25 -22.50 -7.60
N PRO L 33 -24.53 -23.01 -6.39
CA PRO L 33 -24.95 -24.39 -6.16
C PRO L 33 -26.27 -24.73 -6.83
N HIS L 34 -27.17 -23.76 -6.93
CA HIS L 34 -28.47 -24.00 -7.52
C HIS L 34 -28.36 -24.62 -8.91
N ILE L 35 -28.72 -25.90 -9.01
CA ILE L 35 -28.69 -26.60 -10.29
C ILE L 35 -29.81 -27.65 -10.37
N GLU L 36 -30.44 -27.74 -11.53
CA GLU L 36 -31.56 -28.65 -11.72
C GLU L 36 -31.15 -29.82 -12.61
N ILE L 37 -31.04 -31.00 -12.02
CA ILE L 37 -30.62 -32.20 -12.75
C ILE L 37 -31.76 -33.20 -12.93
N GLN L 38 -31.89 -33.72 -14.15
CA GLN L 38 -32.94 -34.69 -14.48
C GLN L 38 -32.44 -35.65 -15.54
N MET L 39 -32.65 -36.94 -15.31
CA MET L 39 -32.17 -37.95 -16.24
C MET L 39 -33.28 -38.46 -17.16
N LEU L 40 -32.92 -38.71 -18.41
CA LEU L 40 -33.89 -39.08 -19.43
C LEU L 40 -33.77 -40.54 -19.88
N LYS L 41 -34.91 -41.16 -20.13
CA LYS L 41 -34.96 -42.51 -20.68
C LYS L 41 -35.50 -42.45 -22.10
N ASN L 42 -34.61 -42.48 -23.09
CA ASN L 42 -35.01 -42.37 -24.49
C ASN L 42 -35.89 -41.15 -24.74
N GLY L 43 -35.58 -40.05 -24.08
CA GLY L 43 -36.33 -38.82 -24.25
C GLY L 43 -37.20 -38.49 -23.06
N LYS L 44 -37.91 -39.49 -22.56
CA LYS L 44 -38.80 -39.29 -21.42
C LYS L 44 -38.06 -38.79 -20.18
N LYS L 45 -38.81 -38.35 -19.19
CA LYS L 45 -38.23 -37.74 -17.99
C LYS L 45 -38.35 -38.64 -16.77
N ILE L 46 -37.32 -39.43 -16.53
CA ILE L 46 -37.31 -40.38 -15.42
C ILE L 46 -37.58 -39.70 -14.08
N PRO L 47 -38.49 -40.28 -13.27
CA PRO L 47 -38.77 -39.80 -11.91
C PRO L 47 -37.99 -40.59 -10.87
N LYS L 48 -38.14 -40.22 -9.61
CA LYS L 48 -37.47 -40.93 -8.51
C LYS L 48 -35.96 -40.96 -8.69
N VAL L 49 -35.27 -39.96 -8.15
CA VAL L 49 -33.82 -39.89 -8.24
C VAL L 49 -33.20 -39.42 -6.92
N GLU L 50 -32.41 -40.28 -6.30
CA GLU L 50 -31.74 -39.95 -5.05
C GLU L 50 -30.58 -38.99 -5.26
N MET L 51 -30.86 -37.70 -5.15
CA MET L 51 -29.82 -36.67 -5.29
C MET L 51 -28.90 -36.69 -4.08
N SER L 52 -27.60 -36.84 -4.32
CA SER L 52 -26.63 -36.90 -3.24
C SER L 52 -26.54 -35.56 -2.52
N ASP L 53 -25.79 -35.54 -1.42
CA ASP L 53 -25.62 -34.31 -0.63
C ASP L 53 -24.70 -33.32 -1.32
N MET L 54 -24.89 -32.04 -1.02
CA MET L 54 -24.15 -30.98 -1.69
C MET L 54 -22.84 -30.64 -0.99
N SER L 55 -21.73 -31.03 -1.63
CA SER L 55 -20.40 -30.65 -1.15
C SER L 55 -19.75 -29.73 -2.17
N PHE L 56 -18.70 -29.02 -1.76
CA PHE L 56 -17.94 -28.20 -2.69
C PHE L 56 -16.43 -28.37 -2.49
N SER L 57 -15.70 -28.33 -3.60
CA SER L 57 -14.27 -28.59 -3.58
C SER L 57 -13.45 -27.38 -3.13
N LYS L 58 -12.14 -27.53 -3.12
CA LYS L 58 -11.25 -26.51 -2.58
C LYS L 58 -11.19 -25.22 -3.41
N ASP L 59 -11.61 -25.30 -4.67
CA ASP L 59 -11.65 -24.11 -5.52
C ASP L 59 -13.01 -23.43 -5.49
N TRP L 60 -13.76 -23.70 -4.42
CA TRP L 60 -15.07 -23.08 -4.17
C TRP L 60 -16.21 -23.68 -5.01
N SER L 61 -15.89 -24.30 -6.14
CA SER L 61 -16.92 -24.88 -7.00
C SER L 61 -17.64 -26.03 -6.29
N PHE L 62 -18.77 -26.44 -6.84
CA PHE L 62 -19.59 -27.48 -6.23
C PHE L 62 -19.63 -28.76 -7.06
N TYR L 63 -19.70 -29.89 -6.38
CA TYR L 63 -19.85 -31.18 -7.04
C TYR L 63 -21.02 -31.98 -6.46
N ILE L 64 -21.69 -32.72 -7.33
CA ILE L 64 -22.88 -33.48 -6.93
C ILE L 64 -23.04 -34.72 -7.82
N LEU L 65 -23.59 -35.79 -7.26
CA LEU L 65 -23.84 -37.02 -8.01
C LEU L 65 -25.32 -37.43 -7.99
N ALA L 66 -25.89 -37.58 -9.18
CA ALA L 66 -27.27 -38.01 -9.31
C ALA L 66 -27.32 -39.46 -9.80
N HIS L 67 -28.43 -40.15 -9.51
CA HIS L 67 -28.58 -41.54 -9.92
C HIS L 67 -30.00 -42.06 -9.77
N THR L 68 -30.36 -43.00 -10.64
CA THR L 68 -31.66 -43.67 -10.57
C THR L 68 -31.51 -45.11 -11.05
N GLU L 69 -32.50 -45.95 -10.74
CA GLU L 69 -32.47 -47.35 -11.17
C GLU L 69 -32.69 -47.44 -12.68
N PHE L 70 -32.00 -48.37 -13.32
CA PHE L 70 -32.12 -48.55 -14.75
C PHE L 70 -31.68 -49.95 -15.19
N THR L 71 -32.10 -50.35 -16.39
CA THR L 71 -31.73 -51.64 -16.96
C THR L 71 -31.29 -51.50 -18.42
N PRO L 72 -30.06 -51.92 -18.71
CA PRO L 72 -29.43 -51.80 -20.04
C PRO L 72 -30.18 -52.54 -21.14
N THR L 73 -29.88 -52.20 -22.39
CA THR L 73 -30.48 -52.84 -23.54
C THR L 73 -29.63 -52.56 -24.77
N GLU L 74 -30.21 -52.70 -25.96
CA GLU L 74 -29.54 -52.32 -27.20
C GLU L 74 -30.35 -51.23 -27.88
N THR L 75 -31.50 -50.91 -27.30
CA THR L 75 -32.37 -49.86 -27.82
C THR L 75 -32.50 -48.73 -26.81
N ASP L 76 -32.42 -49.06 -25.52
CA ASP L 76 -32.53 -48.07 -24.47
C ASP L 76 -31.35 -47.10 -24.46
N THR L 77 -31.59 -45.90 -25.00
CA THR L 77 -30.59 -44.84 -24.98
C THR L 77 -30.93 -43.84 -23.90
N TYR L 78 -30.07 -43.72 -22.90
CA TYR L 78 -30.30 -42.83 -21.77
C TYR L 78 -29.57 -41.50 -21.93
N ALA L 79 -30.04 -40.50 -21.19
CA ALA L 79 -29.45 -39.16 -21.27
C ALA L 79 -29.47 -38.45 -19.92
N CYS L 80 -28.60 -37.45 -19.79
CA CYS L 80 -28.56 -36.62 -18.59
C CYS L 80 -28.61 -35.15 -19.02
N ARG L 81 -29.41 -34.36 -18.30
CA ARG L 81 -29.58 -32.96 -18.66
C ARG L 81 -29.70 -32.04 -17.45
N VAL L 82 -28.65 -31.27 -17.18
CA VAL L 82 -28.67 -30.31 -16.08
C VAL L 82 -29.06 -28.93 -16.60
N LYS L 83 -29.65 -28.13 -15.72
CA LYS L 83 -30.08 -26.78 -16.07
C LYS L 83 -29.46 -25.76 -15.11
N HIS L 84 -28.19 -25.47 -15.33
CA HIS L 84 -27.47 -24.50 -14.50
C HIS L 84 -27.68 -23.09 -15.05
N ASP L 85 -27.43 -22.08 -14.23
CA ASP L 85 -27.65 -20.70 -14.63
C ASP L 85 -26.41 -20.07 -15.26
N SER L 86 -25.44 -20.91 -15.63
CA SER L 86 -24.26 -20.44 -16.34
C SER L 86 -24.42 -20.71 -17.83
N MET L 87 -25.53 -21.36 -18.19
CA MET L 87 -25.82 -21.71 -19.57
C MET L 87 -27.26 -21.36 -19.92
N ALA L 88 -27.42 -20.57 -20.99
CA ALA L 88 -28.74 -20.13 -21.43
C ALA L 88 -29.58 -21.29 -21.95
N GLU L 89 -28.96 -22.46 -22.08
CA GLU L 89 -29.65 -23.66 -22.55
C GLU L 89 -29.25 -24.87 -21.72
N PRO L 90 -30.25 -25.64 -21.27
CA PRO L 90 -30.03 -26.86 -20.48
C PRO L 90 -29.15 -27.85 -21.22
N LYS L 91 -27.91 -28.01 -20.78
CA LYS L 91 -26.96 -28.93 -21.42
C LYS L 91 -27.45 -30.37 -21.37
N THR L 92 -27.36 -31.05 -22.50
CA THR L 92 -27.77 -32.44 -22.60
C THR L 92 -26.59 -33.33 -22.94
N VAL L 93 -26.19 -34.18 -21.99
CA VAL L 93 -25.09 -35.11 -22.21
C VAL L 93 -25.63 -36.55 -22.23
N TYR L 94 -25.51 -37.19 -23.39
CA TYR L 94 -26.03 -38.55 -23.57
C TYR L 94 -25.13 -39.60 -22.91
N TRP L 95 -25.69 -40.78 -22.69
CA TRP L 95 -24.97 -41.88 -22.06
C TRP L 95 -24.18 -42.68 -23.08
N ASP L 96 -22.96 -43.05 -22.71
CA ASP L 96 -22.13 -43.89 -23.57
C ASP L 96 -21.79 -45.19 -22.85
N ARG L 97 -22.03 -46.31 -23.52
CA ARG L 97 -21.84 -47.63 -22.93
C ARG L 97 -20.37 -47.96 -22.73
N ASP L 98 -19.50 -47.22 -23.41
CA ASP L 98 -18.06 -47.48 -23.32
C ASP L 98 -17.31 -46.39 -22.56
N MET L 99 -17.77 -45.15 -22.70
CA MET L 99 -17.14 -44.03 -22.00
C MET L 99 -17.39 -44.10 -20.50
N SER M 1 -14.70 -30.75 16.29
CA SER M 1 -15.24 -29.48 16.75
C SER M 1 -15.14 -28.42 15.66
N SER M 2 -16.26 -27.75 15.41
CA SER M 2 -16.31 -26.72 14.37
C SER M 2 -15.88 -25.36 14.91
N LEU M 3 -15.68 -24.41 14.00
CA LEU M 3 -15.32 -23.06 14.38
C LEU M 3 -16.57 -22.20 14.54
N GLU M 4 -16.59 -21.39 15.60
CA GLU M 4 -17.64 -20.42 15.79
C GLU M 4 -17.04 -19.03 15.60
N ASN M 5 -17.21 -18.48 14.40
CA ASN M 5 -16.59 -17.22 14.01
C ASN M 5 -16.63 -16.11 15.06
N PHE M 6 -15.73 -15.13 14.91
CA PHE M 6 -15.70 -13.97 15.77
C PHE M 6 -16.98 -13.15 15.57
N ARG M 7 -17.43 -12.51 16.65
CA ARG M 7 -18.71 -11.81 16.65
C ARG M 7 -18.83 -10.72 15.57
N ALA M 8 -17.71 -10.12 15.21
CA ALA M 8 -17.69 -9.10 14.17
C ALA M 8 -18.04 -9.73 12.81
N TYR M 9 -19.12 -9.25 12.19
CA TYR M 9 -19.56 -9.80 10.91
C TYR M 9 -18.72 -9.25 9.77
N VAL M 10 -18.86 -9.86 8.59
CA VAL M 10 -18.20 -9.39 7.39
C VAL M 10 -18.55 -7.93 7.14
N LYS N 1 -18.49 -16.16 34.52
CA LYS N 1 -18.83 -14.87 35.11
C LYS N 1 -17.67 -14.30 35.94
N THR N 2 -17.82 -13.05 36.37
CA THR N 2 -16.79 -12.36 37.10
C THR N 2 -17.22 -12.07 38.54
N THR N 3 -16.26 -12.03 39.45
CA THR N 3 -16.53 -11.64 40.84
C THR N 3 -15.50 -10.63 41.33
N GLN N 4 -15.96 -9.41 41.63
CA GLN N 4 -15.08 -8.34 42.07
C GLN N 4 -15.34 -7.97 43.52
N PRO N 5 -14.46 -7.14 44.10
CA PRO N 5 -14.67 -6.58 45.44
C PRO N 5 -15.86 -5.62 45.44
N ASP N 6 -16.09 -4.96 46.57
CA ASP N 6 -17.18 -3.99 46.67
C ASP N 6 -16.64 -2.56 46.74
N SER N 7 -16.42 -2.08 47.95
CA SER N 7 -15.87 -0.74 48.16
C SER N 7 -14.47 -0.65 47.58
N MET N 8 -13.99 0.58 47.41
CA MET N 8 -12.63 0.81 46.93
C MET N 8 -12.30 2.30 46.94
N GLU N 9 -11.26 2.66 47.67
CA GLU N 9 -10.85 4.06 47.80
C GLU N 9 -9.42 4.27 47.33
N SER N 10 -9.06 5.52 47.11
CA SER N 10 -7.71 5.88 46.69
C SER N 10 -7.55 7.39 46.59
N THR N 11 -6.37 7.88 46.96
CA THR N 11 -6.12 9.32 46.93
C THR N 11 -5.60 9.77 45.56
N GLU N 12 -5.86 11.02 45.23
CA GLU N 12 -5.50 11.57 43.92
C GLU N 12 -4.02 11.37 43.63
N GLY N 13 -3.72 10.80 42.46
CA GLY N 13 -2.35 10.58 42.05
C GLY N 13 -1.92 9.13 42.18
N GLU N 14 -2.36 8.49 43.27
CA GLU N 14 -2.05 7.09 43.51
C GLU N 14 -2.50 6.24 42.33
N THR N 15 -1.76 5.17 42.06
CA THR N 15 -2.12 4.23 41.02
C THR N 15 -3.04 3.15 41.60
N VAL N 16 -4.34 3.31 41.37
CA VAL N 16 -5.38 2.52 42.03
C VAL N 16 -5.10 1.01 42.11
N HIS N 17 -5.02 0.36 40.95
CA HIS N 17 -4.71 -1.06 40.92
C HIS N 17 -5.85 -1.87 41.54
N LEU N 18 -6.99 -1.92 40.85
CA LEU N 18 -8.16 -2.62 41.38
C LEU N 18 -8.39 -3.97 40.69
N PRO N 19 -8.54 -5.04 41.50
CA PRO N 19 -8.52 -6.44 41.07
C PRO N 19 -9.83 -6.97 40.49
N CYS N 20 -9.83 -8.27 40.19
CA CYS N 20 -10.97 -8.95 39.60
C CYS N 20 -10.69 -10.45 39.56
N SER N 21 -11.66 -11.25 40.03
CA SER N 21 -11.50 -12.70 40.06
C SER N 21 -12.50 -13.38 39.14
N HIS N 22 -11.98 -14.16 38.19
CA HIS N 22 -12.85 -14.84 37.22
C HIS N 22 -12.34 -16.23 36.85
N ALA N 23 -12.47 -17.17 37.78
CA ALA N 23 -12.12 -18.55 37.49
C ALA N 23 -13.03 -19.09 36.40
N THR N 24 -12.91 -20.40 36.14
CA THR N 24 -13.73 -21.07 35.13
C THR N 24 -13.85 -20.28 33.82
N ILE N 25 -12.81 -19.51 33.50
CA ILE N 25 -12.74 -18.81 32.22
C ILE N 25 -12.64 -19.84 31.10
N SER N 26 -13.30 -19.57 29.97
CA SER N 26 -13.45 -20.56 28.93
C SER N 26 -12.46 -20.42 27.77
N GLY N 27 -11.48 -19.54 27.91
CA GLY N 27 -10.46 -19.39 26.89
C GLY N 27 -10.88 -18.49 25.74
N ASN N 28 -11.89 -18.92 24.99
CA ASN N 28 -12.38 -18.12 23.87
C ASN N 28 -13.14 -16.89 24.36
N GLU N 29 -13.23 -16.75 25.68
CA GLU N 29 -13.89 -15.59 26.29
C GLU N 29 -12.88 -14.49 26.58
N TYR N 30 -13.20 -13.27 26.16
CA TYR N 30 -12.34 -12.11 26.40
C TYR N 30 -12.60 -11.51 27.77
N ILE N 31 -11.76 -10.55 28.15
CA ILE N 31 -11.94 -9.84 29.42
C ILE N 31 -12.17 -8.36 29.15
N TYR N 32 -13.41 -7.91 29.31
CA TYR N 32 -13.72 -6.50 29.09
C TYR N 32 -13.83 -5.74 30.41
N TRP N 33 -13.45 -4.46 30.37
CA TRP N 33 -13.58 -3.59 31.52
C TRP N 33 -14.36 -2.33 31.17
N TYR N 34 -15.48 -2.13 31.86
CA TYR N 34 -16.31 -0.95 31.66
C TYR N 34 -16.35 -0.14 32.94
N ARG N 35 -16.56 1.17 32.80
CA ARG N 35 -16.68 2.06 33.94
C ARG N 35 -17.97 2.86 33.84
N GLN N 36 -18.53 3.25 34.98
CA GLN N 36 -19.74 4.08 34.96
C GLN N 36 -19.79 5.09 36.09
N VAL N 37 -19.52 6.35 35.74
CA VAL N 37 -19.74 7.46 36.65
C VAL N 37 -21.23 7.60 36.85
N PRO N 38 -21.68 7.59 38.11
CA PRO N 38 -23.12 7.67 38.39
C PRO N 38 -23.78 8.77 37.54
N LEU N 39 -25.03 8.56 37.17
CA LEU N 39 -25.77 9.48 36.29
C LEU N 39 -25.51 9.19 34.82
N GLN N 40 -24.24 9.09 34.44
CA GLN N 40 -23.87 8.81 33.06
C GLN N 40 -24.03 7.32 32.76
N GLY N 41 -23.90 6.97 31.48
CA GLY N 41 -23.95 5.59 31.07
C GLY N 41 -22.57 4.97 31.01
N PRO N 42 -22.48 3.66 31.25
CA PRO N 42 -21.19 2.95 31.28
C PRO N 42 -20.34 3.25 30.05
N GLU N 43 -19.04 3.38 30.26
CA GLU N 43 -18.10 3.59 29.16
C GLU N 43 -17.15 2.41 29.02
N TYR N 44 -16.33 2.44 27.98
CA TYR N 44 -15.35 1.40 27.73
C TYR N 44 -14.01 1.80 28.32
N VAL N 45 -13.23 0.82 28.74
CA VAL N 45 -11.89 1.10 29.25
C VAL N 45 -10.84 0.31 28.49
N THR N 46 -10.95 -1.02 28.55
CA THR N 46 -9.98 -1.89 27.91
C THR N 46 -10.46 -3.33 27.90
N HIS N 47 -9.95 -4.12 26.96
CA HIS N 47 -10.25 -5.54 26.92
C HIS N 47 -9.01 -6.34 26.48
N GLY N 48 -8.81 -7.49 27.10
CA GLY N 48 -7.70 -8.35 26.75
C GLY N 48 -8.08 -9.81 26.84
N LEU N 49 -7.46 -10.63 25.99
CA LEU N 49 -7.65 -12.07 26.06
C LEU N 49 -6.55 -12.66 26.92
N GLN N 50 -5.32 -12.61 26.41
CA GLN N 50 -4.14 -13.01 27.18
C GLN N 50 -3.35 -11.76 27.55
N GLN N 51 -2.68 -11.81 28.70
CA GLN N 51 -2.03 -10.63 29.30
C GLN N 51 -1.89 -9.45 28.34
N ASN N 52 -2.90 -8.60 28.31
CA ASN N 52 -2.90 -7.43 27.44
C ASN N 52 -2.18 -6.26 28.08
N THR N 53 -2.71 -5.05 27.84
CA THR N 53 -2.11 -3.80 28.32
C THR N 53 -2.62 -2.65 27.48
N THR N 54 -1.71 -1.72 27.17
CA THR N 54 -1.94 -0.65 26.18
C THR N 54 -3.30 0.04 26.18
N ASN N 55 -3.31 1.30 26.58
CA ASN N 55 -4.46 2.17 26.39
C ASN N 55 -4.08 3.62 26.63
N SER N 56 -4.71 4.53 25.88
CA SER N 56 -4.44 5.95 26.02
C SER N 56 -4.55 6.40 27.47
N MET N 57 -5.40 5.72 28.24
CA MET N 57 -5.57 6.03 29.65
C MET N 57 -4.93 4.98 30.56
N ALA N 58 -5.68 3.92 30.84
CA ALA N 58 -5.21 2.86 31.74
C ALA N 58 -4.76 1.62 30.99
N PHE N 59 -4.57 0.53 31.73
CA PHE N 59 -4.23 -0.76 31.13
C PHE N 59 -4.36 -1.90 32.15
N LEU N 60 -4.58 -3.11 31.65
CA LEU N 60 -4.78 -4.26 32.53
C LEU N 60 -3.75 -5.35 32.30
N ALA N 61 -3.65 -6.27 33.25
CA ALA N 61 -2.75 -7.41 33.15
C ALA N 61 -3.41 -8.65 33.73
N ILE N 62 -3.69 -9.63 32.87
CA ILE N 62 -4.32 -10.86 33.34
C ILE N 62 -3.29 -11.84 33.86
N ALA N 63 -3.76 -12.88 34.54
CA ALA N 63 -2.87 -13.88 35.13
C ALA N 63 -2.36 -14.84 34.07
N SER N 64 -1.46 -15.72 34.48
CA SER N 64 -0.91 -16.74 33.59
C SER N 64 -1.97 -17.79 33.29
N ASP N 65 -2.77 -18.11 34.29
CA ASP N 65 -3.80 -19.14 34.15
C ASP N 65 -5.13 -18.57 33.71
N ARG N 66 -5.17 -17.26 33.50
CA ARG N 66 -6.36 -16.58 33.01
C ARG N 66 -7.51 -16.58 34.02
N LYS N 67 -7.31 -17.27 35.14
CA LYS N 67 -8.35 -17.39 36.16
C LYS N 67 -8.49 -16.11 36.98
N SER N 68 -7.69 -15.10 36.64
CA SER N 68 -7.75 -13.82 37.34
C SER N 68 -7.11 -12.72 36.50
N SER N 69 -7.30 -11.48 36.94
CA SER N 69 -6.82 -10.32 36.21
C SER N 69 -6.94 -9.08 37.07
N THR N 70 -6.21 -8.01 36.72
CA THR N 70 -6.25 -6.78 37.50
C THR N 70 -6.13 -5.54 36.63
N LEU N 71 -7.16 -4.71 36.64
CA LEU N 71 -7.11 -3.41 35.98
C LEU N 71 -6.23 -2.49 36.82
N ILE N 72 -5.46 -1.64 36.16
CA ILE N 72 -4.45 -0.85 36.88
C ILE N 72 -4.86 0.60 37.15
N LEU N 73 -5.04 1.38 36.10
CA LEU N 73 -5.28 2.81 36.24
C LEU N 73 -4.03 3.49 36.79
N PRO N 74 -3.46 4.43 36.02
CA PRO N 74 -2.24 5.15 36.42
C PRO N 74 -2.53 6.13 37.55
N HIS N 75 -2.12 7.38 37.37
CA HIS N 75 -2.47 8.43 38.31
C HIS N 75 -3.98 8.68 38.18
N VAL N 76 -4.66 8.73 39.32
CA VAL N 76 -6.10 8.98 39.31
C VAL N 76 -6.40 10.47 39.18
N SER N 77 -7.19 10.80 38.16
CA SER N 77 -7.45 12.19 37.80
C SER N 77 -8.52 12.83 38.68
N LEU N 78 -9.07 12.05 39.60
CA LEU N 78 -10.17 12.50 40.46
C LEU N 78 -11.52 12.37 39.76
N ARG N 79 -11.50 12.44 38.43
CA ARG N 79 -12.70 12.20 37.64
C ARG N 79 -12.87 10.70 37.39
N ASP N 80 -11.80 9.94 37.63
CA ASP N 80 -11.84 8.49 37.47
C ASP N 80 -12.75 7.84 38.52
N ALA N 81 -13.37 8.68 39.35
CA ALA N 81 -14.31 8.18 40.36
C ALA N 81 -15.54 7.61 39.69
N ALA N 82 -15.66 6.28 39.71
CA ALA N 82 -16.77 5.59 39.06
C ALA N 82 -16.79 4.12 39.48
N VAL N 83 -17.61 3.33 38.79
CA VAL N 83 -17.72 1.91 39.08
C VAL N 83 -17.12 1.08 37.95
N TYR N 84 -16.15 0.24 38.28
CA TYR N 84 -15.42 -0.52 37.27
C TYR N 84 -15.90 -1.96 37.18
N HIS N 85 -16.40 -2.34 36.00
CA HIS N 85 -16.98 -3.66 35.79
C HIS N 85 -16.07 -4.58 34.99
N CYS N 86 -15.57 -5.61 35.66
CA CYS N 86 -14.84 -6.68 34.99
C CYS N 86 -15.89 -7.62 34.40
N ILE N 87 -15.80 -7.88 33.10
CA ILE N 87 -16.83 -8.65 32.41
C ILE N 87 -16.23 -9.65 31.42
N LEU N 88 -16.84 -10.82 31.32
CA LEU N 88 -16.43 -11.82 30.33
C LEU N 88 -17.28 -11.69 29.07
N SER N 89 -16.62 -11.49 27.93
CA SER N 89 -17.32 -11.35 26.66
C SER N 89 -16.94 -12.47 25.69
N GLY N 90 -17.92 -13.29 25.33
CA GLY N 90 -17.70 -14.37 24.40
C GLY N 90 -17.28 -13.86 23.04
N GLY N 91 -16.18 -14.40 22.52
CA GLY N 91 -15.66 -14.01 21.23
C GLY N 91 -16.68 -14.18 20.12
N SER N 92 -17.64 -15.07 20.35
CA SER N 92 -18.69 -15.32 19.36
C SER N 92 -20.03 -14.73 19.81
N ASN N 93 -20.03 -14.11 20.98
CA ASN N 93 -21.28 -13.62 21.56
C ASN N 93 -21.26 -12.13 21.90
N TYR N 94 -22.35 -11.45 21.54
CA TYR N 94 -22.49 -10.02 21.81
C TYR N 94 -22.95 -9.75 23.23
N LYS N 95 -23.85 -10.59 23.72
CA LYS N 95 -24.39 -10.43 25.07
C LYS N 95 -23.28 -10.36 26.12
N LEU N 96 -23.54 -9.60 27.18
CA LEU N 96 -22.68 -9.61 28.35
C LEU N 96 -23.45 -9.12 29.56
N THR N 97 -23.15 -9.68 30.73
CA THR N 97 -23.93 -9.38 31.93
C THR N 97 -23.09 -8.61 32.96
N PHE N 98 -23.64 -7.49 33.40
CA PHE N 98 -22.93 -6.64 34.37
C PHE N 98 -23.05 -7.18 35.79
N GLY N 99 -22.39 -6.49 36.70
CA GLY N 99 -22.47 -6.80 38.12
C GLY N 99 -22.45 -5.50 38.89
N LYS N 100 -22.35 -5.58 40.21
CA LYS N 100 -22.24 -4.36 41.01
C LYS N 100 -20.81 -3.84 40.91
N GLY N 101 -19.96 -4.64 40.30
CA GLY N 101 -18.57 -4.27 40.10
C GLY N 101 -17.93 -3.72 41.35
N THR N 102 -16.98 -2.81 41.17
CA THR N 102 -16.25 -2.24 42.29
C THR N 102 -16.28 -0.72 42.22
N LEU N 103 -17.03 -0.10 43.13
CA LEU N 103 -17.09 1.36 43.19
C LEU N 103 -15.76 1.94 43.66
N LEU N 104 -15.23 2.88 42.89
CA LEU N 104 -13.95 3.49 43.20
C LEU N 104 -14.09 4.95 43.63
N THR N 105 -13.95 5.19 44.92
CA THR N 105 -13.97 6.56 45.45
C THR N 105 -12.56 7.13 45.39
N VAL N 106 -12.46 8.35 44.86
CA VAL N 106 -11.16 8.99 44.74
C VAL N 106 -11.06 10.22 45.65
N THR N 107 -10.32 10.06 46.75
CA THR N 107 -10.12 11.13 47.71
C THR N 107 -9.25 12.22 47.11
N PRO N 108 -9.71 13.47 47.17
CA PRO N 108 -8.96 14.61 46.63
C PRO N 108 -7.70 14.88 47.46
N ILE N 109 -7.19 16.10 47.41
CA ILE N 109 -6.00 16.46 48.16
C ILE N 109 -6.14 17.82 48.83
N GLN N 110 -5.03 18.54 48.94
CA GLN N 110 -5.02 19.89 49.50
C GLN N 110 -5.31 19.91 50.99
N ASN N 111 -5.32 21.10 51.57
CA ASN N 111 -5.45 21.26 53.01
C ASN N 111 -6.89 21.41 53.49
N PRO N 112 -7.18 20.88 54.68
CA PRO N 112 -8.49 21.04 55.34
C PRO N 112 -8.57 22.36 56.11
N ASP N 113 -9.45 23.24 55.68
CA ASP N 113 -9.63 24.54 56.32
C ASP N 113 -11.06 24.72 56.81
N PRO N 114 -11.45 23.93 57.81
CA PRO N 114 -12.83 23.91 58.34
C PRO N 114 -13.37 25.31 58.61
N ALA N 115 -14.56 25.60 58.10
CA ALA N 115 -15.19 26.90 58.30
C ALA N 115 -16.67 26.85 57.91
N VAL N 116 -17.50 27.57 58.64
CA VAL N 116 -18.93 27.60 58.39
C VAL N 116 -19.46 29.01 58.26
N TYR N 117 -20.03 29.33 57.10
CA TYR N 117 -20.55 30.67 56.85
C TYR N 117 -22.07 30.64 56.64
N GLN N 118 -22.71 31.79 56.81
CA GLN N 118 -24.14 31.89 56.57
C GLN N 118 -24.41 32.75 55.34
N LEU N 119 -25.38 32.34 54.54
CA LEU N 119 -25.74 33.08 53.33
C LEU N 119 -27.22 33.42 53.34
N ARG N 120 -27.55 34.62 52.86
CA ARG N 120 -28.94 35.07 52.85
C ARG N 120 -29.54 35.15 51.45
N ASP N 121 -30.87 35.07 51.39
CA ASP N 121 -31.59 35.00 50.12
C ASP N 121 -31.46 36.28 49.30
N SER N 122 -31.59 36.15 47.99
CA SER N 122 -31.60 37.31 47.10
C SER N 122 -32.74 38.23 47.49
N LYS N 123 -33.84 37.65 47.95
CA LYS N 123 -34.97 38.42 48.42
C LYS N 123 -34.68 38.95 49.83
N SER N 124 -35.51 39.87 50.29
CA SER N 124 -35.32 40.48 51.61
C SER N 124 -35.72 39.53 52.73
N SER N 125 -36.14 38.33 52.35
CA SER N 125 -36.58 37.32 53.32
C SER N 125 -35.48 37.00 54.34
N ASP N 126 -35.88 36.50 55.49
CA ASP N 126 -34.93 36.16 56.55
C ASP N 126 -34.31 34.78 56.37
N LYS N 127 -35.09 33.83 55.87
CA LYS N 127 -34.61 32.46 55.70
C LYS N 127 -33.22 32.45 55.09
N SER N 128 -32.34 31.60 55.63
CA SER N 128 -30.96 31.56 55.18
C SER N 128 -30.48 30.13 54.95
N VAL N 129 -29.16 29.97 54.84
CA VAL N 129 -28.55 28.67 54.59
C VAL N 129 -27.11 28.65 55.09
N CYS N 130 -26.62 27.47 55.43
CA CYS N 130 -25.25 27.32 55.93
C CYS N 130 -24.34 26.63 54.93
N LEU N 131 -23.06 27.02 54.93
CA LEU N 131 -22.08 26.47 54.01
C LEU N 131 -20.87 25.89 54.75
N PHE N 132 -20.57 24.63 54.47
CA PHE N 132 -19.48 23.93 55.15
C PHE N 132 -18.34 23.63 54.18
N THR N 133 -17.45 24.60 53.98
CA THR N 133 -16.36 24.46 53.03
C THR N 133 -15.13 23.80 53.65
N ASP N 134 -14.68 22.70 53.05
CA ASP N 134 -13.49 21.98 53.51
C ASP N 134 -13.70 21.41 54.90
N PHE N 135 -13.30 20.15 55.09
CA PHE N 135 -13.51 19.47 56.38
C PHE N 135 -12.44 18.44 56.80
N ASP N 136 -11.98 17.60 55.88
CA ASP N 136 -12.36 17.61 54.48
C ASP N 136 -12.58 16.20 53.96
N SER N 137 -11.48 15.51 53.69
CA SER N 137 -11.51 14.17 53.11
C SER N 137 -12.28 13.16 53.95
N GLN N 138 -11.72 12.81 55.10
CA GLN N 138 -12.34 11.82 55.98
C GLN N 138 -13.79 12.17 56.30
N THR N 139 -13.99 13.28 57.00
CA THR N 139 -15.33 13.73 57.35
C THR N 139 -15.30 15.17 57.83
N TYR N 150 -31.60 19.80 56.81
CA TYR N 150 -31.19 18.88 55.76
C TYR N 150 -29.70 19.02 55.46
N ILE N 151 -28.95 17.94 55.65
CA ILE N 151 -27.52 17.94 55.35
C ILE N 151 -27.26 17.35 53.98
N THR N 152 -26.69 18.17 53.08
CA THR N 152 -26.36 17.70 51.75
C THR N 152 -24.97 17.08 51.75
N ASP N 153 -24.76 16.08 50.90
CA ASP N 153 -23.46 15.43 50.80
C ASP N 153 -22.40 16.43 50.38
N LYS N 154 -21.19 16.26 50.89
CA LYS N 154 -20.08 17.12 50.52
C LYS N 154 -19.73 16.94 49.05
N CYS N 155 -19.24 18.00 48.42
CA CYS N 155 -18.96 17.96 46.99
C CYS N 155 -17.68 18.71 46.63
N VAL N 156 -16.71 17.98 46.08
CA VAL N 156 -15.45 18.58 45.68
C VAL N 156 -15.68 19.58 44.54
N LEU N 157 -14.93 20.68 44.58
CA LEU N 157 -15.05 21.71 43.56
C LEU N 157 -13.72 21.99 42.89
N ASP N 158 -13.74 22.14 41.56
CA ASP N 158 -12.54 22.42 40.81
C ASP N 158 -12.74 23.67 39.97
N MET N 159 -11.85 24.65 40.14
CA MET N 159 -11.98 25.93 39.46
C MET N 159 -10.73 26.31 38.68
N ARG N 160 -10.91 26.96 37.53
CA ARG N 160 -9.81 27.35 36.66
C ARG N 160 -8.85 28.32 37.33
N SER N 161 -9.35 29.51 37.66
CA SER N 161 -8.53 30.57 38.25
C SER N 161 -7.47 30.04 39.21
N MET N 162 -7.86 29.86 40.46
CA MET N 162 -6.95 29.31 41.46
C MET N 162 -7.10 27.79 41.51
N ASP N 163 -6.04 27.09 41.09
CA ASP N 163 -6.08 25.64 40.97
C ASP N 163 -6.28 24.92 42.31
N PHE N 164 -5.38 24.00 42.62
CA PHE N 164 -5.48 23.20 43.83
C PHE N 164 -6.80 22.43 43.82
N LYS N 165 -7.57 22.54 44.89
CA LYS N 165 -8.88 21.91 44.96
C LYS N 165 -9.85 22.77 45.76
N SER N 166 -10.96 22.17 46.18
CA SER N 166 -11.97 22.83 46.99
C SER N 166 -12.97 21.84 47.56
N ASN N 167 -13.86 22.31 48.42
CA ASN N 167 -14.87 21.45 49.04
C ASN N 167 -15.92 22.26 49.79
N SER N 168 -17.16 21.75 49.81
CA SER N 168 -18.26 22.43 50.48
C SER N 168 -19.52 21.57 50.51
N ALA N 169 -20.45 21.94 51.39
CA ALA N 169 -21.72 21.22 51.52
C ALA N 169 -22.78 22.11 52.15
N VAL N 170 -23.93 22.24 51.47
CA VAL N 170 -24.99 23.13 51.93
C VAL N 170 -25.91 22.44 52.94
N ALA N 171 -26.63 23.25 53.71
CA ALA N 171 -27.59 22.74 54.69
C ALA N 171 -28.55 23.86 55.12
N TRP N 172 -29.84 23.54 55.16
CA TRP N 172 -30.86 24.52 55.51
C TRP N 172 -31.88 23.95 56.49
N SER N 173 -33.12 24.42 56.39
CA SER N 173 -34.23 23.93 57.20
C SER N 173 -34.12 24.39 58.66
N ASN N 174 -35.25 24.46 59.35
CA ASN N 174 -36.56 24.16 58.77
C ASN N 174 -37.50 25.36 58.83
N LYS N 175 -37.77 25.82 60.05
CA LYS N 175 -38.72 26.90 60.28
C LYS N 175 -38.04 28.27 60.20
N SER N 176 -37.39 28.65 61.31
CA SER N 176 -36.70 29.92 61.40
C SER N 176 -35.88 29.96 62.68
N ASP N 177 -36.08 28.95 63.52
CA ASP N 177 -35.28 28.78 64.73
C ASP N 177 -33.81 28.95 64.36
N PHE N 178 -33.47 28.52 63.15
CA PHE N 178 -32.15 28.71 62.58
C PHE N 178 -31.03 28.77 63.61
N ALA N 179 -30.85 27.66 64.34
CA ALA N 179 -29.71 27.55 65.24
C ALA N 179 -28.53 27.05 64.43
N CYS N 180 -28.09 27.88 63.48
CA CYS N 180 -27.03 27.51 62.53
C CYS N 180 -25.94 26.67 63.20
N ALA N 181 -25.39 25.74 62.43
CA ALA N 181 -24.44 24.77 62.95
C ALA N 181 -25.12 23.76 63.86
N ASN N 182 -26.42 23.54 63.62
CA ASN N 182 -27.17 22.54 64.37
C ASN N 182 -26.56 21.14 64.19
N ALA N 183 -25.70 21.01 63.20
CA ALA N 183 -24.89 19.81 63.06
C ALA N 183 -23.85 19.82 64.17
N PHE N 184 -24.34 19.70 65.40
CA PHE N 184 -23.49 19.86 66.59
C PHE N 184 -23.01 21.29 66.74
N ASP O 1 -17.46 10.30 16.29
CA ASP O 1 -17.49 9.14 15.41
C ASP O 1 -18.43 8.07 15.95
N MET O 2 -18.58 8.03 17.27
CA MET O 2 -19.39 7.01 17.91
C MET O 2 -20.42 7.61 18.85
N LYS O 3 -21.47 8.21 18.28
CA LYS O 3 -22.56 8.76 19.10
C LYS O 3 -23.75 7.82 19.11
N VAL O 4 -24.27 7.56 20.30
CA VAL O 4 -25.52 6.81 20.44
C VAL O 4 -26.52 7.70 21.17
N THR O 5 -27.64 8.00 20.52
CA THR O 5 -28.58 8.97 21.08
C THR O 5 -29.93 8.34 21.42
N GLN O 6 -30.60 8.95 22.40
CA GLN O 6 -31.94 8.52 22.82
C GLN O 6 -32.83 9.74 22.94
N MET O 7 -33.84 9.82 22.08
CA MET O 7 -34.63 11.05 21.93
C MET O 7 -35.19 11.60 23.25
N PRO O 8 -36.09 10.85 23.91
CA PRO O 8 -36.60 11.39 25.17
C PRO O 8 -35.61 11.17 26.30
N ARG O 9 -35.22 12.24 27.00
CA ARG O 9 -34.26 12.12 28.08
C ARG O 9 -34.93 12.06 29.45
N TYR O 10 -36.08 12.72 29.57
CA TYR O 10 -36.89 12.65 30.78
C TYR O 10 -38.35 12.50 30.43
N LEU O 11 -39.01 11.52 31.03
CA LEU O 11 -40.41 11.25 30.69
C LEU O 11 -41.25 10.80 31.88
N ILE O 12 -42.40 11.46 32.05
CA ILE O 12 -43.39 11.05 33.05
C ILE O 12 -44.60 10.45 32.35
N LYS O 13 -45.01 9.28 32.81
CA LYS O 13 -46.15 8.57 32.21
C LYS O 13 -47.09 8.02 33.27
N ARG O 14 -48.38 8.33 33.13
CA ARG O 14 -49.39 7.81 34.05
C ARG O 14 -49.48 6.29 33.92
N MET O 15 -49.55 5.61 35.07
CA MET O 15 -49.62 4.15 35.08
C MET O 15 -50.65 3.64 34.11
N GLY O 16 -50.30 2.59 33.37
CA GLY O 16 -51.22 1.96 32.43
C GLY O 16 -51.11 2.48 31.02
N GLU O 17 -50.37 3.58 30.85
CA GLU O 17 -50.17 4.16 29.52
C GLU O 17 -49.13 3.39 28.74
N ASN O 18 -49.03 3.68 27.45
CA ASN O 18 -48.01 3.08 26.60
C ASN O 18 -46.78 3.96 26.48
N VAL O 19 -45.61 3.40 26.77
CA VAL O 19 -44.37 4.15 26.76
C VAL O 19 -43.50 3.73 25.58
N LEU O 20 -42.97 4.71 24.86
CA LEU O 20 -42.11 4.45 23.71
C LEU O 20 -40.78 5.19 23.84
N LEU O 21 -39.68 4.44 23.87
CA LEU O 21 -38.36 5.03 23.99
C LEU O 21 -37.58 4.95 22.68
N GLU O 22 -36.61 5.84 22.51
CA GLU O 22 -35.88 5.96 21.26
C GLU O 22 -34.40 5.64 21.40
N CYS O 23 -33.75 5.38 20.26
CA CYS O 23 -32.30 5.17 20.26
C CYS O 23 -31.73 5.10 18.84
N GLY O 24 -31.02 6.15 18.43
CA GLY O 24 -30.36 6.18 17.14
C GLY O 24 -28.84 6.06 17.26
N GLN O 25 -28.17 5.90 16.13
CA GLN O 25 -26.71 5.74 16.15
C GLN O 25 -25.99 6.35 14.95
N ASP O 26 -26.63 6.27 13.78
CA ASP O 26 -26.09 6.85 12.55
C ASP O 26 -24.93 6.07 11.95
N MET O 27 -24.27 5.25 12.76
CA MET O 27 -23.18 4.42 12.27
C MET O 27 -23.66 3.07 11.77
N SER O 28 -24.93 2.77 12.01
CA SER O 28 -25.57 1.59 11.45
C SER O 28 -24.95 0.27 11.93
N HIS O 29 -24.48 0.25 13.17
CA HIS O 29 -24.01 -0.99 13.78
C HIS O 29 -25.12 -2.04 13.75
N GLU O 30 -24.76 -3.26 13.42
CA GLU O 30 -25.71 -4.36 13.31
C GLU O 30 -26.40 -4.67 14.64
N THR O 31 -25.68 -4.50 15.75
CA THR O 31 -26.15 -4.93 17.06
C THR O 31 -26.47 -3.76 17.99
N MET O 32 -27.72 -3.70 18.45
CA MET O 32 -28.12 -2.70 19.43
C MET O 32 -28.72 -3.36 20.68
N TYR O 33 -28.68 -2.65 21.80
CA TYR O 33 -29.09 -3.20 23.09
C TYR O 33 -30.11 -2.32 23.78
N TRP O 34 -30.89 -2.92 24.66
CA TRP O 34 -31.74 -2.18 25.59
C TRP O 34 -31.51 -2.62 27.03
N TYR O 35 -30.86 -1.77 27.81
CA TYR O 35 -30.58 -2.05 29.22
C TYR O 35 -31.46 -1.21 30.11
N ARG O 36 -31.75 -1.72 31.30
CA ARG O 36 -32.37 -0.92 32.34
C ARG O 36 -31.51 -0.99 33.60
N GLN O 37 -31.31 0.16 34.24
CA GLN O 37 -30.56 0.21 35.50
C GLN O 37 -31.35 0.96 36.56
N ASP O 38 -31.80 0.23 37.58
CA ASP O 38 -32.49 0.84 38.70
C ASP O 38 -31.49 1.49 39.63
N PRO O 39 -31.85 2.67 40.19
CA PRO O 39 -31.00 3.42 41.12
C PRO O 39 -30.37 2.52 42.19
N GLY O 40 -30.95 1.33 42.37
CA GLY O 40 -30.40 0.35 43.30
C GLY O 40 -29.29 -0.48 42.66
N LEU O 41 -29.68 -1.54 41.96
CA LEU O 41 -28.72 -2.46 41.36
C LEU O 41 -27.92 -1.85 40.21
N GLY O 42 -27.54 -2.70 39.26
CA GLY O 42 -26.76 -2.26 38.12
C GLY O 42 -27.51 -2.40 36.81
N LEU O 43 -26.80 -2.80 35.76
CA LEU O 43 -27.40 -2.93 34.43
C LEU O 43 -27.99 -4.32 34.20
N GLN O 44 -29.26 -4.34 33.79
CA GLN O 44 -29.91 -5.56 33.36
C GLN O 44 -30.38 -5.41 31.92
N LEU O 45 -30.14 -6.44 31.10
CA LEU O 45 -30.54 -6.40 29.70
C LEU O 45 -32.04 -6.67 29.54
N ILE O 46 -32.72 -5.77 28.85
CA ILE O 46 -34.14 -5.95 28.54
C ILE O 46 -34.31 -6.72 27.24
N TYR O 47 -33.61 -6.28 26.20
CA TYR O 47 -33.75 -6.88 24.89
C TYR O 47 -32.52 -6.59 24.04
N ILE O 48 -32.11 -7.58 23.25
CA ILE O 48 -30.98 -7.44 22.34
C ILE O 48 -31.47 -7.63 20.91
N SER O 49 -30.87 -6.90 19.97
CA SER O 49 -31.25 -7.03 18.56
C SER O 49 -30.02 -7.24 17.70
N TYR O 50 -29.88 -8.46 17.16
CA TYR O 50 -28.71 -8.83 16.39
C TYR O 50 -28.70 -8.18 15.00
N ASP O 51 -29.85 -7.65 14.60
CA ASP O 51 -29.99 -6.98 13.31
C ASP O 51 -31.32 -6.26 13.24
N VAL O 52 -32.01 -6.39 12.10
CA VAL O 52 -33.28 -5.70 11.90
C VAL O 52 -34.45 -6.44 12.54
N ASP O 53 -35.01 -7.40 11.82
CA ASP O 53 -36.13 -8.17 12.34
C ASP O 53 -35.65 -9.44 13.03
N SER O 54 -34.75 -9.27 13.99
CA SER O 54 -34.15 -10.39 14.70
C SER O 54 -33.76 -9.96 16.10
N ASN O 55 -34.60 -10.28 17.08
CA ASN O 55 -34.39 -9.82 18.45
C ASN O 55 -34.39 -10.96 19.47
N SER O 56 -33.83 -10.72 20.64
CA SER O 56 -33.81 -11.70 21.71
C SER O 56 -34.18 -11.04 23.04
N GLU O 57 -34.64 -11.86 23.99
CA GLU O 57 -35.15 -11.32 25.25
C GLU O 57 -34.04 -10.92 26.22
N GLY O 58 -33.31 -11.90 26.73
CA GLY O 58 -32.27 -11.61 27.70
C GLY O 58 -32.70 -11.91 29.12
N ASP O 59 -32.69 -10.90 29.98
CA ASP O 59 -32.90 -11.11 31.41
C ASP O 59 -34.22 -10.53 31.93
N ILE O 60 -34.64 -9.38 31.41
CA ILE O 60 -35.82 -8.70 31.91
C ILE O 60 -36.83 -8.32 30.83
N PRO O 61 -37.31 -9.31 30.07
CA PRO O 61 -38.23 -9.04 28.95
C PRO O 61 -39.63 -8.66 29.41
N LYS O 62 -40.15 -9.35 30.41
CA LYS O 62 -41.52 -9.12 30.88
C LYS O 62 -41.82 -7.64 31.08
N GLY O 63 -42.83 -7.15 30.38
CA GLY O 63 -43.23 -5.76 30.46
C GLY O 63 -42.70 -4.95 29.30
N TYR O 64 -41.86 -5.59 28.48
CA TYR O 64 -41.19 -4.89 27.40
C TYR O 64 -41.37 -5.57 26.04
N ARG O 65 -41.25 -4.76 24.98
CA ARG O 65 -41.36 -5.24 23.60
C ARG O 65 -40.55 -4.27 22.75
N VAL O 66 -39.86 -4.76 21.73
CA VAL O 66 -38.99 -3.89 20.94
C VAL O 66 -39.26 -3.89 19.45
N SER O 67 -38.93 -2.78 18.80
CA SER O 67 -39.07 -2.61 17.36
C SER O 67 -37.73 -2.24 16.74
N ARG O 68 -37.36 -2.91 15.66
CA ARG O 68 -36.10 -2.64 14.96
C ARG O 68 -36.26 -2.77 13.45
N LYS O 69 -36.79 -1.72 12.82
CA LYS O 69 -37.00 -1.73 11.39
C LYS O 69 -35.77 -1.28 10.61
N LYS O 70 -35.04 -0.33 11.19
CA LYS O 70 -33.74 0.06 10.66
C LYS O 70 -32.67 -0.36 11.65
N ARG O 71 -31.42 -0.40 11.20
CA ARG O 71 -30.31 -0.66 12.11
C ARG O 71 -29.99 0.61 12.89
N GLU O 72 -30.33 1.75 12.31
CA GLU O 72 -30.01 3.05 12.89
C GLU O 72 -30.82 3.34 14.15
N HIS O 73 -31.92 2.63 14.34
CA HIS O 73 -32.78 2.89 15.49
C HIS O 73 -33.24 1.61 16.20
N PHE O 74 -33.70 1.77 17.43
CA PHE O 74 -34.13 0.63 18.24
C PHE O 74 -35.14 1.10 19.27
N SER O 75 -36.42 0.81 19.04
CA SER O 75 -37.48 1.28 19.91
C SER O 75 -37.79 0.30 21.04
N LEU O 76 -37.87 0.82 22.26
CA LEU O 76 -38.32 0.02 23.39
C LEU O 76 -39.76 0.41 23.67
N ILE O 77 -40.60 -0.58 23.92
CA ILE O 77 -42.02 -0.31 24.09
C ILE O 77 -42.60 -0.92 25.36
N LEU O 78 -43.17 -0.05 26.19
CA LEU O 78 -43.95 -0.48 27.34
C LEU O 78 -45.40 -0.33 26.96
N ASP O 79 -46.15 -1.42 27.05
CA ASP O 79 -47.56 -1.40 26.64
C ASP O 79 -48.50 -1.01 27.78
N SER O 80 -48.08 -1.30 29.01
CA SER O 80 -48.81 -0.84 30.19
C SER O 80 -47.82 -0.44 31.28
N ALA O 81 -47.60 0.85 31.43
CA ALA O 81 -46.60 1.36 32.36
C ALA O 81 -46.89 0.95 33.80
N LYS O 82 -46.21 -0.11 34.24
CA LYS O 82 -46.23 -0.46 35.65
C LYS O 82 -45.43 0.59 36.41
N THR O 83 -45.74 0.77 37.69
CA THR O 83 -45.00 1.73 38.51
C THR O 83 -43.63 1.17 38.86
N ASN O 84 -43.52 -0.16 38.88
CA ASN O 84 -42.24 -0.81 39.14
C ASN O 84 -41.35 -0.81 37.91
N GLN O 85 -41.78 -0.07 36.88
CA GLN O 85 -40.99 0.09 35.68
C GLN O 85 -40.31 1.46 35.68
N THR O 86 -40.55 2.23 36.73
CA THR O 86 -39.87 3.49 36.92
C THR O 86 -38.39 3.21 37.12
N SER O 87 -37.57 3.64 36.17
CA SER O 87 -36.15 3.32 36.18
C SER O 87 -35.38 4.19 35.18
N VAL O 88 -34.11 3.87 34.98
CA VAL O 88 -33.30 4.54 33.98
C VAL O 88 -32.96 3.53 32.88
N TYR O 89 -33.25 3.90 31.64
CA TYR O 89 -33.06 3.00 30.51
C TYR O 89 -31.87 3.42 29.65
N PHE O 90 -31.03 2.45 29.30
CA PHE O 90 -29.85 2.72 28.47
C PHE O 90 -29.93 1.92 27.18
N CYS O 91 -29.53 2.56 26.08
CA CYS O 91 -29.42 1.89 24.80
C CYS O 91 -27.96 1.71 24.46
N ALA O 92 -27.66 0.76 23.57
CA ALA O 92 -26.28 0.49 23.20
C ALA O 92 -26.17 -0.01 21.77
N SER O 93 -24.97 0.05 21.22
CA SER O 93 -24.70 -0.47 19.88
C SER O 93 -23.30 -1.09 19.87
N SER O 94 -23.01 -1.89 18.86
CA SER O 94 -21.70 -2.54 18.77
C SER O 94 -21.47 -3.20 17.42
N PHE O 95 -20.24 -3.09 16.93
CA PHE O 95 -19.90 -3.69 15.64
C PHE O 95 -19.07 -4.96 15.80
N GLY O 96 -18.67 -5.24 17.03
CA GLY O 96 -17.90 -6.45 17.32
C GLY O 96 -16.88 -6.25 18.41
N ARG O 97 -16.56 -4.99 18.70
CA ARG O 97 -15.61 -4.66 19.75
C ARG O 97 -16.35 -4.34 21.04
N GLU O 98 -16.20 -3.11 21.52
CA GLU O 98 -16.86 -2.69 22.74
C GLU O 98 -18.25 -2.13 22.46
N GLN O 99 -19.10 -2.12 23.49
CA GLN O 99 -20.44 -1.56 23.36
C GLN O 99 -20.41 -0.06 23.62
N TYR O 100 -21.17 0.69 22.83
CA TYR O 100 -21.24 2.14 23.00
C TYR O 100 -22.61 2.53 23.54
N PHE O 101 -22.63 3.02 24.77
CA PHE O 101 -23.90 3.32 25.43
C PHE O 101 -24.46 4.72 25.14
N GLY O 102 -25.78 4.82 25.17
CA GLY O 102 -26.46 6.09 25.00
C GLY O 102 -26.40 6.93 26.26
N PRO O 103 -27.00 8.13 26.21
CA PRO O 103 -26.94 9.09 27.31
C PRO O 103 -27.86 8.70 28.45
N GLY O 104 -28.76 7.76 28.19
CA GLY O 104 -29.70 7.29 29.20
C GLY O 104 -31.00 8.07 29.19
N THR O 105 -32.11 7.34 29.26
CA THR O 105 -33.43 7.94 29.36
C THR O 105 -34.02 7.63 30.73
N ARG O 106 -34.45 8.66 31.44
CA ARG O 106 -35.08 8.46 32.74
C ARG O 106 -36.59 8.37 32.62
N LEU O 107 -37.14 7.25 33.06
CA LEU O 107 -38.58 7.04 33.05
C LEU O 107 -39.14 6.99 34.46
N THR O 108 -40.27 7.66 34.67
CA THR O 108 -40.94 7.62 35.96
C THR O 108 -42.43 7.39 35.79
N VAL O 109 -42.89 6.23 36.23
CA VAL O 109 -44.31 5.87 36.15
C VAL O 109 -45.02 6.18 37.46
N LEU O 110 -46.07 6.99 37.39
CA LEU O 110 -46.83 7.35 38.58
C LEU O 110 -48.24 6.80 38.49
N GLU O 111 -48.95 6.78 39.61
CA GLU O 111 -50.33 6.33 39.64
C GLU O 111 -51.27 7.52 39.39
N ASP O 112 -50.92 8.67 39.95
CA ASP O 112 -51.67 9.90 39.73
C ASP O 112 -50.71 11.07 39.60
N LEU O 113 -50.90 11.88 38.56
CA LEU O 113 -50.01 13.00 38.31
C LEU O 113 -50.35 14.19 39.19
N LYS O 114 -50.57 13.94 40.49
CA LYS O 114 -50.94 14.99 41.42
C LYS O 114 -49.77 15.46 42.27
N ASN O 115 -48.94 14.51 42.71
CA ASN O 115 -47.75 14.85 43.49
C ASN O 115 -46.62 15.36 42.60
N VAL O 116 -46.92 15.56 41.33
CA VAL O 116 -45.97 16.13 40.38
C VAL O 116 -45.86 17.63 40.63
N PHE O 117 -44.68 18.07 41.05
CA PHE O 117 -44.47 19.48 41.39
C PHE O 117 -43.19 20.05 40.77
N PRO O 118 -43.28 21.29 40.24
CA PRO O 118 -42.13 22.03 39.72
C PRO O 118 -41.22 22.45 40.87
N PRO O 119 -39.95 22.74 40.58
CA PRO O 119 -39.00 23.17 41.60
C PRO O 119 -39.09 24.66 41.86
N GLU O 120 -39.00 25.05 43.12
CA GLU O 120 -38.89 26.46 43.49
C GLU O 120 -37.41 26.76 43.75
N VAL O 121 -36.93 27.86 43.17
CA VAL O 121 -35.50 28.17 43.25
C VAL O 121 -35.24 29.53 43.87
N ALA O 122 -34.16 29.61 44.65
CA ALA O 122 -33.75 30.86 45.28
C ALA O 122 -32.23 30.91 45.37
N VAL O 123 -31.65 32.08 45.19
CA VAL O 123 -30.20 32.24 45.21
C VAL O 123 -29.72 32.79 46.55
N PHE O 124 -28.56 32.32 47.00
CA PHE O 124 -28.00 32.76 48.26
C PHE O 124 -26.67 33.49 48.07
N GLU O 125 -26.61 34.73 48.52
CA GLU O 125 -25.43 35.57 48.35
C GLU O 125 -24.25 35.08 49.17
N PRO O 126 -23.03 35.28 48.65
CA PRO O 126 -21.80 34.88 49.34
C PRO O 126 -21.69 35.54 50.70
N SER O 127 -21.27 34.78 51.71
CA SER O 127 -21.10 35.31 53.06
C SER O 127 -20.10 36.46 53.06
N GLU O 128 -20.50 37.58 53.66
CA GLU O 128 -19.66 38.76 53.69
C GLU O 128 -18.38 38.49 54.48
N ALA O 129 -18.27 37.27 55.01
CA ALA O 129 -17.10 36.86 55.78
C ALA O 129 -16.12 36.07 54.91
N GLU O 130 -16.64 35.13 54.14
CA GLU O 130 -15.81 34.31 53.26
C GLU O 130 -14.99 35.20 52.34
N ILE O 131 -15.56 36.34 51.97
CA ILE O 131 -14.86 37.32 51.16
C ILE O 131 -13.60 37.79 51.89
N SER O 132 -13.78 38.22 53.13
CA SER O 132 -12.67 38.68 53.95
C SER O 132 -12.10 37.54 54.78
N HIS O 133 -11.59 36.51 54.10
CA HIS O 133 -11.03 35.35 54.77
C HIS O 133 -10.32 34.46 53.76
N THR O 134 -10.88 34.38 52.55
CA THR O 134 -10.31 33.56 51.50
C THR O 134 -10.24 34.35 50.19
N GLN O 135 -10.86 35.52 50.18
CA GLN O 135 -10.94 36.33 48.99
C GLN O 135 -11.70 35.58 47.89
N LYS O 136 -12.64 34.74 48.32
CA LYS O 136 -13.48 33.98 47.41
C LYS O 136 -14.94 34.15 47.79
N ALA O 137 -15.80 34.32 46.78
CA ALA O 137 -17.22 34.47 47.00
C ALA O 137 -17.98 33.24 46.48
N THR O 138 -18.54 32.46 47.40
CA THR O 138 -19.27 31.25 47.02
C THR O 138 -20.78 31.45 47.09
N LEU O 139 -21.44 31.27 45.96
CA LEU O 139 -22.89 31.37 45.89
C LEU O 139 -23.54 29.99 46.03
N VAL O 140 -24.78 29.97 46.50
CA VAL O 140 -25.48 28.70 46.72
C VAL O 140 -26.89 28.70 46.13
N CYS O 141 -27.09 27.87 45.12
CA CYS O 141 -28.41 27.72 44.51
C CYS O 141 -29.16 26.56 45.14
N LEU O 142 -30.44 26.75 45.40
CA LEU O 142 -31.23 25.73 46.10
C LEU O 142 -32.61 25.50 45.47
N ALA O 143 -32.78 24.34 44.84
CA ALA O 143 -34.06 23.94 44.29
C ALA O 143 -34.82 23.13 45.33
N THR O 144 -36.08 23.52 45.57
CA THR O 144 -36.87 22.89 46.62
C THR O 144 -38.12 22.18 46.10
N GLY O 145 -38.66 21.28 46.93
CA GLY O 145 -39.90 20.59 46.65
C GLY O 145 -40.28 20.41 45.20
N PHE O 146 -39.70 19.41 44.55
CA PHE O 146 -40.06 19.08 43.18
C PHE O 146 -40.16 17.57 42.98
N TYR O 147 -41.06 17.15 42.11
CA TYR O 147 -41.31 15.74 41.88
C TYR O 147 -41.74 15.48 40.44
N PRO O 148 -41.09 14.52 39.77
CA PRO O 148 -39.99 13.71 40.30
C PRO O 148 -38.64 14.40 40.16
N ASP O 149 -37.55 13.65 40.22
CA ASP O 149 -36.21 14.23 40.18
C ASP O 149 -35.77 14.53 38.75
N HIS O 150 -36.67 15.13 37.97
CA HIS O 150 -36.37 15.48 36.58
C HIS O 150 -35.90 16.93 36.46
N VAL O 151 -34.81 17.26 37.14
CA VAL O 151 -34.26 18.61 37.07
C VAL O 151 -32.83 18.64 36.57
N GLU O 152 -32.44 19.75 35.96
CA GLU O 152 -31.06 19.98 35.55
C GLU O 152 -30.67 21.43 35.82
N LEU O 153 -29.63 21.62 36.61
CA LEU O 153 -29.21 22.95 37.05
C LEU O 153 -28.06 23.50 36.21
N SER O 154 -28.00 24.81 36.09
CA SER O 154 -26.94 25.47 35.32
C SER O 154 -26.77 26.92 35.75
N TRP O 155 -25.53 27.36 35.90
CA TRP O 155 -25.24 28.74 36.29
C TRP O 155 -25.04 29.63 35.07
N TRP O 156 -25.75 30.76 35.05
CA TRP O 156 -25.66 31.70 33.94
C TRP O 156 -25.12 33.05 34.41
N VAL O 157 -23.95 33.42 33.90
CA VAL O 157 -23.33 34.69 34.26
C VAL O 157 -23.38 35.69 33.12
N ASN O 158 -24.06 36.82 33.34
CA ASN O 158 -24.14 37.87 32.34
C ASN O 158 -24.78 37.41 31.03
N GLY O 159 -25.49 36.29 31.09
CA GLY O 159 -26.17 35.77 29.92
C GLY O 159 -25.41 34.65 29.25
N LYS O 160 -24.29 34.26 29.85
CA LYS O 160 -23.47 33.18 29.31
C LYS O 160 -23.35 32.03 30.30
N GLU O 161 -23.78 30.84 29.87
CA GLU O 161 -23.75 29.66 30.73
C GLU O 161 -22.32 29.30 31.11
N VAL O 162 -22.05 29.27 32.41
CA VAL O 162 -20.72 28.95 32.91
C VAL O 162 -20.66 27.50 33.39
N HIS O 163 -19.45 26.98 33.50
CA HIS O 163 -19.25 25.61 33.96
C HIS O 163 -18.11 25.53 34.96
N SER O 164 -17.06 26.31 34.70
CA SER O 164 -15.89 26.36 35.57
C SER O 164 -16.23 27.10 36.88
N GLY O 165 -15.91 26.46 38.00
CA GLY O 165 -16.19 27.04 39.30
C GLY O 165 -17.55 26.63 39.82
N VAL O 166 -18.12 25.60 39.20
CA VAL O 166 -19.44 25.10 39.59
C VAL O 166 -19.36 23.72 40.21
N CYS O 167 -20.17 23.48 41.24
CA CYS O 167 -20.23 22.18 41.88
C CYS O 167 -21.66 21.86 42.29
N THR O 168 -22.35 21.07 41.46
CA THR O 168 -23.73 20.70 41.72
C THR O 168 -23.84 19.26 42.24
N ASP O 169 -24.68 19.05 43.24
CA ASP O 169 -24.87 17.72 43.82
C ASP O 169 -25.43 16.75 42.78
N PRO O 170 -24.80 15.57 42.68
CA PRO O 170 -25.26 14.51 41.77
C PRO O 170 -26.37 13.66 42.41
N GLN O 171 -26.56 13.83 43.71
CA GLN O 171 -27.59 13.09 44.44
C GLN O 171 -28.66 14.01 44.99
N PRO O 172 -29.87 13.94 44.44
CA PRO O 172 -30.99 14.78 44.90
C PRO O 172 -31.46 14.37 46.30
N LEU O 173 -31.64 15.36 47.17
CA LEU O 173 -32.04 15.09 48.54
C LEU O 173 -33.56 15.02 48.65
N LYS O 174 -34.05 14.45 49.74
CA LYS O 174 -35.48 14.30 49.95
C LYS O 174 -36.03 15.35 50.90
N GLU O 175 -36.93 16.19 50.41
CA GLU O 175 -37.54 17.24 51.22
C GLU O 175 -38.49 16.64 52.24
N GLN O 176 -38.96 15.43 51.97
CA GLN O 176 -39.88 14.74 52.88
C GLN O 176 -39.46 13.30 53.10
N PRO O 177 -38.23 13.10 53.60
CA PRO O 177 -37.65 11.75 53.72
C PRO O 177 -38.57 10.78 54.46
N ALA O 178 -38.26 9.50 54.38
CA ALA O 178 -39.06 8.45 55.02
C ALA O 178 -40.47 8.38 54.45
N LEU O 179 -40.70 9.13 53.36
CA LEU O 179 -41.98 9.10 52.67
C LEU O 179 -41.87 8.34 51.36
N ASN O 180 -42.94 7.66 50.98
CA ASN O 180 -42.96 6.90 49.74
C ASN O 180 -43.23 7.78 48.52
N ASP O 181 -43.58 9.03 48.79
CA ASP O 181 -43.88 9.99 47.73
C ASP O 181 -43.25 11.34 48.03
N SER O 182 -42.10 11.31 48.69
CA SER O 182 -41.43 12.53 49.14
C SER O 182 -41.03 13.43 47.98
N ARG O 183 -41.28 14.72 48.12
CA ARG O 183 -40.78 15.70 47.15
C ARG O 183 -39.29 15.89 47.40
N TYR O 184 -38.57 16.32 46.37
CA TYR O 184 -37.11 16.39 46.44
C TYR O 184 -36.57 17.82 46.52
N ALA O 185 -35.26 17.92 46.74
CA ALA O 185 -34.59 19.22 46.79
C ALA O 185 -33.13 19.04 46.39
N LEU O 186 -32.62 19.98 45.59
CA LEU O 186 -31.24 19.92 45.09
C LEU O 186 -30.51 21.23 45.33
N SER O 187 -29.20 21.15 45.52
CA SER O 187 -28.38 22.33 45.78
C SER O 187 -27.16 22.38 44.85
N SER O 188 -26.59 23.58 44.71
CA SER O 188 -25.41 23.77 43.89
C SER O 188 -24.58 24.95 44.41
N ARG O 189 -23.31 25.00 43.99
CA ARG O 189 -22.40 26.03 44.48
C ARG O 189 -21.58 26.67 43.36
N LEU O 190 -21.46 27.99 43.40
CA LEU O 190 -20.69 28.72 42.39
C LEU O 190 -19.62 29.59 43.03
N ARG O 191 -18.38 29.10 43.02
CA ARG O 191 -17.27 29.84 43.61
C ARG O 191 -16.61 30.78 42.60
N VAL O 192 -16.51 32.06 42.97
CA VAL O 192 -15.89 33.07 42.13
C VAL O 192 -15.02 33.99 42.96
N SER O 193 -14.08 34.68 42.31
CA SER O 193 -13.19 35.60 43.01
C SER O 193 -14.01 36.65 43.76
N ALA O 194 -13.55 36.98 44.98
CA ALA O 194 -14.26 37.92 45.83
C ALA O 194 -14.48 39.28 45.14
N THR O 195 -13.55 39.63 44.26
CA THR O 195 -13.60 40.92 43.57
C THR O 195 -14.60 40.93 42.40
N PHE O 196 -14.79 39.78 41.77
CA PHE O 196 -15.74 39.69 40.67
C PHE O 196 -17.16 39.76 41.21
N TRP O 197 -17.31 39.48 42.50
CA TRP O 197 -18.60 39.58 43.16
C TRP O 197 -18.86 41.00 43.62
N GLN O 198 -17.79 41.78 43.76
CA GLN O 198 -17.89 43.17 44.19
C GLN O 198 -18.58 44.02 43.12
N ASN O 199 -18.26 43.74 41.85
CA ASN O 199 -18.85 44.48 40.75
C ASN O 199 -20.37 44.35 40.71
N PRO O 200 -21.07 45.48 40.88
CA PRO O 200 -22.54 45.51 40.85
C PRO O 200 -23.10 45.37 39.45
N ARG O 201 -22.21 45.38 38.44
CA ARG O 201 -22.62 45.24 37.05
C ARG O 201 -22.82 43.77 36.66
N ASN O 202 -22.08 42.89 37.33
CA ASN O 202 -22.18 41.45 37.05
C ASN O 202 -23.55 40.88 37.43
N HIS O 203 -23.98 39.87 36.69
CA HIS O 203 -25.30 39.28 36.88
C HIS O 203 -25.19 37.76 37.09
N PHE O 204 -25.81 37.28 38.16
CA PHE O 204 -25.75 35.85 38.49
C PHE O 204 -27.15 35.23 38.50
N ARG O 205 -27.29 34.10 37.82
CA ARG O 205 -28.58 33.43 37.72
C ARG O 205 -28.44 31.91 37.64
N CYS O 206 -28.92 31.21 38.67
CA CYS O 206 -28.95 29.76 38.63
C CYS O 206 -30.29 29.29 38.05
N GLN O 207 -30.21 28.51 36.98
CA GLN O 207 -31.40 28.06 36.27
C GLN O 207 -31.63 26.56 36.48
N VAL O 208 -32.85 26.21 36.87
CA VAL O 208 -33.21 24.80 37.04
C VAL O 208 -34.23 24.36 36.00
N GLN O 209 -33.79 23.53 35.07
CA GLN O 209 -34.66 23.00 34.03
C GLN O 209 -35.44 21.82 34.60
N PHE O 210 -36.75 21.88 34.50
CA PHE O 210 -37.62 20.83 35.02
C PHE O 210 -38.40 20.15 33.92
N TYR O 211 -38.37 18.83 33.90
CA TYR O 211 -39.05 18.04 32.89
C TYR O 211 -40.28 17.37 33.50
N GLY O 212 -41.45 17.96 33.28
CA GLY O 212 -42.68 17.46 33.89
C GLY O 212 -43.67 16.91 32.89
N LEU O 213 -44.83 17.55 32.79
CA LEU O 213 -45.90 17.10 31.91
C LEU O 213 -45.92 17.87 30.59
N SER O 214 -46.65 17.35 29.61
CA SER O 214 -46.66 17.95 28.28
C SER O 214 -48.03 18.47 27.87
N GLU O 215 -48.18 18.76 26.58
CA GLU O 215 -49.41 19.30 26.03
C GLU O 215 -50.52 18.24 26.00
N ASN O 216 -50.14 16.98 26.18
CA ASN O 216 -51.09 15.87 26.05
C ASN O 216 -51.28 15.07 27.34
N ASP O 217 -51.38 15.77 28.47
CA ASP O 217 -51.62 15.10 29.75
C ASP O 217 -52.90 15.60 30.39
N GLU O 218 -53.72 14.68 30.89
CA GLU O 218 -54.96 15.05 31.55
C GLU O 218 -54.69 15.76 32.88
N TRP O 219 -54.84 17.08 32.87
CA TRP O 219 -54.60 17.88 34.08
C TRP O 219 -55.89 18.54 34.54
N THR O 220 -56.39 18.12 35.70
CA THR O 220 -57.63 18.64 36.26
C THR O 220 -57.46 19.06 37.71
N GLN O 221 -56.86 20.23 37.91
CA GLN O 221 -56.65 20.77 39.25
C GLN O 221 -56.79 22.29 39.21
N ASP O 222 -56.77 22.91 40.38
CA ASP O 222 -56.78 24.37 40.46
C ASP O 222 -55.39 24.92 40.14
N ARG O 223 -54.39 24.39 40.85
CA ARG O 223 -53.01 24.78 40.61
C ARG O 223 -52.64 24.62 39.15
N ALA O 224 -51.76 25.49 38.67
CA ALA O 224 -51.33 25.46 37.27
C ALA O 224 -50.74 24.10 36.89
N LYS O 225 -50.62 23.88 35.60
CA LYS O 225 -50.10 22.61 35.08
C LYS O 225 -48.59 22.51 35.28
N PRO O 226 -48.13 21.42 35.91
CA PRO O 226 -46.71 21.14 36.12
C PRO O 226 -46.02 20.80 34.81
N VAL O 227 -46.04 21.73 33.86
CA VAL O 227 -45.47 21.51 32.54
C VAL O 227 -43.95 21.58 32.59
N THR O 228 -43.30 20.89 31.66
CA THR O 228 -41.85 21.01 31.51
C THR O 228 -41.51 22.48 31.32
N GLN O 229 -40.79 23.05 32.29
CA GLN O 229 -40.49 24.47 32.27
C GLN O 229 -39.17 24.79 32.95
N ILE O 230 -38.70 26.02 32.76
CA ILE O 230 -37.50 26.51 33.43
C ILE O 230 -37.86 27.36 34.63
N VAL O 231 -37.01 27.33 35.65
CA VAL O 231 -37.22 28.12 36.85
C VAL O 231 -35.88 28.59 37.38
N SER O 232 -35.61 29.89 37.26
CA SER O 232 -34.33 30.45 37.67
C SER O 232 -34.50 31.50 38.76
N ALA O 233 -33.39 32.15 39.12
CA ALA O 233 -33.41 33.19 40.13
C ALA O 233 -32.30 34.22 39.90
N GLU O 234 -32.67 35.50 39.99
CA GLU O 234 -31.73 36.60 39.76
C GLU O 234 -30.77 36.76 40.94
N ALA O 235 -29.73 37.56 40.74
CA ALA O 235 -28.75 37.83 41.78
C ALA O 235 -27.63 38.75 41.30
N TRP O 236 -27.77 40.04 41.58
CA TRP O 236 -26.76 41.02 41.21
C TRP O 236 -25.68 41.13 42.28
N GLY O 237 -24.51 41.64 41.90
CA GLY O 237 -23.42 41.81 42.84
C GLY O 237 -23.51 43.12 43.60
N ARG O 238 -22.89 43.16 44.78
CA ARG O 238 -22.90 44.36 45.59
C ARG O 238 -21.65 44.44 46.46
N ALA O 239 -21.09 45.64 46.59
CA ALA O 239 -19.92 45.86 47.43
C ALA O 239 -20.36 46.54 48.73
N ASP O 240 -21.14 47.61 48.59
CA ASP O 240 -21.69 48.33 49.74
C ASP O 240 -20.62 49.01 50.57
N PRO P 1 -0.01 33.55 7.31
CA PRO P 1 0.50 34.93 7.43
C PRO P 1 1.92 34.96 7.97
N HIS P 2 2.05 35.09 9.28
CA HIS P 2 3.37 35.08 9.92
C HIS P 2 3.93 33.67 9.97
N SER P 3 5.23 33.54 9.70
CA SER P 3 5.87 32.24 9.66
C SER P 3 7.34 32.30 10.07
N MET P 4 8.00 31.15 10.04
CA MET P 4 9.41 31.05 10.42
C MET P 4 9.96 29.69 10.03
N ARG P 5 11.00 29.69 9.21
CA ARG P 5 11.60 28.44 8.74
C ARG P 5 13.13 28.45 8.84
N TYR P 6 13.71 27.26 8.83
CA TYR P 6 15.16 27.09 8.80
C TYR P 6 15.56 26.18 7.64
N PHE P 7 16.20 26.74 6.63
CA PHE P 7 16.68 25.99 5.49
C PHE P 7 18.12 25.55 5.70
N GLU P 8 18.40 24.28 5.48
CA GLU P 8 19.74 23.75 5.66
C GLU P 8 20.20 22.89 4.49
N THR P 9 21.42 23.15 4.02
CA THR P 9 21.97 22.43 2.89
C THR P 9 23.31 21.79 3.24
N ALA P 10 23.45 20.50 2.95
CA ALA P 10 24.71 19.81 3.14
C ALA P 10 25.20 19.24 1.82
N VAL P 11 26.22 19.86 1.26
CA VAL P 11 26.75 19.47 -0.05
C VAL P 11 28.04 18.67 0.08
N SER P 12 28.00 17.40 -0.31
CA SER P 12 29.19 16.56 -0.33
C SER P 12 30.07 16.97 -1.49
N ARG P 13 31.34 17.24 -1.21
CA ARG P 13 32.26 17.72 -2.23
C ARG P 13 33.37 16.71 -2.55
N PRO P 14 33.87 16.75 -3.79
CA PRO P 14 34.91 15.84 -4.28
C PRO P 14 36.19 15.89 -3.46
N GLY P 15 36.45 14.84 -2.69
CA GLY P 15 37.69 14.72 -1.94
C GLY P 15 37.86 15.72 -0.81
N LEU P 16 36.90 16.63 -0.67
CA LEU P 16 36.97 17.66 0.37
C LEU P 16 36.93 17.03 1.76
N GLU P 17 36.72 15.72 1.81
CA GLU P 17 36.67 14.98 3.08
C GLU P 17 35.41 15.29 3.87
N GLU P 18 35.18 16.58 4.13
CA GLU P 18 34.00 17.03 4.85
C GLU P 18 33.15 17.93 3.97
N PRO P 19 31.82 17.72 3.97
CA PRO P 19 30.87 18.52 3.20
C PRO P 19 30.53 19.80 3.95
N ARG P 20 30.12 20.83 3.23
CA ARG P 20 29.77 22.09 3.87
C ARG P 20 28.33 22.08 4.38
N TYR P 21 27.97 23.11 5.15
CA TYR P 21 26.68 23.18 5.81
C TYR P 21 26.18 24.61 5.84
N ILE P 22 25.03 24.86 5.23
CA ILE P 22 24.47 26.20 5.19
C ILE P 22 23.08 26.26 5.80
N SER P 23 22.99 26.71 7.05
CA SER P 23 21.72 26.88 7.72
C SER P 23 21.27 28.33 7.66
N VAL P 24 20.03 28.55 7.23
CA VAL P 24 19.50 29.90 7.09
C VAL P 24 18.11 30.02 7.72
N GLY P 25 17.91 31.04 8.54
CA GLY P 25 16.62 31.27 9.17
C GLY P 25 15.80 32.29 8.42
N TYR P 26 14.47 32.10 8.43
CA TYR P 26 13.58 33.00 7.72
C TYR P 26 12.30 33.30 8.51
N VAL P 27 12.33 34.35 9.32
CA VAL P 27 11.13 34.81 10.00
C VAL P 27 10.38 35.77 9.09
N ASP P 28 9.33 35.27 8.46
CA ASP P 28 8.56 36.06 7.49
C ASP P 28 9.39 36.40 6.24
N ASN P 29 9.94 35.36 5.61
CA ASN P 29 10.64 35.50 4.34
C ASN P 29 11.93 36.30 4.41
N LYS P 30 12.15 37.00 5.51
CA LYS P 30 13.37 37.76 5.70
C LYS P 30 14.44 36.95 6.43
N GLU P 31 15.60 36.81 5.79
CA GLU P 31 16.72 36.09 6.40
C GLU P 31 17.27 36.85 7.60
N PHE P 32 17.43 36.16 8.72
CA PHE P 32 17.92 36.81 9.94
C PHE P 32 19.10 36.08 10.57
N VAL P 33 19.33 34.83 10.15
CA VAL P 33 20.49 34.09 10.61
C VAL P 33 21.16 33.33 9.47
N ARG P 34 22.41 32.94 9.68
CA ARG P 34 23.18 32.23 8.66
C ARG P 34 24.38 31.54 9.28
N PHE P 35 24.49 30.23 9.04
CA PHE P 35 25.65 29.49 9.49
C PHE P 35 26.33 28.80 8.30
N ASP P 36 27.62 29.04 8.15
CA ASP P 36 28.39 28.44 7.07
C ASP P 36 29.68 27.88 7.62
N SER P 37 29.92 26.58 7.40
CA SER P 37 31.12 25.93 7.91
C SER P 37 32.34 26.26 7.06
N ASP P 38 32.16 27.15 6.10
CA ASP P 38 33.25 27.58 5.23
C ASP P 38 33.85 28.91 5.67
N ALA P 39 33.17 29.58 6.59
CA ALA P 39 33.71 30.81 7.18
C ALA P 39 34.96 30.46 7.97
N GLU P 40 35.88 31.43 8.07
CA GLU P 40 37.13 31.19 8.79
C GLU P 40 36.83 30.76 10.23
N ASN P 41 35.69 31.21 10.74
CA ASN P 41 35.25 30.85 12.08
C ASN P 41 33.76 30.54 12.11
N PRO P 42 33.40 29.25 11.96
CA PRO P 42 32.01 28.78 11.92
C PRO P 42 31.20 29.36 13.08
N ARG P 43 30.21 30.19 12.76
CA ARG P 43 29.45 30.89 13.79
C ARG P 43 28.14 31.42 13.22
N TYR P 44 27.08 31.36 14.02
CA TYR P 44 25.81 31.99 13.65
C TYR P 44 25.99 33.50 13.69
N GLU P 45 25.43 34.19 12.69
CA GLU P 45 25.59 35.64 12.61
C GLU P 45 24.32 36.35 12.18
N PRO P 46 24.00 37.46 12.86
CA PRO P 46 22.81 38.28 12.58
C PRO P 46 22.76 38.72 11.12
N ARG P 47 21.66 38.42 10.44
CA ARG P 47 21.48 38.79 9.05
C ARG P 47 20.43 39.88 8.94
N ALA P 48 20.10 40.46 10.09
CA ALA P 48 19.11 41.53 10.16
C ALA P 48 19.53 42.52 11.25
N PRO P 49 19.03 43.76 11.16
CA PRO P 49 19.39 44.82 12.11
C PRO P 49 18.94 44.53 13.53
N TRP P 50 17.84 43.79 13.68
CA TRP P 50 17.25 43.56 15.00
C TRP P 50 17.91 42.42 15.79
N MET P 51 18.41 41.41 15.10
CA MET P 51 19.04 40.27 15.77
C MET P 51 20.35 40.64 16.44
N GLU P 52 20.73 41.92 16.34
CA GLU P 52 21.94 42.41 16.97
C GLU P 52 21.86 42.33 18.49
N GLN P 53 20.64 42.37 19.01
CA GLN P 53 20.41 42.43 20.45
C GLN P 53 20.75 41.14 21.20
N GLU P 54 20.16 40.03 20.76
CA GLU P 54 20.35 38.75 21.42
C GLU P 54 21.79 38.58 21.92
N GLY P 55 21.94 38.52 23.25
CA GLY P 55 23.24 38.45 23.87
C GLY P 55 24.19 37.45 23.25
N PRO P 56 25.50 37.69 23.41
CA PRO P 56 26.55 36.81 22.88
C PRO P 56 26.40 35.37 23.36
N GLU P 57 25.83 35.18 24.54
CA GLU P 57 25.61 33.84 25.08
C GLU P 57 24.57 33.09 24.26
N TYR P 58 23.66 33.84 23.65
CA TYR P 58 22.64 33.26 22.78
C TYR P 58 23.28 32.60 21.56
N TRP P 59 24.28 33.25 21.00
CA TRP P 59 24.94 32.75 19.80
C TRP P 59 25.72 31.47 20.06
N GLU P 60 26.19 31.30 21.30
CA GLU P 60 26.92 30.09 21.66
C GLU P 60 25.99 28.89 21.73
N ARG P 61 24.77 29.13 22.21
CA ARG P 61 23.77 28.07 22.28
C ARG P 61 23.30 27.68 20.88
N GLU P 62 23.51 28.58 19.93
CA GLU P 62 23.10 28.36 18.55
C GLU P 62 24.21 27.70 17.73
N THR P 63 25.42 28.27 17.81
CA THR P 63 26.55 27.72 17.08
C THR P 63 26.80 26.27 17.49
N GLN P 64 26.45 25.93 18.72
CA GLN P 64 26.57 24.56 19.22
C GLN P 64 25.56 23.65 18.55
N LYS P 65 24.35 24.16 18.33
CA LYS P 65 23.30 23.37 17.70
C LYS P 65 23.55 23.21 16.20
N ALA P 66 24.09 24.25 15.58
CA ALA P 66 24.46 24.17 14.17
C ALA P 66 25.56 23.15 13.99
N LYS P 67 26.57 23.21 14.85
CA LYS P 67 27.66 22.25 14.85
C LYS P 67 27.15 20.84 15.07
N GLY P 68 26.01 20.73 15.74
CA GLY P 68 25.39 19.44 16.03
C GLY P 68 24.70 18.83 14.82
N GLN P 69 23.91 19.64 14.14
CA GLN P 69 23.21 19.19 12.93
C GLN P 69 24.20 18.98 11.78
N GLU P 70 25.35 19.63 11.86
CA GLU P 70 26.40 19.42 10.88
C GLU P 70 26.78 17.95 10.89
N GLN P 71 27.09 17.44 12.08
CA GLN P 71 27.46 16.04 12.25
C GLN P 71 26.30 15.12 11.88
N TRP P 72 25.08 15.59 12.07
CA TRP P 72 23.90 14.81 11.72
C TRP P 72 23.84 14.63 10.22
N PHE P 73 23.84 15.74 9.49
CA PHE P 73 23.82 15.72 8.03
C PHE P 73 24.97 14.89 7.46
N ARG P 74 26.15 15.01 8.06
CA ARG P 74 27.32 14.28 7.58
C ARG P 74 27.07 12.77 7.63
N VAL P 75 26.49 12.32 8.73
CA VAL P 75 26.17 10.90 8.89
C VAL P 75 25.02 10.50 7.97
N SER P 76 23.95 11.28 7.99
CA SER P 76 22.81 11.04 7.12
C SER P 76 23.25 10.92 5.66
N LEU P 77 24.27 11.68 5.28
CA LEU P 77 24.76 11.67 3.91
C LEU P 77 25.48 10.36 3.59
N ARG P 78 26.16 9.80 4.58
CA ARG P 78 26.85 8.53 4.38
C ARG P 78 25.83 7.41 4.18
N ASN P 79 24.77 7.44 4.99
CA ASN P 79 23.69 6.48 4.87
C ASN P 79 23.05 6.54 3.49
N LEU P 80 22.76 7.76 3.04
CA LEU P 80 22.17 7.97 1.73
C LEU P 80 22.98 7.30 0.63
N LEU P 81 24.30 7.42 0.71
CA LEU P 81 25.18 6.80 -0.27
C LEU P 81 25.03 5.29 -0.27
N GLY P 82 24.56 4.75 0.85
CA GLY P 82 24.29 3.33 0.94
C GLY P 82 23.02 2.95 0.22
N TYR P 83 21.90 3.54 0.62
CA TYR P 83 20.60 3.26 0.03
C TYR P 83 20.61 3.34 -1.49
N TYR P 84 21.31 4.33 -2.01
CA TYR P 84 21.35 4.56 -3.46
C TYR P 84 22.61 3.98 -4.10
N ASN P 85 23.35 3.19 -3.33
CA ASN P 85 24.58 2.56 -3.82
C ASN P 85 25.47 3.48 -4.66
N GLN P 86 25.59 4.73 -4.23
CA GLN P 86 26.49 5.68 -4.86
C GLN P 86 27.85 5.54 -4.20
N SER P 87 28.91 5.73 -4.97
CA SER P 87 30.27 5.59 -4.45
C SER P 87 30.73 6.82 -3.68
N ALA P 88 31.61 6.61 -2.70
CA ALA P 88 32.07 7.68 -1.83
C ALA P 88 32.85 8.76 -2.56
N GLY P 89 33.00 9.91 -1.92
CA GLY P 89 33.74 11.02 -2.49
C GLY P 89 33.12 11.56 -3.76
N GLY P 90 31.94 12.15 -3.64
CA GLY P 90 31.25 12.73 -4.78
C GLY P 90 30.38 13.89 -4.36
N SER P 91 29.70 14.50 -5.33
CA SER P 91 28.81 15.62 -5.06
C SER P 91 27.37 15.17 -4.89
N HIS P 92 26.85 15.30 -3.68
CA HIS P 92 25.48 14.94 -3.37
C HIS P 92 24.87 15.93 -2.38
N THR P 93 23.70 16.45 -2.70
CA THR P 93 23.07 17.47 -1.87
C THR P 93 21.95 16.91 -0.99
N LEU P 94 21.98 17.24 0.30
CA LEU P 94 20.96 16.79 1.24
C LEU P 94 20.35 17.99 1.97
N GLN P 95 19.18 18.42 1.52
CA GLN P 95 18.56 19.64 2.02
C GLN P 95 17.45 19.36 3.03
N GLN P 96 17.10 20.37 3.82
CA GLN P 96 16.07 20.24 4.85
C GLN P 96 15.33 21.55 5.11
N MET P 97 14.00 21.47 5.21
CA MET P 97 13.18 22.62 5.56
C MET P 97 12.35 22.32 6.80
N SER P 98 12.29 23.28 7.73
CA SER P 98 11.54 23.10 8.96
C SER P 98 11.15 24.43 9.59
N GLY P 99 9.87 24.54 9.96
CA GLY P 99 9.37 25.75 10.58
C GLY P 99 7.90 25.68 10.94
N CYS P 100 7.33 26.82 11.29
CA CYS P 100 5.93 26.87 11.71
C CYS P 100 5.21 28.10 11.16
N ASP P 101 3.92 27.94 10.87
CA ASP P 101 3.09 29.06 10.43
C ASP P 101 2.10 29.43 11.53
N LEU P 102 1.86 30.72 11.69
CA LEU P 102 0.92 31.19 12.70
C LEU P 102 -0.29 31.88 12.06
N GLY P 103 -1.45 31.66 12.64
CA GLY P 103 -2.66 32.33 12.20
C GLY P 103 -2.78 33.68 12.89
N SER P 104 -3.82 34.44 12.57
CA SER P 104 -4.04 35.73 13.20
C SER P 104 -3.96 35.59 14.72
N ASP P 105 -4.63 34.56 15.25
CA ASP P 105 -4.49 34.21 16.65
C ASP P 105 -3.07 33.69 16.87
N TRP P 106 -2.41 34.20 17.91
CA TRP P 106 -0.97 34.01 18.07
C TRP P 106 -0.50 32.57 18.18
N ARG P 107 -1.39 31.65 18.55
CA ARG P 107 -1.01 30.25 18.70
C ARG P 107 -0.66 29.63 17.34
N LEU P 108 -0.12 28.42 17.37
CA LEU P 108 0.33 27.73 16.16
C LEU P 108 -0.80 27.49 15.15
N LEU P 109 -0.45 27.57 13.87
CA LEU P 109 -1.41 27.31 12.79
C LEU P 109 -1.03 26.07 11.99
N ARG P 110 0.27 25.88 11.76
CA ARG P 110 0.75 24.80 10.90
C ARG P 110 2.21 24.48 11.19
N GLY P 111 2.58 23.21 10.99
CA GLY P 111 3.95 22.78 11.18
C GLY P 111 4.55 22.22 9.90
N TYR P 112 5.86 22.35 9.74
CA TYR P 112 6.53 21.87 8.54
C TYR P 112 7.83 21.14 8.87
N LEU P 113 8.10 20.09 8.11
CA LEU P 113 9.34 19.32 8.28
C LEU P 113 9.51 18.35 7.12
N GLN P 114 10.47 18.65 6.25
CA GLN P 114 10.70 17.82 5.07
C GLN P 114 12.16 17.86 4.61
N PHE P 115 12.60 16.77 4.00
CA PHE P 115 13.99 16.66 3.53
C PHE P 115 14.04 16.54 2.01
N ALA P 116 15.25 16.53 1.46
CA ALA P 116 15.43 16.37 0.02
C ALA P 116 16.80 15.77 -0.30
N TYR P 117 16.85 14.95 -1.35
CA TYR P 117 18.11 14.36 -1.79
C TYR P 117 18.25 14.51 -3.29
N GLU P 118 19.40 14.99 -3.73
CA GLU P 118 19.68 15.20 -5.14
C GLU P 118 18.62 16.10 -5.78
N GLY P 119 18.01 16.95 -4.97
CA GLY P 119 17.02 17.90 -5.46
C GLY P 119 15.60 17.41 -5.36
N ARG P 120 15.42 16.10 -5.18
CA ARG P 120 14.08 15.51 -5.12
C ARG P 120 13.60 15.36 -3.67
N ASP P 121 12.28 15.28 -3.51
CA ASP P 121 11.69 15.05 -2.19
C ASP P 121 12.10 13.67 -1.69
N TYR P 122 12.32 13.55 -0.39
CA TYR P 122 12.75 12.28 0.20
C TYR P 122 11.73 11.76 1.21
N ILE P 123 11.68 12.39 2.38
CA ILE P 123 10.75 12.03 3.42
C ILE P 123 10.21 13.28 4.08
N ALA P 124 8.95 13.25 4.51
CA ALA P 124 8.31 14.44 5.07
C ALA P 124 7.33 14.12 6.19
N LEU P 125 7.34 14.97 7.21
CA LEU P 125 6.39 14.84 8.31
C LEU P 125 5.02 15.35 7.85
N ASN P 126 4.01 14.51 7.99
CA ASN P 126 2.66 14.87 7.59
C ASN P 126 2.06 15.99 8.43
N GLU P 127 1.05 16.66 7.89
CA GLU P 127 0.41 17.80 8.56
C GLU P 127 -0.02 17.46 9.98
N ASP P 128 -0.37 16.21 10.21
CA ASP P 128 -0.81 15.76 11.54
C ASP P 128 0.36 15.58 12.49
N LEU P 129 1.57 15.79 11.99
CA LEU P 129 2.77 15.75 12.81
C LEU P 129 2.92 14.44 13.57
N LYS P 130 2.56 13.33 12.93
CA LYS P 130 2.65 12.03 13.57
C LYS P 130 2.99 10.89 12.60
N THR P 131 2.83 11.15 11.30
CA THR P 131 3.11 10.14 10.28
C THR P 131 4.09 10.66 9.23
N TRP P 132 4.66 9.75 8.44
CA TRP P 132 5.68 10.14 7.46
C TRP P 132 5.31 9.77 6.02
N THR P 133 5.58 10.69 5.10
CA THR P 133 5.42 10.44 3.67
C THR P 133 6.77 10.07 3.06
N ALA P 134 6.77 9.07 2.18
CA ALA P 134 8.00 8.62 1.54
C ALA P 134 7.92 8.80 0.02
N ALA P 135 8.95 9.43 -0.53
CA ALA P 135 8.98 9.76 -1.96
C ALA P 135 9.46 8.60 -2.82
N ASP P 136 10.16 7.65 -2.20
CA ASP P 136 10.63 6.46 -2.90
C ASP P 136 10.95 5.34 -1.94
N MET P 137 11.37 4.20 -2.48
CA MET P 137 11.59 3.01 -1.67
C MET P 137 12.76 3.15 -0.69
N ALA P 138 13.60 4.15 -0.94
CA ALA P 138 14.75 4.41 -0.07
C ALA P 138 14.32 5.11 1.21
N ALA P 139 13.42 6.08 1.07
CA ALA P 139 12.92 6.85 2.22
C ALA P 139 12.12 5.97 3.18
N GLN P 140 11.49 4.93 2.64
CA GLN P 140 10.71 4.02 3.45
C GLN P 140 11.59 3.24 4.42
N ILE P 141 12.88 3.14 4.10
CA ILE P 141 13.84 2.51 4.99
C ILE P 141 14.04 3.39 6.22
N THR P 142 14.03 4.70 5.99
CA THR P 142 14.23 5.67 7.06
C THR P 142 12.94 5.89 7.82
N ARG P 143 11.83 5.92 7.10
CA ARG P 143 10.52 6.04 7.73
C ARG P 143 10.41 4.98 8.82
N ARG P 144 10.54 3.72 8.42
CA ARG P 144 10.53 2.61 9.36
C ARG P 144 11.41 2.93 10.55
N LYS P 145 12.66 3.29 10.26
CA LYS P 145 13.65 3.64 11.26
C LYS P 145 13.08 4.64 12.27
N TRP P 146 12.51 5.72 11.74
CA TRP P 146 12.03 6.82 12.57
C TRP P 146 10.75 6.46 13.34
N GLU P 147 9.91 5.62 12.73
CA GLU P 147 8.67 5.22 13.36
C GLU P 147 8.91 4.32 14.57
N GLN P 148 9.93 3.47 14.48
CA GLN P 148 10.25 2.54 15.55
C GLN P 148 11.09 3.18 16.65
N SER P 149 11.47 4.43 16.46
CA SER P 149 12.26 5.15 17.46
C SER P 149 11.48 6.31 18.05
N GLY P 150 10.35 6.65 17.44
CA GLY P 150 9.50 7.70 17.94
C GLY P 150 10.02 9.08 17.56
N ALA P 151 10.61 9.18 16.37
CA ALA P 151 11.21 10.42 15.92
C ALA P 151 10.19 11.54 15.79
N ALA P 152 9.05 11.23 15.20
CA ALA P 152 8.01 12.23 14.96
C ALA P 152 7.70 13.07 16.20
N GLU P 153 7.61 12.41 17.36
CA GLU P 153 7.28 13.08 18.60
C GLU P 153 8.31 14.14 18.97
N HIS P 154 9.56 13.93 18.57
CA HIS P 154 10.64 14.87 18.86
C HIS P 154 10.48 16.17 18.07
N TYR P 155 9.95 16.07 16.85
CA TYR P 155 9.81 17.22 15.99
C TYR P 155 8.55 18.00 16.30
N LYS P 156 7.52 17.30 16.77
CA LYS P 156 6.26 17.94 17.11
C LYS P 156 6.43 18.83 18.34
N ALA P 157 7.33 18.43 19.22
CA ALA P 157 7.60 19.19 20.45
C ALA P 157 8.24 20.54 20.13
N TYR P 158 9.02 20.58 19.04
CA TYR P 158 9.69 21.80 18.64
C TYR P 158 8.76 22.68 17.79
N LEU P 159 8.14 22.07 16.78
CA LEU P 159 7.24 22.81 15.90
C LEU P 159 6.14 23.52 16.66
N GLU P 160 5.76 22.94 17.80
CA GLU P 160 4.67 23.49 18.61
C GLU P 160 5.19 24.25 19.82
N GLY P 161 6.40 23.90 20.26
CA GLY P 161 6.98 24.52 21.44
C GLY P 161 8.02 25.59 21.13
N GLU P 162 9.28 25.19 21.14
CA GLU P 162 10.39 26.12 20.98
C GLU P 162 10.25 27.04 19.77
N CYS P 163 9.75 26.48 18.66
CA CYS P 163 9.56 27.25 17.44
C CYS P 163 8.62 28.42 17.68
N VAL P 164 7.39 28.13 18.06
CA VAL P 164 6.39 29.17 18.31
C VAL P 164 6.86 30.14 19.38
N GLU P 165 7.36 29.60 20.49
CA GLU P 165 7.80 30.42 21.61
C GLU P 165 8.95 31.35 21.23
N TRP P 166 9.80 30.91 20.30
CA TRP P 166 10.93 31.72 19.85
C TRP P 166 10.58 32.55 18.62
N LEU P 167 9.36 32.41 18.13
CA LEU P 167 8.89 33.21 17.00
C LEU P 167 8.24 34.49 17.52
N HIS P 168 7.45 34.35 18.57
CA HIS P 168 6.82 35.49 19.22
C HIS P 168 7.87 36.57 19.48
N ARG P 169 8.97 36.17 20.12
CA ARG P 169 10.03 37.10 20.47
C ARG P 169 10.63 37.79 19.24
N TYR P 170 10.82 37.02 18.17
CA TYR P 170 11.35 37.57 16.92
C TYR P 170 10.37 38.59 16.33
N LEU P 171 9.08 38.25 16.38
CA LEU P 171 8.04 39.13 15.85
C LEU P 171 7.91 40.41 16.68
N LYS P 172 8.07 40.29 17.99
CA LYS P 172 7.98 41.44 18.88
C LYS P 172 9.08 42.45 18.58
N ASN P 173 10.27 41.96 18.31
CA ASN P 173 11.40 42.82 17.95
C ASN P 173 11.39 43.18 16.46
N GLY P 174 10.43 42.61 15.73
CA GLY P 174 10.32 42.84 14.30
C GLY P 174 9.37 43.97 13.94
N ASN P 175 8.98 44.74 14.96
CA ASN P 175 8.10 45.89 14.73
C ASN P 175 8.88 47.15 14.39
N ALA P 176 10.14 46.98 14.02
CA ALA P 176 11.01 48.11 13.69
C ALA P 176 11.66 47.92 12.32
N THR P 177 11.65 46.70 11.82
CA THR P 177 12.26 46.39 10.52
C THR P 177 11.28 45.71 9.57
N LEU P 178 10.59 44.68 10.06
CA LEU P 178 9.68 43.91 9.22
C LEU P 178 8.54 44.75 8.66
N LEU P 179 8.24 45.87 9.32
CA LEU P 179 7.13 46.72 8.91
C LEU P 179 7.51 47.69 7.79
N ARG P 180 8.75 47.57 7.30
CA ARG P 180 9.22 48.45 6.23
C ARG P 180 8.66 48.06 4.87
N THR P 181 8.12 49.04 4.16
CA THR P 181 7.56 48.83 2.83
C THR P 181 7.94 49.96 1.88
N ASP P 182 8.59 49.61 0.77
CA ASP P 182 9.03 50.59 -0.21
C ASP P 182 8.15 50.54 -1.45
N SER P 183 7.83 51.71 -2.02
CA SER P 183 6.93 51.80 -3.16
C SER P 183 7.67 51.79 -4.50
N PRO P 184 7.01 51.29 -5.55
CA PRO P 184 7.57 51.21 -6.91
C PRO P 184 7.68 52.58 -7.58
N LYS P 185 8.72 52.76 -8.38
CA LYS P 185 8.88 53.98 -9.15
C LYS P 185 8.58 53.67 -10.62
N ALA P 186 7.31 53.53 -10.94
CA ALA P 186 6.90 53.07 -12.26
C ALA P 186 7.02 54.14 -13.34
N HIS P 187 7.22 53.68 -14.57
CA HIS P 187 7.31 54.57 -15.74
C HIS P 187 7.42 53.74 -17.02
N VAL P 188 6.55 54.01 -17.98
CA VAL P 188 6.53 53.24 -19.22
C VAL P 188 7.69 53.63 -20.14
N THR P 189 8.24 52.64 -20.83
CA THR P 189 9.33 52.88 -21.78
C THR P 189 8.90 52.53 -23.20
N HIS P 190 9.32 53.33 -24.16
CA HIS P 190 8.89 53.15 -25.56
C HIS P 190 10.03 52.65 -26.44
N HIS P 191 9.86 51.42 -26.94
CA HIS P 191 10.86 50.82 -27.82
C HIS P 191 10.26 50.51 -29.19
N PRO P 192 10.93 50.95 -30.26
CA PRO P 192 10.48 50.72 -31.63
C PRO P 192 10.62 49.25 -32.04
N ARG P 193 9.57 48.68 -32.60
CA ARG P 193 9.60 47.27 -33.00
C ARG P 193 9.79 47.14 -34.51
N SER P 194 8.99 46.28 -35.14
CA SER P 194 9.10 46.01 -36.56
C SER P 194 8.55 47.15 -37.41
N LYS P 195 8.01 46.82 -38.58
CA LYS P 195 7.48 47.81 -39.49
C LYS P 195 6.11 48.31 -39.04
N GLY P 196 6.09 49.42 -38.30
CA GLY P 196 4.86 50.01 -37.83
C GLY P 196 4.40 49.44 -36.50
N GLU P 197 5.27 48.67 -35.86
CA GLU P 197 4.96 48.06 -34.57
C GLU P 197 5.81 48.66 -33.46
N VAL P 198 5.29 48.62 -32.23
CA VAL P 198 5.99 49.16 -31.09
C VAL P 198 5.78 48.31 -29.84
N THR P 199 6.82 48.19 -29.02
CA THR P 199 6.72 47.44 -27.76
C THR P 199 6.79 48.38 -26.56
N LEU P 200 5.94 48.12 -25.57
CA LEU P 200 5.89 48.95 -24.37
C LEU P 200 5.98 48.09 -23.10
N ARG P 201 7.09 48.20 -22.39
CA ARG P 201 7.27 47.48 -21.14
C ARG P 201 7.13 48.39 -19.93
N CYS P 202 6.10 48.16 -19.12
CA CYS P 202 5.84 48.95 -17.94
C CYS P 202 6.82 48.58 -16.83
N TRP P 203 7.70 49.51 -16.46
CA TRP P 203 8.74 49.25 -15.48
C TRP P 203 8.28 49.55 -14.05
N ALA P 204 9.06 49.05 -13.08
CA ALA P 204 8.78 49.27 -11.67
C ALA P 204 9.99 48.84 -10.85
N LEU P 205 10.64 49.79 -10.19
CA LEU P 205 11.85 49.51 -9.43
C LEU P 205 11.80 50.12 -8.03
N GLY P 206 12.64 49.61 -7.14
CA GLY P 206 12.75 50.15 -5.79
C GLY P 206 11.78 49.55 -4.80
N PHE P 207 10.74 48.90 -5.29
CA PHE P 207 9.71 48.33 -4.42
C PHE P 207 10.24 47.20 -3.54
N TYR P 208 9.46 46.81 -2.55
CA TYR P 208 9.86 45.79 -1.59
C TYR P 208 8.68 45.36 -0.74
N PRO P 209 8.50 44.04 -0.56
CA PRO P 209 9.37 43.01 -1.12
C PRO P 209 8.99 42.61 -2.54
N ALA P 210 9.54 41.50 -3.01
CA ALA P 210 9.35 41.04 -4.39
C ALA P 210 7.87 40.93 -4.79
N ASP P 211 7.02 40.55 -3.84
CA ASP P 211 5.61 40.35 -4.15
C ASP P 211 5.00 41.58 -4.81
N ILE P 212 4.60 41.44 -6.07
CA ILE P 212 4.03 42.55 -6.82
C ILE P 212 3.33 42.04 -8.09
N THR P 213 2.36 42.80 -8.57
CA THR P 213 1.62 42.42 -9.78
C THR P 213 1.54 43.59 -10.76
N LEU P 214 1.74 43.30 -12.04
CA LEU P 214 1.69 44.34 -13.08
C LEU P 214 0.57 44.03 -14.08
N THR P 215 -0.31 45.00 -14.29
CA THR P 215 -1.48 44.79 -15.14
C THR P 215 -1.48 45.71 -16.36
N TRP P 216 -1.66 45.12 -17.54
CA TRP P 216 -1.80 45.89 -18.77
C TRP P 216 -3.26 45.89 -19.22
N GLN P 217 -3.70 46.98 -19.83
CA GLN P 217 -5.11 47.14 -20.14
C GLN P 217 -5.38 47.81 -21.48
N LEU P 218 -6.29 47.22 -22.25
CA LEU P 218 -6.77 47.80 -23.50
C LEU P 218 -8.14 48.40 -23.28
N ASN P 219 -8.34 49.62 -23.79
CA ASN P 219 -9.61 50.32 -23.60
C ASN P 219 -9.93 50.50 -22.13
N GLY P 220 -10.75 49.59 -21.59
CA GLY P 220 -11.10 49.60 -20.18
C GLY P 220 -10.93 48.24 -19.56
N GLU P 221 -10.74 47.23 -20.40
CA GLU P 221 -10.54 45.86 -19.95
C GLU P 221 -9.06 45.49 -19.94
N GLU P 222 -8.76 44.31 -19.41
CA GLU P 222 -7.37 43.89 -19.23
C GLU P 222 -6.91 42.87 -20.26
N LEU P 223 -5.69 43.03 -20.75
CA LEU P 223 -5.09 42.07 -21.68
C LEU P 223 -4.60 40.84 -20.93
N THR P 224 -4.94 39.66 -21.44
CA THR P 224 -4.62 38.41 -20.77
C THR P 224 -3.41 37.71 -21.38
N GLN P 225 -3.42 37.57 -22.70
CA GLN P 225 -2.40 36.80 -23.41
C GLN P 225 -1.27 37.67 -23.94
N ASP P 226 -1.60 38.54 -24.89
CA ASP P 226 -0.62 39.35 -25.62
C ASP P 226 0.64 39.70 -24.83
N MET P 227 0.45 40.28 -23.65
CA MET P 227 1.57 40.78 -22.85
C MET P 227 2.62 39.72 -22.52
N GLU P 228 3.88 40.12 -22.52
CA GLU P 228 4.99 39.25 -22.12
C GLU P 228 5.54 39.72 -20.77
N LEU P 229 6.08 38.78 -19.99
CA LEU P 229 6.52 39.10 -18.64
C LEU P 229 7.80 38.36 -18.26
N VAL P 230 8.46 38.87 -17.21
CA VAL P 230 9.62 38.20 -16.63
C VAL P 230 9.48 38.16 -15.10
N GLU P 231 10.16 37.21 -14.47
CA GLU P 231 10.06 37.06 -13.03
C GLU P 231 10.74 38.21 -12.31
N THR P 232 10.26 38.51 -11.10
CA THR P 232 10.84 39.58 -10.30
C THR P 232 12.33 39.31 -10.06
N ARG P 233 13.11 40.37 -9.93
CA ARG P 233 14.55 40.26 -9.72
C ARG P 233 15.06 41.34 -8.77
N PRO P 234 16.02 40.97 -7.92
CA PRO P 234 16.60 41.89 -6.93
C PRO P 234 17.62 42.82 -7.56
N ALA P 235 17.94 43.92 -6.87
CA ALA P 235 18.92 44.87 -7.37
C ALA P 235 20.28 44.66 -6.71
N GLY P 236 20.25 44.18 -5.47
CA GLY P 236 21.47 43.94 -4.73
C GLY P 236 21.67 44.96 -3.63
N ASP P 237 20.61 45.71 -3.34
CA ASP P 237 20.66 46.74 -2.31
C ASP P 237 19.46 46.64 -1.37
N GLY P 238 18.49 45.80 -1.74
CA GLY P 238 17.31 45.60 -0.92
C GLY P 238 16.02 45.92 -1.66
N THR P 239 16.13 46.15 -2.97
CA THR P 239 14.97 46.47 -3.79
C THR P 239 14.77 45.45 -4.88
N PHE P 240 13.58 45.45 -5.48
CA PHE P 240 13.26 44.51 -6.56
C PHE P 240 12.73 45.26 -7.78
N GLN P 241 12.64 44.55 -8.90
CA GLN P 241 12.20 45.15 -10.15
C GLN P 241 11.49 44.13 -11.05
N LYS P 242 10.65 44.62 -11.95
CA LYS P 242 9.84 43.76 -12.82
C LYS P 242 9.19 44.57 -13.93
N TRP P 243 9.05 43.97 -15.11
CA TRP P 243 8.44 44.68 -16.24
C TRP P 243 7.56 43.77 -17.11
N ALA P 244 6.67 44.39 -17.88
CA ALA P 244 5.77 43.66 -18.76
C ALA P 244 5.59 44.40 -20.09
N SER P 245 5.97 43.75 -21.18
CA SER P 245 5.93 44.38 -22.51
C SER P 245 4.75 43.89 -23.36
N VAL P 246 4.35 44.73 -24.30
CA VAL P 246 3.23 44.42 -25.19
C VAL P 246 3.47 44.92 -26.61
N VAL P 247 3.07 44.12 -27.60
CA VAL P 247 3.20 44.51 -29.00
C VAL P 247 2.01 45.37 -29.44
N VAL P 248 2.19 46.69 -29.38
CA VAL P 248 1.11 47.62 -29.71
C VAL P 248 1.35 48.32 -31.04
N PRO P 249 0.27 48.57 -31.79
CA PRO P 249 0.31 49.30 -33.06
C PRO P 249 0.85 50.71 -32.88
N LEU P 250 1.71 51.16 -33.79
CA LEU P 250 2.32 52.48 -33.71
C LEU P 250 1.28 53.58 -33.71
N GLY P 251 1.52 54.62 -32.91
CA GLY P 251 0.64 55.76 -32.83
C GLY P 251 -0.65 55.49 -32.10
N LYS P 252 -0.62 54.50 -31.20
CA LYS P 252 -1.80 54.14 -30.42
C LYS P 252 -1.42 53.89 -28.97
N GLU P 253 -0.32 54.50 -28.53
CA GLU P 253 0.23 54.28 -27.20
C GLU P 253 -0.68 54.85 -26.11
N GLN P 254 -1.63 55.69 -26.50
CA GLN P 254 -2.52 56.35 -25.54
C GLN P 254 -3.64 55.42 -25.08
N ASN P 255 -4.10 54.56 -25.97
CA ASN P 255 -5.20 53.65 -25.67
C ASN P 255 -4.82 52.57 -24.65
N TYR P 256 -3.53 52.43 -24.41
CA TYR P 256 -3.03 51.40 -23.50
C TYR P 256 -2.57 52.00 -22.17
N THR P 257 -3.05 51.41 -21.08
CA THR P 257 -2.70 51.87 -19.74
C THR P 257 -2.06 50.77 -18.92
N CYS P 258 -1.21 51.16 -17.97
CA CYS P 258 -0.48 50.20 -17.14
C CYS P 258 -0.85 50.38 -15.67
N ARG P 259 -0.88 49.26 -14.94
CA ARG P 259 -1.23 49.28 -13.52
C ARG P 259 -0.16 48.62 -12.65
N VAL P 260 0.07 49.20 -11.47
CA VAL P 260 1.06 48.68 -10.53
C VAL P 260 0.46 48.52 -9.14
N TYR P 261 0.15 47.28 -8.77
CA TYR P 261 -0.44 47.00 -7.46
C TYR P 261 0.64 46.61 -6.45
N HIS P 262 0.64 47.28 -5.30
CA HIS P 262 1.60 46.98 -4.24
C HIS P 262 1.03 47.28 -2.87
N GLU P 263 1.49 46.54 -1.86
CA GLU P 263 0.99 46.69 -0.50
C GLU P 263 1.40 48.03 0.10
N GLY P 264 2.64 48.44 -0.15
CA GLY P 264 3.14 49.70 0.36
C GLY P 264 2.67 50.88 -0.46
N LEU P 265 1.58 50.68 -1.20
CA LEU P 265 1.04 51.71 -2.07
C LEU P 265 -0.39 52.06 -1.65
N PRO P 266 -0.73 53.36 -1.69
CA PRO P 266 -2.08 53.81 -1.33
C PRO P 266 -3.11 53.43 -2.38
N GLU P 267 -2.87 53.81 -3.63
CA GLU P 267 -3.77 53.49 -4.72
C GLU P 267 -3.01 52.84 -5.88
N PRO P 268 -3.65 51.87 -6.54
CA PRO P 268 -3.06 51.21 -7.72
C PRO P 268 -2.66 52.25 -8.76
N LEU P 269 -1.39 52.63 -8.75
CA LEU P 269 -0.89 53.69 -9.62
C LEU P 269 -1.10 53.38 -11.10
N THR P 270 -1.82 54.27 -11.78
CA THR P 270 -2.05 54.15 -13.22
C THR P 270 -1.04 55.00 -13.97
N LEU P 271 -0.66 54.55 -15.17
CA LEU P 271 0.33 55.28 -15.96
C LEU P 271 0.30 54.88 -17.43
N ARG P 272 0.43 55.88 -18.30
CA ARG P 272 0.48 55.66 -19.75
C ARG P 272 1.84 56.09 -20.29
N TRP P 273 1.92 56.32 -21.60
CA TRP P 273 3.17 56.77 -22.20
C TRP P 273 3.46 58.22 -21.82
N GLN Q 2 18.28 17.05 -11.38
CA GLN Q 2 18.96 18.18 -12.01
C GLN Q 2 17.97 19.12 -12.70
N LYS Q 3 18.23 20.42 -12.61
CA LYS Q 3 17.37 21.41 -13.24
C LYS Q 3 18.18 22.49 -13.94
N THR Q 4 17.88 22.71 -15.22
CA THR Q 4 18.56 23.73 -16.01
C THR Q 4 18.35 25.13 -15.43
N PRO Q 5 19.44 25.88 -15.25
CA PRO Q 5 19.39 27.22 -14.68
C PRO Q 5 18.73 28.22 -15.63
N GLN Q 6 17.96 29.15 -15.07
CA GLN Q 6 17.37 30.23 -15.85
C GLN Q 6 18.03 31.54 -15.45
N ILE Q 7 18.37 32.35 -16.45
CA ILE Q 7 19.18 33.54 -16.22
C ILE Q 7 18.54 34.82 -16.75
N GLN Q 8 18.71 35.91 -15.99
CA GLN Q 8 18.33 37.24 -16.44
C GLN Q 8 19.47 38.21 -16.15
N VAL Q 9 20.04 38.78 -17.21
CA VAL Q 9 21.12 39.74 -17.05
C VAL Q 9 20.60 41.17 -17.15
N TYR Q 10 20.80 41.94 -16.09
CA TYR Q 10 20.23 43.29 -16.02
C TYR Q 10 21.11 44.21 -15.17
N SER Q 11 20.71 45.48 -15.09
CA SER Q 11 21.45 46.47 -14.32
C SER Q 11 20.68 46.94 -13.10
N ARG Q 12 21.40 47.22 -12.02
CA ARG Q 12 20.77 47.69 -10.78
C ARG Q 12 19.92 48.94 -11.03
N HIS Q 13 20.44 49.84 -11.86
CA HIS Q 13 19.72 51.05 -12.23
C HIS Q 13 19.49 51.08 -13.74
N PRO Q 14 18.50 51.85 -14.20
CA PRO Q 14 18.27 51.97 -15.65
C PRO Q 14 19.55 52.36 -16.38
N PRO Q 15 19.79 51.77 -17.55
CA PRO Q 15 21.01 51.98 -18.34
C PRO Q 15 21.09 53.36 -18.98
N GLU Q 16 22.26 53.98 -18.91
CA GLU Q 16 22.52 55.25 -19.59
C GLU Q 16 24.02 55.50 -19.71
N ASN Q 17 24.53 55.43 -20.92
CA ASN Q 17 25.96 55.53 -21.20
C ASN Q 17 26.71 56.53 -20.30
N GLY Q 18 27.83 56.07 -19.75
CA GLY Q 18 28.68 56.92 -18.93
C GLY Q 18 28.45 56.78 -17.45
N LYS Q 19 27.20 56.49 -17.06
CA LYS Q 19 26.84 56.37 -15.66
C LYS Q 19 27.50 55.17 -14.99
N PRO Q 20 27.96 55.34 -13.75
CA PRO Q 20 28.56 54.26 -12.95
C PRO Q 20 27.48 53.33 -12.40
N ASN Q 21 27.02 52.39 -13.22
CA ASN Q 21 25.95 51.48 -12.84
C ASN Q 21 26.49 50.15 -12.31
N ILE Q 22 25.61 49.17 -12.19
CA ILE Q 22 26.00 47.83 -11.73
C ILE Q 22 25.31 46.74 -12.53
N LEU Q 23 26.11 45.78 -12.99
CA LEU Q 23 25.59 44.64 -13.75
C LEU Q 23 25.23 43.51 -12.80
N ASN Q 24 24.18 42.76 -13.13
CA ASN Q 24 23.72 41.66 -12.29
C ASN Q 24 23.47 40.36 -13.03
N CYS Q 25 23.85 39.26 -12.39
CA CYS Q 25 23.58 37.92 -12.91
C CYS Q 25 22.69 37.19 -11.92
N TYR Q 26 21.42 37.01 -12.28
CA TYR Q 26 20.44 36.40 -11.37
C TYR Q 26 20.09 34.98 -11.79
N VAL Q 27 20.92 34.02 -11.37
CA VAL Q 27 20.70 32.62 -11.71
C VAL Q 27 19.74 31.98 -10.72
N THR Q 28 18.69 31.36 -11.25
CA THR Q 28 17.65 30.75 -10.42
C THR Q 28 17.25 29.38 -10.93
N GLN Q 29 16.58 28.60 -10.08
CA GLN Q 29 16.00 27.32 -10.50
C GLN Q 29 17.06 26.31 -10.90
N PHE Q 30 18.25 26.41 -10.32
CA PHE Q 30 19.32 25.49 -10.66
C PHE Q 30 19.65 24.51 -9.53
N HIS Q 31 20.03 23.29 -9.91
CA HIS Q 31 20.43 22.27 -8.96
C HIS Q 31 21.15 21.18 -9.73
N PRO Q 32 22.28 20.67 -9.18
CA PRO Q 32 22.88 20.92 -7.86
C PRO Q 32 23.34 22.37 -7.67
N PRO Q 33 23.67 22.75 -6.43
CA PRO Q 33 24.09 24.11 -6.07
C PRO Q 33 25.45 24.47 -6.65
N HIS Q 34 26.29 23.48 -6.91
CA HIS Q 34 27.58 23.73 -7.52
C HIS Q 34 27.40 24.45 -8.84
N ILE Q 35 27.96 25.65 -8.94
CA ILE Q 35 27.79 26.46 -10.14
C ILE Q 35 28.93 27.46 -10.32
N GLU Q 36 29.30 27.69 -11.58
CA GLU Q 36 30.34 28.66 -11.91
C GLU Q 36 29.71 29.84 -12.66
N ILE Q 37 29.91 31.04 -12.11
CA ILE Q 37 29.35 32.24 -12.73
C ILE Q 37 30.44 33.19 -13.22
N GLN Q 38 30.26 33.72 -14.42
CA GLN Q 38 31.20 34.65 -15.01
C GLN Q 38 30.47 35.76 -15.77
N MET Q 39 31.05 36.95 -15.75
CA MET Q 39 30.55 38.06 -16.56
C MET Q 39 31.68 38.56 -17.45
N LEU Q 40 31.34 39.05 -18.63
CA LEU Q 40 32.35 39.46 -19.60
C LEU Q 40 31.96 40.69 -20.40
N LYS Q 41 32.96 41.42 -20.89
CA LYS Q 41 32.75 42.55 -21.78
C LYS Q 41 33.42 42.28 -23.13
N ASN Q 42 32.61 42.27 -24.19
CA ASN Q 42 33.10 41.99 -25.53
C ASN Q 42 33.70 40.60 -25.64
N GLY Q 43 33.58 39.82 -24.59
CA GLY Q 43 34.12 38.46 -24.55
C GLY Q 43 35.22 38.31 -23.51
N LYS Q 44 35.68 39.43 -22.98
CA LYS Q 44 36.78 39.42 -22.01
C LYS Q 44 36.28 39.16 -20.59
N LYS Q 45 36.79 38.09 -19.98
CA LYS Q 45 36.39 37.70 -18.63
C LYS Q 45 36.63 38.80 -17.61
N ILE Q 46 35.54 39.32 -17.05
CA ILE Q 46 35.62 40.39 -16.05
C ILE Q 46 35.96 39.83 -14.67
N PRO Q 47 36.96 40.42 -14.00
CA PRO Q 47 37.36 40.03 -12.64
C PRO Q 47 36.60 40.83 -11.59
N LYS Q 48 37.04 40.74 -10.35
CA LYS Q 48 36.43 41.46 -9.23
C LYS Q 48 34.91 41.33 -9.22
N VAL Q 49 34.44 40.09 -9.16
CA VAL Q 49 33.00 39.81 -9.07
C VAL Q 49 32.71 39.07 -7.77
N GLU Q 50 31.70 39.54 -7.04
CA GLU Q 50 31.33 38.90 -5.79
C GLU Q 50 29.94 38.29 -5.86
N MET Q 51 29.80 37.10 -5.27
CA MET Q 51 28.55 36.37 -5.26
C MET Q 51 27.79 36.67 -3.98
N SER Q 52 26.48 36.47 -4.01
CA SER Q 52 25.67 36.54 -2.79
C SER Q 52 25.91 35.26 -2.02
N ASP Q 53 25.11 35.02 -0.98
CA ASP Q 53 25.21 33.78 -0.23
C ASP Q 53 24.24 32.74 -0.80
N MET Q 54 24.62 31.48 -0.74
CA MET Q 54 23.83 30.40 -1.33
C MET Q 54 22.49 30.24 -0.64
N SER Q 55 21.41 30.35 -1.41
CA SER Q 55 20.06 30.23 -0.88
C SER Q 55 19.19 29.42 -1.84
N PHE Q 56 18.34 28.55 -1.29
CA PHE Q 56 17.45 27.76 -2.13
C PHE Q 56 16.00 28.04 -1.80
N SER Q 57 15.16 28.12 -2.84
CA SER Q 57 13.76 28.45 -2.68
C SER Q 57 12.92 27.29 -2.14
N LYS Q 58 11.61 27.36 -2.36
CA LYS Q 58 10.66 26.42 -1.77
C LYS Q 58 10.71 25.04 -2.43
N ASP Q 59 11.07 25.00 -3.71
CA ASP Q 59 11.10 23.74 -4.46
C ASP Q 59 12.52 23.19 -4.58
N TRP Q 60 13.33 23.44 -3.55
CA TRP Q 60 14.70 22.93 -3.48
C TRP Q 60 15.62 23.57 -4.52
N SER Q 61 15.04 24.33 -5.45
CA SER Q 61 15.83 25.03 -6.46
C SER Q 61 16.74 26.07 -5.82
N PHE Q 62 17.93 26.23 -6.38
CA PHE Q 62 18.87 27.22 -5.88
C PHE Q 62 18.80 28.52 -6.68
N TYR Q 63 19.17 29.62 -6.02
CA TYR Q 63 19.23 30.92 -6.67
C TYR Q 63 20.35 31.75 -6.05
N ILE Q 64 21.01 32.57 -6.88
CA ILE Q 64 22.16 33.33 -6.44
C ILE Q 64 22.26 34.63 -7.23
N LEU Q 65 23.01 35.60 -6.70
CA LEU Q 65 23.18 36.88 -7.37
C LEU Q 65 24.65 37.27 -7.47
N ALA Q 66 25.17 37.24 -8.70
CA ALA Q 66 26.54 37.67 -8.96
C ALA Q 66 26.51 39.07 -9.58
N HIS Q 67 27.43 39.93 -9.18
CA HIS Q 67 27.45 41.29 -9.67
C HIS Q 67 28.82 41.95 -9.67
N THR Q 68 28.95 43.00 -10.46
CA THR Q 68 30.15 43.83 -10.48
C THR Q 68 29.80 45.20 -11.04
N GLU Q 69 30.59 46.20 -10.68
CA GLU Q 69 30.36 47.56 -11.16
C GLU Q 69 30.79 47.70 -12.61
N PHE Q 70 30.01 48.43 -13.40
CA PHE Q 70 30.31 48.62 -14.81
C PHE Q 70 29.85 49.99 -15.31
N THR Q 71 30.48 50.46 -16.38
CA THR Q 71 30.14 51.75 -16.96
C THR Q 71 29.76 51.59 -18.43
N PRO Q 72 28.46 51.66 -18.73
CA PRO Q 72 27.90 51.42 -20.06
C PRO Q 72 28.48 52.34 -21.13
N THR Q 73 28.99 51.74 -22.21
CA THR Q 73 29.43 52.51 -23.37
C THR Q 73 28.54 52.16 -24.55
N GLU Q 74 28.77 52.80 -25.69
CA GLU Q 74 27.92 52.60 -26.86
C GLU Q 74 28.41 51.45 -27.74
N THR Q 75 29.56 50.88 -27.38
CA THR Q 75 30.15 49.80 -28.17
C THR Q 75 30.38 48.54 -27.34
N ASP Q 76 30.63 48.73 -26.05
CA ASP Q 76 30.90 47.61 -25.14
C ASP Q 76 29.64 46.85 -24.77
N THR Q 77 29.57 45.59 -25.20
CA THR Q 77 28.45 44.72 -24.87
C THR Q 77 28.87 43.70 -23.80
N TYR Q 78 28.21 43.74 -22.65
CA TYR Q 78 28.52 42.84 -21.55
C TYR Q 78 27.56 41.65 -21.54
N ALA Q 79 28.02 40.52 -21.00
CA ALA Q 79 27.20 39.32 -20.95
C ALA Q 79 27.43 38.51 -19.67
N CYS Q 80 26.89 37.31 -19.65
CA CYS Q 80 26.99 36.44 -18.48
C CYS Q 80 27.09 34.98 -18.90
N ARG Q 81 28.21 34.35 -18.57
CA ARG Q 81 28.41 32.93 -18.86
C ARG Q 81 28.31 32.09 -17.59
N VAL Q 82 27.62 30.96 -17.70
CA VAL Q 82 27.40 30.10 -16.53
C VAL Q 82 27.69 28.64 -16.84
N LYS Q 83 28.49 28.00 -15.98
CA LYS Q 83 28.75 26.58 -16.10
C LYS Q 83 28.00 25.80 -15.04
N HIS Q 84 27.21 24.82 -15.50
CA HIS Q 84 26.46 23.95 -14.60
C HIS Q 84 26.44 22.53 -15.15
N ASP Q 85 26.10 21.57 -14.30
CA ASP Q 85 26.09 20.17 -14.71
C ASP Q 85 24.90 19.83 -15.61
N SER Q 86 23.81 20.56 -15.46
CA SER Q 86 22.61 20.29 -16.23
C SER Q 86 22.80 20.64 -17.71
N MET Q 87 23.97 21.16 -18.04
CA MET Q 87 24.27 21.57 -19.40
C MET Q 87 25.62 21.05 -19.89
N ALA Q 88 25.70 20.71 -21.17
CA ALA Q 88 26.92 20.18 -21.75
C ALA Q 88 28.07 21.17 -21.64
N GLU Q 89 27.90 22.34 -22.24
CA GLU Q 89 28.94 23.37 -22.19
C GLU Q 89 28.36 24.72 -21.75
N PRO Q 90 29.22 25.59 -21.22
CA PRO Q 90 28.84 26.90 -20.68
C PRO Q 90 27.83 27.66 -21.55
N LYS Q 91 26.71 28.04 -20.94
CA LYS Q 91 25.69 28.83 -21.61
C LYS Q 91 25.90 30.31 -21.33
N THR Q 92 25.80 31.13 -22.36
CA THR Q 92 26.05 32.56 -22.22
C THR Q 92 24.82 33.41 -22.53
N VAL Q 93 24.49 34.32 -21.62
CA VAL Q 93 23.36 35.20 -21.80
C VAL Q 93 23.81 36.64 -21.99
N TYR Q 94 23.50 37.21 -23.15
CA TYR Q 94 23.88 38.57 -23.46
C TYR Q 94 23.01 39.58 -22.71
N TRP Q 95 23.41 40.85 -22.75
CA TRP Q 95 22.64 41.90 -22.09
C TRP Q 95 21.80 42.66 -23.12
N ASP Q 96 20.78 43.36 -22.62
CA ASP Q 96 19.92 44.17 -23.47
C ASP Q 96 19.40 45.36 -22.67
N ARG Q 97 19.85 46.55 -23.05
CA ARG Q 97 19.46 47.78 -22.36
C ARG Q 97 17.96 47.89 -22.18
N ASP Q 98 17.21 47.42 -23.17
CA ASP Q 98 15.76 47.53 -23.16
C ASP Q 98 15.13 46.56 -22.15
N MET Q 99 15.61 45.32 -22.15
CA MET Q 99 15.04 44.28 -21.28
C MET Q 99 15.74 44.24 -19.92
N SER R 1 14.79 30.37 17.34
CA SER R 1 15.79 29.34 17.60
C SER R 1 15.71 28.23 16.56
N SER R 2 16.85 27.61 16.27
CA SER R 2 16.94 26.60 15.23
C SER R 2 16.53 25.20 15.70
N LEU R 3 16.12 24.36 14.76
CA LEU R 3 15.74 22.98 15.06
C LEU R 3 16.98 22.11 15.21
N GLU R 4 16.90 21.13 16.10
CA GLU R 4 17.97 20.16 16.29
C GLU R 4 17.42 18.75 16.08
N ASN R 5 17.55 18.26 14.85
CA ASN R 5 16.93 16.99 14.44
C ASN R 5 17.02 15.86 15.44
N PHE R 6 16.07 14.94 15.36
CA PHE R 6 16.02 13.78 16.23
C PHE R 6 17.34 13.01 16.17
N ARG R 7 17.76 12.47 17.31
CA ARG R 7 19.04 11.79 17.41
C ARG R 7 19.30 10.81 16.26
N ALA R 8 18.26 10.09 15.84
CA ALA R 8 18.40 9.10 14.79
C ALA R 8 18.61 9.75 13.44
N TYR R 9 19.39 9.11 12.57
CA TYR R 9 19.71 9.66 11.25
C TYR R 9 18.82 9.06 10.17
N VAL R 10 19.07 9.46 8.93
CA VAL R 10 18.37 8.91 7.78
C VAL R 10 18.59 7.39 7.71
N LYS S 1 18.69 14.66 35.13
CA LYS S 1 18.91 13.74 36.24
C LYS S 1 17.60 13.30 36.91
N THR S 2 17.48 12.02 37.21
CA THR S 2 16.30 11.49 37.87
C THR S 2 16.61 11.13 39.31
N THR S 3 15.63 10.58 40.02
CA THR S 3 15.84 10.09 41.38
C THR S 3 15.04 8.81 41.62
N GLN S 4 15.57 7.93 42.47
CA GLN S 4 14.90 6.67 42.79
C GLN S 4 15.17 6.26 44.23
N PRO S 5 14.27 5.44 44.81
CA PRO S 5 14.48 4.89 46.14
C PRO S 5 15.59 3.84 46.10
N ASP S 6 16.48 3.88 47.08
CA ASP S 6 17.64 2.98 47.12
C ASP S 6 17.26 1.54 46.82
N SER S 7 16.57 0.90 47.75
CA SER S 7 16.19 -0.51 47.59
C SER S 7 14.71 -0.67 47.23
N MET S 8 14.26 -1.92 47.19
CA MET S 8 12.86 -2.21 46.87
C MET S 8 12.53 -3.66 47.21
N GLU S 9 11.55 -3.85 48.10
CA GLU S 9 11.14 -5.19 48.50
C GLU S 9 9.82 -5.60 47.87
N SER S 10 9.73 -6.88 47.52
CA SER S 10 8.50 -7.45 46.96
C SER S 10 8.55 -8.97 47.02
N THR S 11 7.37 -9.59 46.99
CA THR S 11 7.27 -11.04 47.09
C THR S 11 6.95 -11.68 45.75
N GLU S 12 7.66 -12.75 45.43
CA GLU S 12 7.45 -13.46 44.17
C GLU S 12 5.99 -13.78 43.94
N GLY S 13 5.37 -13.03 43.02
CA GLY S 13 3.95 -13.17 42.75
C GLY S 13 3.23 -11.85 42.94
N GLU S 14 3.95 -10.88 43.48
CA GLU S 14 3.40 -9.54 43.69
C GLU S 14 3.24 -8.81 42.36
N THR S 15 2.93 -7.52 42.46
CA THR S 15 2.88 -6.63 41.32
C THR S 15 3.56 -5.33 41.72
N VAL S 16 4.77 -5.12 41.23
CA VAL S 16 5.65 -4.08 41.73
C VAL S 16 5.53 -2.73 41.02
N HIS S 17 5.60 -1.66 41.81
CA HIS S 17 5.61 -0.30 41.27
C HIS S 17 6.95 0.35 41.58
N LEU S 18 7.70 0.69 40.54
CA LEU S 18 8.99 1.34 40.71
C LEU S 18 8.91 2.81 40.34
N PRO S 19 8.90 3.69 41.35
CA PRO S 19 8.74 5.14 41.16
C PRO S 19 10.00 5.81 40.63
N CYS S 20 9.87 7.05 40.21
CA CYS S 20 10.99 7.80 39.64
C CYS S 20 10.66 9.29 39.60
N SER S 21 11.68 10.13 39.75
CA SER S 21 11.49 11.58 39.70
C SER S 21 12.02 12.17 38.40
N HIS S 22 11.31 13.15 37.86
CA HIS S 22 11.68 13.74 36.57
C HIS S 22 11.70 15.26 36.65
N ALA S 23 11.80 15.80 37.86
CA ALA S 23 11.86 17.24 38.03
C ALA S 23 12.95 17.82 37.13
N THR S 24 12.69 19.01 36.59
CA THR S 24 13.62 19.67 35.68
C THR S 24 13.69 18.93 34.35
N ILE S 25 12.52 18.64 33.77
CA ILE S 25 12.45 18.01 32.46
C ILE S 25 12.37 19.07 31.36
N SER S 26 12.63 18.69 30.12
CA SER S 26 12.77 19.65 29.04
C SER S 26 11.67 19.57 27.98
N GLY S 27 10.88 18.50 28.02
CA GLY S 27 9.87 18.29 26.99
C GLY S 27 10.47 17.59 25.79
N ASN S 28 11.68 18.00 25.42
CA ASN S 28 12.46 17.31 24.41
C ASN S 28 13.14 16.10 25.04
N GLU S 29 12.83 15.85 26.30
CA GLU S 29 13.53 14.83 27.06
C GLU S 29 12.68 13.59 27.29
N TYR S 30 13.05 12.51 26.62
CA TYR S 30 12.39 11.22 26.81
C TYR S 30 12.69 10.66 28.19
N ILE S 31 12.13 9.49 28.48
CA ILE S 31 12.42 8.78 29.71
C ILE S 31 12.57 7.28 29.45
N TYR S 32 13.77 6.77 29.70
CA TYR S 32 14.05 5.36 29.44
C TYR S 32 14.16 4.55 30.73
N TRP S 33 13.92 3.25 30.62
CA TRP S 33 14.03 2.36 31.76
C TRP S 33 14.89 1.14 31.41
N TYR S 34 16.03 1.00 32.06
CA TYR S 34 16.91 -0.13 31.82
C TYR S 34 16.99 -1.01 33.06
N ARG S 35 17.11 -2.31 32.85
CA ARG S 35 17.26 -3.26 33.95
C ARG S 35 18.67 -3.84 33.91
N GLN S 36 19.22 -4.17 35.07
CA GLN S 36 20.56 -4.73 35.13
C GLN S 36 20.67 -5.87 36.14
N VAL S 37 20.51 -7.09 35.66
CA VAL S 37 20.73 -8.27 36.49
C VAL S 37 22.23 -8.44 36.71
N PRO S 38 22.64 -8.61 37.96
CA PRO S 38 24.07 -8.81 38.25
C PRO S 38 24.66 -9.90 37.36
N LEU S 39 25.96 -9.80 37.08
CA LEU S 39 26.64 -10.74 36.18
C LEU S 39 26.25 -10.51 34.73
N GLN S 40 25.52 -9.44 34.47
CA GLN S 40 25.10 -9.10 33.12
C GLN S 40 25.15 -7.59 32.86
N GLY S 41 24.90 -7.21 31.61
CA GLY S 41 24.93 -5.81 31.23
C GLY S 41 23.54 -5.21 31.13
N PRO S 42 23.42 -3.90 31.35
CA PRO S 42 22.14 -3.20 31.32
C PRO S 42 21.42 -3.43 30.01
N GLU S 43 20.14 -3.79 30.09
CA GLU S 43 19.32 -3.92 28.89
C GLU S 43 18.08 -3.02 28.95
N TYR S 44 17.25 -3.12 27.93
CA TYR S 44 16.13 -2.20 27.77
C TYR S 44 14.81 -2.87 28.12
N VAL S 45 13.87 -2.09 28.63
CA VAL S 45 12.52 -2.60 28.88
C VAL S 45 11.46 -1.73 28.20
N THR S 46 11.54 -0.42 28.41
CA THR S 46 10.55 0.49 27.84
C THR S 46 10.91 1.97 28.05
N HIS S 47 10.38 2.82 27.19
CA HIS S 47 10.58 4.26 27.29
C HIS S 47 9.32 4.98 26.85
N GLY S 48 9.27 6.30 27.07
CA GLY S 48 8.11 7.08 26.69
C GLY S 48 8.34 8.57 26.78
N LEU S 49 7.33 9.35 26.41
CA LEU S 49 7.42 10.81 26.45
C LEU S 49 6.30 11.40 27.30
N GLN S 50 5.06 11.04 26.99
CA GLN S 50 3.90 11.56 27.71
C GLN S 50 2.85 10.49 27.99
N GLN S 51 2.38 9.85 26.92
CA GLN S 51 1.32 8.86 27.04
C GLN S 51 1.80 7.62 27.78
N ASN S 52 0.86 6.89 28.35
CA ASN S 52 1.18 5.59 28.95
C ASN S 52 1.59 4.61 27.86
N THR S 53 2.61 3.83 28.13
CA THR S 53 3.12 2.87 27.14
C THR S 53 3.63 1.60 27.80
N THR S 54 3.83 0.57 26.99
CA THR S 54 4.22 -0.73 27.51
C THR S 54 4.98 -1.56 26.47
N ASN S 55 5.90 -2.38 26.94
CA ASN S 55 6.52 -3.38 26.08
C ASN S 55 5.70 -4.65 26.11
N SER S 56 6.37 -5.79 26.21
CA SER S 56 5.68 -7.07 26.24
C SER S 56 5.25 -7.45 27.65
N MET S 57 6.11 -7.21 28.64
CA MET S 57 5.87 -7.70 30.00
C MET S 57 5.80 -6.61 31.06
N ALA S 58 6.19 -5.38 30.72
CA ALA S 58 6.18 -4.29 31.68
C ALA S 58 5.35 -3.08 31.25
N PHE S 59 4.81 -2.35 32.22
CA PHE S 59 3.99 -1.17 31.96
C PHE S 59 4.72 0.09 32.40
N LEU S 60 4.76 1.09 31.53
CA LEU S 60 5.39 2.36 31.87
C LEU S 60 4.39 3.52 31.88
N ALA S 61 4.04 3.96 33.07
CA ALA S 61 3.06 5.04 33.23
C ALA S 61 3.73 6.36 33.62
N ILE S 62 3.63 7.34 32.74
CA ILE S 62 4.17 8.67 33.00
C ILE S 62 3.08 9.58 33.54
N ALA S 63 3.38 10.29 34.62
CA ALA S 63 2.42 11.20 35.24
C ALA S 63 2.13 12.39 34.32
N SER S 64 1.05 13.10 34.61
CA SER S 64 0.68 14.29 33.84
C SER S 64 1.71 15.40 34.05
N ASP S 65 1.93 16.20 33.03
CA ASP S 65 2.95 17.25 33.07
C ASP S 65 4.28 16.67 33.55
N ARG S 66 4.57 15.45 33.12
CA ARG S 66 5.83 14.79 33.41
C ARG S 66 6.09 14.75 34.92
N LYS S 67 7.32 15.07 35.31
CA LYS S 67 7.68 15.23 36.72
C LYS S 67 7.83 13.91 37.49
N SER S 68 7.23 12.84 36.96
CA SER S 68 7.31 11.54 37.63
C SER S 68 6.76 10.41 36.77
N SER S 69 6.99 9.18 37.20
CA SER S 69 6.52 8.00 36.49
C SER S 69 6.66 6.75 37.35
N THR S 70 5.96 5.69 36.97
CA THR S 70 6.06 4.42 37.68
C THR S 70 6.17 3.27 36.70
N LEU S 71 7.05 2.32 37.00
CA LEU S 71 7.21 1.14 36.16
C LEU S 71 6.48 -0.04 36.79
N ILE S 72 5.31 -0.37 36.25
CA ILE S 72 4.51 -1.47 36.77
C ILE S 72 5.01 -2.83 36.27
N LEU S 73 5.16 -3.77 37.20
CA LEU S 73 5.58 -5.12 36.85
C LEU S 73 4.56 -6.15 37.36
N PRO S 74 3.75 -6.68 36.43
CA PRO S 74 2.66 -7.64 36.68
C PRO S 74 2.96 -8.65 37.79
N HIS S 75 3.18 -9.90 37.40
CA HIS S 75 3.39 -10.96 38.39
C HIS S 75 4.86 -11.35 38.46
N VAL S 76 5.66 -10.47 39.06
CA VAL S 76 7.11 -10.64 39.12
C VAL S 76 7.53 -12.04 39.56
N SER S 77 8.55 -12.58 38.90
CA SER S 77 9.10 -13.88 39.25
C SER S 77 10.50 -13.71 39.82
N LEU S 78 11.14 -14.82 40.18
CA LEU S 78 12.50 -14.78 40.66
C LEU S 78 13.42 -14.15 39.62
N ARG S 79 13.05 -14.32 38.35
CA ARG S 79 13.85 -13.83 37.24
C ARG S 79 13.65 -12.34 36.98
N ASP S 80 12.93 -11.67 37.88
CA ASP S 80 12.68 -10.24 37.72
C ASP S 80 13.54 -9.41 38.66
N ALA S 81 14.24 -10.07 39.58
CA ALA S 81 15.10 -9.39 40.53
C ALA S 81 16.31 -8.78 39.85
N ALA S 82 16.44 -7.46 39.94
CA ALA S 82 17.54 -6.74 39.32
C ALA S 82 17.46 -5.26 39.62
N VAL S 83 18.48 -4.52 39.19
CA VAL S 83 18.48 -3.07 39.35
C VAL S 83 17.69 -2.43 38.21
N TYR S 84 16.93 -1.38 38.52
CA TYR S 84 16.13 -0.69 37.52
C TYR S 84 16.51 0.78 37.39
N HIS S 85 17.02 1.14 36.22
CA HIS S 85 17.51 2.50 35.97
C HIS S 85 16.50 3.34 35.19
N CYS S 86 16.10 4.45 35.78
CA CYS S 86 15.20 5.39 35.12
C CYS S 86 16.01 6.60 34.67
N ILE S 87 16.30 6.66 33.37
CA ILE S 87 17.16 7.72 32.85
C ILE S 87 16.39 8.64 31.91
N LEU S 88 16.69 9.93 31.99
CA LEU S 88 16.16 10.88 31.01
C LEU S 88 17.07 10.85 29.79
N SER S 89 16.48 10.99 28.61
CA SER S 89 17.26 10.96 27.37
C SER S 89 16.82 12.04 26.39
N GLY S 90 17.66 13.06 26.24
CA GLY S 90 17.37 14.15 25.32
C GLY S 90 17.07 13.66 23.92
N GLY S 91 16.16 14.35 23.25
CA GLY S 91 15.76 13.98 21.90
C GLY S 91 16.95 13.80 20.99
N SER S 92 17.78 14.84 20.91
CA SER S 92 19.00 14.79 20.10
C SER S 92 20.22 14.55 20.98
N ASN S 93 20.42 13.31 21.39
CA ASN S 93 21.54 12.96 22.26
C ASN S 93 21.65 11.46 22.53
N TYR S 94 22.73 10.86 22.06
CA TYR S 94 22.95 9.42 22.23
C TYR S 94 23.56 9.09 23.59
N LYS S 95 23.74 10.09 24.44
CA LYS S 95 24.38 9.90 25.75
C LYS S 95 23.40 9.61 26.87
N LEU S 96 23.89 8.92 27.90
CA LEU S 96 23.10 8.64 29.10
C LEU S 96 23.98 8.76 30.33
N THR S 97 23.38 9.01 31.48
CA THR S 97 24.11 9.04 32.75
C THR S 97 23.44 8.13 33.77
N PHE S 98 24.11 7.03 34.12
CA PHE S 98 23.53 6.03 34.99
C PHE S 98 23.73 6.30 36.48
N GLY S 99 22.64 6.57 37.18
CA GLY S 99 22.65 6.59 38.63
C GLY S 99 22.66 5.16 39.12
N LYS S 100 22.48 4.94 40.42
CA LYS S 100 22.46 3.57 40.92
C LYS S 100 21.10 2.92 40.73
N GLY S 101 20.06 3.75 40.70
CA GLY S 101 18.71 3.27 40.46
C GLY S 101 18.04 2.66 41.67
N THR S 102 17.44 1.49 41.49
CA THR S 102 16.71 0.83 42.56
C THR S 102 16.90 -0.68 42.55
N LEU S 103 17.40 -1.23 43.65
CA LEU S 103 17.60 -2.67 43.77
C LEU S 103 16.28 -3.37 44.06
N LEU S 104 15.93 -4.35 43.24
CA LEU S 104 14.67 -5.06 43.41
C LEU S 104 14.85 -6.51 43.82
N THR S 105 14.49 -6.81 45.07
CA THR S 105 14.52 -8.17 45.57
C THR S 105 13.17 -8.84 45.29
N VAL S 106 13.17 -10.16 45.18
CA VAL S 106 11.94 -10.89 44.89
C VAL S 106 11.76 -12.09 45.83
N THR S 107 11.51 -11.79 47.10
CA THR S 107 11.33 -12.82 48.12
C THR S 107 10.22 -13.80 47.73
N PRO S 108 10.57 -15.08 47.60
CA PRO S 108 9.59 -16.13 47.29
C PRO S 108 8.88 -16.62 48.55
N ILE S 109 7.61 -16.99 48.43
CA ILE S 109 6.85 -17.54 49.55
C ILE S 109 7.09 -19.04 49.62
N GLN S 110 7.77 -19.49 50.67
CA GLN S 110 8.11 -20.90 50.81
C GLN S 110 7.76 -21.44 52.19
N ASN S 111 7.68 -22.76 52.29
CA ASN S 111 7.44 -23.42 53.57
C ASN S 111 8.76 -23.80 54.24
N PRO S 112 9.23 -22.96 55.16
CA PRO S 112 10.54 -23.11 55.79
C PRO S 112 10.66 -24.39 56.62
N ASP S 113 11.86 -24.94 56.66
CA ASP S 113 12.17 -26.11 57.48
C ASP S 113 13.62 -26.01 57.94
N PRO S 114 13.94 -24.96 58.70
CA PRO S 114 15.30 -24.62 59.14
C PRO S 114 16.08 -25.83 59.64
N ALA S 115 17.13 -26.20 58.92
CA ALA S 115 17.96 -27.33 59.28
C ALA S 115 19.43 -27.09 58.94
N VAL S 116 20.31 -27.92 59.51
CA VAL S 116 21.74 -27.80 59.27
C VAL S 116 22.39 -29.18 59.14
N TYR S 117 22.86 -29.50 57.95
CA TYR S 117 23.43 -30.81 57.68
C TYR S 117 24.93 -30.73 57.37
N GLN S 118 25.62 -31.84 57.59
CA GLN S 118 27.07 -31.89 57.36
C GLN S 118 27.44 -32.85 56.22
N LEU S 119 28.31 -32.39 55.34
CA LEU S 119 28.71 -33.17 54.18
C LEU S 119 30.17 -33.62 54.28
N ARG S 120 30.44 -34.82 53.77
CA ARG S 120 31.80 -35.34 53.70
C ARG S 120 32.32 -35.26 52.27
N ASP S 121 33.63 -35.40 52.10
CA ASP S 121 34.23 -35.32 50.78
C ASP S 121 34.34 -36.70 50.12
N SER S 122 34.14 -36.74 48.81
CA SER S 122 34.22 -37.99 48.05
C SER S 122 35.54 -38.09 47.29
N SER S 128 35.40 -31.29 55.35
CA SER S 128 33.95 -31.38 55.48
C SER S 128 33.30 -30.02 55.34
N VAL S 129 31.99 -30.02 55.08
CA VAL S 129 31.25 -28.79 54.86
C VAL S 129 29.90 -28.80 55.59
N CYS S 130 29.52 -27.66 56.15
CA CYS S 130 28.22 -27.51 56.79
C CYS S 130 27.22 -26.86 55.85
N LEU S 131 25.96 -27.30 55.92
CA LEU S 131 24.94 -26.85 54.98
C LEU S 131 23.67 -26.34 55.68
N PHE S 132 23.48 -25.02 55.65
CA PHE S 132 22.24 -24.42 56.10
C PHE S 132 21.30 -24.40 54.90
N THR S 133 20.02 -24.67 55.13
CA THR S 133 19.07 -24.75 54.01
C THR S 133 17.61 -24.61 54.43
N ASP S 134 16.77 -24.29 53.45
CA ASP S 134 15.32 -24.23 53.63
C ASP S 134 14.82 -22.99 54.38
N PHE S 135 15.62 -22.49 55.31
CA PHE S 135 15.20 -21.35 56.13
C PHE S 135 14.50 -20.27 55.30
N ASP S 136 13.38 -19.76 55.81
CA ASP S 136 12.54 -18.84 55.05
C ASP S 136 13.24 -17.50 54.79
N SER S 137 12.47 -16.54 54.28
CA SER S 137 13.00 -15.24 53.92
C SER S 137 13.67 -14.54 55.09
N GLN S 138 12.89 -13.73 55.82
CA GLN S 138 13.40 -12.95 56.95
C GLN S 138 14.80 -12.38 56.71
N THR S 139 15.58 -12.24 57.79
CA THR S 139 16.91 -11.67 57.69
C THR S 139 17.98 -12.50 58.41
N ASN S 140 19.01 -12.89 57.66
CA ASN S 140 20.14 -13.61 58.22
C ASN S 140 21.45 -13.11 57.62
N VAL S 141 22.56 -13.74 58.01
CA VAL S 141 23.87 -13.39 57.47
C VAL S 141 24.91 -14.45 57.84
N SER S 147 39.05 -14.39 61.42
CA SER S 147 39.07 -15.78 61.84
C SER S 147 38.72 -16.71 60.68
N ASP S 148 38.03 -17.80 60.99
CA ASP S 148 37.62 -18.78 59.99
C ASP S 148 36.10 -18.85 59.82
N VAL S 149 35.44 -17.72 60.09
CA VAL S 149 33.99 -17.66 59.97
C VAL S 149 33.56 -17.46 58.51
N TYR S 150 33.61 -18.54 57.74
CA TYR S 150 33.20 -18.51 56.34
C TYR S 150 31.69 -18.45 56.20
N ILE S 151 31.17 -17.25 55.95
CA ILE S 151 29.72 -17.06 55.85
C ILE S 151 29.30 -16.73 54.42
N THR S 152 28.36 -17.51 53.90
CA THR S 152 27.85 -17.32 52.55
C THR S 152 26.40 -16.87 52.57
N ASP S 153 26.07 -15.88 51.74
CA ASP S 153 24.70 -15.37 51.65
C ASP S 153 23.75 -16.39 51.04
N LYS S 154 22.48 -16.28 51.37
CA LYS S 154 21.45 -17.15 50.82
C LYS S 154 21.50 -17.15 49.29
N CYS S 155 21.15 -18.28 48.69
CA CYS S 155 21.35 -18.47 47.25
C CYS S 155 20.05 -18.49 46.47
N VAL S 156 19.01 -19.08 47.05
CA VAL S 156 17.71 -19.22 46.39
C VAL S 156 17.77 -20.31 45.31
N LEU S 157 17.26 -21.49 45.65
CA LEU S 157 17.21 -22.61 44.71
C LEU S 157 15.91 -22.60 43.93
N ASP S 158 15.75 -23.58 43.05
CA ASP S 158 14.54 -23.74 42.26
C ASP S 158 14.71 -24.86 41.24
N MET S 159 13.72 -25.74 41.16
CA MET S 159 13.76 -26.85 40.21
C MET S 159 12.67 -26.67 39.16
N ARG S 160 11.83 -27.68 39.02
CA ARG S 160 10.70 -27.63 38.10
C ARG S 160 9.44 -28.09 38.81
N SER S 161 9.54 -29.22 39.50
CA SER S 161 8.38 -29.81 40.18
C SER S 161 8.12 -29.15 41.53
N MET S 162 6.83 -29.04 41.88
CA MET S 162 6.41 -28.58 43.19
C MET S 162 6.57 -27.08 43.42
N ASP S 163 7.72 -26.54 43.04
CA ASP S 163 8.05 -25.13 43.22
C ASP S 163 8.32 -24.79 44.70
N PHE S 164 8.10 -25.77 45.57
CA PHE S 164 8.38 -25.61 46.99
C PHE S 164 9.88 -25.71 47.27
N LYS S 165 10.62 -24.64 46.99
CA LYS S 165 12.07 -24.64 47.16
C LYS S 165 12.67 -23.32 46.68
N SER S 166 13.79 -22.88 47.26
CA SER S 166 14.47 -23.51 48.40
C SER S 166 15.67 -22.64 48.79
N ASN S 167 15.68 -22.12 50.01
CA ASN S 167 16.82 -21.32 50.46
C ASN S 167 18.04 -22.21 50.71
N SER S 168 19.20 -21.59 50.89
CA SER S 168 20.43 -22.34 51.13
C SER S 168 21.61 -21.46 51.54
N ALA S 169 22.55 -22.04 52.26
CA ALA S 169 23.75 -21.33 52.70
C ALA S 169 24.84 -22.33 53.08
N VAL S 170 26.10 -21.96 52.86
CA VAL S 170 27.22 -22.86 53.10
C VAL S 170 28.25 -22.28 54.06
N ALA S 171 28.89 -23.15 54.85
CA ALA S 171 29.95 -22.73 55.76
C ALA S 171 30.92 -23.89 56.02
N TRP S 172 32.19 -23.56 56.23
CA TRP S 172 33.20 -24.58 56.48
C TRP S 172 34.47 -24.00 57.10
N SER S 173 35.40 -24.88 57.47
CA SER S 173 36.68 -24.46 58.05
C SER S 173 37.73 -25.54 57.89
N ASN S 174 38.99 -25.12 57.82
CA ASN S 174 40.10 -26.06 57.68
C ASN S 174 40.44 -26.71 59.02
N LYS S 175 40.21 -25.97 60.10
CA LYS S 175 40.55 -26.40 61.45
C LYS S 175 40.19 -27.85 61.72
N SER S 176 41.06 -28.53 62.48
CA SER S 176 40.74 -29.87 62.96
C SER S 176 39.53 -29.77 63.87
N ASP S 177 39.32 -28.58 64.41
CA ASP S 177 38.13 -28.28 65.19
C ASP S 177 36.94 -28.13 64.25
N PHE S 178 36.42 -29.27 63.77
CA PHE S 178 35.31 -29.28 62.82
C PHE S 178 33.96 -29.29 63.54
N ALA S 179 33.79 -28.35 64.47
CA ALA S 179 32.55 -28.25 65.23
C ALA S 179 31.41 -27.71 64.36
N CYS S 180 30.75 -28.61 63.63
CA CYS S 180 29.63 -28.23 62.78
C CYS S 180 28.38 -27.99 63.62
N ALA S 181 27.41 -27.29 63.04
CA ALA S 181 26.16 -26.95 63.74
C ALA S 181 26.44 -26.16 65.02
N ASN S 182 27.67 -25.69 65.16
CA ASN S 182 28.05 -24.87 66.31
C ASN S 182 28.19 -23.42 65.90
N ALA S 183 28.75 -23.20 64.71
CA ALA S 183 28.85 -21.86 64.14
C ALA S 183 27.49 -21.38 63.68
N PHE S 184 27.26 -20.08 63.77
CA PHE S 184 25.99 -19.48 63.35
C PHE S 184 25.51 -20.05 62.03
N ASP T 1 19.05 -12.14 16.26
CA ASP T 1 19.15 -11.09 15.26
C ASP T 1 20.06 -9.96 15.73
N MET T 2 19.57 -9.17 16.68
CA MET T 2 20.33 -8.03 17.20
C MET T 2 21.17 -8.38 18.41
N LYS T 3 22.41 -8.80 18.16
CA LYS T 3 23.34 -9.15 19.23
C LYS T 3 24.51 -8.16 19.27
N VAL T 4 25.15 -8.08 20.42
CA VAL T 4 26.37 -7.29 20.56
C VAL T 4 27.40 -8.13 21.30
N THR T 5 28.56 -8.32 20.66
CA THR T 5 29.59 -9.20 21.21
C THR T 5 30.84 -8.45 21.67
N GLN T 6 31.51 -9.01 22.67
CA GLN T 6 32.78 -8.49 23.14
C GLN T 6 33.79 -9.63 23.21
N MET T 7 34.94 -9.43 22.57
CA MET T 7 36.01 -10.41 22.67
C MET T 7 36.70 -10.26 24.04
N PRO T 8 37.64 -11.16 24.36
CA PRO T 8 38.02 -11.44 25.74
C PRO T 8 37.04 -10.95 26.82
N ARG T 9 36.25 -11.88 27.36
CA ARG T 9 35.39 -11.57 28.49
C ARG T 9 36.21 -11.42 29.76
N TYR T 10 37.02 -12.44 30.05
CA TYR T 10 37.95 -12.38 31.17
C TYR T 10 39.37 -12.13 30.66
N LEU T 11 40.02 -11.11 31.20
CA LEU T 11 41.38 -10.77 30.78
C LEU T 11 42.23 -10.25 31.94
N ILE T 12 43.33 -10.94 32.21
CA ILE T 12 44.26 -10.53 33.25
C ILE T 12 45.58 -10.01 32.65
N LYS T 13 45.90 -8.76 32.96
CA LYS T 13 47.10 -8.12 32.42
C LYS T 13 47.99 -7.54 33.51
N ARG T 14 49.24 -7.24 33.15
CA ARG T 14 50.21 -6.70 34.09
C ARG T 14 50.24 -5.18 34.03
N MET T 15 50.42 -4.54 35.18
CA MET T 15 50.48 -3.09 35.25
C MET T 15 51.48 -2.52 34.26
N GLY T 16 51.04 -1.51 33.50
CA GLY T 16 51.90 -0.86 32.53
C GLY T 16 51.83 -1.48 31.15
N GLU T 17 51.35 -2.71 31.08
CA GLU T 17 51.21 -3.41 29.81
C GLU T 17 50.15 -2.76 28.92
N ASN T 18 50.14 -3.15 27.65
CA ASN T 18 49.20 -2.60 26.69
C ASN T 18 48.09 -3.60 26.36
N VAL T 19 46.87 -3.30 26.80
CA VAL T 19 45.75 -4.20 26.55
C VAL T 19 44.67 -3.58 25.67
N LEU T 20 43.99 -4.43 24.90
CA LEU T 20 42.97 -3.98 23.96
C LEU T 20 41.63 -4.68 24.20
N LEU T 21 40.55 -3.92 24.08
CA LEU T 21 39.21 -4.48 24.22
C LEU T 21 38.40 -4.26 22.94
N GLU T 22 38.03 -5.35 22.28
CA GLU T 22 37.25 -5.28 21.06
C GLU T 22 35.76 -5.42 21.36
N CYS T 23 34.92 -4.90 20.48
CA CYS T 23 33.47 -5.03 20.63
C CYS T 23 32.77 -5.08 19.28
N GLY T 24 32.50 -6.29 18.81
CA GLY T 24 31.74 -6.48 17.58
C GLY T 24 30.27 -6.19 17.80
N GLN T 25 29.62 -5.66 16.77
CA GLN T 25 28.22 -5.28 16.87
C GLN T 25 27.39 -5.86 15.73
N ASP T 26 27.93 -5.80 14.51
CA ASP T 26 27.43 -6.63 13.41
C ASP T 26 26.07 -6.23 12.83
N MET T 27 25.53 -5.09 13.24
CA MET T 27 24.29 -4.58 12.66
C MET T 27 24.50 -3.20 12.04
N SER T 28 25.71 -2.67 12.23
CA SER T 28 26.15 -1.43 11.59
C SER T 28 25.45 -0.17 12.09
N HIS T 29 25.00 -0.20 13.34
CA HIS T 29 24.46 1.00 13.99
C HIS T 29 25.53 2.08 14.01
N GLU T 30 25.13 3.31 13.70
CA GLU T 30 26.09 4.41 13.55
C GLU T 30 26.90 4.73 14.81
N THR T 31 26.28 4.58 15.99
CA THR T 31 26.95 5.01 17.22
C THR T 31 27.21 3.86 18.19
N MET T 32 28.37 3.89 18.84
CA MET T 32 28.73 2.86 19.81
C MET T 32 29.29 3.47 21.10
N TYR T 33 29.41 2.64 22.14
CA TYR T 33 29.78 3.12 23.46
C TYR T 33 30.78 2.22 24.16
N TRP T 34 31.60 2.81 25.01
CA TRP T 34 32.44 2.05 25.93
C TRP T 34 32.24 2.53 27.37
N TYR T 35 31.49 1.75 28.13
CA TYR T 35 31.25 2.05 29.54
C TYR T 35 32.15 1.21 30.42
N ARG T 36 32.52 1.76 31.56
CA ARG T 36 33.19 0.98 32.59
C ARG T 36 32.32 0.99 33.83
N GLN T 37 32.16 -0.16 34.47
CA GLN T 37 31.38 -0.25 35.69
C GLN T 37 32.15 -0.97 36.79
N ASP T 38 32.60 -0.21 37.77
CA ASP T 38 33.30 -0.77 38.91
C ASP T 38 32.31 -1.53 39.81
N PRO T 39 32.79 -2.59 40.47
CA PRO T 39 31.97 -3.37 41.39
C PRO T 39 31.34 -2.50 42.48
N GLY T 40 31.71 -1.23 42.51
CA GLY T 40 31.16 -0.30 43.48
C GLY T 40 30.03 0.53 42.94
N LEU T 41 30.35 1.50 42.08
CA LEU T 41 29.36 2.42 41.55
C LEU T 41 28.70 1.88 40.28
N GLY T 42 28.08 2.77 39.52
CA GLY T 42 27.38 2.40 38.31
C GLY T 42 28.16 2.69 37.05
N LEU T 43 27.59 2.33 35.90
CA LEU T 43 28.27 2.52 34.62
C LEU T 43 28.65 3.98 34.38
N GLN T 44 29.91 4.19 34.01
CA GLN T 44 30.39 5.50 33.60
C GLN T 44 30.87 5.47 32.16
N LEU T 45 30.52 6.50 31.40
CA LEU T 45 30.88 6.56 29.99
C LEU T 45 32.34 6.94 29.80
N ILE T 46 33.09 6.07 29.13
CA ILE T 46 34.48 6.35 28.80
C ILE T 46 34.56 7.11 27.48
N TYR T 47 34.16 6.45 26.39
CA TYR T 47 34.21 7.04 25.06
C TYR T 47 32.97 6.65 24.25
N ILE T 48 32.58 7.54 23.34
CA ILE T 48 31.45 7.26 22.46
C ILE T 48 31.72 7.73 21.03
N SER T 49 31.72 6.79 20.09
CA SER T 49 31.89 7.13 18.68
C SER T 49 30.53 7.29 18.01
N TYR T 50 30.29 8.47 17.46
CA TYR T 50 29.05 8.77 16.75
C TYR T 50 29.04 8.14 15.35
N ASP T 51 30.19 7.63 14.94
CA ASP T 51 30.39 7.08 13.60
C ASP T 51 31.89 7.02 13.30
N VAL T 52 32.27 6.05 12.47
CA VAL T 52 33.67 5.85 12.08
C VAL T 52 34.68 6.75 12.79
N ASP T 53 35.26 7.70 12.06
CA ASP T 53 36.27 8.59 12.63
C ASP T 53 35.64 9.84 13.26
N SER T 54 34.62 9.62 14.07
CA SER T 54 33.95 10.71 14.78
C SER T 54 33.74 10.29 16.21
N ASN T 55 34.68 10.63 17.08
CA ASN T 55 34.62 10.21 18.47
C ASN T 55 34.62 11.38 19.44
N SER T 56 34.10 11.13 20.65
CA SER T 56 34.09 12.14 21.71
C SER T 56 34.34 11.51 23.06
N GLU T 57 34.87 12.30 23.99
CA GLU T 57 35.18 11.80 25.32
C GLU T 57 33.92 11.70 26.17
N GLY T 58 33.87 10.66 27.00
CA GLY T 58 32.77 10.50 27.94
C GLY T 58 33.08 11.22 29.23
N ASP T 59 32.82 10.55 30.35
CA ASP T 59 33.06 11.13 31.66
C ASP T 59 34.39 10.66 32.23
N ILE T 60 34.95 9.60 31.66
CA ILE T 60 36.21 9.05 32.15
C ILE T 60 37.19 8.74 31.00
N PRO T 61 37.58 9.77 30.25
CA PRO T 61 38.47 9.56 29.10
C PRO T 61 39.90 9.21 29.53
N LYS T 62 40.45 10.01 30.45
CA LYS T 62 41.81 9.82 30.94
C LYS T 62 42.13 8.36 31.25
N GLY T 63 42.93 7.74 30.40
CA GLY T 63 43.34 6.36 30.60
C GLY T 63 42.99 5.47 29.43
N TYR T 64 42.09 5.94 28.57
CA TYR T 64 41.59 5.12 27.48
C TYR T 64 41.71 5.77 26.10
N ARG T 65 41.71 4.92 25.08
CA ARG T 65 41.76 5.36 23.69
C ARG T 65 40.85 4.43 22.88
N VAL T 66 40.28 4.94 21.80
CA VAL T 66 39.37 4.13 20.99
C VAL T 66 39.60 4.28 19.48
N SER T 67 39.42 3.17 18.77
CA SER T 67 39.51 3.17 17.32
C SER T 67 38.19 2.71 16.71
N ARG T 68 37.74 3.43 15.68
CA ARG T 68 36.51 3.08 14.98
C ARG T 68 36.71 3.14 13.48
N LYS T 69 37.25 2.06 12.90
CA LYS T 69 37.49 2.03 11.46
C LYS T 69 36.21 1.76 10.68
N LYS T 70 35.60 0.60 10.94
CA LYS T 70 34.27 0.32 10.40
C LYS T 70 33.23 0.48 11.49
N ARG T 71 31.95 0.48 11.12
CA ARG T 71 30.89 0.67 12.08
C ARG T 71 30.62 -0.60 12.88
N GLU T 72 30.87 -1.74 12.26
CA GLU T 72 30.62 -3.04 12.87
C GLU T 72 31.40 -3.24 14.16
N HIS T 73 32.55 -2.59 14.27
CA HIS T 73 33.42 -2.80 15.43
C HIS T 73 33.78 -1.49 16.12
N PHE T 74 34.44 -1.61 17.27
CA PHE T 74 34.81 -0.46 18.07
C PHE T 74 35.84 -0.88 19.11
N SER T 75 37.08 -0.41 18.94
CA SER T 75 38.19 -0.85 19.78
C SER T 75 38.43 0.09 20.97
N LEU T 76 38.72 -0.51 22.12
CA LEU T 76 39.09 0.25 23.30
C LEU T 76 40.52 -0.09 23.72
N ILE T 77 41.42 0.87 23.57
CA ILE T 77 42.82 0.65 23.91
C ILE T 77 43.26 1.46 25.10
N LEU T 78 43.86 0.78 26.07
CA LEU T 78 44.58 1.44 27.15
C LEU T 78 46.04 1.01 27.06
N ASP T 79 46.93 1.98 26.94
CA ASP T 79 48.33 1.70 26.67
C ASP T 79 49.12 1.31 27.92
N SER T 80 48.99 2.12 28.98
CA SER T 80 49.59 1.79 30.26
C SER T 80 48.51 1.38 31.25
N ALA T 81 48.44 0.09 31.54
CA ALA T 81 47.40 -0.45 32.42
C ALA T 81 47.63 -0.09 33.88
N LYS T 82 46.80 0.80 34.40
CA LYS T 82 46.83 1.13 35.82
C LYS T 82 45.97 0.16 36.63
N THR T 83 46.38 -0.09 37.86
CA THR T 83 45.65 -1.01 38.72
C THR T 83 44.23 -0.50 38.99
N ASN T 84 44.03 0.80 38.91
CA ASN T 84 42.72 1.39 39.17
C ASN T 84 41.77 1.23 37.98
N GLN T 85 42.19 0.44 37.00
CA GLN T 85 41.37 0.19 35.81
C GLN T 85 40.98 -1.28 35.73
N THR T 86 40.60 -1.85 36.87
CA THR T 86 40.28 -3.28 36.96
C THR T 86 38.77 -3.51 36.84
N SER T 87 38.03 -2.44 36.61
CA SER T 87 36.57 -2.53 36.49
C SER T 87 36.14 -3.46 35.37
N VAL T 88 34.83 -3.59 35.21
CA VAL T 88 34.27 -4.38 34.12
C VAL T 88 33.74 -3.44 33.04
N TYR T 89 34.16 -3.69 31.79
CA TYR T 89 33.83 -2.80 30.69
C TYR T 89 32.67 -3.33 29.84
N PHE T 90 31.80 -2.42 29.41
CA PHE T 90 30.68 -2.78 28.57
C PHE T 90 30.67 -1.98 27.27
N CYS T 91 30.30 -2.65 26.18
CA CYS T 91 30.16 -2.00 24.89
C CYS T 91 28.68 -1.79 24.61
N ALA T 92 28.37 -0.88 23.68
CA ALA T 92 26.99 -0.61 23.33
C ALA T 92 26.86 -0.05 21.93
N SER T 93 25.68 -0.19 21.35
CA SER T 93 25.39 0.37 20.02
C SER T 93 23.98 0.95 20.03
N SER T 94 23.63 1.67 18.97
CA SER T 94 22.31 2.28 18.88
C SER T 94 22.05 2.90 17.51
N PHE T 95 20.84 2.73 17.00
CA PHE T 95 20.46 3.36 15.74
C PHE T 95 19.59 4.59 16.01
N GLY T 96 19.30 4.82 17.28
CA GLY T 96 18.49 5.97 17.68
C GLY T 96 17.54 5.65 18.82
N ARG T 97 17.05 4.42 18.87
CA ARG T 97 16.12 4.02 19.91
C ARG T 97 16.86 3.76 21.21
N GLU T 98 16.76 2.54 21.71
CA GLU T 98 17.45 2.17 22.95
C GLU T 98 18.90 1.82 22.65
N GLN T 99 19.71 1.75 23.70
CA GLN T 99 21.08 1.29 23.56
C GLN T 99 21.15 -0.20 23.81
N TYR T 100 22.13 -0.86 23.21
CA TYR T 100 22.26 -2.31 23.33
C TYR T 100 23.64 -2.67 23.86
N PHE T 101 23.69 -3.48 24.91
CA PHE T 101 24.94 -3.75 25.62
C PHE T 101 25.49 -5.14 25.38
N GLY T 102 26.82 -5.24 25.30
CA GLY T 102 27.49 -6.51 25.10
C GLY T 102 27.59 -7.30 26.39
N PRO T 103 28.10 -8.54 26.32
CA PRO T 103 28.18 -9.43 27.47
C PRO T 103 29.07 -8.87 28.57
N GLY T 104 29.98 -7.98 28.20
CA GLY T 104 30.88 -7.36 29.15
C GLY T 104 32.25 -8.01 29.21
N THR T 105 33.23 -7.26 29.70
CA THR T 105 34.59 -7.77 29.82
C THR T 105 35.23 -7.36 31.15
N ARG T 106 35.57 -8.35 31.96
CA ARG T 106 36.24 -8.08 33.22
C ARG T 106 37.75 -8.07 33.04
N LEU T 107 38.33 -6.88 33.10
CA LEU T 107 39.77 -6.72 33.00
C LEU T 107 40.40 -6.59 34.38
N THR T 108 41.48 -7.32 34.61
CA THR T 108 42.16 -7.28 35.90
C THR T 108 43.62 -6.89 35.75
N VAL T 109 43.95 -5.69 36.23
CA VAL T 109 45.32 -5.18 36.17
C VAL T 109 46.06 -5.50 37.46
N LEU T 110 47.12 -6.29 37.35
CA LEU T 110 47.92 -6.68 38.50
C LEU T 110 49.32 -6.10 38.43
N GLU T 111 49.86 -5.68 39.57
CA GLU T 111 51.24 -5.20 39.63
C GLU T 111 52.21 -6.38 39.54
N ASP T 112 51.68 -7.58 39.72
CA ASP T 112 52.51 -8.79 39.71
C ASP T 112 51.67 -10.05 39.59
N LEU T 113 52.10 -10.97 38.73
CA LEU T 113 51.36 -12.21 38.49
C LEU T 113 51.75 -13.30 39.48
N LYS T 114 52.27 -12.89 40.64
CA LYS T 114 52.73 -13.82 41.67
C LYS T 114 51.57 -14.48 42.39
N ASN T 115 50.47 -13.73 42.52
CA ASN T 115 49.35 -14.16 43.36
C ASN T 115 48.36 -15.07 42.64
N VAL T 116 48.43 -15.12 41.32
CA VAL T 116 47.46 -15.87 40.53
C VAL T 116 47.48 -17.37 40.88
N PHE T 117 46.29 -17.94 41.07
CA PHE T 117 46.15 -19.36 41.40
C PHE T 117 44.88 -19.97 40.81
N PRO T 118 44.90 -21.30 40.59
CA PRO T 118 43.73 -22.07 40.16
C PRO T 118 42.70 -22.15 41.30
N PRO T 119 41.58 -22.85 41.07
CA PRO T 119 40.52 -22.84 42.10
C PRO T 119 40.45 -24.10 42.96
N GLU T 120 41.28 -25.12 42.71
CA GLU T 120 41.23 -26.37 43.46
C GLU T 120 39.82 -26.69 43.96
N VAL T 121 39.04 -27.37 43.13
CA VAL T 121 37.64 -27.61 43.43
C VAL T 121 37.37 -29.01 43.98
N ALA T 122 36.44 -29.10 44.93
CA ALA T 122 36.06 -30.38 45.52
C ALA T 122 34.54 -30.45 45.73
N VAL T 123 34.01 -31.67 45.65
CA VAL T 123 32.58 -31.90 45.82
C VAL T 123 32.29 -32.64 47.13
N PHE T 124 31.09 -32.50 47.65
CA PHE T 124 30.72 -33.13 48.91
C PHE T 124 29.34 -33.79 48.83
N GLU T 125 29.32 -35.12 48.85
CA GLU T 125 28.09 -35.89 48.75
C GLU T 125 26.98 -35.32 49.64
N PRO T 126 25.72 -35.47 49.19
CA PRO T 126 24.57 -34.94 49.93
C PRO T 126 24.46 -35.55 51.32
N SER T 127 23.85 -34.82 52.24
CA SER T 127 23.73 -35.29 53.62
C SER T 127 22.86 -36.53 53.72
N GLU T 128 23.48 -37.65 54.05
CA GLU T 128 22.75 -38.91 54.20
C GLU T 128 21.73 -38.79 55.30
N ALA T 129 21.89 -37.76 56.14
CA ALA T 129 20.98 -37.52 57.26
C ALA T 129 19.85 -36.57 56.87
N GLU T 130 19.82 -36.17 55.60
CA GLU T 130 18.79 -35.26 55.11
C GLU T 130 17.70 -36.02 54.37
N ILE T 131 18.10 -37.05 53.62
CA ILE T 131 17.18 -37.84 52.81
C ILE T 131 15.81 -37.98 53.47
N SER T 132 15.82 -38.18 54.78
CA SER T 132 14.58 -38.23 55.56
C SER T 132 14.06 -36.83 55.82
N HIS T 133 13.83 -36.07 54.75
CA HIS T 133 13.30 -34.71 54.84
C HIS T 133 13.14 -34.11 53.45
N THR T 134 11.93 -33.62 53.15
CA THR T 134 11.59 -33.11 51.83
C THR T 134 11.85 -34.13 50.73
N GLN T 135 12.26 -35.33 51.13
CA GLN T 135 12.53 -36.43 50.21
C GLN T 135 13.58 -36.07 49.16
N LYS T 136 14.37 -35.04 49.42
CA LYS T 136 15.41 -34.63 48.48
C LYS T 136 16.35 -33.55 49.01
N ALA T 137 17.57 -33.97 49.34
CA ALA T 137 18.66 -33.04 49.60
C ALA T 137 19.66 -33.19 48.46
N THR T 138 20.79 -32.49 48.55
CA THR T 138 21.77 -32.57 47.49
C THR T 138 23.17 -32.14 47.93
N LEU T 139 24.15 -32.44 47.10
CA LEU T 139 25.56 -32.16 47.38
C LEU T 139 25.91 -30.67 47.19
N VAL T 140 27.08 -30.30 47.69
CA VAL T 140 27.57 -28.93 47.56
C VAL T 140 28.99 -28.91 47.02
N CYS T 141 29.20 -28.16 45.94
CA CYS T 141 30.53 -28.04 45.34
C CYS T 141 31.26 -26.81 45.86
N LEU T 142 32.55 -26.97 46.13
CA LEU T 142 33.35 -25.89 46.72
C LEU T 142 34.69 -25.71 46.00
N ALA T 143 34.90 -24.52 45.45
CA ALA T 143 36.17 -24.17 44.84
C ALA T 143 36.90 -23.18 45.75
N THR T 144 38.15 -23.48 46.08
CA THR T 144 38.89 -22.69 47.06
C THR T 144 40.16 -22.04 46.50
N GLY T 145 40.56 -20.94 47.13
CA GLY T 145 41.80 -20.26 46.82
C GLY T 145 42.12 -20.08 45.34
N PHE T 146 41.42 -19.15 44.70
CA PHE T 146 41.70 -18.81 43.31
C PHE T 146 41.84 -17.30 43.16
N TYR T 147 42.72 -16.89 42.24
CA TYR T 147 42.98 -15.46 42.04
C TYR T 147 43.35 -15.17 40.59
N PRO T 148 42.67 -14.17 39.99
CA PRO T 148 41.59 -13.41 40.63
C PRO T 148 40.25 -14.12 40.48
N ASP T 149 39.16 -13.37 40.60
CA ASP T 149 37.82 -13.94 40.53
C ASP T 149 37.35 -14.17 39.10
N HIS T 150 38.14 -14.91 38.32
CA HIS T 150 37.79 -15.24 36.95
C HIS T 150 37.39 -16.71 36.84
N VAL T 151 36.19 -17.03 37.34
CA VAL T 151 35.71 -18.40 37.34
C VAL T 151 34.26 -18.51 36.89
N GLU T 152 33.90 -19.68 36.38
CA GLU T 152 32.52 -19.98 36.02
C GLU T 152 32.22 -21.45 36.34
N LEU T 153 31.41 -21.66 37.37
CA LEU T 153 31.09 -23.00 37.85
C LEU T 153 29.88 -23.60 37.12
N SER T 154 29.96 -24.88 36.80
CA SER T 154 28.89 -25.56 36.09
C SER T 154 28.50 -26.86 36.78
N TRP T 155 27.30 -27.34 36.50
CA TRP T 155 26.85 -28.64 37.03
C TRP T 155 26.52 -29.60 35.89
N TRP T 156 27.08 -30.80 35.97
CA TRP T 156 26.93 -31.78 34.91
C TRP T 156 26.44 -33.14 35.42
N VAL T 157 25.19 -33.46 35.11
CA VAL T 157 24.60 -34.72 35.53
C VAL T 157 24.49 -35.70 34.36
N ASN T 158 25.20 -36.82 34.46
CA ASN T 158 25.20 -37.83 33.40
C ASN T 158 25.57 -37.27 32.03
N GLY T 159 26.69 -36.54 31.97
CA GLY T 159 27.22 -36.07 30.71
C GLY T 159 26.60 -34.80 30.16
N LYS T 160 25.54 -34.32 30.80
CA LYS T 160 24.85 -33.12 30.34
C LYS T 160 24.93 -31.98 31.35
N GLU T 161 24.81 -30.75 30.88
CA GLU T 161 24.85 -29.58 31.74
C GLU T 161 23.44 -29.19 32.18
N VAL T 162 23.23 -29.16 33.49
CA VAL T 162 21.92 -28.89 34.07
C VAL T 162 21.86 -27.47 34.63
N HIS T 163 20.65 -26.94 34.77
CA HIS T 163 20.45 -25.61 35.32
C HIS T 163 19.40 -25.62 36.43
N SER T 164 18.38 -26.44 36.26
CA SER T 164 17.32 -26.58 37.25
C SER T 164 17.83 -27.28 38.50
N GLY T 165 17.78 -26.58 39.63
CA GLY T 165 18.25 -27.12 40.89
C GLY T 165 19.62 -26.60 41.26
N VAL T 166 20.28 -25.97 40.30
CA VAL T 166 21.61 -25.40 40.53
C VAL T 166 21.51 -24.02 41.13
N CYS T 167 22.43 -23.69 42.03
CA CYS T 167 22.49 -22.38 42.65
C CYS T 167 23.88 -22.05 43.17
N THR T 168 24.49 -21.02 42.59
CA THR T 168 25.84 -20.62 42.97
C THR T 168 25.85 -19.18 43.47
N ASP T 169 26.76 -18.89 44.39
CA ASP T 169 26.88 -17.55 44.95
C ASP T 169 26.97 -16.49 43.85
N PRO T 170 26.42 -15.30 44.10
CA PRO T 170 26.50 -14.19 43.15
C PRO T 170 27.85 -13.49 43.23
N GLN T 171 28.41 -13.46 44.44
CA GLN T 171 29.70 -12.84 44.67
C GLN T 171 30.63 -13.81 45.39
N PRO T 172 31.85 -13.97 44.88
CA PRO T 172 32.83 -14.86 45.51
C PRO T 172 33.38 -14.22 46.79
N LEU T 173 33.80 -15.05 47.75
CA LEU T 173 34.35 -14.55 48.99
C LEU T 173 35.82 -14.92 49.16
N LYS T 174 36.56 -14.05 49.85
CA LYS T 174 38.00 -14.24 50.03
C LYS T 174 38.33 -15.08 51.25
N GLU T 175 39.36 -15.91 51.13
CA GLU T 175 39.79 -16.78 52.21
C GLU T 175 40.59 -16.02 53.26
N GLN T 176 40.57 -14.69 53.14
CA GLN T 176 41.29 -13.82 54.07
C GLN T 176 41.01 -12.36 53.73
N PRO T 177 39.81 -11.88 54.07
CA PRO T 177 39.32 -10.54 53.73
C PRO T 177 40.17 -9.42 54.33
N ALA T 178 41.19 -9.79 55.09
CA ALA T 178 42.09 -8.80 55.69
C ALA T 178 43.09 -8.29 54.67
N LEU T 179 43.83 -9.21 54.05
CA LEU T 179 44.86 -8.85 53.08
C LEU T 179 44.29 -8.09 51.90
N ASN T 180 44.92 -6.97 51.55
CA ASN T 180 44.49 -6.16 50.42
C ASN T 180 44.36 -7.01 49.16
N ASP T 181 45.37 -7.86 48.93
CA ASP T 181 45.31 -8.83 47.85
C ASP T 181 44.99 -10.20 48.43
N SER T 182 43.80 -10.70 48.13
CA SER T 182 43.31 -11.93 48.75
C SER T 182 42.98 -13.02 47.74
N ARG T 183 43.06 -14.28 48.18
CA ARG T 183 42.64 -15.41 47.37
C ARG T 183 41.16 -15.72 47.63
N TYR T 184 40.41 -15.95 46.55
CA TYR T 184 38.97 -16.11 46.67
C TYR T 184 38.53 -17.58 46.70
N ALA T 185 37.26 -17.79 47.01
CA ALA T 185 36.66 -19.12 47.01
C ALA T 185 35.20 -19.01 46.60
N LEU T 186 34.64 -20.10 46.09
CA LEU T 186 33.26 -20.09 45.61
C LEU T 186 32.53 -21.37 46.01
N SER T 187 31.22 -21.25 46.20
CA SER T 187 30.40 -22.41 46.58
C SER T 187 29.13 -22.49 45.74
N SER T 188 28.81 -23.70 45.30
CA SER T 188 27.59 -23.96 44.54
C SER T 188 26.89 -25.19 45.10
N ARG T 189 25.57 -25.23 44.96
CA ARG T 189 24.79 -26.36 45.45
C ARG T 189 23.78 -26.86 44.42
N LEU T 190 23.96 -28.09 43.97
CA LEU T 190 23.01 -28.74 43.10
C LEU T 190 21.79 -29.13 43.93
N ARG T 191 20.73 -29.57 43.26
CA ARG T 191 19.51 -29.99 43.97
C ARG T 191 18.69 -30.99 43.16
N VAL T 192 18.63 -32.23 43.65
CA VAL T 192 17.87 -33.28 43.00
C VAL T 192 17.08 -34.11 44.01
N SER T 193 16.24 -35.01 43.51
CA SER T 193 15.42 -35.85 44.37
C SER T 193 16.21 -37.02 44.94
N ALA T 194 15.82 -37.47 46.12
CA ALA T 194 16.48 -38.61 46.76
C ALA T 194 16.49 -39.80 45.80
N THR T 195 15.31 -40.18 45.33
CA THR T 195 15.16 -41.31 44.42
C THR T 195 16.14 -41.24 43.25
N PHE T 196 16.45 -40.02 42.81
CA PHE T 196 17.36 -39.83 41.69
C PHE T 196 18.81 -39.97 42.14
N TRP T 197 19.09 -39.54 43.37
CA TRP T 197 20.44 -39.68 43.93
C TRP T 197 20.73 -41.12 44.34
N GLN T 198 19.68 -41.86 44.67
CA GLN T 198 19.84 -43.26 45.04
C GLN T 198 20.46 -44.04 43.89
N ASN T 199 20.07 -43.67 42.67
CA ASN T 199 20.58 -44.31 41.47
C ASN T 199 22.10 -44.50 41.54
N PRO T 200 22.54 -45.77 41.57
CA PRO T 200 23.96 -46.13 41.66
C PRO T 200 24.76 -45.65 40.45
N ARG T 201 24.33 -46.05 39.26
CA ARG T 201 25.05 -45.71 38.03
C ARG T 201 24.64 -44.31 37.54
N ASN T 202 24.52 -43.39 38.49
CA ASN T 202 24.17 -42.01 38.19
C ASN T 202 25.39 -41.11 38.42
N HIS T 203 25.65 -40.21 37.48
CA HIS T 203 26.87 -39.41 37.53
C HIS T 203 26.63 -37.93 37.80
N PHE T 204 27.56 -37.33 38.55
CA PHE T 204 27.52 -35.90 38.85
C PHE T 204 28.92 -35.33 38.69
N ARG T 205 29.01 -34.06 38.28
CA ARG T 205 30.30 -33.39 38.19
C ARG T 205 30.19 -31.87 38.31
N CYS T 206 30.92 -31.32 39.28
CA CYS T 206 31.08 -29.88 39.38
C CYS T 206 32.28 -29.47 38.52
N GLN T 207 32.11 -28.40 37.75
CA GLN T 207 33.13 -27.94 36.83
C GLN T 207 33.34 -26.45 36.91
N VAL T 208 34.56 -26.04 37.27
CA VAL T 208 34.90 -24.62 37.33
C VAL T 208 35.87 -24.22 36.23
N GLN T 209 35.39 -23.39 35.31
CA GLN T 209 36.23 -22.85 34.25
C GLN T 209 37.05 -21.70 34.80
N PHE T 210 38.37 -21.80 34.68
CA PHE T 210 39.25 -20.77 35.20
C PHE T 210 39.94 -20.00 34.08
N TYR T 211 39.60 -18.72 33.95
CA TYR T 211 40.20 -17.86 32.94
C TYR T 211 41.45 -17.18 33.48
N GLY T 212 42.60 -17.84 33.31
CA GLY T 212 43.86 -17.34 33.84
C GLY T 212 44.73 -16.66 32.80
N LEU T 213 45.99 -17.09 32.72
CA LEU T 213 46.96 -16.46 31.83
C LEU T 213 46.95 -17.08 30.43
N SER T 214 47.84 -16.60 29.57
CA SER T 214 47.90 -17.04 28.19
C SER T 214 49.28 -17.57 27.83
N GLU T 215 49.41 -18.07 26.60
CA GLU T 215 50.68 -18.57 26.10
C GLU T 215 51.73 -17.46 26.07
N ASN T 216 51.28 -16.25 25.81
CA ASN T 216 52.18 -15.11 25.61
C ASN T 216 52.78 -14.55 26.90
N ASP T 217 51.92 -14.31 27.88
CA ASP T 217 52.35 -13.72 29.15
C ASP T 217 53.51 -14.48 29.79
N GLU T 218 54.52 -13.74 30.23
CA GLU T 218 55.69 -14.33 30.87
C GLU T 218 55.32 -15.02 32.18
N TRP T 219 55.96 -16.16 32.45
CA TRP T 219 55.79 -16.84 33.73
C TRP T 219 57.13 -17.26 34.29
N THR T 220 57.57 -16.55 35.34
CA THR T 220 58.86 -16.82 35.97
C THR T 220 58.70 -17.42 37.36
N GLN T 221 58.18 -18.65 37.41
CA GLN T 221 57.98 -19.34 38.68
C GLN T 221 58.21 -20.83 38.51
N ASP T 222 58.40 -21.54 39.62
CA ASP T 222 58.53 -22.99 39.59
C ASP T 222 57.16 -23.64 39.41
N ARG T 223 56.22 -23.25 40.27
CA ARG T 223 54.85 -23.74 40.18
C ARG T 223 54.24 -23.43 38.80
N ALA T 224 53.65 -24.45 38.20
CA ALA T 224 53.12 -24.34 36.84
C ALA T 224 52.34 -23.06 36.61
N LYS T 225 52.42 -22.53 35.39
CA LYS T 225 51.71 -21.32 35.01
C LYS T 225 50.21 -21.53 35.10
N PRO T 226 49.52 -20.65 35.86
CA PRO T 226 48.07 -20.71 36.01
C PRO T 226 47.35 -20.28 34.74
N VAL T 227 47.31 -21.18 33.76
CA VAL T 227 46.67 -20.88 32.48
C VAL T 227 45.17 -21.15 32.55
N THR T 228 44.46 -20.76 31.50
CA THR T 228 43.03 -21.02 31.42
C THR T 228 42.78 -22.53 31.37
N GLN T 229 42.26 -23.08 32.47
CA GLN T 229 42.03 -24.51 32.58
C GLN T 229 40.66 -24.82 33.16
N ILE T 230 40.43 -26.10 33.42
CA ILE T 230 39.14 -26.56 33.96
C ILE T 230 39.28 -27.72 34.94
N VAL T 231 39.46 -27.38 36.22
CA VAL T 231 39.49 -28.40 37.26
C VAL T 231 38.08 -28.75 37.69
N SER T 232 37.80 -30.05 37.81
CA SER T 232 36.45 -30.52 38.11
C SER T 232 36.43 -31.55 39.25
N ALA T 233 35.30 -31.65 39.92
CA ALA T 233 35.11 -32.62 40.98
C ALA T 233 33.89 -33.48 40.70
N GLU T 234 34.09 -34.79 40.67
CA GLU T 234 33.02 -35.73 40.32
C GLU T 234 32.50 -36.51 41.52
N ALA T 235 31.36 -37.17 41.33
CA ALA T 235 30.75 -37.99 42.38
C ALA T 235 29.66 -38.88 41.80
N TRP T 236 29.68 -40.16 42.17
CA TRP T 236 28.66 -41.11 41.70
C TRP T 236 27.55 -41.26 42.73
N GLY T 237 26.42 -41.82 42.28
CA GLY T 237 25.27 -42.03 43.15
C GLY T 237 25.41 -43.29 43.99
N ARG T 238 24.57 -43.41 45.00
CA ARG T 238 24.58 -44.56 45.91
C ARG T 238 23.45 -44.47 46.92
N ALA T 239 22.61 -45.50 46.96
CA ALA T 239 21.48 -45.53 47.88
C ALA T 239 21.95 -45.43 49.33
N ASP T 240 21.96 -46.57 50.03
CA ASP T 240 22.44 -46.62 51.41
C ASP T 240 21.78 -45.57 52.28
#